data_7WBB
#
_entry.id   7WBB
#
_cell.length_a   1.00
_cell.length_b   1.00
_cell.length_c   1.00
_cell.angle_alpha   90.00
_cell.angle_beta   90.00
_cell.angle_gamma   90.00
#
_symmetry.space_group_name_H-M   'P 1'
#
loop_
_entity.id
_entity.type
_entity.pdbx_description
1 polymer 'AFG2 isoform 1'
2 polymer substrate
3 non-polymer "ADENOSINE-5'-TRIPHOSPHATE"
#
loop_
_entity_poly.entity_id
_entity_poly.type
_entity_poly.pdbx_seq_one_letter_code
_entity_poly.pdbx_strand_id
1 'polypeptide(L)'
;MAPKSSSSGSKKKSSASSNSADAKASKFKLPAEFITRPHPSKDHGKETCTAYIHPNVLSSLEINPGSFCTVGKIGENGIL
VIARAGDEEVHPVNVITLSTTIRSVGNLILGDRLELKKAQVQPPYATKVTVGSLQGYNILECMEEKVIQKLLDDSGVIMP
GMIFQNLKTKAGDESIDVVITDASDDSLPDVSQLDLNMDDMYGGLDNLFYLSPPFIFRKGSTHITFSKETQANRKYNLPE
PLSYAAVGGLDKEIESLKSAIEIPLHQPTLFSSFGVSPPRGILLHGPPGTGKTMLLRVVANTSNAHVLTINGPSIVSKYL
GETEAALRDIFNEARKYQPSIIFIDQIDSIAPNRANDDSGEVESRVVATLLTLMDGMGAAGKVVVIAATNRPNSVDPALR
RPGRFDQEVEIGIPDVDARFDILTKQFSRMSSDRHVLDSEAIKYIASKTHGYVGADLTALCRESVMKTIQRGLGTDANID
KFSLKVTLKDVESAMVDIRPSAMREIFLEMPKVYWSDIGGQEELKTKMKEMIQLPLEASETFARLGISAPKGVLLYGPPG
CSKTLTAKALATESGINFLAVKGPEIFNKYVGESERAIREIFRKARSAAPSIIFFDQIDALSPDRDGSSTSAANHVLTSL
LNEIDGVEELKGVVIVAATNRPDEIDAALLRPGRLDRHIYVGPPDVNARLEILKKCTKKFNTEESGVDLHELADRTEGYS
GAEVVLLCQEAGLAAIMEDLDVAKVELRHFEKAFKGIARGITPEMLSYYEEFALRSGSSS
;
A,B,D,E,F,C
2 'polypeptide(L)'
;(UNK)(UNK)(UNK)(UNK)(UNK)(UNK)(UNK)(UNK)(UNK)(UNK)(UNK)(UNK)(UNK)(UNK)(UNK)(UNK)
(UNK)(UNK)(UNK)(UNK)(UNK)(UNK)(UNK)
;
H
#
# COMPACT_ATOMS: atom_id res chain seq x y z
N LYS A 29 30.83 -37.19 -18.15
CA LYS A 29 30.77 -38.50 -17.49
C LYS A 29 29.50 -38.63 -16.66
N LEU A 30 29.18 -39.87 -16.30
CA LEU A 30 28.01 -40.21 -15.49
C LEU A 30 26.73 -39.69 -16.15
N PRO A 31 26.31 -40.26 -17.28
CA PRO A 31 25.08 -39.80 -17.94
C PRO A 31 23.85 -40.39 -17.28
N ALA A 32 23.11 -39.55 -16.57
CA ALA A 32 21.92 -40.02 -15.85
C ALA A 32 20.76 -40.29 -16.81
N GLU A 33 20.63 -39.48 -17.86
CA GLU A 33 19.52 -39.59 -18.79
C GLU A 33 20.04 -39.86 -20.20
N PHE A 34 19.22 -40.53 -20.99
CA PHE A 34 19.57 -40.88 -22.36
C PHE A 34 18.40 -40.57 -23.29
N ILE A 35 18.72 -40.35 -24.56
CA ILE A 35 17.73 -40.00 -25.57
C ILE A 35 17.81 -41.03 -26.69
N THR A 36 16.66 -41.55 -27.10
CA THR A 36 16.59 -42.53 -28.18
C THR A 36 16.68 -41.84 -29.54
N ARG A 37 17.05 -42.63 -30.55
CA ARG A 37 17.19 -42.14 -31.91
C ARG A 37 16.83 -43.26 -32.89
N PRO A 38 15.98 -42.99 -33.88
CA PRO A 38 15.66 -44.02 -34.87
C PRO A 38 16.87 -44.41 -35.69
N HIS A 39 16.89 -45.66 -36.11
CA HIS A 39 18.01 -46.16 -36.91
C HIS A 39 17.95 -45.57 -38.32
N PRO A 40 19.03 -44.93 -38.80
CA PRO A 40 19.02 -44.40 -40.16
C PRO A 40 18.79 -45.45 -41.23
N SER A 41 19.31 -46.66 -41.04
CA SER A 41 19.12 -47.73 -42.01
C SER A 41 17.74 -48.37 -41.85
N LYS A 42 17.12 -48.68 -42.97
CA LYS A 42 15.79 -49.30 -43.00
C LYS A 42 15.94 -50.76 -43.39
N ASP A 43 15.46 -51.65 -42.54
CA ASP A 43 15.51 -53.09 -42.80
C ASP A 43 14.50 -53.78 -41.89
N HIS A 44 13.68 -54.64 -42.47
CA HIS A 44 12.67 -55.34 -41.69
C HIS A 44 13.33 -56.36 -40.77
N GLY A 45 12.94 -56.35 -39.50
CA GLY A 45 13.45 -57.31 -38.54
C GLY A 45 14.79 -56.92 -37.94
N LYS A 46 15.72 -56.50 -38.79
CA LYS A 46 17.07 -56.18 -38.30
C LYS A 46 17.05 -54.99 -37.34
N GLU A 47 16.29 -53.96 -37.66
CA GLU A 47 16.25 -52.76 -36.82
C GLU A 47 15.39 -52.94 -35.57
N THR A 48 14.54 -53.96 -35.53
CA THR A 48 13.66 -54.17 -34.39
C THR A 48 14.45 -54.70 -33.19
N CYS A 49 14.10 -54.18 -32.00
CA CYS A 49 14.70 -54.63 -30.74
C CYS A 49 16.22 -54.50 -30.75
N THR A 50 16.71 -53.37 -31.25
CA THR A 50 18.15 -53.09 -31.31
C THR A 50 18.42 -51.75 -30.65
N ALA A 51 19.40 -51.71 -29.76
CA ALA A 51 19.80 -50.50 -29.05
C ALA A 51 21.31 -50.35 -29.18
N TYR A 52 21.74 -49.36 -29.97
CA TYR A 52 23.16 -49.12 -30.20
C TYR A 52 23.74 -48.32 -29.04
N ILE A 53 23.89 -49.00 -27.90
CA ILE A 53 24.42 -48.38 -26.70
C ILE A 53 25.90 -48.11 -26.90
N HIS A 54 26.35 -46.94 -26.44
CA HIS A 54 27.75 -46.57 -26.56
C HIS A 54 28.62 -47.53 -25.76
N PRO A 55 29.77 -47.95 -26.29
CA PRO A 55 30.63 -48.90 -25.55
C PRO A 55 31.06 -48.39 -24.18
N ASN A 56 31.32 -47.09 -24.05
CA ASN A 56 31.67 -46.54 -22.75
C ASN A 56 30.52 -46.66 -21.76
N VAL A 57 29.30 -46.35 -22.22
CA VAL A 57 28.13 -46.50 -21.36
C VAL A 57 27.84 -47.96 -21.08
N LEU A 58 27.95 -48.81 -22.12
CA LEU A 58 27.66 -50.23 -21.94
C LEU A 58 28.63 -50.88 -20.96
N SER A 59 29.92 -50.54 -21.06
CA SER A 59 30.91 -51.08 -20.13
C SER A 59 30.67 -50.57 -18.72
N SER A 60 30.32 -49.28 -18.58
CA SER A 60 30.10 -48.71 -17.26
C SER A 60 28.85 -49.22 -16.59
N LEU A 61 27.91 -49.79 -17.35
CA LEU A 61 26.67 -50.32 -16.80
C LEU A 61 26.77 -51.78 -16.42
N GLU A 62 27.94 -52.39 -16.59
CA GLU A 62 28.18 -53.79 -16.23
C GLU A 62 27.19 -54.73 -16.94
N ILE A 63 26.89 -54.43 -18.20
CA ILE A 63 26.00 -55.24 -19.01
C ILE A 63 26.69 -55.54 -20.33
N ASN A 64 26.72 -56.82 -20.72
CA ASN A 64 27.25 -57.25 -21.99
C ASN A 64 26.20 -57.17 -23.08
N PRO A 65 26.61 -57.17 -24.35
CA PRO A 65 25.61 -57.11 -25.45
C PRO A 65 24.67 -58.30 -25.46
N GLY A 66 25.01 -59.40 -24.81
CA GLY A 66 24.16 -60.58 -24.80
C GLY A 66 23.11 -60.57 -23.70
N SER A 67 22.89 -59.41 -23.10
CA SER A 67 21.89 -59.26 -22.03
C SER A 67 20.89 -58.19 -22.41
N PHE A 68 19.67 -58.35 -21.90
CA PHE A 68 18.59 -57.40 -22.17
C PHE A 68 18.72 -56.17 -21.29
N CYS A 69 18.50 -55.00 -21.89
CA CYS A 69 18.55 -53.74 -21.18
C CYS A 69 17.16 -53.11 -21.15
N THR A 70 16.77 -52.57 -20.01
CA THR A 70 15.45 -51.98 -19.83
C THR A 70 15.47 -50.52 -20.25
N VAL A 71 14.61 -50.16 -21.20
CA VAL A 71 14.46 -48.81 -21.68
C VAL A 71 12.98 -48.43 -21.64
N GLY A 72 12.70 -47.23 -21.14
CA GLY A 72 11.32 -46.79 -21.04
C GLY A 72 11.24 -45.34 -20.62
N LYS A 73 10.02 -44.91 -20.32
CA LYS A 73 9.79 -43.55 -19.91
C LYS A 73 10.33 -43.29 -18.51
N ILE A 74 10.47 -42.00 -18.17
CA ILE A 74 10.97 -41.63 -16.86
C ILE A 74 9.99 -42.05 -15.76
N GLY A 75 8.69 -41.98 -16.05
CA GLY A 75 7.68 -42.36 -15.08
C GLY A 75 7.18 -43.77 -15.24
N GLU A 76 7.65 -44.45 -16.29
CA GLU A 76 7.24 -45.81 -16.60
C GLU A 76 8.43 -46.76 -16.41
N ASN A 77 8.20 -48.03 -16.72
CA ASN A 77 9.20 -49.07 -16.58
C ASN A 77 9.88 -49.36 -17.91
N GLY A 78 10.97 -50.11 -17.85
CA GLY A 78 11.72 -50.45 -19.03
C GLY A 78 11.09 -51.58 -19.84
N ILE A 79 11.70 -51.84 -20.99
CA ILE A 79 11.22 -52.87 -21.91
C ILE A 79 12.39 -53.78 -22.27
N LEU A 80 12.06 -54.97 -22.76
CA LEU A 80 13.06 -56.00 -23.08
C LEU A 80 13.66 -55.70 -24.44
N VAL A 81 14.89 -55.18 -24.45
CA VAL A 81 15.63 -54.90 -25.67
C VAL A 81 17.06 -55.39 -25.48
N ILE A 82 17.56 -56.14 -26.45
CA ILE A 82 18.93 -56.67 -26.39
C ILE A 82 19.91 -55.55 -26.73
N ALA A 83 21.05 -55.55 -26.05
CA ALA A 83 22.06 -54.53 -26.26
C ALA A 83 22.88 -54.82 -27.52
N ARG A 84 23.52 -53.77 -28.03
CA ARG A 84 24.35 -53.86 -29.22
C ARG A 84 25.68 -53.17 -28.97
N ALA A 85 26.61 -53.32 -29.92
CA ALA A 85 27.94 -52.75 -29.77
C ALA A 85 27.88 -51.23 -29.74
N GLY A 86 27.08 -50.62 -30.62
CA GLY A 86 26.96 -49.17 -30.68
C GLY A 86 27.47 -48.55 -31.97
N ASP A 87 27.92 -49.35 -32.94
CA ASP A 87 28.38 -48.85 -34.23
C ASP A 87 29.54 -47.85 -34.07
N GLU A 88 30.52 -48.24 -33.27
CA GLU A 88 31.77 -47.48 -33.06
C GLU A 88 31.40 -46.13 -32.45
N GLU A 89 31.94 -45.01 -32.95
CA GLU A 89 31.76 -43.71 -32.33
C GLU A 89 30.87 -42.78 -33.14
N VAL A 90 30.15 -43.29 -34.14
CA VAL A 90 29.29 -42.42 -34.93
C VAL A 90 28.13 -41.89 -34.09
N HIS A 91 27.64 -42.69 -33.14
CA HIS A 91 26.56 -42.26 -32.27
C HIS A 91 27.14 -41.62 -31.01
N PRO A 92 26.79 -40.38 -30.69
CA PRO A 92 27.29 -39.76 -29.46
C PRO A 92 26.88 -40.53 -28.22
N VAL A 93 27.58 -40.26 -27.12
CA VAL A 93 27.37 -40.99 -25.88
C VAL A 93 25.97 -40.73 -25.33
N ASN A 94 25.53 -39.47 -25.35
CA ASN A 94 24.27 -39.09 -24.72
C ASN A 94 23.04 -39.61 -25.44
N VAL A 95 23.19 -40.14 -26.65
CA VAL A 95 22.06 -40.61 -27.46
C VAL A 95 22.16 -42.12 -27.61
N ILE A 96 21.00 -42.77 -27.62
CA ILE A 96 20.88 -44.21 -27.84
C ILE A 96 19.93 -44.44 -29.01
N THR A 97 19.71 -45.71 -29.33
CA THR A 97 18.85 -46.09 -30.45
C THR A 97 17.79 -47.08 -29.98
N LEU A 98 16.69 -47.12 -30.73
CA LEU A 98 15.59 -48.04 -30.45
C LEU A 98 14.85 -48.30 -31.76
N SER A 99 13.94 -49.27 -31.72
CA SER A 99 13.16 -49.62 -32.90
C SER A 99 12.26 -48.47 -33.30
N THR A 100 12.08 -48.29 -34.61
CA THR A 100 11.32 -47.16 -35.13
C THR A 100 9.86 -47.22 -34.73
N THR A 101 9.24 -48.40 -34.83
CA THR A 101 7.81 -48.55 -34.65
C THR A 101 7.41 -49.30 -33.38
N ILE A 102 8.34 -50.01 -32.74
CA ILE A 102 8.02 -50.68 -31.48
C ILE A 102 7.66 -49.67 -30.41
N ARG A 103 8.26 -48.47 -30.48
CA ARG A 103 7.96 -47.41 -29.51
C ARG A 103 6.49 -47.04 -29.54
N SER A 104 5.81 -47.22 -30.67
CA SER A 104 4.40 -46.87 -30.77
C SER A 104 3.51 -47.75 -29.90
N VAL A 105 3.98 -48.95 -29.55
CA VAL A 105 3.19 -49.83 -28.69
C VAL A 105 3.00 -49.20 -27.32
N GLY A 106 4.08 -48.68 -26.75
CA GLY A 106 4.04 -48.00 -25.48
C GLY A 106 3.80 -46.51 -25.56
N ASN A 107 3.48 -45.99 -26.75
CA ASN A 107 3.27 -44.56 -26.97
C ASN A 107 4.50 -43.75 -26.56
N LEU A 108 5.68 -44.30 -26.82
CA LEU A 108 6.92 -43.59 -26.50
C LEU A 108 7.08 -42.39 -27.42
N ILE A 109 7.54 -41.28 -26.85
CA ILE A 109 7.71 -40.03 -27.58
C ILE A 109 9.20 -39.73 -27.69
N LEU A 110 9.63 -39.34 -28.88
CA LEU A 110 11.04 -39.05 -29.13
C LEU A 110 11.49 -37.84 -28.32
N GLY A 111 12.74 -37.86 -27.89
CA GLY A 111 13.35 -36.74 -27.19
C GLY A 111 13.06 -36.66 -25.72
N ASP A 112 12.28 -37.58 -25.16
CA ASP A 112 11.99 -37.58 -23.74
C ASP A 112 13.02 -38.41 -22.98
N ARG A 113 13.15 -38.11 -21.69
CA ARG A 113 14.14 -38.77 -20.85
C ARG A 113 13.81 -40.24 -20.69
N LEU A 114 14.85 -41.07 -20.63
CA LEU A 114 14.71 -42.51 -20.50
C LEU A 114 15.48 -42.99 -19.29
N GLU A 115 15.13 -44.19 -18.82
CA GLU A 115 15.75 -44.80 -17.66
C GLU A 115 16.41 -46.12 -18.05
N LEU A 116 17.55 -46.40 -17.41
CA LEU A 116 18.30 -47.62 -17.65
C LEU A 116 18.50 -48.33 -16.31
N LYS A 117 18.21 -49.63 -16.29
CA LYS A 117 18.33 -50.45 -15.08
C LYS A 117 19.12 -51.71 -15.39
N LYS A 118 19.79 -52.23 -14.37
CA LYS A 118 20.61 -53.43 -14.52
C LYS A 118 19.86 -54.70 -14.17
N ALA A 119 18.86 -54.62 -13.29
CA ALA A 119 18.13 -55.80 -12.87
C ALA A 119 17.28 -56.34 -14.01
N GLN A 120 17.34 -57.64 -14.23
CA GLN A 120 16.56 -58.29 -15.28
C GLN A 120 16.43 -59.77 -14.96
N VAL A 121 15.24 -60.31 -15.19
CA VAL A 121 14.93 -61.71 -14.94
C VAL A 121 14.44 -62.34 -16.23
N GLN A 122 14.86 -63.57 -16.48
CA GLN A 122 14.47 -64.27 -17.70
C GLN A 122 12.97 -64.57 -17.68
N PRO A 123 12.21 -64.15 -18.67
CA PRO A 123 10.76 -64.42 -18.67
C PRO A 123 10.48 -65.87 -19.02
N PRO A 124 9.30 -66.38 -18.66
CA PRO A 124 8.96 -67.76 -19.03
C PRO A 124 8.45 -67.87 -20.46
N TYR A 125 8.07 -69.08 -20.86
CA TYR A 125 7.55 -69.32 -22.20
C TYR A 125 6.06 -69.04 -22.26
N ALA A 126 5.58 -68.66 -23.44
CA ALA A 126 4.19 -68.32 -23.66
C ALA A 126 3.64 -69.11 -24.85
N THR A 127 2.33 -69.34 -24.83
CA THR A 127 1.65 -70.06 -25.90
C THR A 127 0.34 -69.34 -26.23
N LYS A 128 -0.40 -69.92 -27.17
CA LYS A 128 -1.71 -69.43 -27.65
C LYS A 128 -1.71 -67.90 -27.78
N VAL A 129 -0.77 -67.39 -28.57
CA VAL A 129 -0.70 -65.96 -28.80
C VAL A 129 -1.80 -65.52 -29.76
N THR A 130 -2.18 -64.25 -29.67
CA THR A 130 -3.23 -63.68 -30.50
C THR A 130 -2.77 -62.36 -31.09
N VAL A 131 -3.10 -62.14 -32.36
CA VAL A 131 -2.70 -60.92 -33.07
C VAL A 131 -3.90 -60.42 -33.87
N GLY A 132 -3.97 -59.11 -34.05
CA GLY A 132 -5.06 -58.50 -34.79
C GLY A 132 -4.60 -57.44 -35.77
N SER A 133 -5.13 -57.46 -36.99
CA SER A 133 -4.73 -56.51 -38.01
C SER A 133 -5.52 -55.21 -37.86
N LEU A 134 -4.93 -54.13 -38.38
CA LEU A 134 -5.60 -52.82 -38.35
C LEU A 134 -6.87 -52.82 -39.18
N GLN A 135 -6.85 -53.48 -40.33
CA GLN A 135 -8.03 -53.52 -41.20
C GLN A 135 -9.16 -54.28 -40.52
N GLY A 136 -10.38 -53.81 -40.76
CA GLY A 136 -11.54 -54.43 -40.13
C GLY A 136 -11.78 -55.86 -40.60
N TYR A 137 -11.62 -56.11 -41.89
CA TYR A 137 -11.86 -57.43 -42.47
C TYR A 137 -10.54 -58.20 -42.49
N ASN A 138 -10.34 -59.04 -41.49
CA ASN A 138 -9.17 -59.90 -41.41
C ASN A 138 -9.47 -61.25 -42.06
N ILE A 139 -8.60 -62.22 -41.84
CA ILE A 139 -8.75 -63.58 -42.37
C ILE A 139 -8.82 -63.54 -43.89
N LEU A 140 -7.67 -63.26 -44.52
CA LEU A 140 -7.60 -63.25 -45.98
C LEU A 140 -6.14 -63.37 -46.40
N GLU A 141 -5.86 -64.35 -47.26
CA GLU A 141 -4.54 -64.54 -47.87
C GLU A 141 -3.43 -64.61 -46.82
N CYS A 142 -3.68 -65.38 -45.76
CA CYS A 142 -2.70 -65.57 -44.69
C CYS A 142 -1.84 -66.78 -45.04
N MET A 143 -0.70 -66.52 -45.69
CA MET A 143 0.18 -67.61 -46.10
C MET A 143 0.85 -68.26 -44.88
N GLU A 144 1.17 -67.47 -43.87
CA GLU A 144 1.77 -67.88 -42.59
C GLU A 144 3.18 -68.43 -42.73
N GLU A 145 3.73 -68.52 -43.94
CA GLU A 145 5.10 -68.98 -44.10
C GLU A 145 6.11 -67.90 -43.75
N LYS A 146 5.79 -66.63 -44.01
CA LYS A 146 6.68 -65.52 -43.73
C LYS A 146 6.37 -64.82 -42.40
N VAL A 147 5.09 -64.70 -42.04
CA VAL A 147 4.72 -64.00 -40.82
C VAL A 147 5.25 -64.73 -39.59
N ILE A 148 5.19 -66.06 -39.59
CA ILE A 148 5.63 -66.84 -38.44
C ILE A 148 7.14 -66.67 -38.24
N GLN A 149 7.91 -66.76 -39.32
CA GLN A 149 9.36 -66.67 -39.21
C GLN A 149 9.85 -65.25 -39.02
N LYS A 150 9.03 -64.23 -39.28
CA LYS A 150 9.44 -62.86 -39.02
C LYS A 150 9.65 -62.61 -37.53
N LEU A 151 8.78 -63.18 -36.69
CA LEU A 151 8.91 -63.00 -35.24
C LEU A 151 10.12 -63.72 -34.67
N LEU A 152 10.77 -64.60 -35.43
CA LEU A 152 11.95 -65.30 -34.97
C LEU A 152 13.25 -64.75 -35.54
N ASP A 153 13.21 -64.17 -36.74
CA ASP A 153 14.40 -63.62 -37.38
C ASP A 153 14.59 -62.14 -37.10
N ASP A 154 13.74 -61.53 -36.29
CA ASP A 154 13.84 -60.10 -35.98
C ASP A 154 14.68 -59.83 -34.75
N SER A 155 15.27 -60.85 -34.14
CA SER A 155 16.07 -60.70 -32.92
C SER A 155 15.26 -60.02 -31.82
N GLY A 156 13.98 -60.38 -31.71
CA GLY A 156 13.10 -59.80 -30.73
C GLY A 156 12.15 -60.85 -30.16
N VAL A 157 11.34 -60.40 -29.21
CA VAL A 157 10.40 -61.27 -28.51
C VAL A 157 9.00 -60.67 -28.65
N ILE A 158 8.00 -61.54 -28.59
CA ILE A 158 6.62 -61.10 -28.74
C ILE A 158 6.24 -60.17 -27.60
N MET A 159 5.59 -59.07 -27.93
CA MET A 159 5.11 -58.09 -26.96
C MET A 159 3.66 -57.76 -27.28
N PRO A 160 2.78 -57.68 -26.28
CA PRO A 160 1.38 -57.31 -26.56
C PRO A 160 1.29 -55.98 -27.29
N GLY A 161 0.83 -56.02 -28.54
CA GLY A 161 0.87 -54.86 -29.40
C GLY A 161 2.14 -54.82 -30.21
N MET A 162 2.02 -54.79 -31.53
CA MET A 162 3.18 -54.77 -32.41
C MET A 162 2.92 -53.82 -33.57
N ILE A 163 3.89 -52.96 -33.87
CA ILE A 163 3.81 -52.01 -34.97
C ILE A 163 5.06 -52.15 -35.83
N PHE A 164 4.86 -52.21 -37.14
CA PHE A 164 5.97 -52.22 -38.08
C PHE A 164 5.48 -51.76 -39.43
N GLN A 165 6.31 -50.97 -40.13
CA GLN A 165 5.92 -50.45 -41.44
C GLN A 165 5.72 -51.57 -42.44
N ASN A 166 6.61 -52.56 -42.43
CA ASN A 166 6.56 -53.72 -43.34
C ASN A 166 6.65 -53.22 -44.78
N LEU A 167 6.10 -53.99 -45.72
CA LEU A 167 6.12 -53.63 -47.13
C LEU A 167 4.77 -54.03 -47.74
N LYS A 168 4.70 -54.05 -49.06
CA LYS A 168 3.48 -54.47 -49.74
C LYS A 168 3.15 -55.92 -49.39
N THR A 169 1.88 -56.16 -49.06
CA THR A 169 1.42 -57.46 -48.62
C THR A 169 0.50 -58.07 -49.67
N LYS A 170 0.60 -59.40 -49.83
CA LYS A 170 -0.20 -60.22 -50.75
C LYS A 170 -0.38 -59.54 -52.11
N ALA A 171 -1.57 -59.70 -52.71
CA ALA A 171 -1.89 -59.14 -54.00
C ALA A 171 -3.14 -58.28 -53.88
N GLY A 172 -3.08 -57.07 -54.46
CA GLY A 172 -4.22 -56.18 -54.41
C GLY A 172 -4.46 -55.53 -53.06
N ASP A 173 -3.45 -55.49 -52.20
CA ASP A 173 -3.57 -54.89 -50.88
C ASP A 173 -2.39 -53.96 -50.64
N GLU A 174 -2.66 -52.89 -49.89
CA GLU A 174 -1.62 -51.92 -49.57
C GLU A 174 -0.81 -52.41 -48.36
N SER A 175 0.03 -51.54 -47.82
CA SER A 175 0.84 -51.89 -46.65
C SER A 175 -0.04 -51.97 -45.42
N ILE A 176 -0.19 -53.17 -44.86
CA ILE A 176 -1.03 -53.40 -43.70
C ILE A 176 -0.15 -53.83 -42.54
N ASP A 177 -0.70 -53.71 -41.33
CA ASP A 177 0.00 -54.06 -40.11
C ASP A 177 -0.91 -54.88 -39.22
N VAL A 178 -0.30 -55.67 -38.33
CA VAL A 178 -1.01 -56.50 -37.37
C VAL A 178 -0.55 -56.14 -35.97
N VAL A 179 -1.48 -56.07 -35.03
CA VAL A 179 -1.21 -55.69 -33.65
C VAL A 179 -1.54 -56.86 -32.75
N ILE A 180 -0.59 -57.25 -31.91
CA ILE A 180 -0.78 -58.37 -30.99
C ILE A 180 -1.77 -57.94 -29.90
N THR A 181 -2.98 -58.50 -29.94
CA THR A 181 -4.02 -58.08 -29.01
C THR A 181 -3.71 -58.54 -27.60
N ASP A 182 -3.34 -59.79 -27.43
CA ASP A 182 -3.09 -60.35 -26.11
C ASP A 182 -2.08 -61.48 -26.20
N ALA A 183 -1.45 -61.78 -25.07
CA ALA A 183 -0.50 -62.89 -24.95
C ALA A 183 -0.70 -63.52 -23.59
N SER A 184 -1.55 -64.54 -23.52
CA SER A 184 -1.90 -65.21 -22.28
C SER A 184 -1.36 -66.64 -22.31
N ASP A 185 -0.79 -67.08 -21.19
CA ASP A 185 -0.24 -68.42 -21.09
C ASP A 185 -0.53 -69.02 -19.71
N PHE A 209 6.21 -55.24 -11.66
CA PHE A 209 6.27 -53.79 -11.84
C PHE A 209 6.82 -53.47 -13.23
N TYR A 210 6.02 -53.81 -14.25
CA TYR A 210 6.38 -53.56 -15.63
C TYR A 210 5.13 -53.13 -16.40
N LEU A 211 5.36 -52.44 -17.52
CA LEU A 211 4.25 -52.03 -18.36
C LEU A 211 3.55 -53.22 -18.99
N SER A 212 4.28 -54.30 -19.26
CA SER A 212 3.71 -55.51 -19.82
C SER A 212 4.63 -56.67 -19.47
N PRO A 213 4.10 -57.84 -19.11
CA PRO A 213 4.96 -58.97 -18.74
C PRO A 213 5.65 -59.56 -19.95
N PRO A 214 6.96 -59.71 -19.89
CA PRO A 214 7.68 -60.34 -21.01
C PRO A 214 7.49 -61.85 -21.01
N PHE A 215 7.81 -62.44 -22.15
CA PHE A 215 7.64 -63.88 -22.36
C PHE A 215 8.76 -64.36 -23.28
N ILE A 216 8.57 -65.57 -23.82
CA ILE A 216 9.49 -66.16 -24.80
C ILE A 216 8.66 -66.72 -25.95
N PHE A 217 9.08 -66.43 -27.19
CA PHE A 217 8.38 -66.89 -28.38
C PHE A 217 9.29 -67.75 -29.22
N ARG A 218 8.71 -68.79 -29.82
CA ARG A 218 9.45 -69.68 -30.71
C ARG A 218 8.59 -69.96 -31.95
N LYS A 219 9.17 -70.68 -32.90
CA LYS A 219 8.50 -70.90 -34.17
C LYS A 219 7.53 -72.09 -34.10
N GLY A 220 8.05 -73.28 -33.83
CA GLY A 220 7.25 -74.49 -33.93
C GLY A 220 6.72 -75.05 -32.63
N SER A 221 7.16 -74.52 -31.50
CA SER A 221 6.75 -75.04 -30.20
C SER A 221 5.48 -74.38 -29.67
N THR A 222 4.96 -73.37 -30.35
CA THR A 222 3.74 -72.68 -29.93
C THR A 222 2.82 -72.48 -31.12
N HIS A 223 1.53 -72.37 -30.82
CA HIS A 223 0.53 -72.12 -31.84
C HIS A 223 0.25 -70.63 -31.97
N ILE A 224 0.05 -70.18 -33.20
CA ILE A 224 -0.21 -68.79 -33.51
C ILE A 224 -1.59 -68.69 -34.15
N THR A 225 -2.43 -67.81 -33.61
CA THR A 225 -3.76 -67.56 -34.15
C THR A 225 -4.02 -66.06 -34.18
N PHE A 226 -4.89 -65.66 -35.10
CA PHE A 226 -5.23 -64.26 -35.29
C PHE A 226 -6.75 -64.07 -35.21
N SER A 227 -7.17 -63.09 -34.44
CA SER A 227 -8.59 -62.83 -34.18
C SER A 227 -8.70 -61.44 -33.57
N LYS A 228 -9.89 -61.12 -33.05
CA LYS A 228 -10.17 -59.85 -32.37
C LYS A 228 -9.99 -58.65 -33.30
N GLU A 229 -9.81 -57.48 -32.73
CA GLU A 229 -9.72 -56.23 -33.49
C GLU A 229 -8.34 -55.59 -33.28
N THR A 230 -8.20 -54.38 -33.80
CA THR A 230 -6.91 -53.67 -33.71
C THR A 230 -6.55 -53.35 -32.27
N GLN A 231 -7.52 -52.93 -31.46
CA GLN A 231 -7.25 -52.52 -30.09
C GLN A 231 -6.78 -53.71 -29.26
N ALA A 232 -5.75 -53.48 -28.46
CA ALA A 232 -5.21 -54.51 -27.59
C ALA A 232 -6.03 -54.62 -26.31
N ASN A 233 -5.75 -55.67 -25.54
CA ASN A 233 -6.45 -55.87 -24.27
C ASN A 233 -6.11 -54.75 -23.29
N ARG A 234 -7.13 -54.26 -22.60
CA ARG A 234 -6.96 -53.18 -21.65
C ARG A 234 -6.36 -53.64 -20.32
N LYS A 235 -6.31 -54.95 -20.07
CA LYS A 235 -5.74 -55.44 -18.82
C LYS A 235 -4.24 -55.17 -18.72
N TYR A 236 -3.57 -54.95 -19.85
CA TYR A 236 -2.14 -54.63 -19.84
C TYR A 236 -1.87 -53.19 -19.42
N ASN A 237 -2.91 -52.34 -19.36
CA ASN A 237 -2.78 -50.93 -19.02
C ASN A 237 -1.88 -50.17 -19.99
N LEU A 238 -1.68 -50.71 -21.19
CA LEU A 238 -0.84 -50.04 -22.17
C LEU A 238 -1.59 -48.87 -22.79
N PRO A 239 -0.90 -47.79 -23.13
CA PRO A 239 -1.56 -46.67 -23.81
C PRO A 239 -1.89 -47.01 -25.25
N GLU A 240 -2.57 -46.10 -25.91
CA GLU A 240 -2.99 -46.30 -27.29
C GLU A 240 -2.50 -45.15 -28.15
N PRO A 241 -2.21 -45.40 -29.43
CA PRO A 241 -1.77 -44.32 -30.32
C PRO A 241 -2.89 -43.31 -30.55
N LEU A 242 -2.48 -42.06 -30.75
CA LEU A 242 -3.39 -40.95 -31.00
C LEU A 242 -3.24 -40.48 -32.43
N SER A 243 -4.35 -40.43 -33.17
CA SER A 243 -4.36 -40.01 -34.56
C SER A 243 -5.23 -38.78 -34.72
N TYR A 244 -5.25 -38.25 -35.94
CA TYR A 244 -6.06 -37.06 -36.24
C TYR A 244 -7.55 -37.37 -36.14
N ALA A 245 -7.95 -38.63 -36.35
CA ALA A 245 -9.35 -39.00 -36.25
C ALA A 245 -9.83 -38.99 -34.80
N ALA A 246 -8.90 -39.18 -33.87
CA ALA A 246 -9.22 -39.20 -32.42
C ALA A 246 -9.73 -37.82 -31.97
N VAL A 247 -9.68 -36.82 -32.85
CA VAL A 247 -10.13 -35.45 -32.47
C VAL A 247 -11.15 -34.95 -33.50
N GLY A 248 -12.29 -34.46 -33.03
CA GLY A 248 -13.34 -33.94 -33.93
C GLY A 248 -13.81 -32.56 -33.51
N GLY A 249 -14.36 -31.79 -34.46
CA GLY A 249 -14.84 -30.42 -34.18
C GLY A 249 -13.76 -29.39 -34.42
N LEU A 250 -12.72 -29.38 -33.57
CA LEU A 250 -11.61 -28.39 -33.71
C LEU A 250 -11.08 -28.42 -35.15
N ASP A 251 -11.06 -29.62 -35.73
CA ASP A 251 -10.65 -29.98 -37.12
C ASP A 251 -10.62 -28.76 -38.04
N LYS A 252 -11.57 -27.82 -37.91
CA LYS A 252 -11.45 -26.65 -38.82
C LYS A 252 -10.14 -25.92 -38.50
N GLU A 253 -9.86 -25.72 -37.21
CA GLU A 253 -8.60 -25.09 -36.74
C GLU A 253 -7.44 -26.02 -37.13
N ILE A 254 -7.65 -27.33 -36.97
CA ILE A 254 -6.62 -28.37 -37.28
C ILE A 254 -6.28 -28.31 -38.76
N GLU A 255 -7.28 -28.11 -39.62
CA GLU A 255 -7.01 -28.06 -41.08
C GLU A 255 -6.03 -26.90 -41.35
N SER A 256 -6.29 -25.74 -40.75
CA SER A 256 -5.40 -24.57 -40.94
C SER A 256 -4.03 -24.85 -40.30
N LEU A 257 -4.03 -25.39 -39.07
CA LEU A 257 -2.75 -25.68 -38.36
C LEU A 257 -1.95 -26.79 -39.06
N LYS A 258 -2.60 -27.86 -39.51
CA LYS A 258 -1.87 -28.98 -40.17
C LYS A 258 -1.23 -28.47 -41.47
N SER A 259 -1.95 -27.63 -42.21
CA SER A 259 -1.43 -27.06 -43.48
C SER A 259 -0.22 -26.15 -43.18
N ALA A 260 -0.40 -25.20 -42.26
CA ALA A 260 0.66 -24.23 -41.91
C ALA A 260 1.89 -24.92 -41.31
N ILE A 261 1.70 -25.88 -40.39
CA ILE A 261 2.82 -26.60 -39.73
C ILE A 261 3.60 -27.47 -40.74
N GLU A 262 2.81 -28.12 -41.61
CA GLU A 262 3.21 -29.13 -42.63
C GLU A 262 4.03 -28.55 -43.78
N ILE A 263 3.66 -27.37 -44.30
CA ILE A 263 4.43 -26.81 -45.45
C ILE A 263 5.88 -26.65 -44.98
N PRO A 264 6.13 -26.08 -43.79
CA PRO A 264 7.47 -26.00 -43.24
C PRO A 264 8.03 -27.41 -42.92
N LEU A 265 7.23 -28.27 -42.29
CA LEU A 265 7.72 -29.62 -41.86
C LEU A 265 7.94 -30.54 -43.07
N HIS A 266 7.24 -30.30 -44.18
CA HIS A 266 7.42 -31.13 -45.39
C HIS A 266 8.50 -30.49 -46.27
N GLN A 267 8.13 -30.10 -47.49
CA GLN A 267 9.09 -29.43 -48.41
C GLN A 267 8.96 -27.91 -48.21
N PRO A 268 9.97 -27.25 -47.59
CA PRO A 268 9.92 -25.81 -47.38
C PRO A 268 10.86 -25.12 -48.38
N THR A 269 11.17 -25.79 -49.49
CA THR A 269 12.08 -25.21 -50.46
C THR A 269 11.51 -24.02 -51.20
N LEU A 270 10.20 -23.76 -51.08
CA LEU A 270 9.56 -22.69 -51.83
C LEU A 270 10.07 -21.32 -51.40
N PHE A 271 10.26 -21.12 -50.09
CA PHE A 271 10.77 -19.86 -49.59
C PHE A 271 12.28 -19.83 -49.43
N SER A 272 13.00 -20.72 -50.14
CA SER A 272 14.45 -20.76 -50.01
C SER A 272 15.10 -19.52 -50.61
N SER A 273 14.88 -19.27 -51.90
CA SER A 273 15.48 -18.13 -52.57
C SER A 273 14.77 -16.83 -52.24
N PHE A 274 13.59 -16.90 -51.61
CA PHE A 274 12.88 -15.67 -51.25
C PHE A 274 13.65 -14.84 -50.24
N GLY A 275 14.23 -15.48 -49.23
CA GLY A 275 14.96 -14.78 -48.20
C GLY A 275 14.10 -14.13 -47.14
N VAL A 276 12.79 -14.33 -47.18
CA VAL A 276 11.88 -13.76 -46.20
C VAL A 276 12.04 -14.49 -44.88
N SER A 277 11.44 -13.94 -43.82
CA SER A 277 11.52 -14.58 -42.51
C SER A 277 10.87 -15.96 -42.58
N PRO A 278 11.52 -17.00 -42.05
CA PRO A 278 11.01 -18.36 -42.20
C PRO A 278 9.91 -18.64 -41.19
N PRO A 279 8.87 -19.37 -41.58
CA PRO A 279 7.81 -19.72 -40.64
C PRO A 279 8.16 -20.94 -39.79
N ARG A 280 8.33 -20.74 -38.49
CA ARG A 280 8.72 -21.83 -37.59
C ARG A 280 7.76 -21.97 -36.40
N GLY A 281 6.52 -21.52 -36.54
CA GLY A 281 5.58 -21.62 -35.44
C GLY A 281 4.17 -21.31 -35.86
N ILE A 282 3.23 -21.72 -34.99
CA ILE A 282 1.81 -21.48 -35.23
C ILE A 282 1.19 -20.61 -34.15
N LEU A 283 1.71 -20.62 -32.92
CA LEU A 283 1.18 -19.86 -31.79
C LEU A 283 -0.27 -20.24 -31.50
N LEU A 284 -0.45 -21.51 -31.13
CA LEU A 284 -1.77 -21.99 -30.75
C LEU A 284 -2.19 -21.43 -29.40
N HIS A 285 -3.45 -21.01 -29.32
CA HIS A 285 -4.00 -20.47 -28.08
C HIS A 285 -5.51 -20.56 -28.13
N GLY A 286 -6.13 -20.45 -26.96
CA GLY A 286 -7.57 -20.52 -26.86
C GLY A 286 -8.06 -20.54 -25.43
N PRO A 287 -9.36 -20.75 -25.25
CA PRO A 287 -9.91 -20.82 -23.89
C PRO A 287 -9.37 -22.04 -23.16
N PRO A 288 -9.29 -21.98 -21.83
CA PRO A 288 -8.80 -23.14 -21.08
C PRO A 288 -9.71 -24.34 -21.25
N GLY A 289 -9.09 -25.53 -21.26
CA GLY A 289 -9.85 -26.75 -21.41
C GLY A 289 -10.28 -27.06 -22.83
N THR A 290 -9.78 -26.32 -23.82
CA THR A 290 -10.17 -26.52 -25.20
C THR A 290 -9.56 -27.77 -25.83
N GLY A 291 -8.59 -28.39 -25.16
CA GLY A 291 -8.00 -29.60 -25.70
C GLY A 291 -6.81 -29.39 -26.61
N LYS A 292 -5.92 -28.47 -26.27
CA LYS A 292 -4.73 -28.26 -27.09
C LYS A 292 -3.68 -29.34 -26.85
N THR A 293 -3.63 -29.89 -25.63
CA THR A 293 -2.61 -30.89 -25.31
C THR A 293 -2.80 -32.15 -26.14
N MET A 294 -4.07 -32.55 -26.34
CA MET A 294 -4.36 -33.77 -27.12
C MET A 294 -4.03 -33.54 -28.61
N LEU A 295 -4.18 -32.30 -29.09
CA LEU A 295 -3.77 -31.96 -30.44
C LEU A 295 -2.25 -31.99 -30.59
N LEU A 296 -1.54 -31.48 -29.58
CA LEU A 296 -0.07 -31.56 -29.61
C LEU A 296 0.40 -33.01 -29.60
N ARG A 297 -0.21 -33.84 -28.77
CA ARG A 297 0.16 -35.25 -28.73
C ARG A 297 -0.12 -35.93 -30.08
N VAL A 298 -1.25 -35.60 -30.70
CA VAL A 298 -1.60 -36.20 -31.99
C VAL A 298 -0.60 -35.78 -33.06
N VAL A 299 -0.28 -34.49 -33.11
CA VAL A 299 0.64 -34.02 -34.15
C VAL A 299 2.05 -34.56 -33.89
N ALA A 300 2.40 -34.82 -32.63
CA ALA A 300 3.70 -35.42 -32.34
C ALA A 300 3.73 -36.89 -32.76
N ASN A 301 2.68 -37.64 -32.45
CA ASN A 301 2.66 -39.07 -32.77
C ASN A 301 2.58 -39.29 -34.27
N THR A 302 1.72 -38.54 -34.96
CA THR A 302 1.54 -38.73 -36.40
C THR A 302 2.75 -38.27 -37.20
N SER A 303 3.59 -37.40 -36.63
CA SER A 303 4.77 -36.93 -37.35
C SER A 303 5.85 -37.99 -37.44
N ASN A 304 5.76 -39.05 -36.63
CA ASN A 304 6.72 -40.15 -36.58
C ASN A 304 8.17 -39.68 -36.64
N ALA A 305 8.45 -38.53 -36.02
CA ALA A 305 9.79 -37.97 -36.03
C ALA A 305 10.21 -37.55 -34.63
N HIS A 306 11.32 -36.84 -34.52
CA HIS A 306 11.84 -36.43 -33.22
C HIS A 306 10.95 -35.35 -32.62
N VAL A 307 10.61 -35.52 -31.33
CA VAL A 307 9.72 -34.59 -30.64
C VAL A 307 10.46 -34.06 -29.42
N LEU A 308 11.78 -33.88 -29.55
CA LEU A 308 12.60 -33.43 -28.44
C LEU A 308 12.13 -32.08 -27.93
N THR A 309 11.58 -32.06 -26.72
CA THR A 309 11.07 -30.84 -26.10
C THR A 309 10.88 -31.09 -24.62
N ILE A 310 10.68 -30.00 -23.86
CA ILE A 310 10.39 -30.09 -22.44
C ILE A 310 9.61 -28.84 -22.03
N ASN A 311 8.58 -29.02 -21.20
CA ASN A 311 7.77 -27.90 -20.75
C ASN A 311 8.24 -27.36 -19.40
N GLY A 312 8.19 -28.20 -18.37
CA GLY A 312 8.59 -27.79 -17.04
C GLY A 312 7.62 -26.79 -16.41
N PRO A 313 7.61 -26.72 -15.08
CA PRO A 313 6.81 -25.70 -14.38
C PRO A 313 7.59 -24.41 -14.20
N SER A 314 7.86 -23.72 -15.31
CA SER A 314 8.73 -22.55 -15.35
C SER A 314 10.10 -22.90 -14.77
N ILE A 315 10.76 -23.87 -15.41
CA ILE A 315 12.01 -24.41 -14.89
C ILE A 315 13.10 -23.36 -15.00
N VAL A 316 13.80 -23.14 -13.88
CA VAL A 316 14.93 -22.22 -13.79
C VAL A 316 16.03 -22.92 -13.00
N SER A 317 17.17 -22.26 -12.88
CA SER A 317 18.31 -22.78 -12.14
C SER A 317 18.82 -21.71 -11.18
N LYS A 318 19.31 -22.17 -10.02
CA LYS A 318 19.86 -21.24 -9.04
C LYS A 318 21.11 -20.56 -9.56
N TYR A 319 21.93 -21.27 -10.33
CA TYR A 319 23.12 -20.67 -10.91
C TYR A 319 22.73 -19.61 -11.94
N LEU A 320 23.50 -18.52 -11.98
CA LEU A 320 23.19 -17.43 -12.91
C LEU A 320 23.33 -17.87 -14.36
N GLY A 321 24.36 -18.66 -14.68
CA GLY A 321 24.61 -19.06 -16.05
C GLY A 321 23.90 -20.31 -16.49
N GLU A 322 23.61 -21.22 -15.54
CA GLU A 322 23.03 -22.51 -15.89
C GLU A 322 21.59 -22.35 -16.39
N THR A 323 20.84 -21.40 -15.81
CA THR A 323 19.45 -21.21 -16.21
C THR A 323 19.33 -20.83 -17.68
N GLU A 324 20.37 -20.23 -18.26
CA GLU A 324 20.39 -19.95 -19.69
C GLU A 324 21.12 -21.03 -20.48
N ALA A 325 22.16 -21.63 -19.89
CA ALA A 325 22.92 -22.66 -20.59
C ALA A 325 22.07 -23.89 -20.86
N ALA A 326 21.09 -24.19 -19.99
CA ALA A 326 20.20 -25.30 -20.25
C ALA A 326 19.41 -25.08 -21.53
N LEU A 327 18.82 -23.89 -21.69
CA LEU A 327 18.08 -23.58 -22.90
C LEU A 327 18.99 -23.55 -24.12
N ARG A 328 20.21 -23.01 -23.96
CA ARG A 328 21.14 -22.99 -25.09
C ARG A 328 21.50 -24.40 -25.54
N ASP A 329 21.75 -25.29 -24.58
CA ASP A 329 22.06 -26.68 -24.92
C ASP A 329 20.86 -27.36 -25.57
N ILE A 330 19.65 -27.09 -25.07
CA ILE A 330 18.46 -27.67 -25.67
C ILE A 330 18.31 -27.22 -27.11
N PHE A 331 18.50 -25.93 -27.38
CA PHE A 331 18.35 -25.42 -28.74
C PHE A 331 19.46 -25.93 -29.66
N ASN A 332 20.68 -26.04 -29.13
CA ASN A 332 21.77 -26.60 -29.93
C ASN A 332 21.50 -28.05 -30.30
N GLU A 333 20.99 -28.84 -29.34
CA GLU A 333 20.61 -30.21 -29.65
C GLU A 333 19.48 -30.25 -30.68
N ALA A 334 18.50 -29.36 -30.54
CA ALA A 334 17.41 -29.30 -31.50
C ALA A 334 17.93 -28.99 -32.90
N ARG A 335 18.89 -28.08 -33.01
CA ARG A 335 19.49 -27.81 -34.31
C ARG A 335 20.23 -29.02 -34.83
N LYS A 336 20.97 -29.71 -33.95
CA LYS A 336 21.72 -30.89 -34.38
C LYS A 336 20.82 -32.10 -34.59
N TYR A 337 19.87 -32.32 -33.69
CA TYR A 337 19.03 -33.52 -33.73
C TYR A 337 17.76 -33.32 -34.56
N GLN A 338 17.51 -32.10 -35.03
CA GLN A 338 16.43 -31.74 -35.94
C GLN A 338 15.06 -32.38 -35.62
N PRO A 339 14.50 -32.10 -34.44
CA PRO A 339 13.12 -32.53 -34.19
C PRO A 339 12.14 -31.81 -35.10
N SER A 340 11.09 -32.51 -35.49
CA SER A 340 10.09 -31.92 -36.39
C SER A 340 9.25 -30.88 -35.67
N ILE A 341 8.82 -31.17 -34.44
CA ILE A 341 8.00 -30.26 -33.66
C ILE A 341 8.64 -30.09 -32.29
N ILE A 342 8.80 -28.84 -31.86
CA ILE A 342 9.28 -28.51 -30.52
C ILE A 342 8.14 -27.84 -29.76
N PHE A 343 7.84 -28.33 -28.57
CA PHE A 343 6.69 -27.89 -27.80
C PHE A 343 7.13 -26.92 -26.71
N ILE A 344 6.49 -25.75 -26.69
CA ILE A 344 6.70 -24.75 -25.64
C ILE A 344 5.31 -24.41 -25.09
N ASP A 345 5.00 -24.96 -23.91
CA ASP A 345 3.69 -24.78 -23.32
C ASP A 345 3.73 -23.72 -22.23
N GLN A 346 2.62 -22.99 -22.08
CA GLN A 346 2.48 -21.95 -21.07
C GLN A 346 3.56 -20.87 -21.22
N ILE A 347 3.53 -20.20 -22.37
CA ILE A 347 4.48 -19.13 -22.64
C ILE A 347 4.30 -17.99 -21.65
N ASP A 348 3.05 -17.67 -21.30
CA ASP A 348 2.80 -16.58 -20.37
C ASP A 348 3.42 -16.85 -19.00
N SER A 349 3.35 -18.11 -18.55
CA SER A 349 3.95 -18.45 -17.27
C SER A 349 5.48 -18.33 -17.31
N ILE A 350 6.09 -18.69 -18.44
CA ILE A 350 7.55 -18.67 -18.56
C ILE A 350 8.07 -17.40 -19.22
N ALA A 351 7.21 -16.63 -19.88
CA ALA A 351 7.64 -15.40 -20.55
C ALA A 351 6.45 -14.47 -20.76
N PRO A 352 6.01 -13.77 -19.73
CA PRO A 352 4.86 -12.87 -19.86
C PRO A 352 5.29 -11.52 -20.42
N ASN A 353 4.33 -10.60 -20.49
CA ASN A 353 4.58 -9.26 -21.00
C ASN A 353 5.52 -8.50 -20.07
N ARG A 354 6.34 -7.64 -20.66
CA ARG A 354 7.30 -6.85 -19.89
C ARG A 354 6.68 -5.62 -19.25
N ALA A 355 5.40 -5.34 -19.51
CA ALA A 355 4.77 -4.16 -18.92
C ALA A 355 4.73 -4.24 -17.40
N ASN A 356 4.38 -5.41 -16.86
CA ASN A 356 4.36 -5.58 -15.42
C ASN A 356 5.78 -5.59 -14.87
N ASP A 357 5.95 -5.00 -13.67
CA ASP A 357 7.27 -4.90 -13.07
C ASP A 357 7.83 -6.27 -12.72
N ASP A 358 7.03 -7.09 -12.01
CA ASP A 358 7.50 -8.40 -11.57
C ASP A 358 7.50 -9.43 -12.68
N SER A 359 6.82 -9.16 -13.80
CA SER A 359 6.75 -10.14 -14.89
C SER A 359 8.05 -10.23 -15.68
N GLY A 360 8.80 -9.13 -15.76
CA GLY A 360 10.00 -9.11 -16.57
C GLY A 360 11.24 -9.71 -15.92
N GLU A 361 11.12 -10.19 -14.69
CA GLU A 361 12.27 -10.76 -14.01
C GLU A 361 12.69 -12.07 -14.66
N VAL A 362 14.01 -12.27 -14.79
CA VAL A 362 14.61 -13.52 -15.24
C VAL A 362 14.25 -13.84 -16.67
N GLU A 363 12.94 -13.86 -16.97
CA GLU A 363 12.48 -14.30 -18.29
C GLU A 363 12.87 -13.34 -19.41
N SER A 364 13.28 -12.12 -19.09
CA SER A 364 13.61 -11.14 -20.13
C SER A 364 14.81 -11.60 -20.95
N ARG A 365 15.91 -11.95 -20.28
CA ARG A 365 17.09 -12.42 -21.01
C ARG A 365 16.81 -13.73 -21.72
N VAL A 366 16.02 -14.61 -21.09
CA VAL A 366 15.69 -15.89 -21.70
C VAL A 366 14.95 -15.68 -23.02
N VAL A 367 13.91 -14.83 -23.00
CA VAL A 367 13.13 -14.60 -24.20
C VAL A 367 13.95 -13.85 -25.26
N ALA A 368 14.83 -12.94 -24.82
CA ALA A 368 15.67 -12.24 -25.78
C ALA A 368 16.62 -13.20 -26.50
N THR A 369 17.27 -14.08 -25.74
CA THR A 369 18.16 -15.06 -26.36
C THR A 369 17.38 -16.03 -27.25
N LEU A 370 16.18 -16.43 -26.82
CA LEU A 370 15.37 -17.31 -27.65
C LEU A 370 15.00 -16.64 -28.97
N LEU A 371 14.62 -15.37 -28.92
CA LEU A 371 14.26 -14.64 -30.14
C LEU A 371 15.47 -14.48 -31.05
N THR A 372 16.64 -14.17 -30.48
CA THR A 372 17.81 -13.93 -31.32
C THR A 372 18.43 -15.25 -31.80
N LEU A 373 18.01 -16.37 -31.22
CA LEU A 373 18.58 -17.65 -31.60
C LEU A 373 17.67 -18.41 -32.56
N MET A 374 16.36 -18.19 -32.47
CA MET A 374 15.44 -18.92 -33.34
C MET A 374 15.52 -18.42 -34.78
N ASP A 375 16.19 -17.29 -35.00
CA ASP A 375 16.39 -16.77 -36.34
C ASP A 375 17.65 -17.37 -36.95
N GLY A 376 17.66 -18.69 -37.14
CA GLY A 376 18.80 -19.38 -37.70
C GLY A 376 18.36 -20.55 -38.55
N MET A 377 19.29 -21.05 -39.36
CA MET A 377 19.04 -22.14 -40.30
C MET A 377 17.86 -21.80 -41.21
N GLY A 378 18.04 -20.72 -41.98
CA GLY A 378 17.01 -20.25 -42.88
C GLY A 378 16.83 -21.12 -44.10
N ALA A 379 15.79 -20.86 -44.88
CA ALA A 379 15.48 -21.62 -46.09
C ALA A 379 15.32 -23.10 -45.77
N ALA A 380 16.32 -23.91 -46.11
CA ALA A 380 16.31 -25.33 -45.80
C ALA A 380 16.42 -25.55 -44.29
N GLY A 381 15.63 -26.49 -43.78
CA GLY A 381 15.63 -26.76 -42.35
C GLY A 381 14.26 -26.52 -41.73
N LYS A 382 13.71 -27.54 -41.09
CA LYS A 382 12.37 -27.44 -40.53
C LYS A 382 12.37 -26.73 -39.18
N VAL A 383 13.02 -27.34 -38.19
CA VAL A 383 13.13 -26.87 -36.80
C VAL A 383 11.90 -26.05 -36.40
N VAL A 384 10.72 -26.64 -36.56
CA VAL A 384 9.46 -25.97 -36.26
C VAL A 384 9.16 -26.11 -34.78
N VAL A 385 8.93 -24.99 -34.12
CA VAL A 385 8.61 -24.97 -32.69
C VAL A 385 7.15 -24.58 -32.53
N ILE A 386 6.45 -25.27 -31.64
CA ILE A 386 5.03 -25.01 -31.39
C ILE A 386 4.87 -24.32 -30.05
N ALA A 387 4.19 -23.18 -30.06
CA ALA A 387 3.95 -22.39 -28.85
C ALA A 387 2.46 -22.45 -28.51
N ALA A 388 2.14 -23.08 -27.39
CA ALA A 388 0.76 -23.20 -26.93
C ALA A 388 0.63 -22.52 -25.57
N THR A 389 -0.34 -21.61 -25.46
CA THR A 389 -0.55 -20.86 -24.23
C THR A 389 -2.05 -20.70 -23.99
N ASN A 390 -2.40 -20.45 -22.73
CA ASN A 390 -3.79 -20.28 -22.34
C ASN A 390 -4.25 -18.84 -22.48
N ARG A 391 -3.40 -17.87 -22.12
CA ARG A 391 -3.76 -16.46 -22.18
C ARG A 391 -3.26 -15.86 -23.48
N PRO A 392 -4.14 -15.38 -24.36
CA PRO A 392 -3.65 -14.83 -25.65
C PRO A 392 -2.95 -13.50 -25.50
N ASN A 393 -3.48 -12.59 -24.68
CA ASN A 393 -2.93 -11.25 -24.56
C ASN A 393 -1.78 -11.15 -23.57
N SER A 394 -1.52 -12.19 -22.79
CA SER A 394 -0.42 -12.16 -21.83
C SER A 394 0.94 -12.40 -22.46
N VAL A 395 0.98 -12.85 -23.72
CA VAL A 395 2.25 -13.08 -24.39
C VAL A 395 2.93 -11.74 -24.65
N ASP A 396 4.26 -11.75 -24.69
CA ASP A 396 5.02 -10.54 -24.93
C ASP A 396 4.74 -10.03 -26.34
N PRO A 397 4.36 -8.75 -26.49
CA PRO A 397 4.14 -8.21 -27.84
C PRO A 397 5.38 -8.28 -28.72
N ALA A 398 6.57 -8.14 -28.14
CA ALA A 398 7.80 -8.28 -28.92
C ALA A 398 7.97 -9.70 -29.44
N LEU A 399 7.43 -10.69 -28.73
CA LEU A 399 7.48 -12.07 -29.19
C LEU A 399 6.53 -12.30 -30.37
N ARG A 400 5.40 -11.61 -30.40
CA ARG A 400 4.44 -11.72 -31.49
C ARG A 400 4.80 -10.84 -32.67
N ARG A 401 5.74 -9.91 -32.50
CA ARG A 401 6.16 -8.97 -33.54
C ARG A 401 6.73 -9.67 -34.77
N PRO A 402 7.62 -10.65 -34.64
CA PRO A 402 8.16 -11.29 -35.85
C PRO A 402 7.09 -12.06 -36.61
N GLY A 403 7.36 -12.31 -37.90
CA GLY A 403 6.31 -12.76 -38.79
C GLY A 403 6.03 -14.25 -38.72
N ARG A 404 6.83 -14.99 -37.95
CA ARG A 404 6.62 -16.43 -37.85
C ARG A 404 5.39 -16.76 -37.00
N PHE A 405 4.84 -15.77 -36.30
CA PHE A 405 3.58 -15.92 -35.59
C PHE A 405 2.49 -15.03 -36.20
N ASP A 406 2.59 -14.77 -37.50
CA ASP A 406 1.58 -13.93 -38.16
C ASP A 406 0.22 -14.63 -38.21
N GLN A 407 0.21 -15.95 -38.38
CA GLN A 407 -1.04 -16.67 -38.47
C GLN A 407 -1.84 -16.56 -37.18
N GLU A 408 -1.20 -16.85 -36.04
CA GLU A 408 -1.84 -16.79 -34.73
C GLU A 408 -3.15 -17.59 -34.71
N VAL A 409 -3.03 -18.87 -35.06
CA VAL A 409 -4.20 -19.72 -35.14
C VAL A 409 -4.74 -19.98 -33.74
N GLU A 410 -6.01 -19.64 -33.53
CA GLU A 410 -6.67 -19.80 -32.25
C GLU A 410 -7.83 -20.78 -32.37
N ILE A 411 -7.89 -21.74 -31.44
CA ILE A 411 -8.89 -22.79 -31.46
C ILE A 411 -9.96 -22.45 -30.43
N GLY A 412 -11.22 -22.41 -30.88
CA GLY A 412 -12.33 -22.13 -30.01
C GLY A 412 -12.94 -23.39 -29.41
N ILE A 413 -13.79 -23.18 -28.41
CA ILE A 413 -14.49 -24.27 -27.74
C ILE A 413 -15.52 -24.85 -28.69
N PRO A 414 -15.76 -26.17 -28.66
CA PRO A 414 -16.76 -26.75 -29.56
C PRO A 414 -18.15 -26.22 -29.26
N ASP A 415 -18.92 -26.01 -30.33
CA ASP A 415 -20.27 -25.48 -30.19
C ASP A 415 -21.05 -25.80 -31.46
N VAL A 416 -22.38 -25.76 -31.34
CA VAL A 416 -23.31 -25.93 -32.44
C VAL A 416 -23.09 -27.27 -33.14
N ASP A 417 -22.10 -27.31 -34.03
CA ASP A 417 -21.87 -28.49 -34.84
C ASP A 417 -20.68 -29.29 -34.31
N ALA A 418 -20.60 -30.56 -34.75
CA ALA A 418 -19.49 -31.47 -34.50
C ALA A 418 -19.46 -31.94 -33.04
N ARG A 419 -20.31 -31.38 -32.18
CA ARG A 419 -20.37 -31.84 -30.80
C ARG A 419 -20.91 -33.26 -30.72
N PHE A 420 -21.99 -33.55 -31.47
CA PHE A 420 -22.49 -34.91 -31.51
C PHE A 420 -21.47 -35.86 -32.13
N ASP A 421 -20.72 -35.39 -33.14
CA ASP A 421 -19.71 -36.22 -33.77
C ASP A 421 -18.61 -36.59 -32.77
N ILE A 422 -18.11 -35.61 -32.02
CA ILE A 422 -17.05 -35.91 -31.06
C ILE A 422 -17.59 -36.75 -29.90
N LEU A 423 -18.85 -36.55 -29.50
CA LEU A 423 -19.43 -37.39 -28.47
C LEU A 423 -19.51 -38.84 -28.94
N THR A 424 -19.96 -39.07 -30.17
CA THR A 424 -20.02 -40.42 -30.70
C THR A 424 -18.63 -41.02 -30.83
N LYS A 425 -17.65 -40.21 -31.26
CA LYS A 425 -16.29 -40.70 -31.38
C LYS A 425 -15.72 -41.13 -30.04
N GLN A 426 -15.94 -40.32 -29.00
CA GLN A 426 -15.44 -40.68 -27.67
C GLN A 426 -16.18 -41.88 -27.11
N PHE A 427 -17.49 -42.01 -27.38
CA PHE A 427 -18.22 -43.18 -26.94
C PHE A 427 -17.69 -44.45 -27.60
N SER A 428 -17.42 -44.38 -28.91
CA SER A 428 -16.86 -45.53 -29.61
C SER A 428 -15.46 -45.85 -29.10
N ARG A 429 -14.66 -44.82 -28.82
CA ARG A 429 -13.31 -45.05 -28.30
C ARG A 429 -13.35 -45.73 -26.94
N MET A 430 -14.25 -45.29 -26.05
CA MET A 430 -14.31 -45.92 -24.73
C MET A 430 -14.87 -47.33 -24.82
N SER A 431 -16.00 -47.52 -25.50
CA SER A 431 -16.56 -48.86 -25.66
C SER A 431 -17.58 -48.90 -26.80
N SER A 432 -17.40 -49.86 -27.71
CA SER A 432 -18.34 -50.02 -28.82
C SER A 432 -19.61 -50.76 -28.41
N ASP A 433 -19.62 -51.38 -27.25
CA ASP A 433 -20.78 -52.12 -26.75
C ASP A 433 -21.20 -51.55 -25.39
N ARG A 434 -22.16 -52.24 -24.77
CA ARG A 434 -22.64 -51.93 -23.41
C ARG A 434 -22.98 -50.45 -23.23
N HIS A 435 -23.30 -49.77 -24.33
CA HIS A 435 -23.65 -48.36 -24.31
C HIS A 435 -24.74 -48.10 -25.33
N VAL A 436 -25.49 -47.03 -25.11
CA VAL A 436 -26.59 -46.65 -25.98
C VAL A 436 -26.04 -45.84 -27.15
N LEU A 437 -26.54 -46.14 -28.35
CA LEU A 437 -26.12 -45.46 -29.58
C LEU A 437 -27.38 -45.00 -30.30
N ASP A 438 -27.85 -43.79 -29.95
CA ASP A 438 -29.01 -43.19 -30.58
C ASP A 438 -28.63 -41.80 -31.08
N SER A 439 -28.85 -41.57 -32.38
CA SER A 439 -28.50 -40.28 -32.96
C SER A 439 -29.31 -39.14 -32.35
N GLU A 440 -30.61 -39.37 -32.12
CA GLU A 440 -31.45 -38.32 -31.55
C GLU A 440 -31.02 -37.96 -30.13
N ALA A 441 -30.68 -38.97 -29.32
CA ALA A 441 -30.26 -38.69 -27.95
C ALA A 441 -28.94 -37.92 -27.92
N ILE A 442 -27.98 -38.30 -28.77
CA ILE A 442 -26.71 -37.59 -28.82
C ILE A 442 -26.92 -36.16 -29.31
N LYS A 443 -27.77 -35.97 -30.32
CA LYS A 443 -28.05 -34.63 -30.80
C LYS A 443 -28.71 -33.78 -29.71
N TYR A 444 -29.64 -34.36 -28.96
CA TYR A 444 -30.31 -33.62 -27.89
C TYR A 444 -29.32 -33.24 -26.79
N ILE A 445 -28.44 -34.17 -26.40
CA ILE A 445 -27.49 -33.86 -25.34
C ILE A 445 -26.44 -32.87 -25.82
N ALA A 446 -26.14 -32.86 -27.12
CA ALA A 446 -25.24 -31.85 -27.67
C ALA A 446 -25.89 -30.47 -27.68
N SER A 447 -27.17 -30.42 -28.06
CA SER A 447 -27.90 -29.15 -28.05
C SER A 447 -28.02 -28.59 -26.64
N LYS A 448 -28.31 -29.47 -25.67
CA LYS A 448 -28.37 -29.04 -24.27
C LYS A 448 -26.97 -28.67 -23.78
N THR A 449 -26.90 -27.69 -22.89
CA THR A 449 -25.65 -27.18 -22.32
C THR A 449 -24.67 -26.77 -23.42
N HIS A 450 -25.07 -25.74 -24.17
CA HIS A 450 -24.28 -25.26 -25.29
C HIS A 450 -22.90 -24.77 -24.88
N GLY A 451 -22.72 -24.41 -23.61
CA GLY A 451 -21.46 -23.90 -23.12
C GLY A 451 -20.45 -24.94 -22.69
N TYR A 452 -20.75 -26.23 -22.90
CA TYR A 452 -19.86 -27.29 -22.45
C TYR A 452 -18.69 -27.45 -23.41
N VAL A 453 -17.48 -27.38 -22.87
CA VAL A 453 -16.25 -27.59 -23.63
C VAL A 453 -16.03 -29.09 -23.75
N GLY A 454 -15.09 -29.51 -24.61
CA GLY A 454 -14.81 -30.92 -24.77
C GLY A 454 -14.40 -31.59 -23.47
N ALA A 455 -13.62 -30.89 -22.65
CA ALA A 455 -13.27 -31.41 -21.34
C ALA A 455 -14.51 -31.60 -20.48
N ASP A 456 -15.45 -30.66 -20.55
CA ASP A 456 -16.73 -30.82 -19.87
C ASP A 456 -17.50 -32.02 -20.41
N LEU A 457 -17.39 -32.27 -21.73
CA LEU A 457 -18.03 -33.44 -22.31
C LEU A 457 -17.43 -34.74 -21.77
N THR A 458 -16.10 -34.78 -21.64
CA THR A 458 -15.46 -35.96 -21.07
C THR A 458 -15.86 -36.15 -19.62
N ALA A 459 -15.94 -35.06 -18.86
CA ALA A 459 -16.40 -35.15 -17.47
C ALA A 459 -17.84 -35.65 -17.40
N LEU A 460 -18.68 -35.20 -18.33
CA LEU A 460 -20.05 -35.68 -18.41
C LEU A 460 -20.10 -37.17 -18.69
N CYS A 461 -19.27 -37.64 -19.62
CA CYS A 461 -19.24 -39.07 -19.91
C CYS A 461 -18.79 -39.88 -18.69
N ARG A 462 -17.76 -39.39 -17.99
CA ARG A 462 -17.28 -40.08 -16.79
C ARG A 462 -18.35 -40.12 -15.71
N GLU A 463 -19.06 -39.00 -15.51
CA GLU A 463 -20.11 -38.97 -14.50
C GLU A 463 -21.29 -39.84 -14.90
N SER A 464 -21.58 -39.95 -16.20
CA SER A 464 -22.62 -40.86 -16.66
C SER A 464 -22.23 -42.32 -16.37
N VAL A 465 -20.95 -42.65 -16.58
CA VAL A 465 -20.48 -43.99 -16.23
C VAL A 465 -20.61 -44.24 -14.74
N MET A 466 -20.26 -43.24 -13.93
CA MET A 466 -20.39 -43.37 -12.48
C MET A 466 -21.85 -43.57 -12.08
N LYS A 467 -22.76 -42.82 -12.69
CA LYS A 467 -24.18 -42.97 -12.39
C LYS A 467 -24.69 -44.35 -12.79
N THR A 468 -24.24 -44.85 -13.95
CA THR A 468 -24.61 -46.22 -14.35
C THR A 468 -24.11 -47.23 -13.33
N ILE A 469 -22.88 -47.06 -12.85
CA ILE A 469 -22.35 -47.98 -11.85
C ILE A 469 -23.17 -47.93 -10.58
N GLN A 470 -23.51 -46.73 -10.12
CA GLN A 470 -24.30 -46.61 -8.89
C GLN A 470 -25.67 -47.24 -9.05
N ARG A 471 -26.35 -46.97 -10.17
CA ARG A 471 -27.67 -47.54 -10.41
C ARG A 471 -27.60 -49.06 -10.47
N GLY A 472 -26.60 -49.59 -11.18
CA GLY A 472 -26.46 -51.04 -11.27
C GLY A 472 -26.21 -51.69 -9.92
N LEU A 473 -25.32 -51.09 -9.11
CA LEU A 473 -25.07 -51.64 -7.78
C LEU A 473 -26.33 -51.61 -6.93
N GLY A 474 -27.02 -50.47 -6.90
CA GLY A 474 -28.24 -50.37 -6.10
C GLY A 474 -29.36 -51.25 -6.58
N THR A 475 -29.35 -51.65 -7.86
CA THR A 475 -30.42 -52.49 -8.38
C THR A 475 -30.12 -53.98 -8.25
N ASP A 476 -28.87 -54.40 -8.44
CA ASP A 476 -28.53 -55.82 -8.49
C ASP A 476 -27.62 -56.26 -7.35
N ALA A 477 -27.44 -55.44 -6.32
CA ALA A 477 -26.69 -55.81 -5.12
C ALA A 477 -25.26 -56.25 -5.46
N ASN A 478 -24.51 -55.29 -6.01
CA ASN A 478 -23.08 -55.46 -6.31
C ASN A 478 -22.87 -56.59 -7.31
N ILE A 479 -23.49 -56.45 -8.48
CA ILE A 479 -23.31 -57.38 -9.58
C ILE A 479 -22.17 -56.90 -10.47
N ASP A 480 -21.66 -57.79 -11.31
CA ASP A 480 -20.65 -57.40 -12.28
C ASP A 480 -21.22 -56.37 -13.24
N LYS A 481 -20.42 -55.34 -13.53
CA LYS A 481 -20.88 -54.20 -14.30
C LYS A 481 -20.67 -54.37 -15.81
N PHE A 482 -20.17 -55.52 -16.26
CA PHE A 482 -19.94 -55.73 -17.68
C PHE A 482 -21.25 -55.70 -18.46
N SER A 483 -22.32 -56.29 -17.91
CA SER A 483 -23.59 -56.37 -18.60
C SER A 483 -24.43 -55.11 -18.48
N LEU A 484 -24.04 -54.15 -17.65
CA LEU A 484 -24.81 -52.93 -17.47
C LEU A 484 -24.76 -52.07 -18.73
N LYS A 485 -25.84 -51.33 -18.97
CA LYS A 485 -25.98 -50.49 -20.15
C LYS A 485 -26.33 -49.07 -19.73
N VAL A 486 -25.91 -48.11 -20.57
CA VAL A 486 -26.13 -46.70 -20.30
C VAL A 486 -27.46 -46.26 -20.88
N THR A 487 -28.21 -45.46 -20.14
CA THR A 487 -29.49 -44.92 -20.56
C THR A 487 -29.47 -43.40 -20.45
N LEU A 488 -30.56 -42.77 -20.87
CA LEU A 488 -30.63 -41.31 -20.88
C LEU A 488 -30.82 -40.74 -19.48
N LYS A 489 -31.43 -41.49 -18.57
CA LYS A 489 -31.69 -40.98 -17.24
C LYS A 489 -30.39 -40.68 -16.49
N ASP A 490 -29.42 -41.59 -16.57
CA ASP A 490 -28.14 -41.34 -15.92
C ASP A 490 -27.40 -40.20 -16.58
N VAL A 491 -27.53 -40.05 -17.90
CA VAL A 491 -26.90 -38.92 -18.58
C VAL A 491 -27.48 -37.60 -18.09
N GLU A 492 -28.81 -37.53 -17.95
CA GLU A 492 -29.44 -36.32 -17.44
C GLU A 492 -29.04 -36.04 -16.00
N SER A 493 -28.98 -37.08 -15.17
CA SER A 493 -28.55 -36.90 -13.79
C SER A 493 -27.12 -36.39 -13.71
N ALA A 494 -26.24 -36.95 -14.54
CA ALA A 494 -24.86 -36.47 -14.59
C ALA A 494 -24.80 -35.03 -15.05
N MET A 495 -25.58 -34.67 -16.07
CA MET A 495 -25.58 -33.29 -16.55
C MET A 495 -26.04 -32.34 -15.45
N VAL A 496 -27.01 -32.75 -14.64
CA VAL A 496 -27.47 -31.92 -13.54
C VAL A 496 -26.39 -31.80 -12.47
N ASP A 497 -25.71 -32.90 -12.15
CA ASP A 497 -24.87 -32.95 -10.96
C ASP A 497 -23.39 -32.63 -11.19
N ILE A 498 -22.95 -32.49 -12.44
CA ILE A 498 -21.52 -32.28 -12.67
C ILE A 498 -21.06 -30.92 -12.17
N ARG A 499 -21.80 -29.86 -12.52
CA ARG A 499 -21.37 -28.48 -12.26
C ARG A 499 -19.96 -28.26 -12.80
N PRO A 500 -19.79 -28.20 -14.12
CA PRO A 500 -18.44 -28.18 -14.69
C PRO A 500 -17.67 -26.91 -14.38
N SER A 501 -16.40 -26.87 -14.81
CA SER A 501 -15.54 -25.72 -14.57
C SER A 501 -15.90 -24.51 -15.41
N ALA A 502 -16.77 -24.68 -16.42
CA ALA A 502 -17.17 -23.54 -17.23
C ALA A 502 -17.91 -22.50 -16.39
N MET A 503 -18.78 -22.96 -15.50
CA MET A 503 -19.51 -22.07 -14.59
C MET A 503 -18.84 -21.91 -13.25
N ARG A 504 -17.64 -22.47 -13.07
CA ARG A 504 -16.93 -22.37 -11.81
C ARG A 504 -16.37 -20.95 -11.64
N GLU A 505 -15.75 -20.71 -10.48
CA GLU A 505 -15.10 -19.45 -10.12
C GLU A 505 -16.16 -18.36 -9.88
N ILE A 506 -17.42 -18.68 -10.14
CA ILE A 506 -18.52 -17.76 -9.90
C ILE A 506 -19.32 -18.14 -8.67
N PHE A 507 -19.65 -19.43 -8.52
CA PHE A 507 -20.36 -20.03 -7.40
C PHE A 507 -21.82 -19.59 -7.35
N LEU A 508 -22.26 -18.67 -8.22
CA LEU A 508 -23.64 -18.22 -8.26
C LEU A 508 -24.20 -18.43 -9.65
N GLU A 509 -25.48 -18.81 -9.70
CA GLU A 509 -26.16 -19.07 -10.96
C GLU A 509 -27.48 -18.32 -11.00
N MET A 510 -27.84 -17.85 -12.19
CA MET A 510 -29.08 -17.13 -12.38
C MET A 510 -30.28 -18.07 -12.22
N PRO A 511 -31.40 -17.56 -11.71
CA PRO A 511 -32.58 -18.41 -11.56
C PRO A 511 -33.16 -18.82 -12.90
N LYS A 512 -33.81 -19.98 -12.91
CA LYS A 512 -34.43 -20.50 -14.13
C LYS A 512 -35.60 -19.62 -14.55
N VAL A 513 -35.71 -19.39 -15.85
CA VAL A 513 -36.79 -18.58 -16.42
C VAL A 513 -37.03 -19.04 -17.85
N TYR A 514 -38.28 -18.92 -18.29
CA TYR A 514 -38.68 -19.36 -19.62
C TYR A 514 -39.55 -18.29 -20.27
N TRP A 515 -39.77 -18.44 -21.58
CA TRP A 515 -40.58 -17.48 -22.31
C TRP A 515 -42.03 -17.49 -21.87
N SER A 516 -42.55 -18.66 -21.49
CA SER A 516 -43.92 -18.72 -21.02
C SER A 516 -44.13 -17.95 -19.72
N ASP A 517 -43.10 -17.96 -18.87
CA ASP A 517 -43.16 -17.28 -17.54
C ASP A 517 -43.20 -15.77 -17.72
N ILE A 518 -42.78 -15.26 -18.88
CA ILE A 518 -42.79 -13.77 -19.11
C ILE A 518 -43.61 -13.44 -20.36
N GLY A 519 -44.57 -12.51 -20.22
CA GLY A 519 -45.39 -12.04 -21.36
C GLY A 519 -45.21 -10.54 -21.53
N GLY A 520 -44.73 -10.09 -22.68
CA GLY A 520 -44.47 -8.66 -22.90
C GLY A 520 -44.51 -8.26 -24.36
N GLN A 521 -44.47 -6.94 -24.63
CA GLN A 521 -44.48 -6.34 -25.99
C GLN A 521 -43.64 -7.19 -26.95
N GLU A 522 -44.30 -7.81 -27.93
CA GLU A 522 -43.62 -8.69 -28.87
C GLU A 522 -42.50 -7.99 -29.64
N GLU A 523 -42.59 -6.66 -29.81
CA GLU A 523 -41.59 -5.95 -30.59
C GLU A 523 -40.23 -6.01 -29.93
N LEU A 524 -40.17 -5.83 -28.60
CA LEU A 524 -38.89 -5.89 -27.90
C LEU A 524 -38.28 -7.28 -28.00
N LYS A 525 -39.10 -8.32 -27.83
CA LYS A 525 -38.59 -9.69 -27.94
C LYS A 525 -38.08 -9.97 -29.34
N THR A 526 -38.81 -9.53 -30.36
CA THR A 526 -38.37 -9.74 -31.74
C THR A 526 -37.06 -9.02 -32.02
N LYS A 527 -36.93 -7.77 -31.55
CA LYS A 527 -35.70 -7.02 -31.75
C LYS A 527 -34.53 -7.69 -31.04
N MET A 528 -34.75 -8.15 -29.80
CA MET A 528 -33.67 -8.81 -29.08
C MET A 528 -33.26 -10.12 -29.75
N LYS A 529 -34.24 -10.90 -30.23
CA LYS A 529 -33.92 -12.13 -30.93
C LYS A 529 -33.15 -11.86 -32.21
N GLU A 530 -33.55 -10.82 -32.96
CA GLU A 530 -32.80 -10.44 -34.15
C GLU A 530 -31.37 -10.03 -33.79
N MET A 531 -31.21 -9.34 -32.66
CA MET A 531 -29.87 -8.91 -32.26
C MET A 531 -28.99 -10.08 -31.83
N ILE A 532 -29.57 -11.10 -31.20
CA ILE A 532 -28.77 -12.17 -30.62
C ILE A 532 -28.56 -13.32 -31.58
N GLN A 533 -29.62 -13.86 -32.19
CA GLN A 533 -29.50 -15.10 -32.94
C GLN A 533 -28.76 -14.91 -34.26
N LEU A 534 -28.96 -13.77 -34.91
CA LEU A 534 -28.39 -13.56 -36.24
C LEU A 534 -26.87 -13.62 -36.26
N PRO A 535 -26.13 -12.93 -35.36
CA PRO A 535 -24.66 -13.03 -35.41
C PRO A 535 -24.13 -14.27 -34.70
N LEU A 536 -24.90 -14.80 -33.74
CA LEU A 536 -24.42 -15.92 -32.93
C LEU A 536 -24.42 -17.23 -33.71
N GLU A 537 -25.39 -17.43 -34.61
CA GLU A 537 -25.50 -18.71 -35.30
C GLU A 537 -24.32 -18.97 -36.21
N ALA A 538 -23.83 -17.95 -36.91
CA ALA A 538 -22.74 -18.12 -37.85
C ALA A 538 -22.04 -16.78 -38.05
N SER A 539 -20.83 -16.84 -38.61
CA SER A 539 -20.02 -15.64 -38.82
C SER A 539 -19.48 -15.50 -40.24
N GLU A 540 -19.51 -16.55 -41.06
CA GLU A 540 -18.99 -16.43 -42.41
C GLU A 540 -19.85 -15.50 -43.26
N THR A 541 -21.17 -15.50 -43.02
CA THR A 541 -22.04 -14.56 -43.72
C THR A 541 -21.73 -13.12 -43.33
N PHE A 542 -21.49 -12.88 -42.04
CA PHE A 542 -21.12 -11.54 -41.58
C PHE A 542 -19.78 -11.10 -42.16
N ALA A 543 -18.81 -12.00 -42.20
CA ALA A 543 -17.47 -11.66 -42.70
C ALA A 543 -17.46 -11.43 -44.21
N ARG A 544 -18.14 -12.28 -44.98
CA ARG A 544 -18.11 -12.14 -46.44
C ARG A 544 -18.93 -10.94 -46.89
N LEU A 545 -20.12 -10.76 -46.33
CA LEU A 545 -20.99 -9.66 -46.73
C LEU A 545 -20.59 -8.33 -46.11
N GLY A 546 -19.71 -8.33 -45.11
CA GLY A 546 -19.26 -7.09 -44.50
C GLY A 546 -20.24 -6.45 -43.55
N ILE A 547 -21.23 -7.20 -43.08
CA ILE A 547 -22.20 -6.65 -42.13
C ILE A 547 -21.54 -6.47 -40.78
N SER A 548 -21.64 -5.26 -40.23
CA SER A 548 -21.02 -4.92 -38.95
C SER A 548 -22.13 -4.73 -37.92
N ALA A 549 -22.41 -5.77 -37.15
CA ALA A 549 -23.41 -5.69 -36.11
C ALA A 549 -22.94 -4.77 -34.98
N PRO A 550 -23.86 -4.04 -34.34
CA PRO A 550 -23.45 -3.16 -33.24
C PRO A 550 -22.81 -3.90 -32.08
N LYS A 551 -23.24 -5.13 -31.81
CA LYS A 551 -22.72 -5.95 -30.70
C LYS A 551 -22.87 -5.24 -29.36
N GLY A 552 -23.95 -4.46 -29.21
CA GLY A 552 -24.20 -3.77 -27.96
C GLY A 552 -25.57 -3.11 -27.92
N VAL A 553 -26.31 -3.35 -26.84
CA VAL A 553 -27.65 -2.78 -26.67
C VAL A 553 -27.73 -2.16 -25.27
N LEU A 554 -28.39 -1.02 -25.18
CA LEU A 554 -28.60 -0.33 -23.92
C LEU A 554 -30.08 -0.39 -23.55
N LEU A 555 -30.36 -0.91 -22.36
CA LEU A 555 -31.73 -1.06 -21.87
C LEU A 555 -31.99 0.03 -20.84
N TYR A 556 -32.75 1.05 -21.24
CA TYR A 556 -33.11 2.15 -20.36
C TYR A 556 -34.63 2.28 -20.30
N GLY A 557 -35.16 2.51 -19.10
CA GLY A 557 -36.57 2.64 -18.91
C GLY A 557 -36.95 2.83 -17.45
N PRO A 558 -38.25 2.88 -17.17
CA PRO A 558 -38.70 3.05 -15.79
C PRO A 558 -38.34 1.83 -14.96
N PRO A 559 -38.11 2.01 -13.66
CA PRO A 559 -37.80 0.86 -12.80
C PRO A 559 -38.96 -0.13 -12.75
N GLY A 560 -38.60 -1.40 -12.61
CA GLY A 560 -39.60 -2.46 -12.58
C GLY A 560 -40.19 -2.82 -13.93
N CYS A 561 -39.51 -2.49 -15.02
CA CYS A 561 -39.98 -2.79 -16.36
C CYS A 561 -39.45 -4.12 -16.88
N SER A 562 -38.68 -4.84 -16.04
CA SER A 562 -38.18 -6.18 -16.34
C SER A 562 -37.18 -6.17 -17.49
N LYS A 563 -36.24 -5.22 -17.47
CA LYS A 563 -35.10 -5.31 -18.38
C LYS A 563 -34.09 -6.35 -17.92
N THR A 564 -33.85 -6.45 -16.61
CA THR A 564 -33.00 -7.49 -16.07
C THR A 564 -33.62 -8.87 -16.28
N LEU A 565 -34.93 -9.00 -16.10
CA LEU A 565 -35.60 -10.25 -16.39
C LEU A 565 -35.52 -10.60 -17.87
N THR A 566 -35.64 -9.60 -18.74
CA THR A 566 -35.49 -9.84 -20.18
C THR A 566 -34.08 -10.33 -20.50
N ALA A 567 -33.07 -9.73 -19.87
CA ALA A 567 -31.69 -10.19 -20.08
C ALA A 567 -31.51 -11.61 -19.57
N LYS A 568 -32.12 -11.94 -18.42
CA LYS A 568 -32.05 -13.30 -17.89
C LYS A 568 -32.67 -14.30 -18.85
N ALA A 569 -33.84 -13.95 -19.40
CA ALA A 569 -34.50 -14.83 -20.37
C ALA A 569 -33.65 -14.99 -21.62
N LEU A 570 -33.03 -13.89 -22.08
CA LEU A 570 -32.16 -13.97 -23.24
C LEU A 570 -30.98 -14.89 -23.00
N ALA A 571 -30.37 -14.79 -21.81
CA ALA A 571 -29.25 -15.68 -21.49
C ALA A 571 -29.72 -17.13 -21.39
N THR A 572 -30.90 -17.36 -20.82
CA THR A 572 -31.41 -18.72 -20.67
C THR A 572 -31.72 -19.35 -22.03
N GLU A 573 -32.23 -18.55 -22.97
CA GLU A 573 -32.72 -19.11 -24.23
C GLU A 573 -31.56 -19.40 -25.19
N SER A 574 -30.79 -18.38 -25.56
CA SER A 574 -29.79 -18.53 -26.61
C SER A 574 -28.39 -18.76 -26.06
N GLY A 575 -27.99 -17.97 -25.07
CA GLY A 575 -26.61 -18.07 -24.57
C GLY A 575 -26.32 -19.39 -23.90
N ILE A 576 -27.26 -19.91 -23.11
CA ILE A 576 -27.09 -21.13 -22.33
C ILE A 576 -25.90 -20.94 -21.40
N ASN A 577 -25.59 -19.70 -21.07
CA ASN A 577 -24.47 -19.35 -20.21
C ASN A 577 -24.58 -17.90 -19.77
N PHE A 578 -24.44 -17.64 -18.48
CA PHE A 578 -24.54 -16.29 -17.94
C PHE A 578 -23.28 -15.95 -17.15
N LEU A 579 -22.79 -14.74 -17.35
CA LEU A 579 -21.62 -14.22 -16.64
C LEU A 579 -22.03 -12.89 -16.02
N ALA A 580 -22.57 -12.93 -14.80
CA ALA A 580 -23.05 -11.73 -14.14
C ALA A 580 -21.88 -10.93 -13.59
N VAL A 581 -21.80 -9.67 -13.98
CA VAL A 581 -20.76 -8.74 -13.54
C VAL A 581 -21.44 -7.48 -13.01
N LYS A 582 -20.96 -7.00 -11.87
CA LYS A 582 -21.50 -5.79 -11.24
C LYS A 582 -20.47 -4.67 -11.33
N GLY A 583 -20.96 -3.45 -11.57
CA GLY A 583 -20.11 -2.30 -11.72
C GLY A 583 -19.26 -2.00 -10.49
N PRO A 584 -19.91 -1.65 -9.38
CA PRO A 584 -19.16 -1.37 -8.15
C PRO A 584 -18.39 -2.55 -7.61
N GLU A 585 -18.75 -3.78 -8.00
CA GLU A 585 -18.05 -4.96 -7.49
C GLU A 585 -16.59 -4.98 -7.95
N ILE A 586 -16.34 -4.57 -9.19
CA ILE A 586 -14.98 -4.60 -9.72
C ILE A 586 -14.08 -3.57 -9.04
N PHE A 587 -14.66 -2.61 -8.32
CA PHE A 587 -13.85 -1.62 -7.62
C PHE A 587 -13.07 -2.28 -6.49
N ASN A 588 -11.82 -1.85 -6.32
CA ASN A 588 -10.92 -2.42 -5.33
C ASN A 588 -10.21 -1.31 -4.57
N LYS A 589 -9.78 -1.65 -3.36
CA LYS A 589 -9.08 -0.67 -2.52
C LYS A 589 -7.76 -0.25 -3.16
N TYR A 590 -7.02 -1.20 -3.73
CA TYR A 590 -5.74 -0.89 -4.36
C TYR A 590 -5.96 -0.13 -5.67
N VAL A 591 -4.97 0.69 -6.02
CA VAL A 591 -5.09 1.52 -7.22
C VAL A 591 -5.06 0.68 -8.49
N GLY A 592 -4.24 -0.37 -8.51
CA GLY A 592 -4.06 -1.16 -9.71
C GLY A 592 -4.86 -2.44 -9.76
N GLU A 593 -5.52 -2.79 -8.67
CA GLU A 593 -6.28 -4.04 -8.63
C GLU A 593 -7.57 -3.95 -9.42
N SER A 594 -8.20 -2.77 -9.47
CA SER A 594 -9.46 -2.62 -10.20
C SER A 594 -9.26 -2.85 -11.69
N GLU A 595 -8.21 -2.26 -12.26
CA GLU A 595 -7.93 -2.43 -13.69
C GLU A 595 -7.63 -3.88 -14.01
N ARG A 596 -6.82 -4.54 -13.18
CA ARG A 596 -6.52 -5.95 -13.40
C ARG A 596 -7.79 -6.80 -13.32
N ALA A 597 -8.65 -6.52 -12.34
CA ALA A 597 -9.87 -7.28 -12.18
C ALA A 597 -10.81 -7.10 -13.38
N ILE A 598 -10.97 -5.87 -13.86
CA ILE A 598 -11.86 -5.64 -14.99
C ILE A 598 -11.29 -6.25 -16.25
N ARG A 599 -9.97 -6.17 -16.44
CA ARG A 599 -9.36 -6.82 -17.60
C ARG A 599 -9.54 -8.33 -17.55
N GLU A 600 -9.36 -8.92 -16.36
CA GLU A 600 -9.55 -10.36 -16.22
C GLU A 600 -10.99 -10.76 -16.53
N ILE A 601 -11.96 -10.08 -15.92
CA ILE A 601 -13.36 -10.42 -16.15
C ILE A 601 -13.79 -10.13 -17.58
N PHE A 602 -13.08 -9.25 -18.28
CA PHE A 602 -13.44 -8.97 -19.68
C PHE A 602 -12.81 -9.99 -20.63
N ARG A 603 -11.62 -10.48 -20.33
CA ARG A 603 -10.87 -11.32 -21.27
C ARG A 603 -10.88 -12.80 -20.90
N LYS A 604 -10.45 -13.14 -19.69
CA LYS A 604 -10.23 -14.55 -19.34
C LYS A 604 -11.55 -15.33 -19.31
N ALA A 605 -12.58 -14.75 -18.69
CA ALA A 605 -13.86 -15.43 -18.54
C ALA A 605 -14.72 -15.38 -19.79
N ARG A 606 -14.31 -14.63 -20.82
CA ARG A 606 -15.13 -14.48 -22.01
C ARG A 606 -15.03 -15.72 -22.88
N SER A 607 -16.20 -16.24 -23.29
CA SER A 607 -16.30 -17.34 -24.24
C SER A 607 -17.05 -16.84 -25.47
N ALA A 608 -16.69 -17.36 -26.64
CA ALA A 608 -17.15 -16.79 -27.89
C ALA A 608 -18.66 -16.84 -28.05
N ALA A 609 -19.23 -18.04 -28.23
CA ALA A 609 -20.68 -18.14 -28.35
C ALA A 609 -21.35 -18.21 -26.98
N PRO A 610 -20.94 -19.14 -26.05
CA PRO A 610 -21.62 -19.21 -24.76
C PRO A 610 -21.77 -17.90 -24.00
N SER A 611 -20.64 -17.30 -23.63
CA SER A 611 -20.64 -16.28 -22.60
C SER A 611 -21.12 -14.93 -23.13
N ILE A 612 -22.02 -14.30 -22.38
CA ILE A 612 -22.43 -12.92 -22.62
C ILE A 612 -22.35 -12.19 -21.28
N ILE A 613 -21.82 -10.97 -21.31
CA ILE A 613 -21.64 -10.16 -20.11
C ILE A 613 -22.79 -9.16 -20.02
N PHE A 614 -23.41 -9.10 -18.85
CA PHE A 614 -24.55 -8.22 -18.60
C PHE A 614 -24.21 -7.27 -17.47
N PHE A 615 -24.47 -5.98 -17.69
CA PHE A 615 -24.20 -4.94 -16.69
C PHE A 615 -25.51 -4.58 -16.01
N ASP A 616 -25.56 -4.77 -14.69
CA ASP A 616 -26.77 -4.44 -13.94
C ASP A 616 -27.05 -2.94 -13.95
N GLN A 617 -26.02 -2.13 -13.65
CA GLN A 617 -26.17 -0.67 -13.61
C GLN A 617 -24.89 -0.08 -14.20
N ILE A 618 -24.92 0.23 -15.50
CA ILE A 618 -23.78 0.83 -16.18
C ILE A 618 -23.65 2.32 -15.92
N ASP A 619 -24.67 2.95 -15.32
CA ASP A 619 -24.64 4.39 -15.09
C ASP A 619 -23.85 4.76 -13.84
N ALA A 620 -23.35 3.79 -13.07
CA ALA A 620 -22.60 4.05 -11.86
C ALA A 620 -21.09 4.07 -12.09
N LEU A 621 -20.64 3.96 -13.33
CA LEU A 621 -19.21 3.89 -13.64
C LEU A 621 -18.70 5.14 -14.33
N SER A 622 -19.37 5.58 -15.40
CA SER A 622 -18.88 6.72 -16.18
C SER A 622 -18.82 8.02 -15.37
N PRO A 623 -19.86 8.44 -14.64
CA PRO A 623 -19.79 9.73 -13.94
C PRO A 623 -18.81 9.67 -12.77
N ASP A 624 -17.85 10.59 -12.79
CA ASP A 624 -16.88 10.73 -11.71
C ASP A 624 -17.28 11.80 -10.71
N ARG A 625 -18.41 12.45 -10.90
CA ARG A 625 -18.91 13.53 -10.03
C ARG A 625 -17.84 14.62 -10.00
N ASP A 626 -17.41 15.09 -8.84
CA ASP A 626 -16.38 16.14 -8.75
C ASP A 626 -15.00 15.49 -8.69
N GLY A 627 -14.60 14.93 -9.82
CA GLY A 627 -13.30 14.29 -9.92
C GLY A 627 -12.40 14.98 -10.92
N SER A 628 -11.27 15.53 -10.43
CA SER A 628 -10.36 16.24 -11.32
C SER A 628 -9.43 15.27 -12.04
N SER A 629 -8.63 14.52 -11.29
CA SER A 629 -7.68 13.58 -11.87
C SER A 629 -7.29 12.56 -10.83
N THR A 630 -6.71 11.44 -11.30
CA THR A 630 -6.24 10.36 -10.45
C THR A 630 -7.37 9.85 -9.55
N SER A 631 -8.37 9.28 -10.20
CA SER A 631 -9.54 8.71 -9.53
C SER A 631 -9.75 7.28 -9.99
N ALA A 632 -10.23 6.44 -9.07
CA ALA A 632 -10.49 5.05 -9.40
C ALA A 632 -11.58 4.92 -10.46
N ALA A 633 -12.65 5.71 -10.34
CA ALA A 633 -13.72 5.67 -11.33
C ALA A 633 -13.21 6.10 -12.69
N ASN A 634 -12.40 7.17 -12.74
CA ASN A 634 -11.84 7.62 -14.01
C ASN A 634 -10.93 6.54 -14.60
N HIS A 635 -10.12 5.90 -13.75
CA HIS A 635 -9.20 4.87 -14.24
C HIS A 635 -9.95 3.68 -14.81
N VAL A 636 -10.99 3.22 -14.12
CA VAL A 636 -11.75 2.06 -14.62
C VAL A 636 -12.52 2.44 -15.88
N LEU A 637 -13.04 3.67 -15.94
CA LEU A 637 -13.72 4.12 -17.15
C LEU A 637 -12.75 4.16 -18.33
N THR A 638 -11.54 4.67 -18.11
CA THR A 638 -10.54 4.71 -19.18
C THR A 638 -10.17 3.30 -19.63
N SER A 639 -9.99 2.38 -18.67
CA SER A 639 -9.66 1.01 -19.03
C SER A 639 -10.78 0.35 -19.83
N LEU A 640 -12.04 0.57 -19.41
CA LEU A 640 -13.17 0.01 -20.15
C LEU A 640 -13.25 0.59 -21.56
N LEU A 641 -13.02 1.89 -21.69
CA LEU A 641 -13.05 2.52 -23.01
C LEU A 641 -11.93 1.96 -23.90
N ASN A 642 -10.74 1.77 -23.34
CA ASN A 642 -9.63 1.22 -24.11
C ASN A 642 -9.92 -0.21 -24.54
N GLU A 643 -10.52 -1.01 -23.66
CA GLU A 643 -10.80 -2.41 -23.96
C GLU A 643 -12.10 -2.61 -24.72
N ILE A 644 -12.87 -1.56 -24.94
CA ILE A 644 -14.12 -1.65 -25.70
C ILE A 644 -14.05 -0.96 -27.05
N ASP A 645 -13.07 -0.08 -27.28
CA ASP A 645 -12.93 0.60 -28.55
C ASP A 645 -12.07 -0.18 -29.55
N GLY A 646 -11.42 -1.25 -29.11
CA GLY A 646 -10.61 -2.05 -30.01
C GLY A 646 -11.31 -3.31 -30.47
N VAL A 647 -12.62 -3.38 -30.23
CA VAL A 647 -13.40 -4.55 -30.62
C VAL A 647 -14.53 -4.15 -31.56
N GLU A 648 -14.65 -4.85 -32.69
CA GLU A 648 -15.74 -4.62 -33.62
C GLU A 648 -16.64 -5.84 -33.74
N GLU A 649 -16.08 -6.98 -34.11
CA GLU A 649 -16.84 -8.23 -34.19
C GLU A 649 -16.26 -9.26 -33.24
N LEU A 650 -14.95 -9.46 -33.31
CA LEU A 650 -14.21 -10.41 -32.47
C LEU A 650 -14.86 -11.79 -32.48
N LYS A 651 -15.58 -12.13 -31.40
CA LYS A 651 -16.17 -13.45 -31.24
C LYS A 651 -17.66 -13.37 -30.93
N GLY A 652 -18.35 -12.33 -31.39
CA GLY A 652 -19.77 -12.18 -31.11
C GLY A 652 -20.09 -12.00 -29.65
N VAL A 653 -19.36 -11.10 -28.98
CA VAL A 653 -19.55 -10.88 -27.55
C VAL A 653 -20.96 -10.38 -27.26
N VAL A 654 -21.54 -9.60 -28.18
CA VAL A 654 -22.88 -9.02 -28.09
C VAL A 654 -23.24 -8.62 -26.66
N ILE A 655 -22.47 -7.67 -26.11
CA ILE A 655 -22.69 -7.25 -24.73
C ILE A 655 -24.06 -6.60 -24.57
N VAL A 656 -24.60 -6.68 -23.35
CA VAL A 656 -25.90 -6.10 -23.02
C VAL A 656 -25.76 -5.35 -21.71
N ALA A 657 -26.37 -4.16 -21.65
CA ALA A 657 -26.31 -3.31 -20.47
C ALA A 657 -27.70 -2.81 -20.12
N ALA A 658 -27.95 -2.63 -18.83
CA ALA A 658 -29.20 -2.12 -18.31
C ALA A 658 -28.92 -0.94 -17.40
N THR A 659 -29.89 -0.01 -17.32
CA THR A 659 -29.71 1.19 -16.53
C THR A 659 -31.09 1.73 -16.13
N ASN A 660 -31.06 2.64 -15.16
CA ASN A 660 -32.26 3.33 -14.69
C ASN A 660 -32.21 4.83 -14.86
N ARG A 661 -31.01 5.43 -14.85
CA ARG A 661 -30.81 6.87 -15.03
C ARG A 661 -29.84 7.09 -16.18
N PRO A 662 -30.33 7.17 -17.42
CA PRO A 662 -29.42 7.28 -18.57
C PRO A 662 -28.62 8.57 -18.61
N ASP A 663 -29.02 9.60 -17.86
CA ASP A 663 -28.36 10.89 -17.97
C ASP A 663 -26.90 10.85 -17.53
N GLU A 664 -26.52 9.93 -16.65
CA GLU A 664 -25.12 9.78 -16.26
C GLU A 664 -24.30 8.92 -17.21
N ILE A 665 -24.94 8.23 -18.15
CA ILE A 665 -24.21 7.38 -19.08
C ILE A 665 -23.37 8.23 -20.03
N ASP A 666 -23.94 9.34 -20.51
CA ASP A 666 -23.25 10.15 -21.50
C ASP A 666 -22.12 10.95 -20.87
N ALA A 667 -21.09 10.26 -20.38
CA ALA A 667 -19.89 10.90 -19.82
C ALA A 667 -18.69 10.17 -20.40
N ALA A 668 -18.23 10.64 -21.57
CA ALA A 668 -17.08 10.09 -22.28
C ALA A 668 -17.25 8.61 -22.64
N LEU A 669 -18.46 8.07 -22.57
CA LEU A 669 -18.73 6.68 -22.87
C LEU A 669 -19.55 6.48 -24.13
N LEU A 670 -20.54 7.35 -24.37
CA LEU A 670 -21.41 7.22 -25.54
C LEU A 670 -20.60 7.49 -26.81
N ARG A 671 -20.40 6.46 -27.61
CA ARG A 671 -19.65 6.55 -28.85
C ARG A 671 -20.47 5.94 -29.99
N PRO A 672 -20.23 6.38 -31.23
CA PRO A 672 -21.06 5.88 -32.34
C PRO A 672 -21.03 4.38 -32.53
N GLY A 673 -19.96 3.71 -32.10
CA GLY A 673 -19.91 2.26 -32.19
C GLY A 673 -20.74 1.52 -31.17
N ARG A 674 -21.30 2.23 -30.18
CA ARG A 674 -22.09 1.61 -29.13
C ARG A 674 -23.51 2.16 -29.01
N LEU A 675 -23.83 3.27 -29.68
CA LEU A 675 -25.16 3.85 -29.64
C LEU A 675 -25.98 3.49 -30.87
N ASP A 676 -25.54 2.50 -31.65
CA ASP A 676 -26.27 2.13 -32.86
C ASP A 676 -27.67 1.62 -32.53
N ARG A 677 -27.80 0.82 -31.48
CA ARG A 677 -29.07 0.22 -31.11
C ARG A 677 -29.54 0.80 -29.79
N HIS A 678 -30.76 1.36 -29.79
CA HIS A 678 -31.39 1.87 -28.58
C HIS A 678 -32.76 1.21 -28.44
N ILE A 679 -33.05 0.70 -27.26
CA ILE A 679 -34.32 0.05 -26.96
C ILE A 679 -35.07 0.91 -25.95
N TYR A 680 -36.27 1.36 -26.32
CA TYR A 680 -37.05 2.21 -25.42
C TYR A 680 -37.47 1.45 -24.17
N VAL A 681 -37.85 0.19 -24.32
CA VAL A 681 -38.30 -0.66 -23.22
C VAL A 681 -39.44 0.04 -22.48
N GLY A 682 -40.59 0.16 -23.13
CA GLY A 682 -41.71 0.86 -22.56
C GLY A 682 -42.51 -0.01 -21.60
N PRO A 683 -43.45 0.63 -20.91
CA PRO A 683 -44.30 -0.11 -19.98
C PRO A 683 -45.19 -1.08 -20.73
N PRO A 684 -45.57 -2.19 -20.11
CA PRO A 684 -46.44 -3.17 -20.79
C PRO A 684 -47.81 -2.57 -21.10
N ASP A 685 -48.38 -3.03 -22.21
CA ASP A 685 -49.69 -2.55 -22.66
C ASP A 685 -50.78 -3.38 -21.99
N VAL A 686 -52.02 -3.21 -22.45
CA VAL A 686 -53.14 -3.92 -21.83
C VAL A 686 -53.04 -5.42 -22.09
N ASN A 687 -52.61 -5.81 -23.30
CA ASN A 687 -52.47 -7.24 -23.60
C ASN A 687 -51.38 -7.89 -22.76
N ALA A 688 -50.24 -7.21 -22.62
CA ALA A 688 -49.16 -7.75 -21.80
C ALA A 688 -49.58 -7.85 -20.33
N ARG A 689 -50.28 -6.83 -19.83
CA ARG A 689 -50.75 -6.88 -18.45
C ARG A 689 -51.76 -8.00 -18.25
N LEU A 690 -52.65 -8.21 -19.22
CA LEU A 690 -53.59 -9.32 -19.13
C LEU A 690 -52.87 -10.66 -19.14
N GLU A 691 -51.83 -10.79 -19.97
CA GLU A 691 -51.04 -12.01 -19.99
C GLU A 691 -50.35 -12.25 -18.65
N ILE A 692 -49.80 -11.19 -18.06
CA ILE A 692 -49.15 -11.32 -16.76
C ILE A 692 -50.16 -11.73 -15.69
N LEU A 693 -51.35 -11.13 -15.72
CA LEU A 693 -52.39 -11.49 -14.76
C LEU A 693 -52.81 -12.95 -14.93
N LYS A 694 -52.97 -13.41 -16.17
CA LYS A 694 -53.32 -14.79 -16.42
C LYS A 694 -52.23 -15.74 -15.93
N LYS A 695 -50.97 -15.39 -16.18
CA LYS A 695 -49.86 -16.25 -15.73
C LYS A 695 -49.80 -16.32 -14.22
N CYS A 696 -49.97 -15.18 -13.54
CA CYS A 696 -49.92 -15.18 -12.08
C CYS A 696 -51.17 -15.77 -11.45
N THR A 697 -52.28 -15.83 -12.18
CA THR A 697 -53.53 -16.38 -11.67
C THR A 697 -53.70 -17.85 -12.04
N LYS A 698 -52.73 -18.44 -12.73
CA LYS A 698 -52.84 -19.85 -13.12
C LYS A 698 -52.93 -20.76 -11.90
N LYS A 699 -52.15 -20.47 -10.85
CA LYS A 699 -52.25 -21.26 -9.63
C LYS A 699 -53.60 -21.09 -8.96
N PHE A 700 -54.27 -19.96 -9.16
CA PHE A 700 -55.59 -19.74 -8.60
C PHE A 700 -56.65 -20.42 -9.46
N ASN A 701 -57.85 -20.52 -8.92
CA ASN A 701 -58.98 -21.16 -9.59
C ASN A 701 -59.86 -20.07 -10.18
N THR A 702 -59.59 -19.71 -11.44
CA THR A 702 -60.38 -18.68 -12.10
C THR A 702 -61.82 -19.14 -12.34
N GLU A 703 -62.00 -20.40 -12.75
CA GLU A 703 -63.34 -20.90 -13.05
C GLU A 703 -64.20 -20.93 -11.80
N GLU A 704 -63.64 -21.39 -10.67
CA GLU A 704 -64.41 -21.44 -9.43
C GLU A 704 -64.76 -20.03 -8.96
N SER A 705 -63.82 -19.09 -9.05
CA SER A 705 -64.09 -17.72 -8.63
C SER A 705 -64.97 -16.98 -9.63
N GLY A 706 -64.86 -17.30 -10.91
CA GLY A 706 -65.66 -16.64 -11.93
C GLY A 706 -65.10 -15.32 -12.41
N VAL A 707 -63.90 -14.94 -11.99
CA VAL A 707 -63.31 -13.69 -12.42
C VAL A 707 -62.89 -13.81 -13.89
N ASP A 708 -63.21 -12.77 -14.68
CA ASP A 708 -62.88 -12.76 -16.09
C ASP A 708 -61.45 -12.32 -16.37
N LEU A 709 -60.77 -11.74 -15.37
CA LEU A 709 -59.39 -11.25 -15.52
C LEU A 709 -59.27 -10.21 -16.64
N HIS A 710 -60.35 -9.46 -16.88
CA HIS A 710 -60.37 -8.44 -17.92
C HIS A 710 -60.58 -7.04 -17.34
N GLU A 711 -61.59 -6.86 -16.49
CA GLU A 711 -61.81 -5.55 -15.89
C GLU A 711 -60.70 -5.18 -14.92
N LEU A 712 -60.08 -6.17 -14.27
CA LEU A 712 -58.93 -5.89 -13.42
C LEU A 712 -57.77 -5.33 -14.23
N ALA A 713 -57.51 -5.92 -15.40
CA ALA A 713 -56.45 -5.41 -16.28
C ALA A 713 -56.82 -4.03 -16.83
N ASP A 714 -58.10 -3.83 -17.17
CA ASP A 714 -58.52 -2.53 -17.69
C ASP A 714 -58.36 -1.43 -16.64
N ARG A 715 -58.68 -1.72 -15.38
CA ARG A 715 -58.52 -0.72 -14.33
C ARG A 715 -57.06 -0.37 -14.12
N THR A 716 -56.17 -1.37 -14.15
CA THR A 716 -54.74 -1.16 -13.99
C THR A 716 -54.14 -0.82 -15.36
N GLU A 717 -54.33 0.43 -15.77
CA GLU A 717 -53.81 0.89 -17.05
C GLU A 717 -52.41 1.48 -16.93
N GLY A 718 -52.15 2.22 -15.86
CA GLY A 718 -50.84 2.81 -15.61
C GLY A 718 -49.88 1.93 -14.85
N TYR A 719 -50.24 0.69 -14.56
CA TYR A 719 -49.38 -0.21 -13.82
C TYR A 719 -48.42 -0.92 -14.78
N SER A 720 -47.54 -1.74 -14.22
CA SER A 720 -46.61 -2.55 -14.97
C SER A 720 -46.64 -3.98 -14.44
N GLY A 721 -45.71 -4.80 -14.92
CA GLY A 721 -45.67 -6.19 -14.48
C GLY A 721 -45.35 -6.33 -13.00
N ALA A 722 -44.44 -5.48 -12.49
CA ALA A 722 -44.06 -5.57 -11.09
C ALA A 722 -45.24 -5.25 -10.18
N GLU A 723 -46.01 -4.21 -10.51
CA GLU A 723 -47.16 -3.85 -9.69
C GLU A 723 -48.24 -4.94 -9.75
N VAL A 724 -48.45 -5.53 -10.93
CA VAL A 724 -49.43 -6.61 -11.05
C VAL A 724 -49.01 -7.80 -10.20
N VAL A 725 -47.74 -8.18 -10.27
CA VAL A 725 -47.25 -9.29 -9.46
C VAL A 725 -47.39 -8.98 -7.98
N LEU A 726 -47.08 -7.75 -7.58
CA LEU A 726 -47.17 -7.37 -6.17
C LEU A 726 -48.62 -7.42 -5.68
N LEU A 727 -49.56 -6.91 -6.48
CA LEU A 727 -50.95 -6.93 -6.04
C LEU A 727 -51.51 -8.35 -6.00
N CYS A 728 -51.12 -9.19 -6.96
CA CYS A 728 -51.54 -10.59 -6.91
C CYS A 728 -50.97 -11.28 -5.68
N GLN A 729 -49.71 -11.00 -5.36
CA GLN A 729 -49.09 -11.59 -4.16
C GLN A 729 -49.80 -11.13 -2.90
N GLU A 730 -50.14 -9.84 -2.82
CA GLU A 730 -50.84 -9.32 -1.65
C GLU A 730 -52.22 -9.97 -1.52
N ALA A 731 -52.94 -10.11 -2.63
CA ALA A 731 -54.25 -10.75 -2.59
C ALA A 731 -54.13 -12.21 -2.14
N GLY A 732 -53.13 -12.93 -2.65
CA GLY A 732 -52.93 -14.31 -2.22
C GLY A 732 -52.58 -14.41 -0.74
N LEU A 733 -51.72 -13.52 -0.25
CA LEU A 733 -51.36 -13.52 1.16
C LEU A 733 -52.58 -13.23 2.03
N ALA A 734 -53.40 -12.26 1.64
CA ALA A 734 -54.61 -11.96 2.39
C ALA A 734 -55.58 -13.14 2.38
N ALA A 735 -55.72 -13.81 1.24
CA ALA A 735 -56.59 -14.98 1.16
C ALA A 735 -56.10 -16.10 2.06
N ILE A 736 -54.78 -16.33 2.09
CA ILE A 736 -54.22 -17.34 2.97
C ILE A 736 -54.45 -16.98 4.43
N MET A 737 -54.26 -15.71 4.79
CA MET A 737 -54.39 -15.31 6.19
C MET A 737 -55.83 -15.38 6.67
N GLU A 738 -56.79 -14.96 5.84
CA GLU A 738 -58.16 -14.78 6.33
C GLU A 738 -58.81 -16.10 6.73
N ASP A 739 -58.70 -17.13 5.89
CA ASP A 739 -59.38 -18.39 6.14
C ASP A 739 -58.48 -19.58 5.82
N LEU A 740 -57.22 -19.51 6.24
CA LEU A 740 -56.24 -20.59 6.06
C LEU A 740 -56.13 -20.87 4.55
N ASP A 741 -56.21 -22.12 4.11
CA ASP A 741 -56.10 -22.45 2.70
C ASP A 741 -57.49 -22.52 2.07
N VAL A 742 -57.66 -21.80 0.96
CA VAL A 742 -58.94 -21.80 0.25
C VAL A 742 -58.79 -22.09 -1.24
N ALA A 743 -57.59 -21.94 -1.81
CA ALA A 743 -57.32 -22.26 -3.21
C ALA A 743 -58.20 -21.46 -4.17
N LYS A 744 -58.53 -20.22 -3.80
CA LYS A 744 -59.28 -19.34 -4.68
C LYS A 744 -59.07 -17.91 -4.24
N VAL A 745 -59.32 -16.98 -5.17
CA VAL A 745 -59.20 -15.55 -4.90
C VAL A 745 -60.51 -14.89 -5.32
N GLU A 746 -61.01 -13.98 -4.49
CA GLU A 746 -62.25 -13.28 -4.74
C GLU A 746 -61.99 -11.83 -5.14
N LEU A 747 -63.06 -11.16 -5.56
CA LEU A 747 -62.94 -9.77 -5.98
C LEU A 747 -62.57 -8.86 -4.80
N ARG A 748 -62.98 -9.23 -3.59
CA ARG A 748 -62.66 -8.41 -2.42
C ARG A 748 -61.16 -8.39 -2.13
N HIS A 749 -60.47 -9.50 -2.39
CA HIS A 749 -59.02 -9.53 -2.20
C HIS A 749 -58.33 -8.55 -3.13
N PHE A 750 -58.75 -8.49 -4.39
CA PHE A 750 -58.16 -7.55 -5.33
C PHE A 750 -58.45 -6.11 -4.91
N GLU A 751 -59.66 -5.84 -4.44
CA GLU A 751 -59.99 -4.50 -3.97
C GLU A 751 -59.14 -4.11 -2.76
N LYS A 752 -58.92 -5.05 -1.85
CA LYS A 752 -58.08 -4.78 -0.69
C LYS A 752 -56.63 -4.54 -1.10
N ALA A 753 -56.13 -5.30 -2.07
CA ALA A 753 -54.75 -5.16 -2.50
C ALA A 753 -54.54 -3.97 -3.43
N PHE A 754 -55.60 -3.39 -3.97
CA PHE A 754 -55.46 -2.25 -4.88
C PHE A 754 -54.81 -1.06 -4.19
N LYS A 755 -55.22 -0.76 -2.95
CA LYS A 755 -54.67 0.37 -2.23
C LYS A 755 -53.21 0.15 -1.84
N GLY A 756 -52.73 -1.09 -1.85
CA GLY A 756 -51.34 -1.35 -1.51
C GLY A 756 -50.37 -0.77 -2.51
N ILE A 757 -50.73 -0.76 -3.79
CA ILE A 757 -49.85 -0.23 -4.82
C ILE A 757 -49.70 1.27 -4.65
N ALA A 758 -48.45 1.74 -4.70
CA ALA A 758 -48.14 3.16 -4.52
C ALA A 758 -48.10 3.82 -5.89
N ARG A 759 -49.23 4.41 -6.29
CA ARG A 759 -49.36 5.13 -7.55
C ARG A 759 -48.94 4.26 -8.74
N GLY A 760 -47.70 4.42 -9.19
CA GLY A 760 -47.20 3.72 -10.34
C GLY A 760 -46.14 4.55 -11.05
N ILE A 761 -46.11 4.42 -12.38
CA ILE A 761 -45.14 5.16 -13.18
C ILE A 761 -45.64 6.59 -13.33
N THR A 762 -44.97 7.53 -12.65
CA THR A 762 -45.38 8.93 -12.72
C THR A 762 -44.98 9.52 -14.08
N PRO A 763 -45.74 10.48 -14.60
CA PRO A 763 -45.48 10.96 -15.97
C PRO A 763 -44.16 11.72 -16.12
N GLU A 764 -43.57 12.24 -15.05
CA GLU A 764 -42.38 13.07 -15.20
C GLU A 764 -41.19 12.23 -15.71
N MET A 765 -40.97 11.06 -15.12
CA MET A 765 -39.87 10.23 -15.60
C MET A 765 -40.16 9.66 -16.98
N LEU A 766 -41.43 9.39 -17.30
CA LEU A 766 -41.76 8.95 -18.65
C LEU A 766 -41.44 10.03 -19.67
N SER A 767 -41.77 11.28 -19.36
CA SER A 767 -41.44 12.39 -20.26
C SER A 767 -39.94 12.57 -20.37
N TYR A 768 -39.21 12.40 -19.25
CA TYR A 768 -37.75 12.50 -19.30
C TYR A 768 -37.16 11.42 -20.20
N TYR A 769 -37.66 10.19 -20.09
CA TYR A 769 -37.19 9.12 -20.96
C TYR A 769 -37.52 9.41 -22.42
N GLU A 770 -38.72 9.93 -22.68
CA GLU A 770 -39.12 10.24 -24.05
C GLU A 770 -38.22 11.32 -24.65
N GLU A 771 -37.94 12.39 -23.90
CA GLU A 771 -37.09 13.44 -24.42
C GLU A 771 -35.64 12.98 -24.57
N PHE A 772 -35.17 12.10 -23.67
CA PHE A 772 -33.83 11.52 -23.83
C PHE A 772 -33.75 10.69 -25.11
N ALA A 773 -34.80 9.89 -25.37
CA ALA A 773 -34.82 9.10 -26.60
C ALA A 773 -34.86 9.98 -27.84
N LEU A 774 -35.64 11.06 -27.79
CA LEU A 774 -35.68 11.98 -28.92
C LEU A 774 -34.32 12.64 -29.14
N ARG A 775 -33.65 13.03 -28.06
CA ARG A 775 -32.32 13.62 -28.18
C ARG A 775 -31.33 12.63 -28.76
N SER A 776 -31.39 11.37 -28.32
CA SER A 776 -30.47 10.35 -28.85
C SER A 776 -30.71 10.10 -30.32
N GLY A 777 -31.97 10.05 -30.74
CA GLY A 777 -32.31 9.82 -32.14
C GLY A 777 -32.09 8.39 -32.58
N LYS B 29 18.93 -47.14 11.53
CA LYS B 29 17.73 -47.94 11.29
C LYS B 29 16.82 -47.92 12.50
N LEU B 30 16.55 -46.71 13.03
CA LEU B 30 15.70 -46.52 14.20
C LEU B 30 14.66 -45.46 13.90
N PRO B 31 13.63 -45.79 13.12
CA PRO B 31 12.57 -44.81 12.84
C PRO B 31 11.82 -44.43 14.11
N ALA B 32 11.41 -43.17 14.18
CA ALA B 32 10.74 -42.67 15.38
C ALA B 32 9.30 -43.19 15.46
N GLU B 33 8.59 -43.21 14.34
CA GLU B 33 7.18 -43.58 14.31
C GLU B 33 7.00 -44.89 13.56
N PHE B 34 6.06 -45.70 14.05
CA PHE B 34 5.75 -47.00 13.45
C PHE B 34 4.31 -46.98 12.95
N ILE B 35 4.11 -47.43 11.71
CA ILE B 35 2.79 -47.49 11.11
C ILE B 35 2.26 -48.92 11.22
N THR B 36 0.97 -49.09 10.96
CA THR B 36 0.31 -50.37 11.12
C THR B 36 -0.43 -50.78 9.85
N ARG B 37 -0.51 -52.09 9.65
CA ARG B 37 -1.24 -52.70 8.53
C ARG B 37 -1.93 -53.95 9.04
N PRO B 38 -3.05 -54.34 8.43
CA PRO B 38 -3.74 -55.57 8.84
C PRO B 38 -2.96 -56.82 8.44
N HIS B 39 -3.24 -57.91 9.15
CA HIS B 39 -2.59 -59.17 8.84
C HIS B 39 -3.03 -59.66 7.47
N PRO B 40 -2.11 -60.09 6.61
CA PRO B 40 -2.52 -60.61 5.30
C PRO B 40 -3.42 -61.82 5.37
N SER B 41 -3.22 -62.69 6.36
CA SER B 41 -4.05 -63.88 6.51
C SER B 41 -5.39 -63.53 7.14
N LYS B 42 -6.43 -64.19 6.67
CA LYS B 42 -7.77 -63.95 7.21
C LYS B 42 -7.88 -64.54 8.61
N ASP B 43 -8.83 -64.00 9.38
CA ASP B 43 -9.05 -64.47 10.75
C ASP B 43 -9.59 -65.90 10.73
N HIS B 44 -8.97 -66.77 11.55
CA HIS B 44 -9.40 -68.16 11.62
C HIS B 44 -9.40 -68.68 13.06
N GLY B 45 -9.44 -67.80 14.06
CA GLY B 45 -9.43 -68.20 15.44
C GLY B 45 -8.05 -68.50 16.01
N LYS B 46 -6.98 -68.30 15.24
CA LYS B 46 -5.63 -68.56 15.70
C LYS B 46 -4.77 -67.33 15.42
N GLU B 47 -3.55 -67.37 15.95
CA GLU B 47 -2.53 -66.33 15.78
C GLU B 47 -3.04 -64.93 16.14
N THR B 48 -4.14 -64.84 16.89
CA THR B 48 -4.69 -63.57 17.29
C THR B 48 -3.86 -62.95 18.40
N CYS B 49 -4.03 -61.63 18.57
CA CYS B 49 -3.30 -60.86 19.57
C CYS B 49 -1.79 -61.01 19.40
N THR B 50 -1.33 -60.96 18.15
CA THR B 50 0.08 -61.06 17.82
C THR B 50 0.44 -59.92 16.87
N ALA B 51 1.50 -59.19 17.21
CA ALA B 51 2.02 -58.10 16.39
C ALA B 51 3.46 -58.42 16.03
N TYR B 52 3.70 -58.78 14.78
CA TYR B 52 5.05 -59.11 14.34
C TYR B 52 5.94 -57.87 14.37
N ILE B 53 7.12 -58.01 14.97
CA ILE B 53 8.08 -56.93 15.09
C ILE B 53 9.40 -57.40 14.47
N HIS B 54 10.05 -56.50 13.75
CA HIS B 54 11.32 -56.84 13.11
C HIS B 54 12.36 -57.17 14.17
N PRO B 55 13.20 -58.17 13.94
CA PRO B 55 14.23 -58.52 14.94
C PRO B 55 15.17 -57.38 15.26
N ASN B 56 15.49 -56.53 14.30
CA ASN B 56 16.35 -55.39 14.57
C ASN B 56 15.72 -54.44 15.58
N VAL B 57 14.41 -54.19 15.46
CA VAL B 57 13.72 -53.33 16.40
C VAL B 57 13.69 -53.96 17.79
N LEU B 58 13.43 -55.27 17.87
CA LEU B 58 13.39 -55.94 19.17
C LEU B 58 14.76 -55.91 19.84
N SER B 59 15.84 -56.12 19.08
CA SER B 59 17.18 -56.06 19.65
C SER B 59 17.50 -54.66 20.16
N SER B 60 17.11 -53.63 19.40
CA SER B 60 17.35 -52.26 19.83
C SER B 60 16.51 -51.91 21.05
N LEU B 61 15.28 -52.42 21.11
CA LEU B 61 14.39 -52.16 22.23
C LEU B 61 14.54 -53.16 23.36
N GLU B 62 15.51 -54.07 23.26
CA GLU B 62 15.80 -55.11 24.26
C GLU B 62 14.52 -55.77 24.78
N ILE B 63 13.64 -56.10 23.85
CA ILE B 63 12.37 -56.77 24.15
C ILE B 63 12.41 -58.14 23.50
N ASN B 64 12.26 -59.18 24.32
CA ASN B 64 12.20 -60.54 23.81
C ASN B 64 10.89 -60.78 23.07
N PRO B 65 10.86 -61.76 22.15
CA PRO B 65 9.62 -62.01 21.39
C PRO B 65 8.42 -62.30 22.27
N GLY B 66 8.61 -63.00 23.39
CA GLY B 66 7.51 -63.29 24.28
C GLY B 66 7.46 -62.37 25.49
N SER B 67 6.57 -61.38 25.44
CA SER B 67 6.40 -60.41 26.51
C SER B 67 5.12 -59.62 26.23
N PHE B 68 4.88 -58.59 27.03
CA PHE B 68 3.73 -57.71 26.85
C PHE B 68 4.25 -56.34 26.40
N CYS B 69 4.00 -56.01 25.13
CA CYS B 69 4.48 -54.78 24.52
C CYS B 69 3.30 -53.89 24.19
N THR B 70 3.35 -52.64 24.66
CA THR B 70 2.26 -51.69 24.49
C THR B 70 2.60 -50.70 23.38
N VAL B 71 1.61 -50.36 22.56
CA VAL B 71 1.76 -49.40 21.49
C VAL B 71 0.66 -48.34 21.61
N GLY B 72 1.03 -47.09 21.37
CA GLY B 72 0.08 -45.99 21.45
C GLY B 72 0.21 -45.07 20.27
N LYS B 73 -0.88 -44.33 20.01
CA LYS B 73 -0.94 -43.42 18.87
C LYS B 73 -0.47 -42.03 19.30
N ILE B 74 0.85 -41.91 19.47
CA ILE B 74 1.50 -40.66 19.87
C ILE B 74 0.89 -40.19 21.19
N GLY B 75 1.22 -40.87 22.28
CA GLY B 75 0.67 -40.52 23.57
C GLY B 75 -0.60 -41.27 23.90
N GLU B 76 -1.48 -40.64 24.68
CA GLU B 76 -2.77 -41.19 25.09
C GLU B 76 -2.63 -42.49 25.87
N ASN B 77 -1.43 -42.80 26.36
CA ASN B 77 -1.12 -44.02 27.12
C ASN B 77 -1.85 -45.24 26.55
N GLY B 78 -1.71 -45.43 25.24
CA GLY B 78 -2.31 -46.58 24.60
C GLY B 78 -1.62 -47.88 25.02
N ILE B 79 -2.41 -48.92 25.22
CA ILE B 79 -1.91 -50.22 25.66
C ILE B 79 -2.48 -51.31 24.75
N LEU B 80 -1.59 -52.20 24.30
CA LEU B 80 -2.01 -53.41 23.60
C LEU B 80 -1.37 -54.68 24.13
N VAL B 81 -0.35 -54.58 24.99
CA VAL B 81 0.41 -55.68 25.61
C VAL B 81 0.47 -56.92 24.72
N ILE B 82 0.90 -56.73 23.47
CA ILE B 82 1.08 -57.84 22.53
C ILE B 82 2.46 -57.71 21.91
N ALA B 83 3.20 -58.82 21.89
CA ALA B 83 4.55 -58.84 21.34
C ALA B 83 4.75 -60.11 20.52
N ARG B 84 5.39 -59.95 19.36
CA ARG B 84 5.69 -61.09 18.50
C ARG B 84 6.86 -60.71 17.61
N ALA B 85 7.53 -61.74 17.07
CA ALA B 85 8.69 -61.56 16.23
C ALA B 85 8.33 -61.76 14.77
N GLY B 86 8.79 -60.85 13.91
CA GLY B 86 8.53 -60.95 12.50
C GLY B 86 9.33 -62.06 11.85
N ASP B 87 8.93 -62.41 10.63
CA ASP B 87 9.54 -63.48 9.87
C ASP B 87 10.32 -62.90 8.71
N GLU B 88 11.61 -63.21 8.65
CA GLU B 88 12.56 -62.82 7.61
C GLU B 88 12.42 -61.32 7.29
N GLU B 89 12.72 -60.93 6.06
CA GLU B 89 12.67 -59.53 5.65
C GLU B 89 11.42 -59.20 4.83
N VAL B 90 10.48 -60.14 4.70
CA VAL B 90 9.26 -59.87 3.94
C VAL B 90 8.42 -58.80 4.65
N HIS B 91 8.41 -58.81 5.98
CA HIS B 91 7.68 -57.81 6.74
C HIS B 91 8.53 -56.54 6.84
N PRO B 92 8.04 -55.39 6.36
CA PRO B 92 8.82 -54.16 6.46
C PRO B 92 9.08 -53.78 7.92
N VAL B 93 10.25 -53.19 8.15
CA VAL B 93 10.67 -52.85 9.51
C VAL B 93 9.80 -51.71 10.05
N ASN B 94 9.44 -50.74 9.21
CA ASN B 94 8.71 -49.58 9.70
C ASN B 94 7.27 -49.94 10.09
N VAL B 95 6.65 -50.86 9.37
CA VAL B 95 5.25 -51.21 9.61
C VAL B 95 5.19 -52.34 10.63
N ILE B 96 4.11 -52.36 11.41
CA ILE B 96 3.81 -53.43 12.33
C ILE B 96 2.42 -53.98 12.00
N THR B 97 2.32 -55.28 11.80
CA THR B 97 1.05 -55.90 11.45
C THR B 97 0.19 -56.06 12.70
N LEU B 98 -1.04 -55.56 12.64
CA LEU B 98 -1.97 -55.64 13.75
C LEU B 98 -3.22 -56.40 13.31
N SER B 99 -3.67 -57.32 14.16
CA SER B 99 -4.89 -58.05 13.88
C SER B 99 -6.10 -57.13 13.97
N THR B 100 -7.13 -57.46 13.18
CA THR B 100 -8.33 -56.63 13.17
C THR B 100 -9.02 -56.63 14.53
N THR B 101 -9.08 -57.79 15.17
CA THR B 101 -9.75 -57.89 16.47
C THR B 101 -9.04 -57.06 17.53
N ILE B 102 -7.71 -57.13 17.57
CA ILE B 102 -6.96 -56.40 18.60
C ILE B 102 -6.86 -54.91 18.29
N ARG B 103 -7.00 -54.52 17.02
CA ARG B 103 -6.93 -53.12 16.64
C ARG B 103 -8.19 -52.34 16.97
N SER B 104 -9.28 -53.03 17.33
CA SER B 104 -10.54 -52.35 17.60
C SER B 104 -10.48 -51.55 18.89
N VAL B 105 -9.78 -52.05 19.91
CA VAL B 105 -9.74 -51.37 21.20
C VAL B 105 -8.99 -50.04 21.08
N GLY B 106 -7.94 -50.00 20.26
CA GLY B 106 -7.17 -48.79 20.07
C GLY B 106 -7.70 -47.82 19.05
N ASN B 107 -8.77 -48.20 18.32
CA ASN B 107 -9.39 -47.38 17.29
C ASN B 107 -8.41 -47.01 16.17
N LEU B 108 -7.32 -47.74 16.05
CA LEU B 108 -6.38 -47.50 14.96
C LEU B 108 -6.98 -47.98 13.65
N ILE B 109 -6.81 -47.18 12.59
CA ILE B 109 -7.40 -47.47 11.28
C ILE B 109 -6.28 -47.41 10.24
N LEU B 110 -5.64 -48.56 10.01
CA LEU B 110 -4.77 -48.81 8.86
C LEU B 110 -3.78 -47.65 8.62
N GLY B 111 -2.91 -47.45 9.59
CA GLY B 111 -1.83 -46.47 9.40
C GLY B 111 -1.58 -45.53 10.56
N ASP B 112 -2.29 -45.74 11.68
CA ASP B 112 -2.05 -44.91 12.85
C ASP B 112 -0.65 -45.15 13.40
N ARG B 113 0.01 -44.07 13.82
CA ARG B 113 1.36 -44.16 14.33
C ARG B 113 1.39 -44.96 15.63
N LEU B 114 2.50 -45.68 15.85
CA LEU B 114 2.66 -46.53 17.00
C LEU B 114 4.01 -46.25 17.67
N GLU B 115 4.01 -46.18 19.00
CA GLU B 115 5.21 -45.98 19.80
C GLU B 115 5.45 -47.19 20.67
N LEU B 116 6.72 -47.55 20.85
CA LEU B 116 7.09 -48.73 21.61
C LEU B 116 7.54 -48.32 23.01
N LYS B 117 6.97 -48.98 24.02
CA LYS B 117 7.35 -48.79 25.41
C LYS B 117 7.76 -50.14 25.99
N LYS B 118 9.01 -50.23 26.45
CA LYS B 118 9.52 -51.50 26.98
C LYS B 118 8.98 -51.80 28.37
N ALA B 119 8.63 -50.77 29.14
CA ALA B 119 8.12 -50.98 30.48
C ALA B 119 6.76 -51.66 30.45
N GLN B 120 6.57 -52.64 31.34
CA GLN B 120 5.32 -53.36 31.43
C GLN B 120 5.14 -53.89 32.84
N VAL B 121 3.89 -54.17 33.19
CA VAL B 121 3.52 -54.68 34.51
C VAL B 121 2.68 -55.92 34.32
N GLN B 122 3.03 -57.00 35.02
CA GLN B 122 2.28 -58.24 34.92
C GLN B 122 0.90 -58.07 35.57
N PRO B 123 -0.19 -58.31 34.84
CA PRO B 123 -1.52 -58.12 35.42
C PRO B 123 -2.00 -59.36 36.14
N PRO B 124 -2.87 -59.22 37.13
CA PRO B 124 -3.41 -60.38 37.83
C PRO B 124 -4.55 -61.02 37.05
N TYR B 125 -5.01 -62.16 37.56
CA TYR B 125 -6.09 -62.89 36.94
C TYR B 125 -7.42 -62.15 37.12
N ALA B 126 -8.36 -62.45 36.23
CA ALA B 126 -9.69 -61.84 36.23
C ALA B 126 -10.70 -62.84 36.76
N THR B 127 -11.47 -62.43 37.77
CA THR B 127 -12.49 -63.27 38.38
C THR B 127 -13.90 -62.95 37.90
N LYS B 128 -14.06 -62.03 36.96
CA LYS B 128 -15.38 -61.67 36.47
C LYS B 128 -15.25 -61.10 35.07
N VAL B 129 -16.14 -61.54 34.17
CA VAL B 129 -16.15 -61.06 32.79
C VAL B 129 -17.53 -61.33 32.22
N THR B 130 -17.94 -60.49 31.27
CA THR B 130 -19.23 -60.63 30.61
C THR B 130 -19.05 -60.45 29.11
N VAL B 131 -19.97 -61.04 28.34
CA VAL B 131 -19.95 -60.98 26.88
C VAL B 131 -21.26 -60.35 26.41
N GLY B 132 -21.17 -59.39 25.50
CA GLY B 132 -22.34 -58.73 24.96
C GLY B 132 -22.40 -58.77 23.45
N SER B 133 -23.54 -59.21 22.91
CA SER B 133 -23.69 -59.29 21.46
C SER B 133 -23.87 -57.89 20.87
N LEU B 134 -23.15 -57.61 19.78
CA LEU B 134 -23.30 -56.32 19.12
C LEU B 134 -24.69 -56.14 18.53
N GLN B 135 -25.24 -57.20 17.94
CA GLN B 135 -26.56 -57.13 17.35
C GLN B 135 -27.64 -57.07 18.42
N GLY B 136 -28.86 -56.74 17.99
CA GLY B 136 -29.98 -56.65 18.91
C GLY B 136 -30.42 -57.97 19.48
N TYR B 137 -30.07 -59.08 18.83
CA TYR B 137 -30.44 -60.40 19.32
C TYR B 137 -29.66 -60.73 20.59
N ASN B 138 -30.28 -61.55 21.44
CA ASN B 138 -29.69 -61.93 22.71
C ASN B 138 -29.84 -63.44 22.92
N ILE B 139 -28.95 -63.99 23.74
CA ILE B 139 -28.89 -65.42 24.03
C ILE B 139 -28.72 -66.18 22.72
N LEU B 140 -27.49 -66.19 22.19
CA LEU B 140 -27.17 -66.90 20.96
C LEU B 140 -25.98 -67.82 21.22
N GLU B 141 -26.11 -69.07 20.80
CA GLU B 141 -25.07 -70.10 20.98
C GLU B 141 -24.68 -70.22 22.45
N CYS B 142 -25.67 -70.62 23.25
CA CYS B 142 -25.46 -70.76 24.69
C CYS B 142 -24.52 -71.91 25.02
N MET B 143 -24.56 -72.99 24.23
CA MET B 143 -23.71 -74.14 24.51
C MET B 143 -22.23 -73.82 24.32
N GLU B 144 -21.90 -72.96 23.35
CA GLU B 144 -20.52 -72.53 23.10
C GLU B 144 -19.61 -73.74 22.88
N GLU B 145 -20.08 -74.70 22.09
CA GLU B 145 -19.29 -75.89 21.81
C GLU B 145 -18.01 -75.54 21.05
N LYS B 146 -18.11 -74.66 20.05
CA LYS B 146 -16.95 -74.22 19.28
C LYS B 146 -16.55 -72.78 19.57
N VAL B 147 -17.42 -71.98 20.19
CA VAL B 147 -17.08 -70.60 20.51
C VAL B 147 -16.00 -70.55 21.57
N ILE B 148 -16.04 -71.47 22.54
CA ILE B 148 -15.08 -71.46 23.64
C ILE B 148 -13.65 -71.61 23.11
N GLN B 149 -13.47 -72.44 22.08
CA GLN B 149 -12.15 -72.65 21.53
C GLN B 149 -11.56 -71.40 20.90
N LYS B 150 -12.37 -70.37 20.67
CA LYS B 150 -11.90 -69.15 20.02
C LYS B 150 -11.37 -68.13 21.02
N LEU B 151 -12.21 -67.66 21.94
CA LEU B 151 -11.83 -66.60 22.87
C LEU B 151 -11.37 -67.11 24.23
N LEU B 152 -11.42 -68.42 24.47
CA LEU B 152 -10.99 -68.98 25.73
C LEU B 152 -9.80 -69.91 25.63
N ASP B 153 -9.63 -70.63 24.51
CA ASP B 153 -8.49 -71.51 24.32
C ASP B 153 -7.25 -70.77 23.88
N ASP B 154 -7.36 -69.51 23.48
CA ASP B 154 -6.20 -68.75 23.05
C ASP B 154 -5.30 -68.42 24.23
N SER B 155 -3.99 -68.61 24.04
CA SER B 155 -3.03 -68.32 25.10
C SER B 155 -2.81 -66.82 25.29
N GLY B 156 -3.02 -66.03 24.24
CA GLY B 156 -2.78 -64.60 24.34
C GLY B 156 -3.79 -63.90 25.23
N VAL B 157 -3.37 -62.74 25.74
CA VAL B 157 -4.23 -61.96 26.61
C VAL B 157 -5.36 -61.33 25.80
N ILE B 158 -6.50 -61.12 26.46
CA ILE B 158 -7.69 -60.57 25.82
C ILE B 158 -8.08 -59.30 26.58
N MET B 159 -8.31 -58.22 25.84
CA MET B 159 -8.70 -56.96 26.44
C MET B 159 -10.11 -57.04 27.01
N PRO B 160 -10.47 -56.12 27.92
CA PRO B 160 -11.86 -56.09 28.42
C PRO B 160 -12.89 -55.82 27.34
N GLY B 161 -12.51 -55.26 26.20
CA GLY B 161 -13.47 -54.99 25.14
C GLY B 161 -12.89 -54.82 23.75
N MET B 162 -13.49 -55.49 22.77
CA MET B 162 -13.15 -55.32 21.36
C MET B 162 -14.37 -55.71 20.54
N ILE B 163 -14.18 -55.84 19.23
CA ILE B 163 -15.22 -56.28 18.32
C ILE B 163 -14.74 -57.56 17.62
N PHE B 164 -15.53 -58.62 17.71
CA PHE B 164 -15.20 -59.90 17.10
C PHE B 164 -16.08 -60.12 15.88
N GLN B 165 -15.44 -60.44 14.74
CA GLN B 165 -16.21 -60.75 13.54
C GLN B 165 -16.93 -62.08 13.67
N ASN B 166 -16.26 -63.08 14.25
CA ASN B 166 -16.77 -64.41 14.54
C ASN B 166 -17.08 -65.22 13.28
N LEU B 167 -16.86 -64.67 12.09
CA LEU B 167 -17.11 -65.34 10.80
C LEU B 167 -18.59 -65.75 10.78
N LYS B 168 -18.91 -67.01 10.51
CA LYS B 168 -20.29 -67.49 10.49
C LYS B 168 -20.49 -68.44 11.66
N THR B 169 -21.50 -68.16 12.49
CA THR B 169 -21.79 -68.99 13.65
C THR B 169 -23.27 -69.34 13.80
N LYS B 170 -24.17 -68.67 13.10
CA LYS B 170 -25.60 -68.94 13.20
C LYS B 170 -26.16 -69.32 11.84
N ALA B 171 -27.02 -70.33 11.83
CA ALA B 171 -27.63 -70.79 10.59
C ALA B 171 -28.54 -69.69 10.02
N GLY B 172 -28.59 -69.61 8.70
CA GLY B 172 -29.38 -68.60 8.02
C GLY B 172 -28.56 -67.43 7.52
N ASP B 173 -27.40 -67.74 6.93
CA ASP B 173 -26.47 -66.83 6.27
C ASP B 173 -26.39 -65.45 6.93
N GLU B 174 -26.26 -65.44 8.26
CA GLU B 174 -26.15 -64.20 9.02
C GLU B 174 -24.97 -64.32 9.98
N SER B 175 -24.20 -63.25 10.09
CA SER B 175 -23.02 -63.20 10.93
C SER B 175 -23.27 -62.31 12.14
N ILE B 176 -22.92 -62.81 13.32
CA ILE B 176 -23.13 -62.08 14.57
C ILE B 176 -21.79 -61.58 15.08
N ASP B 177 -21.83 -60.51 15.86
CA ASP B 177 -20.65 -59.91 16.47
C ASP B 177 -20.86 -59.82 17.98
N VAL B 178 -19.81 -60.15 18.73
CA VAL B 178 -19.83 -60.10 20.19
C VAL B 178 -18.84 -59.05 20.66
N VAL B 179 -19.28 -58.22 21.60
CA VAL B 179 -18.45 -57.15 22.16
C VAL B 179 -18.52 -57.28 23.68
N ILE B 180 -17.43 -57.75 24.30
CA ILE B 180 -17.38 -57.85 25.75
C ILE B 180 -17.29 -56.47 26.35
N THR B 181 -18.10 -56.20 27.38
CA THR B 181 -18.26 -54.85 27.92
C THR B 181 -17.53 -54.67 29.25
N ASP B 182 -17.83 -55.53 30.23
CA ASP B 182 -17.33 -55.34 31.58
C ASP B 182 -16.30 -56.41 31.93
N ALA B 183 -15.30 -55.99 32.70
CA ALA B 183 -14.28 -56.90 33.22
C ALA B 183 -13.71 -56.29 34.50
N SER B 184 -13.66 -57.10 35.55
CA SER B 184 -13.19 -56.64 36.85
C SER B 184 -12.17 -57.62 37.41
N ASP B 185 -11.23 -57.09 38.18
CA ASP B 185 -10.17 -57.88 38.83
C ASP B 185 -9.37 -58.69 37.80
N PHE B 209 -2.34 -45.48 35.11
CA PHE B 209 -1.67 -44.78 34.01
C PHE B 209 -2.19 -45.26 32.66
N TYR B 210 -2.38 -46.57 32.52
CA TYR B 210 -2.81 -47.16 31.26
C TYR B 210 -4.27 -46.82 30.98
N LEU B 211 -4.60 -46.77 29.68
CA LEU B 211 -5.96 -46.42 29.28
C LEU B 211 -6.96 -47.48 29.72
N SER B 212 -6.60 -48.76 29.56
CA SER B 212 -7.48 -49.84 29.96
C SER B 212 -6.61 -50.96 30.53
N PRO B 213 -6.84 -51.36 31.78
CA PRO B 213 -6.02 -52.41 32.39
C PRO B 213 -6.33 -53.76 31.78
N PRO B 214 -5.33 -54.44 31.22
CA PRO B 214 -5.56 -55.77 30.65
C PRO B 214 -5.69 -56.82 31.74
N PHE B 215 -6.58 -57.77 31.53
CA PHE B 215 -6.86 -58.83 32.50
C PHE B 215 -6.53 -60.18 31.88
N ILE B 216 -5.81 -61.01 32.64
CA ILE B 216 -5.47 -62.36 32.20
C ILE B 216 -6.63 -63.29 32.54
N PHE B 217 -7.07 -64.06 31.55
CA PHE B 217 -8.22 -64.93 31.69
C PHE B 217 -7.80 -66.40 31.65
N ARG B 218 -8.72 -67.26 32.08
CA ARG B 218 -8.51 -68.70 32.03
C ARG B 218 -9.87 -69.37 31.95
N LYS B 219 -9.88 -70.59 31.40
CA LYS B 219 -11.13 -71.32 31.25
C LYS B 219 -11.75 -71.65 32.60
N GLY B 220 -10.93 -72.09 33.55
CA GLY B 220 -11.38 -72.40 34.89
C GLY B 220 -11.25 -71.28 35.90
N SER B 221 -10.89 -70.07 35.46
CA SER B 221 -10.70 -68.97 36.40
C SER B 221 -12.02 -68.53 37.00
N THR B 222 -13.06 -68.38 36.18
CA THR B 222 -14.36 -67.91 36.64
C THR B 222 -15.41 -68.33 35.62
N HIS B 223 -16.63 -67.85 35.81
CA HIS B 223 -17.75 -68.14 34.93
C HIS B 223 -18.02 -66.96 34.00
N ILE B 224 -18.50 -67.27 32.80
CA ILE B 224 -18.82 -66.26 31.81
C ILE B 224 -20.29 -65.90 31.94
N THR B 225 -20.56 -64.61 32.18
CA THR B 225 -21.93 -64.11 32.36
C THR B 225 -22.35 -63.42 31.07
N PHE B 226 -22.86 -64.20 30.13
CA PHE B 226 -23.32 -63.64 28.87
C PHE B 226 -24.58 -62.81 29.07
N SER B 227 -24.61 -61.64 28.46
CA SER B 227 -25.75 -60.73 28.58
C SER B 227 -25.75 -59.79 27.36
N LYS B 228 -26.57 -58.75 27.43
CA LYS B 228 -26.65 -57.76 26.36
C LYS B 228 -26.45 -56.37 26.96
N GLU B 229 -25.43 -55.66 26.49
CA GLU B 229 -25.16 -54.31 26.96
C GLU B 229 -24.74 -53.40 25.81
N THR B 230 -25.17 -53.71 24.60
CA THR B 230 -24.83 -52.96 23.38
C THR B 230 -23.32 -52.94 23.26
N GLN B 231 -22.68 -51.77 23.21
CA GLN B 231 -21.23 -51.68 23.09
C GLN B 231 -20.59 -51.71 24.48
N ALA B 232 -19.30 -51.41 24.55
CA ALA B 232 -18.58 -51.46 25.82
C ALA B 232 -19.08 -50.40 26.78
N ASN B 233 -18.96 -50.68 28.07
CA ASN B 233 -19.42 -49.76 29.09
C ASN B 233 -18.57 -48.49 29.10
N ARG B 234 -19.16 -47.41 29.61
CA ARG B 234 -18.53 -46.10 29.58
C ARG B 234 -17.93 -45.69 30.92
N LYS B 235 -17.76 -46.64 31.85
CA LYS B 235 -17.15 -46.30 33.13
C LYS B 235 -15.68 -45.94 32.95
N TYR B 236 -15.04 -46.47 31.91
CA TYR B 236 -13.70 -46.06 31.50
C TYR B 236 -13.77 -45.54 30.07
N ASN B 237 -13.03 -44.47 29.79
CA ASN B 237 -13.06 -43.86 28.48
C ASN B 237 -12.46 -44.81 27.43
N LEU B 238 -13.17 -44.99 26.32
CA LEU B 238 -12.73 -45.87 25.25
C LEU B 238 -13.19 -45.28 23.93
N PRO B 239 -12.29 -45.05 22.98
CA PRO B 239 -12.72 -44.52 21.67
C PRO B 239 -13.63 -45.50 20.95
N GLU B 240 -14.59 -44.95 20.21
CA GLU B 240 -15.55 -45.75 19.46
C GLU B 240 -15.60 -45.27 18.02
N PRO B 241 -15.88 -46.16 17.07
CA PRO B 241 -15.99 -45.74 15.68
C PRO B 241 -17.25 -44.94 15.42
N LEU B 242 -17.19 -44.10 14.39
CA LEU B 242 -18.33 -43.30 13.95
C LEU B 242 -18.90 -43.92 12.68
N SER B 243 -20.19 -44.24 12.71
CA SER B 243 -20.84 -44.93 11.62
C SER B 243 -21.63 -43.94 10.75
N TYR B 244 -22.36 -44.49 9.78
CA TYR B 244 -23.14 -43.66 8.87
C TYR B 244 -24.30 -43.00 9.59
N ALA B 245 -24.87 -43.64 10.61
CA ALA B 245 -25.99 -43.08 11.34
C ALA B 245 -25.62 -41.83 12.12
N ALA B 246 -24.33 -41.61 12.37
CA ALA B 246 -23.91 -40.41 13.11
C ALA B 246 -24.24 -39.14 12.34
N VAL B 247 -24.02 -39.16 11.03
CA VAL B 247 -24.29 -38.00 10.19
C VAL B 247 -25.72 -38.07 9.70
N GLY B 248 -26.45 -36.97 9.85
CA GLY B 248 -27.84 -36.92 9.44
C GLY B 248 -28.11 -35.72 8.54
N GLY B 249 -29.13 -35.87 7.69
CA GLY B 249 -29.52 -34.82 6.78
C GLY B 249 -28.66 -34.68 5.55
N LEU B 250 -27.73 -35.60 5.32
CA LEU B 250 -26.82 -35.55 4.17
C LEU B 250 -26.86 -36.85 3.40
N ASP B 251 -28.03 -37.50 3.37
CA ASP B 251 -28.14 -38.80 2.72
C ASP B 251 -27.84 -38.71 1.22
N LYS B 252 -28.37 -37.69 0.55
CA LYS B 252 -28.14 -37.54 -0.88
C LYS B 252 -26.67 -37.32 -1.19
N GLU B 253 -25.94 -36.68 -0.28
CA GLU B 253 -24.51 -36.51 -0.44
C GLU B 253 -23.71 -37.69 0.11
N ILE B 254 -24.20 -38.33 1.17
CA ILE B 254 -23.47 -39.45 1.75
C ILE B 254 -23.47 -40.65 0.79
N GLU B 255 -24.55 -40.85 0.03
CA GLU B 255 -24.55 -41.94 -0.94
C GLU B 255 -23.54 -41.69 -2.05
N SER B 256 -23.45 -40.45 -2.54
CA SER B 256 -22.47 -40.12 -3.56
C SER B 256 -21.06 -40.28 -3.02
N LEU B 257 -20.82 -39.86 -1.79
CA LEU B 257 -19.50 -40.02 -1.18
C LEU B 257 -19.16 -41.51 -1.03
N LYS B 258 -20.13 -42.32 -0.61
CA LYS B 258 -19.91 -43.76 -0.47
C LYS B 258 -19.54 -44.37 -1.81
N SER B 259 -20.26 -44.00 -2.87
CA SER B 259 -19.95 -44.54 -4.19
C SER B 259 -18.57 -44.11 -4.66
N ALA B 260 -18.26 -42.81 -4.55
CA ALA B 260 -17.00 -42.28 -5.02
C ALA B 260 -15.82 -42.71 -4.14
N ILE B 261 -16.08 -43.28 -2.98
CA ILE B 261 -15.01 -43.87 -2.17
C ILE B 261 -14.86 -45.35 -2.47
N GLU B 262 -15.97 -46.08 -2.60
CA GLU B 262 -15.90 -47.53 -2.76
C GLU B 262 -15.41 -47.91 -4.15
N ILE B 263 -15.96 -47.28 -5.20
CA ILE B 263 -15.64 -47.70 -6.57
C ILE B 263 -14.17 -47.50 -6.92
N PRO B 264 -13.57 -46.33 -6.73
CA PRO B 264 -12.14 -46.19 -7.05
C PRO B 264 -11.24 -47.05 -6.18
N LEU B 265 -11.69 -47.48 -5.01
CA LEU B 265 -10.87 -48.26 -4.09
C LEU B 265 -11.07 -49.76 -4.28
N HIS B 266 -12.31 -50.23 -4.13
CA HIS B 266 -12.57 -51.67 -4.15
C HIS B 266 -12.42 -52.25 -5.55
N GLN B 267 -12.98 -51.58 -6.56
CA GLN B 267 -12.98 -52.08 -7.93
C GLN B 267 -12.49 -51.00 -8.88
N PRO B 268 -11.18 -50.71 -8.86
CA PRO B 268 -10.63 -49.70 -9.79
C PRO B 268 -10.66 -50.18 -11.24
N THR B 269 -10.13 -51.39 -11.48
CA THR B 269 -10.06 -51.90 -12.84
C THR B 269 -11.43 -52.29 -13.37
N LEU B 270 -12.34 -52.73 -12.49
CA LEU B 270 -13.70 -53.05 -12.93
C LEU B 270 -14.40 -51.80 -13.47
N PHE B 271 -14.21 -50.66 -12.79
CA PHE B 271 -14.78 -49.41 -13.28
C PHE B 271 -14.04 -48.92 -14.52
N SER B 272 -12.72 -49.05 -14.54
CA SER B 272 -11.93 -48.58 -15.68
C SER B 272 -12.14 -49.44 -16.92
N SER B 273 -12.74 -50.62 -16.78
CA SER B 273 -12.96 -51.49 -17.93
C SER B 273 -13.78 -50.83 -19.02
N PHE B 274 -14.64 -49.87 -18.66
CA PHE B 274 -15.49 -49.25 -19.67
C PHE B 274 -14.67 -48.36 -20.60
N GLY B 275 -13.66 -47.69 -20.07
CA GLY B 275 -12.81 -46.84 -20.90
C GLY B 275 -12.66 -45.43 -20.39
N VAL B 276 -12.97 -45.20 -19.11
CA VAL B 276 -12.85 -43.90 -18.48
C VAL B 276 -12.03 -44.05 -17.21
N SER B 277 -11.15 -43.09 -16.96
CA SER B 277 -10.32 -43.13 -15.77
C SER B 277 -11.19 -42.93 -14.53
N PRO B 278 -11.02 -43.74 -13.48
CA PRO B 278 -11.84 -43.56 -12.28
C PRO B 278 -11.52 -42.24 -11.60
N PRO B 279 -12.50 -41.62 -10.95
CA PRO B 279 -12.24 -40.37 -10.22
C PRO B 279 -11.22 -40.59 -9.11
N ARG B 280 -10.37 -39.58 -8.92
CA ARG B 280 -9.30 -39.64 -7.93
C ARG B 280 -9.40 -38.59 -6.84
N GLY B 281 -10.01 -37.44 -7.13
CA GLY B 281 -10.10 -36.38 -6.14
C GLY B 281 -11.53 -36.00 -5.78
N ILE B 282 -11.80 -35.86 -4.49
CA ILE B 282 -13.10 -35.44 -3.98
C ILE B 282 -12.91 -34.16 -3.19
N LEU B 283 -13.69 -33.14 -3.53
CA LEU B 283 -13.61 -31.84 -2.89
C LEU B 283 -14.89 -31.58 -2.10
N LEU B 284 -14.74 -31.25 -0.83
CA LEU B 284 -15.87 -30.90 0.04
C LEU B 284 -15.74 -29.44 0.45
N HIS B 285 -16.77 -28.66 0.20
CA HIS B 285 -16.77 -27.25 0.52
C HIS B 285 -18.13 -26.83 1.08
N GLY B 286 -18.11 -25.88 2.00
CA GLY B 286 -19.33 -25.39 2.62
C GLY B 286 -19.04 -24.50 3.80
N PRO B 287 -20.10 -24.10 4.51
CA PRO B 287 -19.90 -23.27 5.70
C PRO B 287 -19.14 -24.02 6.76
N PRO B 288 -18.38 -23.33 7.60
CA PRO B 288 -17.63 -24.02 8.67
C PRO B 288 -18.56 -24.65 9.68
N GLY B 289 -18.11 -25.76 10.26
CA GLY B 289 -18.91 -26.47 11.24
C GLY B 289 -20.16 -27.12 10.68
N THR B 290 -20.09 -27.69 9.48
CA THR B 290 -21.24 -28.32 8.86
C THR B 290 -21.20 -29.84 8.94
N GLY B 291 -20.02 -30.44 9.04
CA GLY B 291 -19.92 -31.88 9.16
C GLY B 291 -19.00 -32.54 8.16
N LYS B 292 -18.13 -31.74 7.53
CA LYS B 292 -17.16 -32.30 6.59
C LYS B 292 -16.11 -33.15 7.31
N THR B 293 -15.61 -32.66 8.45
CA THR B 293 -14.62 -33.42 9.21
C THR B 293 -15.19 -34.74 9.71
N MET B 294 -16.43 -34.72 10.21
CA MET B 294 -17.07 -35.95 10.64
C MET B 294 -17.26 -36.92 9.48
N LEU B 295 -17.63 -36.39 8.30
CA LEU B 295 -17.78 -37.25 7.13
C LEU B 295 -16.45 -37.90 6.76
N LEU B 296 -15.36 -37.12 6.79
CA LEU B 296 -14.05 -37.68 6.50
C LEU B 296 -13.66 -38.74 7.52
N ARG B 297 -13.91 -38.48 8.80
CA ARG B 297 -13.60 -39.46 9.84
C ARG B 297 -14.40 -40.73 9.64
N VAL B 298 -15.69 -40.60 9.29
CA VAL B 298 -16.54 -41.77 9.09
C VAL B 298 -16.05 -42.60 7.91
N VAL B 299 -15.77 -41.94 6.78
CA VAL B 299 -15.32 -42.68 5.60
C VAL B 299 -13.92 -43.24 5.81
N ALA B 300 -13.13 -42.67 6.70
CA ALA B 300 -11.84 -43.28 7.04
C ALA B 300 -12.02 -44.51 7.94
N ASN B 301 -12.95 -44.43 8.89
CA ASN B 301 -13.14 -45.55 9.82
C ASN B 301 -13.81 -46.74 9.14
N THR B 302 -14.82 -46.49 8.32
CA THR B 302 -15.59 -47.58 7.73
C THR B 302 -14.90 -48.23 6.54
N SER B 303 -13.86 -47.61 6.00
CA SER B 303 -13.16 -48.15 4.84
C SER B 303 -12.04 -49.08 5.27
N ASN B 304 -11.72 -50.05 4.41
CA ASN B 304 -10.65 -51.00 4.65
C ASN B 304 -9.37 -50.63 3.89
N ALA B 305 -9.10 -49.35 3.75
CA ALA B 305 -7.93 -48.85 3.03
C ALA B 305 -7.08 -47.97 3.95
N HIS B 306 -5.82 -47.81 3.56
CA HIS B 306 -4.90 -46.98 4.33
C HIS B 306 -5.36 -45.52 4.33
N VAL B 307 -5.13 -44.84 5.45
CA VAL B 307 -5.45 -43.42 5.59
C VAL B 307 -4.22 -42.70 6.10
N LEU B 308 -3.95 -41.52 5.54
CA LEU B 308 -2.83 -40.69 5.93
C LEU B 308 -3.33 -39.29 6.24
N THR B 309 -2.95 -38.76 7.40
CA THR B 309 -3.40 -37.46 7.85
C THR B 309 -2.32 -36.43 7.52
N ILE B 310 -2.61 -35.58 6.52
CA ILE B 310 -1.69 -34.53 6.12
C ILE B 310 -2.45 -33.20 6.10
N ASN B 311 -3.54 -33.13 6.87
CA ASN B 311 -4.38 -31.94 6.87
C ASN B 311 -3.62 -30.73 7.39
N GLY B 312 -2.82 -30.91 8.44
CA GLY B 312 -2.11 -29.82 9.06
C GLY B 312 -1.02 -29.25 8.17
N PRO B 313 -0.66 -27.98 8.43
CA PRO B 313 0.42 -27.36 7.67
C PRO B 313 1.80 -27.90 8.01
N SER B 314 1.87 -28.99 8.77
CA SER B 314 3.13 -29.60 9.14
C SER B 314 3.90 -30.16 7.95
N ILE B 315 3.26 -30.28 6.79
CA ILE B 315 3.92 -30.85 5.62
C ILE B 315 5.08 -29.96 5.16
N VAL B 316 5.00 -28.66 5.41
CA VAL B 316 6.04 -27.73 5.00
C VAL B 316 7.10 -27.67 6.11
N SER B 317 8.35 -27.48 5.70
CA SER B 317 9.47 -27.42 6.63
C SER B 317 10.36 -26.24 6.27
N LYS B 318 11.22 -25.86 7.21
CA LYS B 318 12.13 -24.74 6.98
C LYS B 318 13.11 -25.04 5.85
N TYR B 319 13.50 -26.30 5.69
CA TYR B 319 14.38 -26.67 4.60
C TYR B 319 13.66 -26.59 3.26
N LEU B 320 14.39 -26.14 2.24
CA LEU B 320 13.77 -25.92 0.93
C LEU B 320 13.30 -27.23 0.31
N GLY B 321 14.10 -28.29 0.40
CA GLY B 321 13.75 -29.53 -0.26
C GLY B 321 12.78 -30.41 0.51
N GLU B 322 12.69 -30.23 1.83
CA GLU B 322 11.85 -31.09 2.65
C GLU B 322 10.37 -30.91 2.34
N THR B 323 9.95 -29.69 2.03
CA THR B 323 8.52 -29.44 1.77
C THR B 323 8.01 -30.21 0.56
N GLU B 324 8.89 -30.65 -0.32
CA GLU B 324 8.52 -31.56 -1.41
C GLU B 324 8.90 -33.00 -1.14
N ALA B 325 10.01 -33.23 -0.42
CA ALA B 325 10.42 -34.60 -0.12
C ALA B 325 9.39 -35.31 0.75
N ALA B 326 8.82 -34.59 1.73
CA ALA B 326 7.81 -35.19 2.59
C ALA B 326 6.57 -35.59 1.79
N LEU B 327 6.12 -34.70 0.90
CA LEU B 327 4.96 -35.02 0.07
C LEU B 327 5.25 -36.22 -0.83
N ARG B 328 6.44 -36.24 -1.44
CA ARG B 328 6.80 -37.37 -2.30
C ARG B 328 6.83 -38.68 -1.51
N ASP B 329 7.42 -38.65 -0.31
CA ASP B 329 7.48 -39.86 0.52
C ASP B 329 6.08 -40.32 0.92
N ILE B 330 5.21 -39.39 1.30
CA ILE B 330 3.86 -39.77 1.71
C ILE B 330 3.08 -40.36 0.55
N PHE B 331 3.17 -39.75 -0.63
CA PHE B 331 2.45 -40.28 -1.79
C PHE B 331 3.03 -41.63 -2.21
N ASN B 332 4.35 -41.80 -2.14
CA ASN B 332 4.96 -43.08 -2.47
C ASN B 332 4.53 -44.17 -1.50
N GLU B 333 4.44 -43.84 -0.21
CA GLU B 333 3.95 -44.81 0.76
C GLU B 333 2.50 -45.17 0.50
N ALA B 334 1.67 -44.16 0.17
CA ALA B 334 0.27 -44.44 -0.13
C ALA B 334 0.12 -45.34 -1.35
N ARG B 335 0.92 -45.10 -2.39
CA ARG B 335 0.83 -45.91 -3.61
C ARG B 335 1.41 -47.30 -3.43
N LYS B 336 2.48 -47.43 -2.62
CA LYS B 336 3.17 -48.70 -2.50
C LYS B 336 2.31 -49.76 -1.84
N TYR B 337 1.64 -49.39 -0.74
CA TYR B 337 0.81 -50.35 -0.03
C TYR B 337 -0.43 -50.77 -0.82
N GLN B 338 -0.92 -49.90 -1.72
CA GLN B 338 -1.97 -50.02 -2.72
C GLN B 338 -3.26 -49.34 -2.25
N PRO B 339 -4.08 -49.92 -1.33
CA PRO B 339 -5.34 -49.25 -0.98
C PRO B 339 -5.10 -48.16 0.03
N SER B 340 -5.19 -46.90 -0.42
CA SER B 340 -4.89 -45.75 0.43
C SER B 340 -5.90 -44.64 0.18
N ILE B 341 -6.20 -43.89 1.24
CA ILE B 341 -7.05 -42.72 1.17
C ILE B 341 -6.29 -41.55 1.78
N ILE B 342 -6.34 -40.40 1.10
CA ILE B 342 -5.61 -39.21 1.52
C ILE B 342 -6.62 -38.12 1.86
N PHE B 343 -6.50 -37.54 3.04
CA PHE B 343 -7.35 -36.46 3.52
C PHE B 343 -6.51 -35.21 3.69
N ILE B 344 -6.93 -34.12 3.04
CA ILE B 344 -6.21 -32.84 3.10
C ILE B 344 -7.24 -31.78 3.49
N ASP B 345 -7.35 -31.49 4.78
CA ASP B 345 -8.22 -30.42 5.23
C ASP B 345 -7.51 -29.07 5.12
N GLN B 346 -8.32 -28.01 5.02
CA GLN B 346 -7.82 -26.64 4.87
C GLN B 346 -6.88 -26.54 3.67
N ILE B 347 -7.36 -27.02 2.51
CA ILE B 347 -6.56 -26.97 1.29
C ILE B 347 -6.31 -25.54 0.84
N ASP B 348 -7.13 -24.58 1.28
CA ASP B 348 -6.91 -23.18 0.91
C ASP B 348 -5.58 -22.68 1.44
N SER B 349 -5.24 -23.00 2.68
CA SER B 349 -3.95 -22.61 3.23
C SER B 349 -2.82 -23.40 2.57
N ILE B 350 -3.04 -24.69 2.33
CA ILE B 350 -2.01 -25.52 1.71
C ILE B 350 -1.82 -25.13 0.24
N ALA B 351 -2.93 -24.85 -0.46
CA ALA B 351 -2.90 -24.52 -1.88
C ALA B 351 -3.63 -23.20 -2.11
N PRO B 352 -2.98 -22.08 -1.83
CA PRO B 352 -3.62 -20.78 -2.08
C PRO B 352 -3.74 -20.49 -3.56
N ASN B 353 -4.70 -19.63 -3.88
CA ASN B 353 -4.92 -19.22 -5.26
C ASN B 353 -3.72 -18.46 -5.79
N ARG B 354 -3.42 -18.65 -7.07
CA ARG B 354 -2.29 -17.97 -7.70
C ARG B 354 -2.66 -16.61 -8.26
N ALA B 355 -3.95 -16.24 -8.27
CA ALA B 355 -4.35 -14.96 -8.84
C ALA B 355 -3.83 -13.79 -8.00
N ASN B 356 -3.97 -13.88 -6.67
CA ASN B 356 -3.53 -12.80 -5.81
C ASN B 356 -2.02 -12.85 -5.60
N ASP B 357 -1.49 -11.75 -5.05
CA ASP B 357 -0.06 -11.65 -4.80
C ASP B 357 0.39 -12.37 -3.53
N ASP B 358 -0.56 -12.89 -2.74
CA ASP B 358 -0.19 -13.58 -1.50
C ASP B 358 0.63 -14.83 -1.79
N SER B 359 0.24 -15.59 -2.82
CA SER B 359 0.93 -16.84 -3.15
C SER B 359 2.12 -16.56 -4.06
N GLY B 360 3.15 -15.98 -3.46
CA GLY B 360 4.30 -15.57 -4.24
C GLY B 360 5.20 -16.67 -4.76
N GLU B 361 5.98 -17.31 -3.89
CA GLU B 361 6.95 -18.31 -4.33
C GLU B 361 6.75 -19.68 -3.70
N VAL B 362 6.75 -19.78 -2.37
CA VAL B 362 6.89 -21.08 -1.73
C VAL B 362 5.58 -21.88 -1.81
N GLU B 363 4.45 -21.26 -1.49
CA GLU B 363 3.19 -21.97 -1.64
C GLU B 363 2.87 -22.23 -3.10
N SER B 364 3.32 -21.34 -4.00
CA SER B 364 3.14 -21.59 -5.43
C SER B 364 3.89 -22.84 -5.88
N ARG B 365 5.14 -23.00 -5.43
CA ARG B 365 5.89 -24.19 -5.81
C ARG B 365 5.33 -25.43 -5.13
N VAL B 366 4.77 -25.27 -3.93
CA VAL B 366 4.09 -26.41 -3.29
C VAL B 366 2.89 -26.85 -4.11
N VAL B 367 2.09 -25.90 -4.60
CA VAL B 367 0.96 -26.23 -5.45
C VAL B 367 1.43 -26.88 -6.74
N ALA B 368 2.51 -26.38 -7.32
CA ALA B 368 3.03 -26.95 -8.56
C ALA B 368 3.46 -28.40 -8.34
N THR B 369 4.19 -28.66 -7.25
CA THR B 369 4.62 -30.03 -6.95
C THR B 369 3.42 -30.93 -6.69
N LEU B 370 2.43 -30.43 -5.96
CA LEU B 370 1.24 -31.23 -5.68
C LEU B 370 0.50 -31.57 -6.96
N LEU B 371 0.37 -30.60 -7.88
CA LEU B 371 -0.30 -30.87 -9.15
C LEU B 371 0.48 -31.87 -9.98
N THR B 372 1.81 -31.73 -10.03
CA THR B 372 2.62 -32.67 -10.80
C THR B 372 2.51 -34.08 -10.24
N LEU B 373 2.55 -34.24 -8.92
CA LEU B 373 2.46 -35.56 -8.30
C LEU B 373 1.04 -36.12 -8.39
N MET B 374 0.03 -35.26 -8.44
CA MET B 374 -1.34 -35.72 -8.64
C MET B 374 -1.53 -36.25 -10.05
N ASP B 375 -0.99 -35.54 -11.04
CA ASP B 375 -1.07 -35.98 -12.43
C ASP B 375 -0.15 -37.16 -12.73
N GLY B 376 0.89 -37.37 -11.92
CA GLY B 376 1.82 -38.46 -12.15
C GLY B 376 1.21 -39.85 -12.02
N MET B 377 0.39 -40.05 -11.00
CA MET B 377 -0.20 -41.37 -10.76
C MET B 377 -1.21 -41.70 -11.85
N GLY B 378 -1.34 -43.00 -12.13
CA GLY B 378 -2.25 -43.49 -13.14
C GLY B 378 -3.54 -44.06 -12.56
N ALA B 379 -4.22 -44.85 -13.38
CA ALA B 379 -5.48 -45.48 -12.99
C ALA B 379 -5.28 -46.91 -12.50
N ALA B 380 -4.04 -47.38 -12.43
CA ALA B 380 -3.75 -48.75 -11.99
C ALA B 380 -3.96 -48.91 -10.49
N GLY B 381 -3.51 -47.93 -9.71
CA GLY B 381 -3.64 -48.00 -8.27
C GLY B 381 -5.03 -47.63 -7.79
N LYS B 382 -5.26 -47.85 -6.50
CA LYS B 382 -6.52 -47.54 -5.83
C LYS B 382 -6.23 -46.53 -4.73
N VAL B 383 -6.24 -45.25 -5.09
CA VAL B 383 -6.00 -44.16 -4.16
C VAL B 383 -7.01 -43.05 -4.42
N VAL B 384 -7.56 -42.49 -3.35
CA VAL B 384 -8.54 -41.42 -3.42
C VAL B 384 -8.05 -40.27 -2.56
N VAL B 385 -8.08 -39.06 -3.10
CA VAL B 385 -7.64 -37.85 -2.40
C VAL B 385 -8.87 -37.05 -2.01
N ILE B 386 -8.98 -36.70 -0.73
CA ILE B 386 -10.10 -35.94 -0.21
C ILE B 386 -9.59 -34.59 0.28
N ALA B 387 -10.22 -33.52 -0.20
CA ALA B 387 -9.84 -32.16 0.17
C ALA B 387 -11.06 -31.44 0.72
N ALA B 388 -10.90 -30.79 1.86
CA ALA B 388 -11.97 -30.03 2.50
C ALA B 388 -11.46 -28.64 2.87
N THR B 389 -12.27 -27.63 2.60
CA THR B 389 -11.91 -26.25 2.90
C THR B 389 -13.15 -25.45 3.24
N ASN B 390 -12.94 -24.39 4.01
CA ASN B 390 -14.06 -23.50 4.37
C ASN B 390 -14.43 -22.57 3.22
N ARG B 391 -13.44 -22.14 2.44
CA ARG B 391 -13.69 -21.21 1.34
C ARG B 391 -13.57 -21.94 0.01
N PRO B 392 -14.68 -22.19 -0.69
CA PRO B 392 -14.59 -22.87 -1.99
C PRO B 392 -13.79 -22.11 -3.03
N ASN B 393 -13.83 -20.77 -3.01
CA ASN B 393 -13.17 -19.96 -4.02
C ASN B 393 -11.70 -19.74 -3.76
N SER B 394 -11.20 -20.09 -2.57
CA SER B 394 -9.79 -19.91 -2.26
C SER B 394 -8.91 -21.02 -2.82
N VAL B 395 -9.50 -22.09 -3.33
CA VAL B 395 -8.71 -23.18 -3.91
C VAL B 395 -8.17 -22.75 -5.27
N ASP B 396 -6.94 -23.15 -5.57
CA ASP B 396 -6.33 -22.81 -6.84
C ASP B 396 -7.13 -23.45 -7.98
N PRO B 397 -7.44 -22.70 -9.04
CA PRO B 397 -8.21 -23.28 -10.15
C PRO B 397 -7.49 -24.41 -10.86
N ALA B 398 -6.16 -24.47 -10.78
CA ALA B 398 -5.43 -25.57 -11.42
C ALA B 398 -5.80 -26.91 -10.82
N LEU B 399 -5.95 -26.98 -9.50
CA LEU B 399 -6.36 -28.22 -8.86
C LEU B 399 -7.79 -28.60 -9.24
N ARG B 400 -8.69 -27.61 -9.28
CA ARG B 400 -10.09 -27.85 -9.60
C ARG B 400 -10.25 -28.01 -11.11
N ARG B 401 -9.99 -29.23 -11.58
CA ARG B 401 -10.11 -29.56 -12.99
C ARG B 401 -10.88 -30.87 -13.15
N PRO B 402 -11.54 -31.06 -14.29
CA PRO B 402 -12.29 -32.31 -14.49
C PRO B 402 -11.41 -33.55 -14.44
N GLY B 403 -10.14 -33.45 -14.84
CA GLY B 403 -9.27 -34.61 -14.81
C GLY B 403 -8.81 -35.02 -13.43
N ARG B 404 -8.84 -34.11 -12.47
CA ARG B 404 -8.34 -34.38 -11.12
C ARG B 404 -9.40 -34.21 -10.05
N PHE B 405 -10.14 -33.11 -10.07
CA PHE B 405 -11.11 -32.78 -9.01
C PHE B 405 -12.48 -32.53 -9.61
N ASP B 406 -12.91 -33.43 -10.50
CA ASP B 406 -14.24 -33.30 -11.09
C ASP B 406 -15.33 -33.49 -10.04
N GLN B 407 -15.17 -34.45 -9.15
CA GLN B 407 -16.19 -34.78 -8.15
C GLN B 407 -16.12 -33.77 -7.02
N GLU B 408 -16.95 -32.73 -7.10
CA GLU B 408 -17.07 -31.72 -6.07
C GLU B 408 -18.46 -31.78 -5.47
N VAL B 409 -18.53 -31.92 -4.15
CA VAL B 409 -19.80 -32.03 -3.43
C VAL B 409 -19.95 -30.79 -2.55
N GLU B 410 -21.06 -30.08 -2.71
CA GLU B 410 -21.35 -28.89 -1.94
C GLU B 410 -22.30 -29.25 -0.81
N ILE B 411 -21.94 -28.84 0.41
CA ILE B 411 -22.76 -29.07 1.60
C ILE B 411 -23.31 -27.73 2.05
N GLY B 412 -24.64 -27.58 2.02
CA GLY B 412 -25.29 -26.34 2.38
C GLY B 412 -25.78 -26.32 3.82
N ILE B 413 -26.41 -25.21 4.17
CA ILE B 413 -26.96 -25.05 5.52
C ILE B 413 -28.14 -26.00 5.68
N PRO B 414 -28.19 -26.81 6.73
CA PRO B 414 -29.31 -27.74 6.91
C PRO B 414 -30.64 -27.01 7.04
N ASP B 415 -31.68 -27.60 6.46
CA ASP B 415 -33.02 -27.05 6.54
C ASP B 415 -33.74 -27.63 7.75
N VAL B 416 -35.06 -27.43 7.82
CA VAL B 416 -35.83 -27.92 8.96
C VAL B 416 -35.78 -29.43 9.05
N ASP B 417 -35.93 -30.12 7.92
CA ASP B 417 -35.91 -31.58 7.93
C ASP B 417 -34.53 -32.11 8.35
N ALA B 418 -33.47 -31.53 7.80
CA ALA B 418 -32.13 -31.98 8.17
C ALA B 418 -31.83 -31.68 9.63
N ARG B 419 -32.25 -30.51 10.13
CA ARG B 419 -32.05 -30.20 11.54
C ARG B 419 -32.81 -31.17 12.43
N PHE B 420 -34.04 -31.51 12.06
CA PHE B 420 -34.82 -32.47 12.83
C PHE B 420 -34.15 -33.85 12.83
N ASP B 421 -33.64 -34.28 11.67
CA ASP B 421 -32.95 -35.57 11.60
C ASP B 421 -31.70 -35.56 12.47
N ILE B 422 -30.92 -34.48 12.42
CA ILE B 422 -29.71 -34.39 13.23
C ILE B 422 -30.06 -34.42 14.71
N LEU B 423 -31.09 -33.68 15.12
CA LEU B 423 -31.49 -33.66 16.52
C LEU B 423 -31.96 -35.05 16.98
N THR B 424 -32.75 -35.73 16.15
CA THR B 424 -33.21 -37.07 16.51
C THR B 424 -32.04 -38.04 16.63
N LYS B 425 -31.08 -37.95 15.71
CA LYS B 425 -29.91 -38.84 15.77
C LYS B 425 -29.07 -38.55 17.01
N GLN B 426 -28.90 -37.27 17.36
CA GLN B 426 -28.15 -36.93 18.56
C GLN B 426 -28.85 -37.42 19.81
N PHE B 427 -30.18 -37.30 19.87
CA PHE B 427 -30.92 -37.79 21.02
C PHE B 427 -30.87 -39.30 21.11
N SER B 428 -30.91 -39.99 19.97
CA SER B 428 -30.78 -41.44 19.98
C SER B 428 -29.40 -41.87 20.46
N ARG B 429 -28.35 -41.15 20.04
CA ARG B 429 -27.01 -41.42 20.54
C ARG B 429 -26.94 -41.19 22.04
N MET B 430 -27.57 -40.14 22.52
CA MET B 430 -27.68 -39.90 23.95
C MET B 430 -28.50 -41.01 24.61
N SER B 431 -28.20 -41.28 25.88
CA SER B 431 -28.90 -42.34 26.60
C SER B 431 -30.39 -42.03 26.70
N SER B 432 -31.21 -43.07 26.50
CA SER B 432 -32.66 -42.90 26.52
C SER B 432 -33.15 -42.45 27.88
N ASP B 433 -32.60 -43.03 28.96
CA ASP B 433 -33.05 -42.69 30.31
C ASP B 433 -32.63 -41.28 30.72
N ARG B 434 -31.66 -40.68 30.02
CA ARG B 434 -31.20 -39.35 30.35
C ARG B 434 -32.01 -38.23 29.70
N HIS B 435 -32.94 -38.57 28.82
CA HIS B 435 -33.77 -37.58 28.14
C HIS B 435 -35.23 -37.99 28.21
N VAL B 436 -36.10 -36.99 28.23
CA VAL B 436 -37.54 -37.21 28.31
C VAL B 436 -38.29 -36.66 27.10
N LEU B 437 -37.67 -35.80 26.29
CA LEU B 437 -38.35 -35.19 25.16
C LEU B 437 -38.76 -36.25 24.15
N ASP B 438 -39.93 -36.05 23.54
CA ASP B 438 -40.47 -36.96 22.55
C ASP B 438 -40.22 -36.42 21.15
N SER B 439 -40.80 -37.09 20.14
CA SER B 439 -40.59 -36.67 18.76
C SER B 439 -41.19 -35.29 18.49
N GLU B 440 -42.36 -35.01 19.08
CA GLU B 440 -43.00 -33.72 18.85
C GLU B 440 -42.15 -32.57 19.39
N ALA B 441 -41.58 -32.75 20.59
CA ALA B 441 -40.73 -31.70 21.17
C ALA B 441 -39.48 -31.49 20.32
N ILE B 442 -38.88 -32.57 19.83
CA ILE B 442 -37.70 -32.46 18.98
C ILE B 442 -38.04 -31.72 17.70
N LYS B 443 -39.18 -32.05 17.09
CA LYS B 443 -39.60 -31.37 15.87
C LYS B 443 -39.85 -29.89 16.12
N TYR B 444 -40.48 -29.56 17.26
CA TYR B 444 -40.74 -28.15 17.58
C TYR B 444 -39.42 -27.40 17.79
N ILE B 445 -38.48 -28.02 18.49
CA ILE B 445 -37.17 -27.37 18.70
C ILE B 445 -36.46 -27.16 17.37
N ALA B 446 -36.50 -28.17 16.49
CA ALA B 446 -35.87 -28.03 15.18
C ALA B 446 -36.53 -26.92 14.37
N SER B 447 -37.86 -26.82 14.45
CA SER B 447 -38.55 -25.73 13.77
C SER B 447 -38.13 -24.37 14.32
N LYS B 448 -37.93 -24.28 15.64
CA LYS B 448 -37.46 -23.03 16.23
C LYS B 448 -36.07 -22.68 15.73
N THR B 449 -35.19 -23.67 15.61
CA THR B 449 -33.83 -23.42 15.14
C THR B 449 -33.85 -23.08 13.65
N HIS B 450 -33.39 -21.88 13.31
CA HIS B 450 -33.34 -21.44 11.91
C HIS B 450 -31.93 -21.57 11.32
N GLY B 451 -30.95 -20.91 11.94
CA GLY B 451 -29.60 -20.92 11.42
C GLY B 451 -28.66 -21.83 12.19
N TYR B 452 -29.23 -22.75 12.97
CA TYR B 452 -28.43 -23.63 13.82
C TYR B 452 -27.90 -24.79 12.99
N VAL B 453 -26.61 -24.75 12.66
CA VAL B 453 -25.95 -25.87 12.00
C VAL B 453 -25.59 -26.90 13.06
N GLY B 454 -25.13 -28.07 12.63
CA GLY B 454 -24.87 -29.16 13.55
C GLY B 454 -23.96 -28.79 14.70
N ALA B 455 -23.01 -27.88 14.46
CA ALA B 455 -22.16 -27.40 15.55
C ALA B 455 -22.98 -26.65 16.59
N ASP B 456 -23.87 -25.77 16.16
CA ASP B 456 -24.74 -25.07 17.09
C ASP B 456 -25.71 -26.03 17.76
N LEU B 457 -26.15 -27.07 17.06
CA LEU B 457 -27.02 -28.06 17.69
C LEU B 457 -26.29 -28.82 18.80
N THR B 458 -25.04 -29.21 18.56
CA THR B 458 -24.26 -29.88 19.60
C THR B 458 -24.00 -28.96 20.77
N ALA B 459 -23.69 -27.68 20.49
CA ALA B 459 -23.50 -26.71 21.57
C ALA B 459 -24.79 -26.53 22.36
N LEU B 460 -25.93 -26.51 21.68
CA LEU B 460 -27.22 -26.39 22.34
C LEU B 460 -27.49 -27.59 23.25
N CYS B 461 -27.19 -28.80 22.77
CA CYS B 461 -27.36 -29.98 23.60
C CYS B 461 -26.47 -29.93 24.83
N ARG B 462 -25.20 -29.54 24.64
CA ARG B 462 -24.28 -29.47 25.77
C ARG B 462 -24.74 -28.42 26.79
N GLU B 463 -25.19 -27.25 26.31
CA GLU B 463 -25.67 -26.22 27.22
C GLU B 463 -26.95 -26.65 27.92
N SER B 464 -27.82 -27.40 27.24
CA SER B 464 -29.02 -27.91 27.89
C SER B 464 -28.67 -28.90 28.99
N VAL B 465 -27.66 -29.76 28.74
CA VAL B 465 -27.21 -30.67 29.78
C VAL B 465 -26.65 -29.90 30.96
N MET B 466 -25.85 -28.87 30.69
CA MET B 466 -25.30 -28.05 31.77
C MET B 466 -26.41 -27.35 32.56
N LYS B 467 -27.42 -26.83 31.86
CA LYS B 467 -28.53 -26.17 32.54
C LYS B 467 -29.31 -27.16 33.40
N THR B 468 -29.52 -28.38 32.89
CA THR B 468 -30.18 -29.41 33.69
C THR B 468 -29.39 -29.73 34.95
N ILE B 469 -28.06 -29.86 34.81
CA ILE B 469 -27.23 -30.15 35.97
C ILE B 469 -27.30 -29.01 36.99
N GLN B 470 -27.23 -27.77 36.51
CA GLN B 470 -27.30 -26.62 37.41
C GLN B 470 -28.66 -26.54 38.11
N ARG B 471 -29.73 -26.77 37.37
CA ARG B 471 -31.07 -26.73 37.98
C ARG B 471 -31.23 -27.83 39.02
N GLY B 472 -30.75 -29.04 38.72
CA GLY B 472 -30.81 -30.11 39.70
C GLY B 472 -30.00 -29.80 40.94
N LEU B 473 -28.80 -29.25 40.76
CA LEU B 473 -27.98 -28.87 41.92
C LEU B 473 -28.67 -27.80 42.75
N GLY B 474 -29.28 -26.81 42.11
CA GLY B 474 -29.95 -25.75 42.85
C GLY B 474 -31.20 -26.23 43.58
N THR B 475 -31.97 -27.11 42.96
CA THR B 475 -33.27 -27.48 43.50
C THR B 475 -33.21 -28.66 44.46
N ASP B 476 -32.48 -29.71 44.11
CA ASP B 476 -32.49 -30.95 44.88
C ASP B 476 -31.46 -30.97 46.00
N ALA B 477 -30.79 -29.84 46.27
CA ALA B 477 -29.85 -29.70 47.38
C ALA B 477 -28.70 -30.70 47.25
N ASN B 478 -27.92 -30.53 46.18
CA ASN B 478 -26.69 -31.29 45.96
C ASN B 478 -26.99 -32.78 45.79
N ILE B 479 -27.92 -33.08 44.89
CA ILE B 479 -28.22 -34.47 44.52
C ILE B 479 -27.22 -34.94 43.48
N ASP B 480 -27.17 -36.25 43.23
CA ASP B 480 -26.28 -36.78 42.21
C ASP B 480 -26.64 -36.23 40.84
N LYS B 481 -25.62 -35.84 40.09
CA LYS B 481 -25.85 -35.23 38.78
C LYS B 481 -26.34 -36.24 37.76
N PHE B 482 -25.96 -37.52 37.91
CA PHE B 482 -26.35 -38.53 36.94
C PHE B 482 -27.84 -38.84 36.97
N SER B 483 -28.51 -38.58 38.09
CA SER B 483 -29.94 -38.86 38.20
C SER B 483 -30.81 -37.88 37.43
N LEU B 484 -30.32 -36.67 37.17
CA LEU B 484 -31.12 -35.66 36.49
C LEU B 484 -31.28 -36.00 35.02
N LYS B 485 -32.38 -35.51 34.43
CA LYS B 485 -32.69 -35.73 33.02
C LYS B 485 -33.04 -34.41 32.37
N VAL B 486 -32.66 -34.25 31.11
CA VAL B 486 -32.89 -33.01 30.40
C VAL B 486 -34.37 -32.88 30.05
N THR B 487 -34.89 -31.66 30.17
CA THR B 487 -36.29 -31.36 29.88
C THR B 487 -36.36 -30.23 28.85
N LEU B 488 -37.59 -29.87 28.47
CA LEU B 488 -37.78 -28.83 27.47
C LEU B 488 -37.42 -27.45 27.99
N LYS B 489 -37.64 -27.20 29.28
CA LYS B 489 -37.29 -25.90 29.85
C LYS B 489 -35.79 -25.65 29.78
N ASP B 490 -34.98 -26.67 30.06
CA ASP B 490 -33.53 -26.53 29.93
C ASP B 490 -33.14 -26.29 28.48
N VAL B 491 -33.82 -26.94 27.54
CA VAL B 491 -33.53 -26.71 26.13
C VAL B 491 -33.83 -25.26 25.75
N GLU B 492 -34.96 -24.72 26.21
CA GLU B 492 -35.29 -23.33 25.93
C GLU B 492 -34.29 -22.38 26.56
N SER B 493 -33.87 -22.68 27.80
CA SER B 493 -32.88 -21.83 28.46
C SER B 493 -31.55 -21.84 27.71
N ALA B 494 -31.13 -23.02 27.23
CA ALA B 494 -29.90 -23.10 26.46
C ALA B 494 -30.04 -22.37 25.12
N MET B 495 -31.22 -22.45 24.51
CA MET B 495 -31.46 -21.69 23.28
C MET B 495 -31.33 -20.19 23.53
N VAL B 496 -31.89 -19.70 24.64
CA VAL B 496 -31.78 -18.29 24.97
C VAL B 496 -30.32 -17.93 25.22
N ASP B 497 -29.59 -18.77 25.96
CA ASP B 497 -28.21 -18.45 26.32
C ASP B 497 -27.30 -18.44 25.11
N ILE B 498 -27.45 -19.40 24.20
CA ILE B 498 -26.52 -19.57 23.08
C ILE B 498 -27.08 -18.86 21.85
N ARG B 499 -26.22 -18.05 21.22
CA ARG B 499 -26.45 -17.37 19.95
C ARG B 499 -25.85 -18.20 18.82
N PRO B 500 -26.47 -18.16 17.62
CA PRO B 500 -25.91 -18.92 16.50
C PRO B 500 -24.53 -18.41 16.11
N SER B 501 -23.71 -19.32 15.57
CA SER B 501 -22.34 -18.98 15.21
C SER B 501 -22.29 -17.91 14.12
N ALA B 502 -23.30 -17.87 13.24
CA ALA B 502 -23.31 -16.87 12.18
C ALA B 502 -23.51 -15.46 12.70
N MET B 503 -24.11 -15.32 13.89
CA MET B 503 -24.33 -14.01 14.50
C MET B 503 -23.24 -13.62 15.49
N ARG B 504 -22.18 -14.43 15.62
CA ARG B 504 -21.11 -14.10 16.55
C ARG B 504 -20.38 -12.83 16.14
N GLU B 505 -20.18 -12.63 14.84
CA GLU B 505 -19.48 -11.44 14.34
C GLU B 505 -20.27 -10.17 14.54
N ILE B 506 -21.57 -10.26 14.86
CA ILE B 506 -22.42 -9.10 15.06
C ILE B 506 -22.70 -8.95 16.55
N PHE B 507 -22.34 -7.81 17.12
CA PHE B 507 -22.57 -7.51 18.52
C PHE B 507 -23.69 -6.48 18.61
N LEU B 508 -24.79 -6.85 19.25
CA LEU B 508 -25.96 -5.99 19.39
C LEU B 508 -26.55 -6.19 20.79
N GLU B 509 -26.19 -5.30 21.71
CA GLU B 509 -26.74 -5.30 23.06
C GLU B 509 -27.96 -4.39 23.06
N MET B 510 -29.14 -4.99 23.08
CA MET B 510 -30.39 -4.25 22.96
C MET B 510 -31.34 -4.62 24.09
N PRO B 511 -32.07 -3.65 24.62
CA PRO B 511 -33.06 -3.97 25.65
C PRO B 511 -34.19 -4.81 25.09
N LYS B 512 -34.78 -5.63 25.97
CA LYS B 512 -35.88 -6.50 25.57
C LYS B 512 -37.20 -5.75 25.71
N VAL B 513 -37.88 -5.54 24.58
CA VAL B 513 -39.17 -4.88 24.54
C VAL B 513 -40.16 -5.77 23.79
N TYR B 514 -41.34 -5.94 24.36
CA TYR B 514 -42.35 -6.83 23.80
C TYR B 514 -43.40 -6.03 23.04
N TRP B 515 -44.24 -6.76 22.30
CA TRP B 515 -45.31 -6.13 21.54
C TRP B 515 -46.35 -5.50 22.47
N SER B 516 -46.47 -5.99 23.69
CA SER B 516 -47.41 -5.40 24.64
C SER B 516 -47.01 -3.99 25.04
N ASP B 517 -45.70 -3.72 25.07
CA ASP B 517 -45.24 -2.37 25.39
C ASP B 517 -45.71 -1.35 24.36
N ILE B 518 -45.65 -1.72 23.08
CA ILE B 518 -46.11 -0.84 22.01
C ILE B 518 -47.63 -0.91 21.94
N GLY B 519 -48.29 0.16 22.39
CA GLY B 519 -49.73 0.20 22.38
C GLY B 519 -50.29 0.96 21.20
N GLY B 520 -49.47 1.15 20.17
CA GLY B 520 -49.87 1.93 19.01
C GLY B 520 -50.87 1.22 18.10
N GLN B 521 -50.84 1.57 16.82
CA GLN B 521 -51.79 0.98 15.87
C GLN B 521 -51.50 -0.51 15.68
N GLU B 522 -52.57 -1.30 15.65
CA GLU B 522 -52.42 -2.74 15.49
C GLU B 522 -52.27 -3.17 14.04
N GLU B 523 -52.57 -2.28 13.09
CA GLU B 523 -52.44 -2.63 11.68
C GLU B 523 -50.98 -2.90 11.31
N LEU B 524 -50.06 -2.06 11.78
CA LEU B 524 -48.65 -2.25 11.48
C LEU B 524 -48.14 -3.56 12.09
N LYS B 525 -48.52 -3.84 13.33
CA LYS B 525 -48.10 -5.08 13.97
C LYS B 525 -48.66 -6.29 13.23
N THR B 526 -49.93 -6.22 12.82
CA THR B 526 -50.53 -7.32 12.08
C THR B 526 -49.82 -7.55 10.75
N LYS B 527 -49.50 -6.47 10.03
CA LYS B 527 -48.80 -6.62 8.76
C LYS B 527 -47.40 -7.20 8.97
N MET B 528 -46.68 -6.72 9.98
CA MET B 528 -45.35 -7.25 10.25
C MET B 528 -45.42 -8.74 10.62
N LYS B 529 -46.41 -9.13 11.43
CA LYS B 529 -46.55 -10.53 11.78
C LYS B 529 -46.88 -11.38 10.55
N GLU B 530 -47.81 -10.91 9.71
CA GLU B 530 -48.22 -11.68 8.54
C GLU B 530 -47.07 -11.77 7.53
N MET B 531 -46.14 -10.81 7.57
CA MET B 531 -45.01 -10.89 6.65
C MET B 531 -43.88 -11.76 7.21
N ILE B 532 -43.70 -11.77 8.53
CA ILE B 532 -42.58 -12.48 9.13
C ILE B 532 -42.94 -13.92 9.48
N GLN B 533 -43.91 -14.08 10.39
CA GLN B 533 -44.18 -15.40 10.94
C GLN B 533 -44.95 -16.29 9.97
N LEU B 534 -45.88 -15.72 9.21
CA LEU B 534 -46.74 -16.55 8.36
C LEU B 534 -45.97 -17.33 7.29
N PRO B 535 -45.06 -16.73 6.52
CA PRO B 535 -44.31 -17.55 5.54
C PRO B 535 -43.48 -18.64 6.20
N LEU B 536 -42.91 -18.38 7.38
CA LEU B 536 -42.09 -19.38 8.04
C LEU B 536 -42.94 -20.47 8.70
N GLU B 537 -44.09 -20.10 9.26
CA GLU B 537 -44.91 -21.07 9.97
C GLU B 537 -45.51 -22.10 9.02
N ALA B 538 -46.10 -21.65 7.92
CA ALA B 538 -46.75 -22.52 6.94
C ALA B 538 -46.25 -22.16 5.55
N SER B 539 -45.13 -22.76 5.14
CA SER B 539 -44.61 -22.57 3.79
C SER B 539 -45.29 -23.47 2.77
N GLU B 540 -45.98 -24.52 3.21
CA GLU B 540 -46.67 -25.40 2.28
C GLU B 540 -47.79 -24.67 1.55
N THR B 541 -48.55 -23.83 2.27
CA THR B 541 -49.61 -23.06 1.63
C THR B 541 -49.03 -22.07 0.62
N PHE B 542 -47.92 -21.41 0.96
CA PHE B 542 -47.29 -20.49 0.02
C PHE B 542 -46.80 -21.22 -1.22
N ALA B 543 -46.21 -22.41 -1.04
CA ALA B 543 -45.77 -23.19 -2.19
C ALA B 543 -46.93 -23.61 -3.06
N ARG B 544 -48.04 -24.03 -2.43
CA ARG B 544 -49.22 -24.43 -3.20
C ARG B 544 -49.80 -23.25 -3.98
N LEU B 545 -49.88 -22.08 -3.35
CA LEU B 545 -50.40 -20.90 -4.02
C LEU B 545 -49.39 -20.24 -4.94
N GLY B 546 -48.12 -20.62 -4.86
CA GLY B 546 -47.10 -20.06 -5.74
C GLY B 546 -46.82 -18.59 -5.56
N ILE B 547 -46.74 -18.13 -4.32
CA ILE B 547 -46.45 -16.74 -4.00
C ILE B 547 -45.35 -16.70 -2.94
N SER B 548 -44.38 -15.82 -3.13
CA SER B 548 -43.26 -15.68 -2.21
C SER B 548 -43.59 -14.64 -1.15
N ALA B 549 -42.59 -14.23 -0.36
CA ALA B 549 -42.75 -13.24 0.69
C ALA B 549 -42.39 -11.85 0.16
N PRO B 550 -43.20 -10.82 0.45
CA PRO B 550 -42.87 -9.48 -0.03
C PRO B 550 -41.54 -8.95 0.49
N LYS B 551 -41.19 -9.31 1.73
CA LYS B 551 -39.91 -8.99 2.37
C LYS B 551 -39.47 -7.54 2.17
N GLY B 552 -40.43 -6.63 2.06
CA GLY B 552 -40.12 -5.22 1.90
C GLY B 552 -40.95 -4.32 2.79
N VAL B 553 -40.29 -3.53 3.64
CA VAL B 553 -40.96 -2.64 4.57
C VAL B 553 -40.37 -1.24 4.42
N LEU B 554 -41.24 -0.25 4.24
CA LEU B 554 -40.83 1.15 4.18
C LEU B 554 -41.58 1.90 5.28
N LEU B 555 -40.87 2.20 6.37
CA LEU B 555 -41.45 2.90 7.52
C LEU B 555 -41.16 4.39 7.37
N TYR B 556 -42.17 5.15 6.95
CA TYR B 556 -42.06 6.60 6.80
C TYR B 556 -43.14 7.26 7.65
N GLY B 557 -42.76 8.30 8.37
CA GLY B 557 -43.68 9.02 9.22
C GLY B 557 -43.00 10.03 10.11
N PRO B 558 -43.73 10.56 11.08
CA PRO B 558 -43.13 11.53 12.02
C PRO B 558 -41.99 10.91 12.78
N PRO B 559 -40.92 11.66 13.06
CA PRO B 559 -39.76 11.08 13.73
C PRO B 559 -40.08 10.67 15.17
N GLY B 560 -39.51 9.54 15.57
CA GLY B 560 -39.60 9.09 16.95
C GLY B 560 -40.93 8.53 17.38
N CYS B 561 -41.85 8.23 16.45
CA CYS B 561 -43.15 7.72 16.85
C CYS B 561 -43.10 6.21 17.11
N SER B 562 -42.75 5.39 16.09
CA SER B 562 -42.71 3.92 16.35
C SER B 562 -41.83 3.08 15.41
N LYS B 563 -41.09 3.63 14.45
CA LYS B 563 -40.38 2.75 13.46
C LYS B 563 -39.29 1.82 14.04
N THR B 564 -38.35 2.34 14.82
CA THR B 564 -37.20 1.68 15.49
C THR B 564 -37.73 0.78 16.59
N LEU B 565 -38.78 1.24 17.29
CA LEU B 565 -39.37 0.42 18.39
C LEU B 565 -39.86 -0.87 17.75
N THR B 566 -40.53 -0.81 16.60
CA THR B 566 -40.91 -2.08 15.93
C THR B 566 -39.62 -2.85 15.61
N ALA B 567 -38.50 -2.20 15.27
CA ALA B 567 -37.36 -3.08 15.02
C ALA B 567 -36.91 -3.76 16.30
N LYS B 568 -36.83 -3.01 17.40
CA LYS B 568 -36.45 -3.60 18.68
C LYS B 568 -37.47 -4.64 19.13
N ALA B 569 -38.76 -4.33 18.97
CA ALA B 569 -39.80 -5.27 19.36
C ALA B 569 -39.72 -6.55 18.54
N LEU B 570 -39.51 -6.42 17.23
CA LEU B 570 -39.36 -7.60 16.38
C LEU B 570 -38.15 -8.42 16.77
N ALA B 571 -37.02 -7.76 17.03
CA ALA B 571 -35.81 -8.48 17.43
C ALA B 571 -36.02 -9.22 18.73
N THR B 572 -36.70 -8.59 19.69
CA THR B 572 -36.90 -9.23 21.00
C THR B 572 -37.90 -10.38 20.92
N GLU B 573 -39.02 -10.20 20.24
CA GLU B 573 -40.11 -11.16 20.26
C GLU B 573 -40.36 -11.79 18.89
N SER B 574 -39.30 -12.02 18.12
CA SER B 574 -39.43 -12.72 16.84
C SER B 574 -38.83 -14.11 16.85
N GLY B 575 -37.82 -14.37 17.68
CA GLY B 575 -37.17 -15.66 17.67
C GLY B 575 -36.36 -15.94 16.43
N ILE B 576 -36.04 -14.91 15.65
CA ILE B 576 -35.29 -15.05 14.41
C ILE B 576 -34.11 -14.09 14.47
N ASN B 577 -33.06 -14.43 13.71
CA ASN B 577 -31.86 -13.59 13.67
C ASN B 577 -32.21 -12.19 13.19
N PHE B 578 -31.69 -11.19 13.89
CA PHE B 578 -31.95 -9.79 13.57
C PHE B 578 -30.64 -9.09 13.26
N LEU B 579 -30.61 -8.36 12.14
CA LEU B 579 -29.45 -7.60 11.72
C LEU B 579 -29.85 -6.13 11.59
N ALA B 580 -29.09 -5.25 12.25
CA ALA B 580 -29.34 -3.82 12.20
C ALA B 580 -28.17 -3.13 11.52
N VAL B 581 -28.46 -2.39 10.47
CA VAL B 581 -27.45 -1.66 9.71
C VAL B 581 -27.84 -0.19 9.67
N LYS B 582 -26.94 0.67 10.12
CA LYS B 582 -27.19 2.10 10.10
C LYS B 582 -26.96 2.67 8.70
N GLY B 583 -27.42 3.90 8.49
CA GLY B 583 -27.33 4.55 7.20
C GLY B 583 -25.90 4.78 6.75
N PRO B 584 -25.19 5.69 7.42
CA PRO B 584 -23.82 6.02 7.04
C PRO B 584 -22.73 5.22 7.75
N GLU B 585 -23.10 4.18 8.50
CA GLU B 585 -22.09 3.39 9.21
C GLU B 585 -21.29 2.50 8.27
N ILE B 586 -21.77 2.28 7.04
CA ILE B 586 -21.07 1.41 6.11
C ILE B 586 -20.03 2.15 5.27
N PHE B 587 -20.08 3.48 5.23
CA PHE B 587 -19.12 4.25 4.44
C PHE B 587 -17.74 4.14 5.05
N ASN B 588 -16.72 4.08 4.17
CA ASN B 588 -15.34 3.95 4.60
C ASN B 588 -14.48 4.92 3.81
N LYS B 589 -13.32 5.27 4.38
CA LYS B 589 -12.43 6.22 3.74
C LYS B 589 -11.88 5.67 2.42
N TYR B 590 -11.48 4.40 2.41
CA TYR B 590 -10.94 3.80 1.20
C TYR B 590 -12.05 3.56 0.18
N VAL B 591 -11.65 3.51 -1.09
CA VAL B 591 -12.58 3.26 -2.18
C VAL B 591 -12.84 1.76 -2.28
N GLY B 592 -14.11 1.38 -2.24
CA GLY B 592 -14.49 -0.01 -2.36
C GLY B 592 -14.60 -0.78 -1.05
N GLU B 593 -14.20 -0.17 0.07
CA GLU B 593 -14.35 -0.85 1.35
C GLU B 593 -15.81 -0.91 1.79
N SER B 594 -16.60 0.11 1.46
CA SER B 594 -18.03 0.04 1.71
C SER B 594 -18.67 -1.08 0.90
N GLU B 595 -18.18 -1.29 -0.32
CA GLU B 595 -18.65 -2.41 -1.14
C GLU B 595 -18.40 -3.73 -0.43
N ARG B 596 -17.18 -3.93 0.08
CA ARG B 596 -16.86 -5.15 0.79
C ARG B 596 -17.70 -5.30 2.05
N ALA B 597 -17.92 -4.20 2.77
CA ALA B 597 -18.72 -4.26 3.99
C ALA B 597 -20.16 -4.67 3.70
N ILE B 598 -20.78 -4.06 2.69
CA ILE B 598 -22.16 -4.39 2.38
C ILE B 598 -22.27 -5.81 1.82
N ARG B 599 -21.28 -6.24 1.02
CA ARG B 599 -21.29 -7.61 0.53
C ARG B 599 -21.15 -8.61 1.66
N GLU B 600 -20.28 -8.32 2.63
CA GLU B 600 -20.13 -9.20 3.78
C GLU B 600 -21.41 -9.25 4.61
N ILE B 601 -22.06 -8.09 4.79
CA ILE B 601 -23.30 -8.05 5.55
C ILE B 601 -24.37 -8.90 4.87
N PHE B 602 -24.51 -8.75 3.55
CA PHE B 602 -25.51 -9.53 2.83
C PHE B 602 -25.18 -11.02 2.83
N ARG B 603 -23.89 -11.37 2.72
CA ARG B 603 -23.50 -12.77 2.78
C ARG B 603 -23.80 -13.37 4.14
N LYS B 604 -23.52 -12.61 5.21
CA LYS B 604 -23.84 -13.08 6.56
C LYS B 604 -25.35 -13.26 6.73
N ALA B 605 -26.13 -12.33 6.20
CA ALA B 605 -27.59 -12.46 6.29
C ALA B 605 -28.07 -13.70 5.55
N ARG B 606 -27.52 -13.94 4.35
CA ARG B 606 -27.94 -15.11 3.57
C ARG B 606 -27.54 -16.41 4.26
N SER B 607 -26.32 -16.46 4.82
CA SER B 607 -25.83 -17.68 5.45
C SER B 607 -26.41 -17.93 6.83
N ALA B 608 -27.09 -16.96 7.42
CA ALA B 608 -27.68 -17.09 8.75
C ALA B 608 -29.18 -17.37 8.69
N ALA B 609 -29.62 -18.14 7.69
CA ALA B 609 -31.02 -18.54 7.53
C ALA B 609 -31.89 -17.33 7.21
N PRO B 610 -33.18 -17.51 6.94
CA PRO B 610 -34.06 -16.34 6.81
C PRO B 610 -33.96 -15.45 8.05
N SER B 611 -33.89 -14.14 7.80
CA SER B 611 -33.66 -13.17 8.87
C SER B 611 -34.28 -11.84 8.46
N ILE B 612 -34.15 -10.86 9.34
CA ILE B 612 -34.69 -9.53 9.13
C ILE B 612 -33.53 -8.52 9.17
N ILE B 613 -33.43 -7.71 8.13
CA ILE B 613 -32.41 -6.67 8.05
C ILE B 613 -33.09 -5.33 8.22
N PHE B 614 -32.64 -4.56 9.21
CA PHE B 614 -33.22 -3.26 9.52
C PHE B 614 -32.28 -2.17 9.03
N PHE B 615 -32.67 -1.50 7.94
CA PHE B 615 -31.88 -0.41 7.37
C PHE B 615 -32.40 0.90 7.95
N ASP B 616 -31.87 1.27 9.10
CA ASP B 616 -32.29 2.51 9.76
C ASP B 616 -31.78 3.72 8.98
N GLN B 617 -32.69 4.66 8.69
CA GLN B 617 -32.37 5.88 7.96
C GLN B 617 -31.73 5.57 6.61
N ILE B 618 -32.51 4.89 5.75
CA ILE B 618 -32.02 4.51 4.44
C ILE B 618 -31.85 5.73 3.54
N ASP B 619 -32.48 6.85 3.87
CA ASP B 619 -32.40 8.06 3.04
C ASP B 619 -31.06 8.75 3.12
N ALA B 620 -30.17 8.32 4.01
CA ALA B 620 -28.87 8.98 4.15
C ALA B 620 -28.03 8.82 2.89
N LEU B 621 -28.03 7.64 2.29
CA LEU B 621 -27.19 7.34 1.13
C LEU B 621 -27.97 7.23 -0.18
N SER B 622 -29.28 7.47 -0.16
CA SER B 622 -30.11 7.29 -1.35
C SER B 622 -29.94 8.41 -2.37
N PRO B 623 -30.18 9.69 -2.02
CA PRO B 623 -30.27 10.71 -3.08
C PRO B 623 -28.93 11.09 -3.68
N ASP B 624 -28.74 10.76 -4.96
CA ASP B 624 -27.55 11.10 -5.73
C ASP B 624 -27.95 11.65 -7.09
N ARG B 625 -28.88 12.61 -7.08
CA ARG B 625 -29.46 13.10 -8.32
C ARG B 625 -28.45 13.82 -9.20
N ASP B 626 -27.37 14.34 -8.61
CA ASP B 626 -26.38 15.06 -9.40
C ASP B 626 -24.96 14.80 -8.90
N GLY B 627 -24.01 15.57 -9.38
CA GLY B 627 -22.60 15.40 -9.04
C GLY B 627 -22.18 15.98 -7.71
N SER B 628 -23.09 16.63 -6.98
CA SER B 628 -22.74 17.15 -5.66
C SER B 628 -22.37 16.02 -4.71
N SER B 629 -23.12 14.92 -4.73
CA SER B 629 -22.79 13.77 -3.93
C SER B 629 -21.62 13.01 -4.53
N THR B 630 -20.81 12.41 -3.66
CA THR B 630 -19.65 11.67 -4.11
C THR B 630 -20.08 10.36 -4.79
N SER B 631 -19.17 9.79 -5.58
CA SER B 631 -19.44 8.54 -6.27
C SER B 631 -19.61 7.38 -5.29
N ALA B 632 -19.10 7.51 -4.07
CA ALA B 632 -19.23 6.43 -3.09
C ALA B 632 -20.69 6.16 -2.76
N ALA B 633 -21.49 7.21 -2.59
CA ALA B 633 -22.91 7.03 -2.28
C ALA B 633 -23.65 6.33 -3.42
N ASN B 634 -23.35 6.74 -4.67
CA ASN B 634 -24.00 6.10 -5.81
C ASN B 634 -23.59 4.64 -5.93
N HIS B 635 -22.31 4.35 -5.71
CA HIS B 635 -21.85 2.95 -5.75
C HIS B 635 -22.50 2.13 -4.66
N VAL B 636 -22.66 2.70 -3.46
CA VAL B 636 -23.30 1.99 -2.35
C VAL B 636 -24.75 1.72 -2.69
N LEU B 637 -25.45 2.70 -3.26
CA LEU B 637 -26.85 2.50 -3.63
C LEU B 637 -26.99 1.42 -4.71
N THR B 638 -26.10 1.44 -5.71
CA THR B 638 -26.14 0.42 -6.75
C THR B 638 -25.87 -0.96 -6.17
N SER B 639 -24.89 -1.07 -5.27
CA SER B 639 -24.61 -2.35 -4.64
C SER B 639 -25.78 -2.83 -3.80
N LEU B 640 -26.44 -1.92 -3.09
CA LEU B 640 -27.61 -2.31 -2.30
C LEU B 640 -28.73 -2.82 -3.20
N LEU B 641 -28.97 -2.13 -4.32
CA LEU B 641 -30.00 -2.59 -5.25
C LEU B 641 -29.65 -3.97 -5.82
N ASN B 642 -28.38 -4.17 -6.19
CA ASN B 642 -27.97 -5.45 -6.74
C ASN B 642 -28.10 -6.57 -5.71
N GLU B 643 -27.75 -6.28 -4.45
CA GLU B 643 -27.84 -7.30 -3.41
C GLU B 643 -29.30 -7.61 -3.07
N ILE B 644 -30.18 -6.61 -3.15
CA ILE B 644 -31.58 -6.85 -2.86
C ILE B 644 -32.24 -7.65 -3.98
N ASP B 645 -32.17 -7.15 -5.22
CA ASP B 645 -32.76 -7.89 -6.33
C ASP B 645 -31.69 -8.36 -7.30
N GLY B 646 -30.95 -7.42 -7.88
CA GLY B 646 -29.87 -7.73 -8.81
C GLY B 646 -30.22 -8.82 -9.79
N VAL B 647 -29.42 -9.89 -9.75
CA VAL B 647 -29.65 -11.08 -10.57
C VAL B 647 -29.99 -12.30 -9.72
N GLU B 648 -29.48 -12.37 -8.50
CA GLU B 648 -29.72 -13.51 -7.61
C GLU B 648 -30.90 -13.17 -6.71
N GLU B 649 -31.86 -14.09 -6.63
CA GLU B 649 -33.06 -13.85 -5.84
C GLU B 649 -32.79 -14.10 -4.36
N LEU B 650 -33.47 -13.32 -3.50
CA LEU B 650 -33.36 -13.45 -2.06
C LEU B 650 -34.55 -14.24 -1.54
N LYS B 651 -34.29 -15.32 -0.82
CA LYS B 651 -35.32 -16.17 -0.27
C LYS B 651 -35.20 -16.19 1.25
N GLY B 652 -36.31 -15.91 1.93
CA GLY B 652 -36.37 -15.94 3.38
C GLY B 652 -35.99 -14.66 4.09
N VAL B 653 -34.95 -13.98 3.61
CA VAL B 653 -34.51 -12.75 4.26
C VAL B 653 -35.53 -11.65 4.00
N VAL B 654 -35.74 -10.80 5.00
CA VAL B 654 -36.71 -9.72 4.95
C VAL B 654 -35.98 -8.40 5.13
N ILE B 655 -36.25 -7.45 4.24
CA ILE B 655 -35.63 -6.12 4.29
C ILE B 655 -36.63 -5.15 4.89
N VAL B 656 -36.25 -4.51 5.99
CA VAL B 656 -37.08 -3.52 6.67
C VAL B 656 -36.31 -2.21 6.69
N ALA B 657 -36.95 -1.15 6.21
CA ALA B 657 -36.34 0.17 6.14
C ALA B 657 -37.21 1.19 6.85
N ALA B 658 -36.59 1.99 7.72
CA ALA B 658 -37.26 3.07 8.43
C ALA B 658 -36.60 4.38 8.06
N THR B 659 -37.40 5.34 7.62
CA THR B 659 -36.89 6.63 7.15
C THR B 659 -37.77 7.76 7.65
N ASN B 660 -37.19 8.96 7.72
CA ASN B 660 -37.92 10.15 8.09
C ASN B 660 -38.27 11.04 6.90
N ARG B 661 -37.58 10.88 5.78
CA ARG B 661 -37.82 11.67 4.57
C ARG B 661 -37.98 10.71 3.40
N PRO B 662 -39.18 10.15 3.21
CA PRO B 662 -39.38 9.19 2.11
C PRO B 662 -39.15 9.79 0.73
N ASP B 663 -39.32 11.11 0.58
CA ASP B 663 -39.14 11.74 -0.73
C ASP B 663 -37.69 11.67 -1.18
N GLU B 664 -36.74 11.77 -0.25
CA GLU B 664 -35.32 11.75 -0.61
C GLU B 664 -34.90 10.40 -1.18
N ILE B 665 -35.64 9.33 -0.90
CA ILE B 665 -35.28 8.01 -1.42
C ILE B 665 -35.54 7.99 -2.92
N ASP B 666 -34.58 7.46 -3.67
CA ASP B 666 -34.70 7.38 -5.12
C ASP B 666 -35.81 6.41 -5.51
N ALA B 667 -36.40 6.65 -6.70
CA ALA B 667 -37.48 5.82 -7.19
C ALA B 667 -37.04 4.39 -7.49
N ALA B 668 -35.73 4.16 -7.64
CA ALA B 668 -35.26 2.80 -7.89
C ALA B 668 -35.59 1.88 -6.72
N LEU B 669 -35.40 2.36 -5.49
CA LEU B 669 -35.76 1.58 -4.32
C LEU B 669 -37.26 1.56 -4.06
N LEU B 670 -38.01 2.51 -4.63
CA LEU B 670 -39.45 2.57 -4.42
C LEU B 670 -40.21 1.61 -5.33
N ARG B 671 -39.55 1.02 -6.32
CA ARG B 671 -40.24 0.12 -7.23
C ARG B 671 -40.63 -1.16 -6.52
N PRO B 672 -41.66 -1.86 -7.02
CA PRO B 672 -42.06 -3.12 -6.38
C PRO B 672 -40.93 -4.15 -6.41
N GLY B 673 -40.86 -4.94 -5.35
CA GLY B 673 -39.84 -5.96 -5.19
C GLY B 673 -38.73 -5.58 -4.23
N ARG B 674 -38.64 -4.32 -3.81
CA ARG B 674 -37.62 -3.87 -2.87
C ARG B 674 -38.22 -3.43 -1.54
N LEU B 675 -39.16 -2.48 -1.56
CA LEU B 675 -39.78 -1.92 -0.37
C LEU B 675 -41.30 -1.86 -0.56
N ASP B 676 -41.88 -3.00 -0.94
CA ASP B 676 -43.27 -3.07 -1.35
C ASP B 676 -44.20 -2.38 -0.36
N ARG B 677 -44.23 -2.87 0.88
CA ARG B 677 -45.18 -2.35 1.86
C ARG B 677 -44.76 -0.96 2.36
N HIS B 678 -45.73 -0.07 2.46
CA HIS B 678 -45.53 1.28 2.99
C HIS B 678 -46.50 1.50 4.14
N ILE B 679 -45.98 2.00 5.25
CA ILE B 679 -46.77 2.23 6.46
C ILE B 679 -46.73 3.70 6.81
N TYR B 680 -47.91 4.30 6.99
CA TYR B 680 -47.98 5.71 7.35
C TYR B 680 -47.39 5.95 8.74
N VAL B 681 -47.64 5.04 9.67
CA VAL B 681 -47.17 5.07 11.06
C VAL B 681 -47.14 6.50 11.60
N GLY B 682 -48.31 7.13 11.61
CA GLY B 682 -48.43 8.51 12.06
C GLY B 682 -48.50 8.62 13.56
N PRO B 683 -49.00 9.76 14.05
CA PRO B 683 -49.10 9.95 15.50
C PRO B 683 -50.09 8.97 16.08
N PRO B 684 -49.87 8.55 17.33
CA PRO B 684 -50.78 7.59 17.96
C PRO B 684 -52.17 8.16 18.16
N ASP B 685 -53.16 7.28 18.13
CA ASP B 685 -54.55 7.67 18.32
C ASP B 685 -54.84 7.85 19.80
N VAL B 686 -56.10 8.15 20.12
CA VAL B 686 -56.50 8.35 21.52
C VAL B 686 -56.35 7.06 22.31
N ASN B 687 -56.74 5.92 21.73
CA ASN B 687 -56.60 4.65 22.43
C ASN B 687 -55.13 4.29 22.63
N ALA B 688 -54.29 4.53 21.62
CA ALA B 688 -52.87 4.24 21.75
C ALA B 688 -52.23 5.13 22.82
N ARG B 689 -52.58 6.41 22.84
CA ARG B 689 -52.04 7.32 23.85
C ARG B 689 -52.51 6.92 25.24
N LEU B 690 -53.78 6.50 25.37
CA LEU B 690 -54.27 6.04 26.67
C LEU B 690 -53.52 4.80 27.12
N GLU B 691 -53.25 3.87 26.20
CA GLU B 691 -52.50 2.67 26.54
C GLU B 691 -51.07 3.02 26.98
N ILE B 692 -50.44 3.96 26.27
CA ILE B 692 -49.09 4.38 26.64
C ILE B 692 -49.09 5.02 28.02
N LEU B 693 -50.08 5.88 28.29
CA LEU B 693 -50.17 6.51 29.60
C LEU B 693 -50.38 5.47 30.70
N LYS B 694 -51.24 4.49 30.45
CA LYS B 694 -51.46 3.44 31.45
C LYS B 694 -50.20 2.63 31.69
N LYS B 695 -49.46 2.29 30.63
CA LYS B 695 -48.23 1.54 30.78
C LYS B 695 -47.19 2.33 31.57
N CYS B 696 -47.08 3.63 31.30
CA CYS B 696 -46.09 4.45 31.98
C CYS B 696 -46.48 4.71 33.44
N THR B 697 -47.77 4.82 33.73
CA THR B 697 -48.26 5.15 35.06
C THR B 697 -48.51 3.91 35.91
N LYS B 698 -48.41 2.72 35.33
CA LYS B 698 -48.69 1.49 36.06
C LYS B 698 -47.85 1.39 37.33
N LYS B 699 -46.59 1.82 37.27
CA LYS B 699 -45.76 1.86 38.47
C LYS B 699 -46.32 2.84 39.49
N PHE B 700 -46.81 3.98 39.04
CA PHE B 700 -47.37 4.98 39.94
C PHE B 700 -48.72 4.50 40.48
N ASN B 701 -49.10 5.07 41.63
CA ASN B 701 -50.35 4.71 42.30
C ASN B 701 -51.48 5.55 41.69
N THR B 702 -52.24 4.93 40.79
CA THR B 702 -53.32 5.63 40.13
C THR B 702 -54.50 5.85 41.07
N GLU B 703 -54.87 4.82 41.84
CA GLU B 703 -56.04 4.93 42.71
C GLU B 703 -55.81 5.91 43.84
N GLU B 704 -54.59 5.96 44.38
CA GLU B 704 -54.30 6.89 45.47
C GLU B 704 -54.39 8.33 44.99
N SER B 705 -53.86 8.62 43.80
CA SER B 705 -53.93 9.98 43.26
C SER B 705 -55.35 10.34 42.86
N GLY B 706 -56.09 9.40 42.28
CA GLY B 706 -57.44 9.64 41.83
C GLY B 706 -57.59 10.00 40.37
N VAL B 707 -56.49 9.98 39.60
CA VAL B 707 -56.58 10.30 38.18
C VAL B 707 -57.28 9.17 37.44
N ASP B 708 -58.16 9.53 36.51
CA ASP B 708 -58.91 8.56 35.73
C ASP B 708 -58.20 8.13 34.45
N LEU B 709 -57.08 8.77 34.12
CA LEU B 709 -56.30 8.47 32.91
C LEU B 709 -57.12 8.64 31.63
N HIS B 710 -58.19 9.42 31.69
CA HIS B 710 -59.04 9.68 30.52
C HIS B 710 -59.05 11.15 30.14
N GLU B 711 -59.25 12.04 31.13
CA GLU B 711 -59.17 13.47 30.84
C GLU B 711 -57.78 13.86 30.38
N LEU B 712 -56.75 13.31 31.03
CA LEU B 712 -55.38 13.57 30.61
C LEU B 712 -55.12 13.05 29.21
N ALA B 713 -55.65 11.87 28.89
CA ALA B 713 -55.47 11.31 27.55
C ALA B 713 -56.17 12.17 26.50
N ASP B 714 -57.36 12.69 26.82
CA ASP B 714 -58.05 13.57 25.90
C ASP B 714 -57.29 14.89 25.73
N ARG B 715 -56.68 15.38 26.80
CA ARG B 715 -55.92 16.64 26.71
C ARG B 715 -54.74 16.51 25.76
N THR B 716 -54.02 15.39 25.83
CA THR B 716 -52.84 15.19 24.99
C THR B 716 -53.22 14.68 23.60
N GLU B 717 -54.17 15.36 22.95
CA GLU B 717 -54.65 14.90 21.65
C GLU B 717 -53.59 15.12 20.56
N GLY B 718 -52.93 16.27 20.57
CA GLY B 718 -51.99 16.64 19.53
C GLY B 718 -50.56 16.22 19.76
N TYR B 719 -50.28 15.40 20.77
CA TYR B 719 -48.91 14.99 21.07
C TYR B 719 -48.54 13.76 20.25
N SER B 720 -47.39 13.16 20.55
CA SER B 720 -46.93 11.96 19.86
C SER B 720 -46.60 10.87 20.87
N GLY B 721 -46.04 9.76 20.39
CA GLY B 721 -45.71 8.67 21.29
C GLY B 721 -44.62 9.01 22.28
N ALA B 722 -43.56 9.69 21.82
CA ALA B 722 -42.46 10.02 22.71
C ALA B 722 -42.81 11.16 23.65
N GLU B 723 -43.68 12.07 23.23
CA GLU B 723 -44.04 13.20 24.07
C GLU B 723 -44.81 12.75 25.31
N VAL B 724 -45.64 11.72 25.18
CA VAL B 724 -46.35 11.17 26.33
C VAL B 724 -45.37 10.60 27.34
N VAL B 725 -44.38 9.85 26.86
CA VAL B 725 -43.37 9.27 27.75
C VAL B 725 -42.57 10.38 28.43
N LEU B 726 -42.22 11.42 27.67
CA LEU B 726 -41.49 12.55 28.26
C LEU B 726 -42.31 13.25 29.33
N LEU B 727 -43.62 13.43 29.07
CA LEU B 727 -44.48 14.05 30.06
C LEU B 727 -44.58 13.21 31.33
N CYS B 728 -44.70 11.89 31.16
CA CYS B 728 -44.74 11.01 32.32
C CYS B 728 -43.44 11.07 33.12
N GLN B 729 -42.30 11.10 32.41
CA GLN B 729 -41.01 11.21 33.09
C GLN B 729 -40.89 12.52 33.84
N GLU B 730 -41.35 13.62 33.24
CA GLU B 730 -41.31 14.92 33.90
C GLU B 730 -42.20 14.94 35.14
N ALA B 731 -43.40 14.34 35.04
CA ALA B 731 -44.27 14.26 36.21
C ALA B 731 -43.64 13.43 37.33
N GLY B 732 -43.01 12.31 36.97
CA GLY B 732 -42.32 11.52 37.98
C GLY B 732 -41.17 12.27 38.62
N LEU B 733 -40.42 13.03 37.82
CA LEU B 733 -39.33 13.82 38.37
C LEU B 733 -39.84 14.90 39.32
N ALA B 734 -40.94 15.55 38.95
CA ALA B 734 -41.53 16.56 39.84
C ALA B 734 -42.01 15.93 41.14
N ALA B 735 -42.62 14.75 41.05
CA ALA B 735 -43.05 14.05 42.25
C ALA B 735 -41.85 13.66 43.12
N ILE B 736 -40.74 13.29 42.48
CA ILE B 736 -39.52 12.97 43.23
C ILE B 736 -39.02 14.20 43.97
N MET B 737 -38.99 15.35 43.29
CA MET B 737 -38.48 16.56 43.94
C MET B 737 -39.41 17.07 45.04
N GLU B 738 -40.73 16.87 44.91
CA GLU B 738 -41.65 17.50 45.85
C GLU B 738 -41.45 16.97 47.27
N ASP B 739 -41.22 15.66 47.44
CA ASP B 739 -41.10 15.09 48.77
C ASP B 739 -40.02 14.01 48.84
N LEU B 740 -38.94 14.16 48.05
CA LEU B 740 -37.86 13.18 48.01
C LEU B 740 -38.40 11.81 47.62
N ASP B 741 -38.71 10.97 48.61
CA ASP B 741 -39.26 9.64 48.34
C ASP B 741 -40.77 9.74 48.20
N VAL B 742 -41.30 9.11 47.15
CA VAL B 742 -42.74 9.14 46.88
C VAL B 742 -43.10 7.91 46.06
N ALA B 743 -44.35 7.47 46.19
CA ALA B 743 -44.85 6.32 45.46
C ALA B 743 -46.04 6.65 44.56
N LYS B 744 -46.38 7.94 44.41
CA LYS B 744 -47.52 8.33 43.60
C LYS B 744 -47.24 9.70 42.98
N VAL B 745 -47.97 10.00 41.90
CA VAL B 745 -47.86 11.27 41.19
C VAL B 745 -49.22 11.96 41.24
N GLU B 746 -49.22 13.23 41.61
CA GLU B 746 -50.45 13.99 41.72
C GLU B 746 -50.75 14.72 40.41
N LEU B 747 -51.88 15.44 40.38
CA LEU B 747 -52.30 16.12 39.17
C LEU B 747 -51.46 17.37 38.91
N ARG B 748 -50.92 17.99 39.96
CA ARG B 748 -50.12 19.19 39.78
C ARG B 748 -48.84 18.89 38.98
N HIS B 749 -48.21 17.75 39.25
CA HIS B 749 -47.02 17.37 38.48
C HIS B 749 -47.36 17.13 37.02
N PHE B 750 -48.50 16.48 36.76
CA PHE B 750 -48.92 16.26 35.38
C PHE B 750 -49.20 17.58 34.67
N GLU B 751 -49.85 18.52 35.36
CA GLU B 751 -50.11 19.82 34.76
C GLU B 751 -48.82 20.57 34.47
N LYS B 752 -47.86 20.53 35.40
CA LYS B 752 -46.58 21.18 35.18
C LYS B 752 -45.84 20.55 34.01
N ALA B 753 -45.86 19.22 33.91
CA ALA B 753 -45.24 18.55 32.78
C ALA B 753 -45.89 18.94 31.46
N PHE B 754 -47.22 18.97 31.43
CA PHE B 754 -47.94 19.36 30.22
C PHE B 754 -47.59 20.79 29.81
N LYS B 755 -47.47 21.68 30.79
CA LYS B 755 -47.03 23.04 30.50
C LYS B 755 -45.60 23.04 29.94
N GLY B 756 -44.73 22.18 30.48
CA GLY B 756 -43.35 22.16 30.04
C GLY B 756 -43.10 21.47 28.71
N ILE B 757 -44.03 20.64 28.25
CA ILE B 757 -43.83 19.93 26.99
C ILE B 757 -44.02 20.90 25.83
N ALA B 758 -43.07 20.90 24.90
CA ALA B 758 -43.15 21.69 23.68
C ALA B 758 -43.48 20.77 22.51
N ARG B 759 -44.52 21.11 21.76
CA ARG B 759 -44.93 20.28 20.64
C ARG B 759 -43.92 20.36 19.51
N GLY B 760 -43.53 19.20 18.98
CA GLY B 760 -42.59 19.15 17.89
C GLY B 760 -43.20 18.66 16.60
N ILE B 761 -44.45 18.21 16.65
CA ILE B 761 -45.16 17.71 15.48
C ILE B 761 -45.86 18.93 14.87
N THR B 762 -45.14 19.66 14.03
CA THR B 762 -45.72 20.81 13.36
C THR B 762 -46.78 20.38 12.35
N PRO B 763 -47.84 21.17 12.19
CA PRO B 763 -48.87 20.81 11.20
C PRO B 763 -48.34 20.74 9.77
N GLU B 764 -47.28 21.49 9.45
CA GLU B 764 -46.72 21.45 8.11
C GLU B 764 -46.16 20.06 7.79
N MET B 765 -45.48 19.44 8.75
CA MET B 765 -44.93 18.11 8.53
C MET B 765 -46.04 17.08 8.31
N LEU B 766 -47.11 17.16 9.11
CA LEU B 766 -48.23 16.24 8.93
C LEU B 766 -48.92 16.46 7.59
N SER B 767 -49.06 17.73 7.18
CA SER B 767 -49.65 18.02 5.88
C SER B 767 -48.80 17.45 4.75
N TYR B 768 -47.47 17.61 4.84
CA TYR B 768 -46.59 17.06 3.82
C TYR B 768 -46.66 15.54 3.79
N TYR B 769 -46.71 14.90 4.95
CA TYR B 769 -46.81 13.45 5.01
C TYR B 769 -48.12 12.95 4.40
N GLU B 770 -49.23 13.61 4.71
CA GLU B 770 -50.51 13.20 4.14
C GLU B 770 -50.57 13.48 2.64
N GLU B 771 -49.92 14.55 2.19
CA GLU B 771 -49.83 14.80 0.75
C GLU B 771 -49.04 13.70 0.05
N PHE B 772 -47.93 13.28 0.64
CA PHE B 772 -47.16 12.17 0.09
C PHE B 772 -47.98 10.88 0.09
N ALA B 773 -48.75 10.66 1.16
CA ALA B 773 -49.59 9.46 1.23
C ALA B 773 -50.66 9.46 0.14
N LEU B 774 -51.32 10.59 -0.08
CA LEU B 774 -52.34 10.65 -1.12
C LEU B 774 -51.72 10.55 -2.51
N ARG B 775 -50.51 11.09 -2.68
CA ARG B 775 -49.81 10.92 -3.94
C ARG B 775 -49.49 9.45 -4.21
N SER B 776 -49.04 8.73 -3.17
CA SER B 776 -48.82 7.30 -3.32
C SER B 776 -50.13 6.56 -3.56
N GLY B 777 -51.18 6.93 -2.83
CA GLY B 777 -52.47 6.30 -2.98
C GLY B 777 -52.59 4.99 -2.23
N LYS C 29 31.39 -18.47 19.56
CA LYS C 29 32.02 -18.91 20.80
C LYS C 29 32.26 -17.73 21.74
N LEU C 30 32.37 -16.53 21.16
CA LEU C 30 32.58 -15.31 21.92
C LEU C 30 31.60 -14.24 21.47
N PRO C 31 31.19 -13.35 22.39
CA PRO C 31 30.25 -12.29 22.01
C PRO C 31 30.96 -11.03 21.54
N ALA C 32 30.35 -10.37 20.55
CA ALA C 32 30.92 -9.14 20.00
C ALA C 32 30.84 -8.00 21.00
N GLU C 33 29.78 -7.94 21.80
CA GLU C 33 29.57 -6.85 22.74
C GLU C 33 29.35 -7.42 24.15
N PHE C 34 29.69 -6.61 25.15
CA PHE C 34 29.58 -7.00 26.54
C PHE C 34 28.78 -5.95 27.31
N ILE C 35 28.13 -6.40 28.38
CA ILE C 35 27.37 -5.52 29.25
C ILE C 35 28.09 -5.44 30.60
N THR C 36 27.97 -4.29 31.25
CA THR C 36 28.67 -4.01 32.49
C THR C 36 27.73 -4.14 33.69
N ARG C 37 28.26 -4.69 34.78
CA ARG C 37 27.54 -4.85 36.03
C ARG C 37 28.47 -4.54 37.19
N PRO C 38 27.93 -4.10 38.33
CA PRO C 38 28.81 -3.80 39.46
C PRO C 38 29.05 -5.02 40.35
N HIS C 39 30.31 -5.31 40.65
CA HIS C 39 30.63 -6.41 41.54
C HIS C 39 30.20 -6.07 42.97
N PRO C 40 29.74 -7.06 43.74
CA PRO C 40 29.24 -6.80 45.09
C PRO C 40 30.38 -6.52 46.06
N SER C 41 30.50 -5.25 46.46
CA SER C 41 31.48 -4.82 47.46
C SER C 41 30.78 -3.97 48.49
N LYS C 42 30.97 -4.32 49.78
CA LYS C 42 30.29 -3.60 50.85
C LYS C 42 31.01 -2.31 51.20
N ASP C 43 32.25 -2.41 51.67
CA ASP C 43 33.05 -1.25 52.06
C ASP C 43 34.32 -1.12 51.24
N HIS C 44 35.13 -2.17 51.17
CA HIS C 44 36.39 -2.14 50.43
C HIS C 44 36.53 -3.46 49.68
N GLY C 45 36.36 -3.40 48.35
CA GLY C 45 36.50 -4.57 47.51
C GLY C 45 37.91 -4.91 47.10
N LYS C 46 38.90 -4.15 47.57
CA LYS C 46 40.33 -4.33 47.32
C LYS C 46 40.69 -4.34 45.84
N GLU C 47 39.77 -3.97 44.96
CA GLU C 47 40.04 -3.89 43.53
C GLU C 47 39.06 -2.93 42.89
N THR C 48 39.58 -1.99 42.11
CA THR C 48 38.76 -1.00 41.42
C THR C 48 38.89 -1.06 39.91
N CYS C 49 40.09 -1.28 39.39
CA CYS C 49 40.35 -1.34 37.95
C CYS C 49 40.46 -2.77 37.45
N THR C 50 39.67 -3.68 38.01
CA THR C 50 39.69 -5.09 37.63
C THR C 50 38.38 -5.48 36.97
N ALA C 51 38.47 -6.33 35.95
CA ALA C 51 37.30 -6.83 35.23
C ALA C 51 37.35 -8.34 35.22
N TYR C 52 36.35 -8.98 35.84
CA TYR C 52 36.31 -10.44 35.89
C TYR C 52 36.12 -11.04 34.50
N ILE C 53 35.26 -10.43 33.68
CA ILE C 53 34.98 -10.89 32.33
C ILE C 53 34.55 -12.35 32.36
N HIS C 54 35.37 -13.23 31.76
CA HIS C 54 35.10 -14.66 31.74
C HIS C 54 36.34 -15.40 31.24
N PRO C 55 36.70 -16.52 31.88
CA PRO C 55 37.88 -17.27 31.42
C PRO C 55 37.78 -17.77 29.99
N ASN C 56 36.59 -18.14 29.52
CA ASN C 56 36.44 -18.69 28.18
C ASN C 56 36.74 -17.64 27.12
N VAL C 57 36.13 -16.46 27.22
CA VAL C 57 36.35 -15.43 26.23
C VAL C 57 37.75 -14.85 26.34
N LEU C 58 38.32 -14.82 27.54
CA LEU C 58 39.67 -14.31 27.72
C LEU C 58 40.69 -15.19 27.00
N SER C 59 40.50 -16.51 27.06
CA SER C 59 41.41 -17.42 26.38
C SER C 59 41.34 -17.23 24.86
N SER C 60 40.14 -17.02 24.33
CA SER C 60 39.99 -16.83 22.89
C SER C 60 40.72 -15.58 22.42
N LEU C 61 40.63 -14.49 23.19
CA LEU C 61 41.32 -13.26 22.85
C LEU C 61 42.82 -13.32 23.11
N GLU C 62 43.30 -14.36 23.77
CA GLU C 62 44.71 -14.53 24.11
C GLU C 62 45.20 -13.34 24.93
N ILE C 63 44.64 -13.22 26.12
CA ILE C 63 45.00 -12.16 27.06
C ILE C 63 45.21 -12.80 28.43
N ASN C 64 46.41 -12.64 28.98
CA ASN C 64 46.70 -13.14 30.30
C ASN C 64 46.21 -12.15 31.37
N PRO C 65 45.92 -12.63 32.58
CA PRO C 65 45.47 -11.71 33.64
C PRO C 65 46.45 -10.60 33.95
N GLY C 66 47.75 -10.87 33.83
CA GLY C 66 48.73 -9.82 34.09
C GLY C 66 48.68 -8.71 33.05
N SER C 67 48.44 -9.06 31.79
CA SER C 67 48.39 -8.06 30.73
C SER C 67 47.17 -7.16 30.88
N PHE C 68 47.34 -5.90 30.48
CA PHE C 68 46.26 -4.93 30.55
C PHE C 68 45.29 -5.12 29.38
N CYS C 69 44.13 -4.47 29.49
CA CYS C 69 43.09 -4.56 28.48
C CYS C 69 42.36 -3.23 28.41
N THR C 70 41.66 -3.01 27.29
CA THR C 70 40.93 -1.78 27.06
C THR C 70 39.47 -2.09 26.76
N VAL C 71 38.57 -1.40 27.46
CA VAL C 71 37.14 -1.51 27.23
C VAL C 71 36.55 -0.11 27.10
N GLY C 72 35.42 -0.04 26.41
CA GLY C 72 34.76 1.24 26.19
C GLY C 72 33.53 1.05 25.34
N LYS C 73 32.81 2.16 25.17
CA LYS C 73 31.58 2.13 24.38
C LYS C 73 31.89 1.91 22.91
N ILE C 74 30.86 1.51 22.16
CA ILE C 74 31.00 1.26 20.74
C ILE C 74 31.28 2.57 20.02
N GLY C 75 32.33 2.59 19.21
CA GLY C 75 32.73 3.80 18.53
C GLY C 75 33.42 4.83 19.40
N GLU C 76 33.98 4.41 20.53
CA GLU C 76 34.65 5.31 21.46
C GLU C 76 36.09 4.83 21.68
N ASN C 77 36.91 5.75 22.22
CA ASN C 77 38.32 5.44 22.44
C ASN C 77 38.48 4.32 23.47
N GLY C 78 37.70 4.35 24.55
CA GLY C 78 37.77 3.33 25.57
C GLY C 78 38.74 3.67 26.69
N ILE C 79 38.70 2.85 27.74
CA ILE C 79 39.53 3.03 28.92
C ILE C 79 40.23 1.71 29.23
N LEU C 80 41.32 1.81 29.97
CA LEU C 80 42.14 0.64 30.28
C LEU C 80 41.68 -0.03 31.57
N VAL C 81 41.55 -1.35 31.53
CA VAL C 81 41.20 -2.16 32.68
C VAL C 81 42.05 -3.42 32.66
N ILE C 82 42.54 -3.82 33.83
CA ILE C 82 43.41 -5.00 33.90
C ILE C 82 42.56 -6.27 33.86
N ALA C 83 43.10 -7.31 33.23
CA ALA C 83 42.37 -8.55 33.06
C ALA C 83 42.33 -9.34 34.37
N ARG C 84 41.19 -10.00 34.60
CA ARG C 84 40.99 -10.84 35.76
C ARG C 84 40.11 -12.01 35.37
N ALA C 85 40.03 -12.99 36.26
CA ALA C 85 39.18 -14.16 36.05
C ALA C 85 38.66 -14.65 37.39
N GLY C 86 37.43 -15.15 37.39
CA GLY C 86 36.84 -15.67 38.60
C GLY C 86 35.38 -16.01 38.40
N ASP C 87 34.76 -16.45 39.50
CA ASP C 87 33.34 -16.78 39.58
C ASP C 87 32.96 -17.96 38.69
N GLU C 88 33.94 -18.70 38.17
CA GLU C 88 33.77 -19.88 37.32
C GLU C 88 32.56 -19.80 36.39
N GLU C 89 31.72 -20.84 36.41
CA GLU C 89 30.56 -20.89 35.52
C GLU C 89 29.45 -19.95 35.95
N VAL C 90 29.46 -19.48 37.20
CA VAL C 90 28.41 -18.58 37.66
C VAL C 90 28.48 -17.25 36.91
N HIS C 91 29.68 -16.81 36.58
CA HIS C 91 29.84 -15.53 35.88
C HIS C 91 29.33 -15.64 34.44
N PRO C 92 28.39 -14.79 34.03
CA PRO C 92 27.96 -14.80 32.63
C PRO C 92 29.07 -14.34 31.70
N VAL C 93 29.06 -14.87 30.48
CA VAL C 93 30.07 -14.50 29.49
C VAL C 93 29.90 -13.05 29.07
N ASN C 94 28.65 -12.62 28.81
CA ASN C 94 28.42 -11.26 28.37
C ASN C 94 28.72 -10.25 29.48
N VAL C 95 28.40 -10.60 30.72
CA VAL C 95 28.55 -9.66 31.83
C VAL C 95 30.02 -9.50 32.18
N ILE C 96 30.46 -8.25 32.29
CA ILE C 96 31.80 -7.92 32.76
C ILE C 96 31.66 -7.00 33.96
N THR C 97 32.35 -7.33 35.05
CA THR C 97 32.23 -6.56 36.28
C THR C 97 33.16 -5.34 36.25
N LEU C 98 32.61 -4.17 36.56
CA LEU C 98 33.38 -2.94 36.65
C LEU C 98 32.96 -2.20 37.92
N SER C 99 33.93 -1.61 38.59
CA SER C 99 33.65 -0.86 39.80
C SER C 99 32.97 0.46 39.48
N THR C 100 32.37 1.06 40.51
CA THR C 100 31.74 2.37 40.33
C THR C 100 32.76 3.45 39.99
N THR C 101 33.93 3.39 40.63
CA THR C 101 34.95 4.40 40.39
C THR C 101 35.48 4.34 38.97
N ILE C 102 35.80 3.14 38.47
CA ILE C 102 36.31 3.02 37.11
C ILE C 102 35.22 3.31 36.09
N ARG C 103 33.96 3.05 36.43
CA ARG C 103 32.86 3.33 35.50
C ARG C 103 32.63 4.82 35.32
N SER C 104 33.13 5.65 36.23
CA SER C 104 32.94 7.09 36.15
C SER C 104 33.99 7.79 35.29
N VAL C 105 34.95 7.04 34.75
CA VAL C 105 35.98 7.66 33.91
C VAL C 105 35.36 8.23 32.64
N GLY C 106 34.48 7.47 32.01
CA GLY C 106 33.82 7.91 30.79
C GLY C 106 32.31 7.88 30.90
N ASN C 107 31.80 8.05 32.12
CA ASN C 107 30.35 8.03 32.39
C ASN C 107 29.72 6.73 31.88
N LEU C 108 30.38 5.61 32.19
CA LEU C 108 29.88 4.30 31.77
C LEU C 108 28.65 3.95 32.60
N ILE C 109 27.47 4.11 31.99
CA ILE C 109 26.23 3.82 32.70
C ILE C 109 26.07 2.32 32.88
N LEU C 110 25.21 1.94 33.82
CA LEU C 110 24.98 0.53 34.12
C LEU C 110 24.35 -0.17 32.92
N GLY C 111 24.91 -1.32 32.55
CA GLY C 111 24.40 -2.09 31.44
C GLY C 111 24.73 -1.57 30.07
N ASP C 112 25.58 -0.55 29.97
CA ASP C 112 25.95 0.00 28.67
C ASP C 112 26.79 -1.02 27.91
N ARG C 113 26.55 -1.11 26.60
CA ARG C 113 27.31 -2.02 25.77
C ARG C 113 28.78 -1.57 25.69
N LEU C 114 29.68 -2.55 25.80
CA LEU C 114 31.11 -2.28 25.82
C LEU C 114 31.82 -3.12 24.76
N GLU C 115 32.97 -2.63 24.31
CA GLU C 115 33.78 -3.29 23.31
C GLU C 115 35.06 -3.82 23.94
N LEU C 116 35.50 -4.99 23.50
CA LEU C 116 36.67 -5.66 24.05
C LEU C 116 37.84 -5.49 23.07
N LYS C 117 38.88 -4.77 23.50
CA LYS C 117 40.06 -4.54 22.69
C LYS C 117 41.30 -4.66 23.56
N LYS C 118 42.42 -5.01 22.92
CA LYS C 118 43.69 -5.19 23.61
C LYS C 118 44.69 -4.15 23.11
N ALA C 119 45.38 -3.50 24.03
CA ALA C 119 46.39 -2.50 23.72
C ALA C 119 47.71 -2.90 24.35
N GLN C 120 48.79 -2.81 23.59
CA GLN C 120 50.12 -3.20 24.03
C GLN C 120 50.95 -2.01 24.52
N VAL C 121 50.35 -0.82 24.59
CA VAL C 121 51.09 0.37 24.98
C VAL C 121 51.28 0.36 26.49
N GLN C 122 52.54 0.50 26.92
CA GLN C 122 52.85 0.52 28.34
C GLN C 122 52.61 1.93 28.90
N PRO C 123 51.78 2.08 29.92
CA PRO C 123 51.54 3.41 30.50
C PRO C 123 52.79 3.96 31.13
N PRO C 124 53.00 5.28 31.07
CA PRO C 124 54.19 5.88 31.69
C PRO C 124 53.92 6.32 33.12
N TYR C 125 55.02 6.44 33.87
CA TYR C 125 54.94 6.86 35.26
C TYR C 125 54.57 8.35 35.35
N ALA C 126 53.82 8.69 36.40
CA ALA C 126 53.39 10.06 36.61
C ALA C 126 54.48 10.88 37.30
N THR C 127 54.46 12.18 37.05
CA THR C 127 55.38 13.12 37.67
C THR C 127 54.70 14.15 38.55
N LYS C 128 53.54 14.67 38.13
CA LYS C 128 52.77 15.64 38.91
C LYS C 128 51.32 15.20 38.92
N VAL C 129 50.72 15.18 40.12
CA VAL C 129 49.34 14.78 40.31
C VAL C 129 48.63 15.85 41.14
N THR C 130 47.49 16.31 40.65
CA THR C 130 46.66 17.30 41.34
C THR C 130 45.36 16.62 41.76
N VAL C 131 45.04 16.68 43.05
CA VAL C 131 43.87 16.03 43.61
C VAL C 131 42.92 17.09 44.15
N GLY C 132 41.67 17.02 43.74
CA GLY C 132 40.66 17.97 44.18
C GLY C 132 39.49 17.32 44.88
N SER C 133 38.36 18.04 44.92
CA SER C 133 37.15 17.52 45.55
C SER C 133 35.95 18.16 44.89
N LEU C 134 34.94 17.35 44.57
CA LEU C 134 33.76 17.88 43.87
C LEU C 134 32.91 18.74 44.79
N GLN C 135 32.84 18.41 46.09
CA GLN C 135 32.05 19.21 47.01
C GLN C 135 32.78 20.47 47.45
N GLY C 136 34.08 20.58 47.18
CA GLY C 136 34.84 21.73 47.58
C GLY C 136 35.29 21.74 49.02
N TYR C 137 35.26 20.59 49.70
CA TYR C 137 35.66 20.50 51.11
C TYR C 137 37.19 20.40 51.19
N ASN C 138 37.85 21.47 50.77
CA ASN C 138 39.30 21.51 50.80
C ASN C 138 39.84 21.70 52.22
N ILE C 139 39.06 22.36 53.09
CA ILE C 139 39.51 22.59 54.46
C ILE C 139 39.66 21.27 55.21
N LEU C 140 38.68 20.37 55.07
CA LEU C 140 38.76 19.08 55.73
C LEU C 140 39.81 18.21 55.06
N GLU C 141 40.68 17.62 55.87
CA GLU C 141 41.76 16.78 55.37
C GLU C 141 41.95 15.58 56.30
N CYS C 142 42.53 14.51 55.75
CA CYS C 142 42.83 13.30 56.49
C CYS C 142 44.32 13.13 56.73
N MET C 143 45.04 14.24 56.90
CA MET C 143 46.48 14.26 57.12
C MET C 143 47.27 13.66 55.95
N GLU C 144 46.63 13.58 54.78
CA GLU C 144 47.27 13.05 53.57
C GLU C 144 47.83 11.65 53.80
N GLU C 145 47.08 10.83 54.53
CA GLU C 145 47.48 9.45 54.81
C GLU C 145 46.54 8.44 54.17
N LYS C 146 45.24 8.52 54.46
CA LYS C 146 44.29 7.56 53.89
C LYS C 146 44.10 7.79 52.40
N VAL C 147 44.06 9.05 51.97
CA VAL C 147 43.82 9.33 50.55
C VAL C 147 45.02 8.90 49.70
N ILE C 148 46.23 9.04 50.22
CA ILE C 148 47.42 8.72 49.43
C ILE C 148 47.51 7.22 49.18
N GLN C 149 47.30 6.41 50.21
CA GLN C 149 47.39 4.97 50.06
C GLN C 149 46.26 4.38 49.23
N LYS C 150 45.14 5.10 49.09
CA LYS C 150 44.02 4.59 48.31
C LYS C 150 44.38 4.47 46.83
N LEU C 151 45.10 5.46 46.28
CA LEU C 151 45.45 5.41 44.87
C LEU C 151 46.46 4.31 44.58
N LEU C 152 47.40 4.08 45.50
CA LEU C 152 48.48 3.14 45.24
C LEU C 152 48.05 1.69 45.50
N ASP C 153 47.62 1.41 46.73
CA ASP C 153 47.34 0.02 47.12
C ASP C 153 46.16 -0.55 46.35
N ASP C 154 45.09 0.22 46.18
CA ASP C 154 43.87 -0.31 45.57
C ASP C 154 44.04 -0.54 44.08
N SER C 155 44.63 0.42 43.37
CA SER C 155 44.74 0.36 41.92
C SER C 155 46.20 0.50 41.51
N GLY C 156 46.67 -0.41 40.65
CA GLY C 156 48.02 -0.29 40.13
C GLY C 156 48.19 0.89 39.21
N VAL C 157 47.18 1.18 38.38
CA VAL C 157 47.21 2.27 37.42
C VAL C 157 46.10 3.24 37.76
N ILE C 158 46.44 4.53 37.83
CA ILE C 158 45.47 5.56 38.18
C ILE C 158 45.11 6.34 36.92
N MET C 159 43.92 6.94 36.94
CA MET C 159 43.41 7.73 35.83
C MET C 159 42.98 9.10 36.32
N PRO C 160 43.02 10.12 35.46
CA PRO C 160 42.63 11.47 35.88
C PRO C 160 41.21 11.56 36.40
N GLY C 161 40.22 11.17 35.58
CA GLY C 161 38.84 11.27 36.00
C GLY C 161 38.34 10.05 36.74
N MET C 162 38.38 10.10 38.07
CA MET C 162 37.93 8.99 38.91
C MET C 162 37.32 9.56 40.18
N ILE C 163 36.21 8.97 40.62
CA ILE C 163 35.49 9.43 41.81
C ILE C 163 35.54 8.32 42.84
N PHE C 164 36.07 8.63 44.02
CA PHE C 164 36.24 7.66 45.10
C PHE C 164 35.28 8.00 46.24
N GLN C 165 34.48 7.02 46.66
CA GLN C 165 33.61 7.22 47.80
C GLN C 165 34.41 7.43 49.08
N ASN C 166 35.51 6.69 49.24
CA ASN C 166 36.43 6.83 50.37
C ASN C 166 35.73 6.59 51.70
N LEU C 167 36.37 6.98 52.79
CA LEU C 167 35.84 6.80 54.14
C LEU C 167 35.93 8.12 54.90
N LYS C 168 35.34 8.13 56.09
CA LYS C 168 35.35 9.32 56.93
C LYS C 168 36.76 9.61 57.43
N THR C 169 37.07 10.89 57.58
CA THR C 169 38.38 11.29 58.08
C THR C 169 38.55 10.88 59.54
N LYS C 170 37.72 11.44 60.42
CA LYS C 170 37.75 11.06 61.84
C LYS C 170 36.34 11.27 62.39
N ALA C 171 35.55 10.19 62.44
CA ALA C 171 34.18 10.23 62.91
C ALA C 171 33.37 11.30 62.18
N GLY C 172 33.56 11.37 60.86
CA GLY C 172 32.89 12.36 60.05
C GLY C 172 31.48 11.94 59.66
N ASP C 173 30.86 12.80 58.85
CA ASP C 173 29.50 12.58 58.37
C ASP C 173 29.51 12.38 56.87
N GLU C 174 28.67 11.46 56.40
CA GLU C 174 28.52 11.12 54.98
C GLU C 174 29.87 10.61 54.48
N SER C 175 30.37 11.06 53.33
CA SER C 175 31.64 10.59 52.81
C SER C 175 32.29 11.71 52.01
N ILE C 176 33.60 11.58 51.79
CA ILE C 176 34.39 12.56 51.06
C ILE C 176 34.75 11.98 49.71
N ASP C 177 34.51 12.75 48.65
CA ASP C 177 34.82 12.35 47.29
C ASP C 177 35.94 13.23 46.74
N VAL C 178 36.97 12.60 46.20
CA VAL C 178 38.13 13.30 45.65
C VAL C 178 38.25 12.98 44.17
N VAL C 179 38.53 14.00 43.37
CA VAL C 179 38.65 13.87 41.91
C VAL C 179 39.99 14.45 41.50
N ILE C 180 40.77 13.68 40.75
CA ILE C 180 42.05 14.15 40.24
C ILE C 180 41.79 15.11 39.08
N THR C 181 42.20 16.37 39.27
CA THR C 181 41.92 17.39 38.26
C THR C 181 42.74 17.15 36.99
N ASP C 182 44.03 16.92 37.13
CA ASP C 182 44.90 16.75 35.98
C ASP C 182 46.14 15.97 36.39
N ALA C 183 46.57 15.06 35.51
CA ALA C 183 47.79 14.29 35.71
C ALA C 183 48.68 14.44 34.48
N SER C 184 49.93 14.83 34.70
CA SER C 184 50.87 15.06 33.61
C SER C 184 52.20 14.40 33.94
N ASP C 185 52.95 14.06 32.90
CA ASP C 185 54.25 13.43 33.06
C ASP C 185 55.35 14.28 32.43
N PHE C 209 43.98 8.14 21.76
CA PHE C 209 43.49 6.77 21.68
C PHE C 209 42.65 6.37 22.88
N TYR C 210 42.70 7.14 23.97
CA TYR C 210 41.94 6.86 25.17
C TYR C 210 41.29 8.15 25.67
N LEU C 211 40.17 7.99 26.39
CA LEU C 211 39.52 9.15 26.98
C LEU C 211 40.41 9.80 28.03
N SER C 212 41.07 9.00 28.86
CA SER C 212 42.00 9.49 29.87
C SER C 212 43.30 8.71 29.76
N PRO C 213 44.44 9.39 29.68
CA PRO C 213 45.72 8.68 29.58
C PRO C 213 45.98 7.82 30.81
N PRO C 214 46.58 6.64 30.63
CA PRO C 214 46.88 5.77 31.78
C PRO C 214 48.20 6.18 32.43
N PHE C 215 48.15 6.49 33.72
CA PHE C 215 49.33 6.93 34.47
C PHE C 215 49.54 5.98 35.64
N ILE C 216 50.80 5.57 35.84
CA ILE C 216 51.17 4.71 36.95
C ILE C 216 51.46 5.57 38.17
N PHE C 217 50.84 5.24 39.29
CA PHE C 217 50.98 6.02 40.51
C PHE C 217 52.10 5.44 41.37
N ARG C 218 53.12 6.26 41.64
CA ARG C 218 54.22 5.88 42.53
C ARG C 218 54.55 7.09 43.38
N LYS C 219 54.55 6.91 44.71
CA LYS C 219 54.75 8.03 45.62
C LYS C 219 56.10 8.69 45.41
N GLY C 220 57.15 7.89 45.23
CA GLY C 220 58.47 8.46 44.98
C GLY C 220 58.57 9.14 43.63
N SER C 221 57.95 8.56 42.60
CA SER C 221 58.09 9.08 41.25
C SER C 221 57.33 10.39 41.07
N THR C 222 56.10 10.45 41.54
CA THR C 222 55.23 11.59 41.31
C THR C 222 55.15 12.48 42.55
N HIS C 223 54.63 13.68 42.36
CA HIS C 223 54.41 14.65 43.42
C HIS C 223 52.91 14.86 43.62
N ILE C 224 52.51 14.99 44.88
CA ILE C 224 51.10 15.13 45.25
C ILE C 224 50.85 16.58 45.64
N THR C 225 49.91 17.22 44.95
CA THR C 225 49.49 18.58 45.26
C THR C 225 48.00 18.62 45.46
N PHE C 226 47.55 19.38 46.47
CA PHE C 226 46.14 19.47 46.83
C PHE C 226 45.57 20.77 46.29
N SER C 227 44.68 20.66 45.31
CA SER C 227 44.00 21.82 44.73
C SER C 227 42.65 21.36 44.22
N LYS C 228 41.59 22.07 44.62
CA LYS C 228 40.23 21.68 44.29
C LYS C 228 39.76 22.40 43.02
N GLU C 229 39.17 21.62 42.10
CA GLU C 229 38.60 22.20 40.89
C GLU C 229 37.28 21.55 40.52
N THR C 230 36.61 20.89 41.47
CA THR C 230 35.35 20.20 41.25
C THR C 230 35.45 19.20 40.09
N GLN C 231 34.96 19.58 38.93
CA GLN C 231 34.99 18.70 37.77
C GLN C 231 36.40 18.58 37.22
N ALA C 232 36.61 17.58 36.36
CA ALA C 232 37.92 17.35 35.77
C ALA C 232 38.26 18.46 34.78
N ASN C 233 39.55 18.55 34.45
CA ASN C 233 40.02 19.57 33.52
C ASN C 233 39.43 19.35 32.13
N ARG C 234 39.10 20.46 31.47
CA ARG C 234 38.48 20.40 30.15
C ARG C 234 39.46 19.98 29.05
N LYS C 235 40.77 19.97 29.34
CA LYS C 235 41.73 19.56 28.32
C LYS C 235 41.55 18.09 27.94
N TYR C 236 41.28 17.24 28.93
CA TYR C 236 41.06 15.82 28.67
C TYR C 236 39.76 15.55 27.92
N ASN C 237 38.86 16.52 27.84
CA ASN C 237 37.57 16.37 27.16
C ASN C 237 36.77 15.20 27.76
N LEU C 238 36.88 15.04 29.07
CA LEU C 238 36.14 13.97 29.75
C LEU C 238 34.67 14.36 29.84
N PRO C 239 33.74 13.49 29.43
CA PRO C 239 32.32 13.84 29.51
C PRO C 239 31.88 14.06 30.95
N GLU C 240 30.99 15.03 31.14
CA GLU C 240 30.48 15.36 32.46
C GLU C 240 29.09 14.76 32.63
N PRO C 241 28.87 13.90 33.62
CA PRO C 241 27.53 13.32 33.82
C PRO C 241 26.51 14.41 34.12
N LEU C 242 25.30 14.23 33.61
CA LEU C 242 24.24 15.21 33.78
C LEU C 242 23.74 15.19 35.22
N SER C 243 23.65 16.37 35.82
CA SER C 243 23.16 16.53 37.18
C SER C 243 21.75 17.11 37.16
N TYR C 244 21.08 17.04 38.31
CA TYR C 244 19.72 17.55 38.42
C TYR C 244 19.66 19.07 38.36
N ALA C 245 20.78 19.75 38.54
CA ALA C 245 20.81 21.21 38.45
C ALA C 245 20.57 21.71 37.03
N ALA C 246 20.88 20.89 36.03
CA ALA C 246 20.67 21.32 34.64
C ALA C 246 19.20 21.57 34.34
N VAL C 247 18.33 20.69 34.84
CA VAL C 247 16.90 20.84 34.60
C VAL C 247 16.34 21.84 35.59
N GLY C 248 15.64 22.85 35.09
CA GLY C 248 15.05 23.87 35.93
C GLY C 248 13.64 24.21 35.48
N GLY C 249 12.84 24.65 36.43
CA GLY C 249 11.47 25.01 36.17
C GLY C 249 10.49 23.85 36.11
N LEU C 250 10.96 22.62 36.33
CA LEU C 250 10.12 21.43 36.29
C LEU C 250 10.08 20.75 37.66
N ASP C 251 10.02 21.56 38.72
CA ASP C 251 10.11 21.01 40.07
C ASP C 251 8.96 20.06 40.37
N LYS C 252 7.73 20.44 39.99
CA LYS C 252 6.57 19.61 40.28
C LYS C 252 6.67 18.25 39.57
N GLU C 253 7.08 18.26 38.31
CA GLU C 253 7.22 17.01 37.57
C GLU C 253 8.44 16.22 38.00
N ILE C 254 9.55 16.91 38.29
CA ILE C 254 10.78 16.21 38.66
C ILE C 254 10.63 15.55 40.02
N GLU C 255 9.86 16.15 40.94
CA GLU C 255 9.63 15.50 42.23
C GLU C 255 8.85 14.20 42.07
N SER C 256 7.81 14.22 41.24
CA SER C 256 7.03 13.01 40.98
C SER C 256 7.90 11.96 40.29
N LEU C 257 8.73 12.37 39.34
CA LEU C 257 9.61 11.42 38.67
C LEU C 257 10.60 10.80 39.64
N LYS C 258 11.19 11.62 40.51
CA LYS C 258 12.13 11.12 41.51
C LYS C 258 11.45 10.14 42.45
N SER C 259 10.23 10.45 42.90
CA SER C 259 9.51 9.53 43.77
C SER C 259 9.22 8.22 43.07
N ALA C 260 8.71 8.29 41.83
CA ALA C 260 8.34 7.08 41.11
C ALA C 260 9.53 6.27 40.65
N ILE C 261 10.73 6.85 40.65
CA ILE C 261 11.93 6.08 40.37
C ILE C 261 12.55 5.51 41.64
N GLU C 262 12.50 6.25 42.75
CA GLU C 262 13.18 5.84 43.97
C GLU C 262 12.36 4.83 44.76
N ILE C 263 11.08 5.13 45.01
CA ILE C 263 10.28 4.28 45.89
C ILE C 263 10.13 2.85 45.37
N PRO C 264 9.74 2.62 44.12
CA PRO C 264 9.58 1.22 43.66
C PRO C 264 10.89 0.47 43.50
N LEU C 265 12.02 1.17 43.37
CA LEU C 265 13.30 0.52 43.11
C LEU C 265 14.15 0.40 44.38
N HIS C 266 14.43 1.52 45.03
CA HIS C 266 15.31 1.51 46.20
C HIS C 266 14.61 1.11 47.49
N GLN C 267 13.27 1.06 47.50
CA GLN C 267 12.50 0.64 48.66
C GLN C 267 11.47 -0.40 48.23
N PRO C 268 11.92 -1.61 47.88
CA PRO C 268 10.97 -2.64 47.41
C PRO C 268 9.90 -3.00 48.44
N THR C 269 10.24 -3.02 49.73
CA THR C 269 9.32 -3.51 50.75
C THR C 269 8.53 -2.35 51.37
N LEU C 270 7.79 -1.67 50.49
CA LEU C 270 6.76 -0.72 50.93
C LEU C 270 5.39 -1.08 50.39
N PHE C 271 5.26 -1.27 49.09
CA PHE C 271 3.99 -1.71 48.52
C PHE C 271 3.69 -3.14 48.88
N SER C 272 4.72 -3.96 49.07
CA SER C 272 4.50 -5.32 49.58
C SER C 272 3.90 -5.28 50.98
N SER C 273 4.42 -4.41 51.84
CA SER C 273 3.84 -4.25 53.17
C SER C 273 2.42 -3.70 53.08
N PHE C 274 2.18 -2.78 52.16
CA PHE C 274 0.84 -2.27 51.91
C PHE C 274 0.06 -3.28 51.06
N GLY C 275 -1.13 -2.90 50.61
CA GLY C 275 -1.98 -3.77 49.83
C GLY C 275 -2.02 -3.50 48.35
N VAL C 276 -1.07 -2.75 47.80
CA VAL C 276 -1.07 -2.39 46.40
C VAL C 276 0.21 -2.89 45.74
N SER C 277 0.14 -3.11 44.43
CA SER C 277 1.31 -3.50 43.66
C SER C 277 2.18 -2.28 43.37
N PRO C 278 3.49 -2.47 43.26
CA PRO C 278 4.38 -1.34 42.94
C PRO C 278 4.07 -0.77 41.57
N PRO C 279 4.17 0.55 41.41
CA PRO C 279 3.90 1.15 40.10
C PRO C 279 4.92 0.74 39.07
N ARG C 280 4.47 0.67 37.82
CA ARG C 280 5.33 0.32 36.69
C ARG C 280 4.91 1.14 35.48
N GLY C 281 5.89 1.74 34.82
CA GLY C 281 5.61 2.50 33.61
C GLY C 281 5.35 3.97 33.86
N ILE C 282 6.16 4.83 33.25
CA ILE C 282 5.99 6.28 33.34
C ILE C 282 6.05 6.85 31.94
N LEU C 283 5.07 7.68 31.58
CA LEU C 283 4.98 8.27 30.25
C LEU C 283 5.20 9.77 30.34
N LEU C 284 6.12 10.28 29.52
CA LEU C 284 6.40 11.71 29.43
C LEU C 284 5.98 12.21 28.05
N HIS C 285 5.14 13.24 28.02
CA HIS C 285 4.64 13.79 26.77
C HIS C 285 4.61 15.31 26.86
N GLY C 286 4.72 15.95 25.70
CA GLY C 286 4.69 17.38 25.61
C GLY C 286 5.25 17.90 24.30
N PRO C 287 5.27 19.22 24.12
CA PRO C 287 5.83 19.79 22.90
C PRO C 287 7.32 19.51 22.80
N PRO C 288 7.87 19.41 21.60
CA PRO C 288 9.31 19.17 21.46
C PRO C 288 10.12 20.34 22.00
N GLY C 289 11.32 20.01 22.49
CA GLY C 289 12.21 21.00 23.06
C GLY C 289 12.02 21.27 24.54
N THR C 290 11.07 20.61 25.18
CA THR C 290 10.83 20.83 26.60
C THR C 290 11.84 20.13 27.50
N GLY C 291 12.59 19.18 26.97
CA GLY C 291 13.61 18.50 27.73
C GLY C 291 13.26 17.12 28.25
N LYS C 292 12.36 16.41 27.59
CA LYS C 292 12.03 15.05 28.03
C LYS C 292 13.23 14.12 27.89
N THR C 293 13.95 14.22 26.77
CA THR C 293 15.15 13.39 26.59
C THR C 293 16.22 13.75 27.61
N MET C 294 16.37 15.04 27.92
CA MET C 294 17.31 15.45 28.95
C MET C 294 16.92 14.89 30.31
N LEU C 295 15.61 14.91 30.62
CA LEU C 295 15.14 14.33 31.88
C LEU C 295 15.43 12.83 31.95
N LEU C 296 15.18 12.12 30.85
CA LEU C 296 15.49 10.69 30.82
C LEU C 296 16.98 10.44 31.01
N ARG C 297 17.82 11.23 30.33
CA ARG C 297 19.26 11.06 30.46
C ARG C 297 19.73 11.32 31.89
N VAL C 298 19.21 12.39 32.52
CA VAL C 298 19.66 12.72 33.86
C VAL C 298 19.16 11.70 34.88
N VAL C 299 17.94 11.19 34.71
CA VAL C 299 17.45 10.19 35.64
C VAL C 299 18.19 8.87 35.45
N ALA C 300 18.62 8.57 34.22
CA ALA C 300 19.46 7.40 34.01
C ALA C 300 20.82 7.57 34.66
N ASN C 301 21.42 8.76 34.52
CA ASN C 301 22.75 9.00 35.08
C ASN C 301 22.73 8.98 36.61
N THR C 302 21.70 9.56 37.22
CA THR C 302 21.63 9.65 38.67
C THR C 302 21.19 8.35 39.33
N SER C 303 20.70 7.38 38.55
CA SER C 303 20.24 6.11 39.11
C SER C 303 21.37 5.08 39.09
N ASN C 304 21.41 4.24 40.11
CA ASN C 304 22.39 3.16 40.22
C ASN C 304 21.81 1.83 39.81
N ALA C 305 20.93 1.82 38.81
CA ALA C 305 20.24 0.62 38.36
C ALA C 305 20.51 0.37 36.89
N HIS C 306 20.26 -0.86 36.47
CA HIS C 306 20.43 -1.23 35.06
C HIS C 306 19.49 -0.40 34.18
N VAL C 307 20.03 0.08 33.06
CA VAL C 307 19.25 0.86 32.10
C VAL C 307 19.45 0.26 30.71
N LEU C 308 18.34 0.16 29.97
CA LEU C 308 18.36 -0.36 28.60
C LEU C 308 17.71 0.67 27.69
N THR C 309 18.37 0.97 26.58
CA THR C 309 17.90 1.96 25.62
C THR C 309 17.38 1.24 24.39
N ILE C 310 16.09 1.40 24.10
CA ILE C 310 15.47 0.85 22.91
C ILE C 310 14.85 1.99 22.11
N ASN C 311 15.45 3.18 22.21
CA ASN C 311 14.91 4.36 21.57
C ASN C 311 14.81 4.18 20.06
N GLY C 312 13.70 4.63 19.50
CA GLY C 312 13.49 4.58 18.07
C GLY C 312 12.92 3.25 17.61
N PRO C 313 12.60 3.17 16.31
CA PRO C 313 12.06 1.92 15.76
C PRO C 313 13.16 0.92 15.41
N SER C 314 14.36 1.09 15.98
CA SER C 314 15.48 0.23 15.64
C SER C 314 15.24 -1.23 16.02
N ILE C 315 14.24 -1.51 16.85
CA ILE C 315 13.97 -2.88 17.28
C ILE C 315 13.55 -3.74 16.11
N VAL C 316 12.78 -3.19 15.17
CA VAL C 316 12.23 -4.00 14.09
C VAL C 316 13.36 -4.47 13.16
N SER C 317 13.07 -5.51 12.38
CA SER C 317 14.03 -6.06 11.44
C SER C 317 13.27 -6.59 10.22
N LYS C 318 14.03 -7.03 9.22
CA LYS C 318 13.42 -7.56 8.01
C LYS C 318 12.66 -8.84 8.29
N TYR C 319 13.16 -9.67 9.19
CA TYR C 319 12.47 -10.91 9.54
C TYR C 319 11.30 -10.62 10.46
N LEU C 320 10.19 -11.31 10.23
CA LEU C 320 8.99 -11.08 11.03
C LEU C 320 9.17 -11.59 12.46
N GLY C 321 10.01 -12.60 12.65
CA GLY C 321 10.23 -13.20 13.96
C GLY C 321 11.29 -12.54 14.81
N GLU C 322 11.88 -11.44 14.34
CA GLU C 322 12.94 -10.76 15.08
C GLU C 322 12.45 -9.56 15.87
N THR C 323 11.38 -8.88 15.42
CA THR C 323 10.89 -7.71 16.12
C THR C 323 10.43 -8.06 17.53
N GLU C 324 9.64 -9.12 17.68
CA GLU C 324 9.21 -9.54 19.00
C GLU C 324 10.33 -10.23 19.77
N ALA C 325 11.23 -10.92 19.06
CA ALA C 325 12.33 -11.62 19.72
C ALA C 325 13.27 -10.63 20.41
N ALA C 326 13.57 -9.50 19.76
CA ALA C 326 14.44 -8.51 20.36
C ALA C 326 13.82 -7.93 21.63
N LEU C 327 12.53 -7.60 21.59
CA LEU C 327 11.85 -7.08 22.77
C LEU C 327 11.82 -8.12 23.89
N ARG C 328 11.56 -9.39 23.54
CA ARG C 328 11.55 -10.44 24.55
C ARG C 328 12.92 -10.60 25.19
N ASP C 329 13.98 -10.56 24.39
CA ASP C 329 15.34 -10.68 24.93
C ASP C 329 15.65 -9.50 25.85
N ILE C 330 15.28 -8.29 25.42
CA ILE C 330 15.56 -7.10 26.23
C ILE C 330 14.81 -7.16 27.55
N PHE C 331 13.53 -7.56 27.51
CA PHE C 331 12.74 -7.65 28.74
C PHE C 331 13.26 -8.75 29.65
N ASN C 332 13.70 -9.88 29.08
CA ASN C 332 14.27 -10.95 29.90
C ASN C 332 15.56 -10.48 30.57
N GLU C 333 16.40 -9.75 29.83
CA GLU C 333 17.62 -9.21 30.41
C GLU C 333 17.30 -8.23 31.53
N ALA C 334 16.28 -7.38 31.32
CA ALA C 334 15.88 -6.44 32.36
C ALA C 334 15.37 -7.17 33.60
N ARG C 335 14.59 -8.23 33.40
CA ARG C 335 14.06 -8.99 34.53
C ARG C 335 15.13 -9.83 35.21
N LYS C 336 16.24 -10.12 34.53
CA LYS C 336 17.30 -10.90 35.14
C LYS C 336 17.91 -10.18 36.34
N TYR C 337 18.11 -8.87 36.23
CA TYR C 337 18.65 -8.06 37.31
C TYR C 337 17.51 -7.21 37.88
N GLN C 338 17.28 -7.34 39.19
CA GLN C 338 16.16 -6.63 39.82
C GLN C 338 16.25 -5.11 39.65
N PRO C 339 17.38 -4.44 39.94
CA PRO C 339 17.41 -2.99 39.69
C PRO C 339 17.63 -2.65 38.22
N SER C 340 16.53 -2.66 37.45
CA SER C 340 16.58 -2.42 36.02
C SER C 340 15.57 -1.35 35.64
N ILE C 341 15.94 -0.53 34.64
CA ILE C 341 15.09 0.53 34.11
C ILE C 341 15.08 0.41 32.60
N ILE C 342 13.90 0.60 32.00
CA ILE C 342 13.73 0.53 30.55
C ILE C 342 13.34 1.92 30.04
N PHE C 343 14.04 2.38 29.01
CA PHE C 343 13.83 3.71 28.44
C PHE C 343 13.35 3.57 27.01
N ILE C 344 12.27 4.29 26.68
CA ILE C 344 11.70 4.29 25.34
C ILE C 344 11.55 5.73 24.88
N ASP C 345 12.02 6.01 23.66
CA ASP C 345 11.86 7.31 23.04
C ASP C 345 11.01 7.17 21.78
N GLN C 346 10.03 8.06 21.62
CA GLN C 346 9.10 8.03 20.50
C GLN C 346 8.36 6.70 20.44
N ILE C 347 7.62 6.42 21.51
CA ILE C 347 6.87 5.16 21.60
C ILE C 347 5.72 5.13 20.61
N ASP C 348 5.29 6.29 20.11
CA ASP C 348 4.19 6.33 19.14
C ASP C 348 4.57 5.60 17.85
N SER C 349 5.80 5.80 17.38
CA SER C 349 6.22 5.17 16.14
C SER C 349 6.35 3.65 16.30
N ILE C 350 7.01 3.22 17.36
CA ILE C 350 7.22 1.78 17.56
C ILE C 350 5.91 1.08 17.90
N ALA C 351 5.02 1.74 18.64
CA ALA C 351 3.75 1.16 19.08
C ALA C 351 2.62 2.10 18.72
N PRO C 352 2.21 2.13 17.45
CA PRO C 352 1.09 2.99 17.04
C PRO C 352 -0.24 2.39 17.45
N ASN C 353 -1.28 3.22 17.35
CA ASN C 353 -2.63 2.78 17.67
C ASN C 353 -3.09 1.74 16.66
N ARG C 354 -3.80 0.72 17.15
CA ARG C 354 -4.34 -0.34 16.30
C ARG C 354 -5.73 -0.02 15.78
N ALA C 355 -6.36 1.06 16.26
CA ALA C 355 -7.71 1.41 15.81
C ALA C 355 -7.71 2.01 14.41
N ASN C 356 -6.66 2.73 14.03
CA ASN C 356 -6.62 3.37 12.73
C ASN C 356 -6.44 2.34 11.62
N ASP C 357 -6.86 2.73 10.41
CA ASP C 357 -6.80 1.82 9.27
C ASP C 357 -5.35 1.50 8.87
N ASP C 358 -4.44 2.44 9.04
CA ASP C 358 -3.05 2.28 8.63
C ASP C 358 -2.18 1.68 9.72
N SER C 359 -2.77 0.91 10.65
CA SER C 359 -1.98 0.31 11.73
C SER C 359 -0.96 -0.67 11.18
N GLY C 360 -1.42 -1.74 10.55
CA GLY C 360 -0.52 -2.74 10.01
C GLY C 360 -0.46 -3.99 10.88
N GLU C 361 -0.29 -5.14 10.22
CA GLU C 361 -0.26 -6.41 10.94
C GLU C 361 0.95 -6.51 11.85
N VAL C 362 2.13 -6.11 11.36
CA VAL C 362 3.34 -6.18 12.19
C VAL C 362 3.26 -5.20 13.34
N GLU C 363 2.68 -4.02 13.11
CA GLU C 363 2.50 -3.06 14.19
C GLU C 363 1.53 -3.58 15.25
N SER C 364 0.44 -4.23 14.82
CA SER C 364 -0.47 -4.84 15.77
C SER C 364 0.22 -5.95 16.57
N ARG C 365 1.04 -6.75 15.89
CA ARG C 365 1.74 -7.82 16.58
C ARG C 365 2.72 -7.29 17.62
N VAL C 366 3.49 -6.26 17.26
CA VAL C 366 4.46 -5.71 18.21
C VAL C 366 3.75 -5.01 19.36
N VAL C 367 2.61 -4.35 19.09
CA VAL C 367 1.83 -3.76 20.16
C VAL C 367 1.32 -4.83 21.11
N ALA C 368 0.82 -5.94 20.56
CA ALA C 368 0.32 -7.03 21.40
C ALA C 368 1.42 -7.63 22.25
N THR C 369 2.61 -7.85 21.66
CA THR C 369 3.69 -8.42 22.44
C THR C 369 4.20 -7.45 23.50
N LEU C 370 4.20 -6.14 23.21
CA LEU C 370 4.55 -5.16 24.22
C LEU C 370 3.54 -5.17 25.37
N LEU C 371 2.25 -5.26 25.04
CA LEU C 371 1.22 -5.34 26.07
C LEU C 371 1.40 -6.59 26.92
N THR C 372 1.69 -7.72 26.29
CA THR C 372 1.89 -8.97 27.04
C THR C 372 3.11 -8.88 27.95
N LEU C 373 4.20 -8.29 27.45
CA LEU C 373 5.42 -8.20 28.25
C LEU C 373 5.26 -7.22 29.41
N MET C 374 4.54 -6.11 29.18
CA MET C 374 4.37 -5.12 30.25
C MET C 374 3.49 -5.66 31.37
N ASP C 375 2.35 -6.26 31.01
CA ASP C 375 1.41 -6.80 32.00
C ASP C 375 0.80 -8.07 31.42
N GLY C 376 1.06 -9.20 32.07
CA GLY C 376 0.55 -10.46 31.60
C GLY C 376 0.96 -11.57 32.54
N MET C 377 0.86 -12.81 32.05
CA MET C 377 1.26 -13.96 32.83
C MET C 377 2.75 -13.90 33.15
N GLY C 378 3.10 -14.15 34.39
CA GLY C 378 4.48 -14.05 34.84
C GLY C 378 4.77 -12.72 35.50
N ALA C 379 4.99 -12.75 36.81
CA ALA C 379 5.22 -11.52 37.55
C ALA C 379 6.61 -10.96 37.28
N ALA C 380 6.68 -9.63 37.16
CA ALA C 380 7.94 -8.91 36.97
C ALA C 380 8.13 -7.97 38.15
N GLY C 381 9.31 -8.02 38.77
CA GLY C 381 9.58 -7.22 39.94
C GLY C 381 10.65 -6.16 39.75
N LYS C 382 10.41 -4.98 40.32
CA LYS C 382 11.36 -3.86 40.28
C LYS C 382 11.74 -3.50 38.85
N VAL C 383 10.75 -3.53 37.97
CA VAL C 383 10.93 -3.19 36.56
C VAL C 383 10.09 -1.96 36.26
N VAL C 384 10.73 -0.91 35.78
CA VAL C 384 10.07 0.34 35.41
C VAL C 384 10.42 0.68 33.96
N VAL C 385 9.43 1.08 33.19
CA VAL C 385 9.60 1.40 31.78
C VAL C 385 9.28 2.89 31.62
N ILE C 386 10.24 3.65 31.11
CA ILE C 386 10.04 5.08 30.88
C ILE C 386 9.89 5.32 29.39
N ALA C 387 8.78 5.96 29.01
CA ALA C 387 8.47 6.21 27.61
C ALA C 387 8.29 7.71 27.40
N ALA C 388 8.83 8.21 26.29
CA ALA C 388 8.71 9.61 25.91
C ALA C 388 8.17 9.70 24.50
N THR C 389 7.22 10.61 24.29
CA THR C 389 6.60 10.78 22.97
C THR C 389 6.07 12.21 22.86
N ASN C 390 5.82 12.61 21.62
CA ASN C 390 5.30 13.94 21.34
C ASN C 390 3.77 13.96 21.25
N ARG C 391 3.18 12.97 20.59
CA ARG C 391 1.73 12.89 20.42
C ARG C 391 1.19 11.67 21.15
N PRO C 392 0.61 11.82 22.34
CA PRO C 392 0.05 10.66 23.05
C PRO C 392 -1.12 10.02 22.34
N ASN C 393 -1.79 10.73 21.42
CA ASN C 393 -2.93 10.16 20.72
C ASN C 393 -2.51 8.99 19.84
N SER C 394 -1.36 9.09 19.19
CA SER C 394 -0.87 7.99 18.35
C SER C 394 -0.54 6.75 19.16
N VAL C 395 -0.25 6.89 20.45
CA VAL C 395 0.01 5.74 21.29
C VAL C 395 -1.27 4.94 21.48
N ASP C 396 -1.13 3.62 21.55
CA ASP C 396 -2.29 2.76 21.72
C ASP C 396 -2.97 3.04 23.05
N PRO C 397 -4.31 3.15 23.07
CA PRO C 397 -5.00 3.41 24.35
C PRO C 397 -4.78 2.32 25.38
N ALA C 398 -4.60 1.07 24.95
CA ALA C 398 -4.34 -0.01 25.90
C ALA C 398 -2.99 0.16 26.59
N LEU C 399 -2.02 0.76 25.92
CA LEU C 399 -0.74 1.06 26.57
C LEU C 399 -0.94 2.08 27.68
N ARG C 400 -1.77 3.09 27.45
CA ARG C 400 -2.06 4.11 28.46
C ARG C 400 -3.11 3.56 29.44
N ARG C 401 -2.66 2.61 30.25
CA ARG C 401 -3.50 1.92 31.23
C ARG C 401 -2.80 1.92 32.58
N PRO C 402 -3.56 1.98 33.67
CA PRO C 402 -2.93 1.96 35.00
C PRO C 402 -2.05 0.75 35.25
N GLY C 403 -2.36 -0.39 34.61
CA GLY C 403 -1.51 -1.56 34.75
C GLY C 403 -0.20 -1.46 34.01
N ARG C 404 -0.11 -0.58 33.01
CA ARG C 404 1.09 -0.43 32.21
C ARG C 404 1.69 0.97 32.30
N PHE C 405 0.87 2.01 32.15
CA PHE C 405 1.31 3.40 32.30
C PHE C 405 0.33 4.08 33.23
N ASP C 406 0.56 3.97 34.55
CA ASP C 406 -0.38 4.52 35.52
C ASP C 406 -0.23 6.04 35.63
N GLN C 407 0.99 6.55 35.59
CA GLN C 407 1.26 7.96 35.76
C GLN C 407 1.77 8.56 34.46
N GLU C 408 1.13 9.64 34.01
CA GLU C 408 1.53 10.37 32.81
C GLU C 408 2.02 11.75 33.22
N VAL C 409 3.24 12.09 32.80
CA VAL C 409 3.86 13.36 33.14
C VAL C 409 3.77 14.27 31.92
N GLU C 410 3.12 15.41 32.10
CA GLU C 410 2.95 16.40 31.04
C GLU C 410 3.89 17.57 31.28
N ILE C 411 4.70 17.90 30.28
CA ILE C 411 5.65 19.01 30.35
C ILE C 411 5.21 20.02 29.32
N GLY C 412 4.55 21.09 29.76
CA GLY C 412 4.06 22.12 28.87
C GLY C 412 5.13 23.15 28.55
N ILE C 413 4.69 24.20 27.87
CA ILE C 413 5.61 25.28 27.50
C ILE C 413 6.07 26.00 28.76
N PRO C 414 7.37 26.19 28.96
CA PRO C 414 7.85 26.87 30.17
C PRO C 414 7.32 28.29 30.27
N ASP C 415 7.00 28.71 31.49
CA ASP C 415 6.52 30.04 31.76
C ASP C 415 7.70 30.97 32.06
N VAL C 416 7.41 32.17 32.57
CA VAL C 416 8.47 33.14 32.86
C VAL C 416 9.41 32.59 33.93
N ASP C 417 8.86 31.99 34.98
CA ASP C 417 9.69 31.47 36.06
C ASP C 417 10.60 30.34 35.58
N ALA C 418 10.05 29.41 34.80
CA ALA C 418 10.86 28.30 34.31
C ALA C 418 11.95 28.79 33.35
N ARG C 419 11.61 29.74 32.48
CA ARG C 419 12.60 30.30 31.57
C ARG C 419 13.71 31.02 32.34
N PHE C 420 13.34 31.77 33.38
CA PHE C 420 14.33 32.45 34.20
C PHE C 420 15.23 31.45 34.91
N ASP C 421 14.65 30.36 35.43
CA ASP C 421 15.44 29.33 36.09
C ASP C 421 16.42 28.68 35.12
N ILE C 422 15.95 28.36 33.92
CA ILE C 422 16.82 27.74 32.91
C ILE C 422 17.95 28.69 32.53
N LEU C 423 17.63 29.97 32.34
CA LEU C 423 18.66 30.94 31.99
C LEU C 423 19.69 31.10 33.11
N THR C 424 19.22 31.13 34.36
CA THR C 424 20.14 31.24 35.48
C THR C 424 21.06 30.03 35.57
N LYS C 425 20.51 28.83 35.36
CA LYS C 425 21.34 27.64 35.38
C LYS C 425 22.36 27.65 34.25
N GLN C 426 21.93 28.06 33.05
CA GLN C 426 22.85 28.11 31.91
C GLN C 426 23.97 29.11 32.15
N PHE C 427 23.65 30.26 32.76
CA PHE C 427 24.69 31.25 33.03
C PHE C 427 25.62 30.80 34.15
N SER C 428 25.06 30.17 35.19
CA SER C 428 25.88 29.63 36.27
C SER C 428 26.78 28.50 35.78
N ARG C 429 26.41 27.85 34.68
CA ARG C 429 27.29 26.84 34.10
C ARG C 429 28.63 27.45 33.69
N MET C 430 28.59 28.62 33.04
CA MET C 430 29.82 29.33 32.71
C MET C 430 30.40 30.05 33.92
N SER C 431 29.57 30.43 34.89
CA SER C 431 29.98 31.13 36.10
C SER C 431 30.48 32.54 35.78
N SER C 432 30.97 33.24 36.81
CA SER C 432 31.31 34.65 36.64
C SER C 432 32.61 34.85 35.86
N ASP C 433 33.51 33.87 35.88
CA ASP C 433 34.79 34.04 35.19
C ASP C 433 34.60 34.13 33.68
N ARG C 434 33.73 33.30 33.11
CA ARG C 434 33.54 33.32 31.66
C ARG C 434 32.74 34.54 31.21
N HIS C 435 31.68 34.89 31.95
CA HIS C 435 30.83 36.01 31.58
C HIS C 435 30.36 36.73 32.84
N VAL C 436 30.01 38.01 32.67
CA VAL C 436 29.47 38.83 33.75
C VAL C 436 28.07 39.25 33.35
N LEU C 437 27.10 38.99 34.23
CA LEU C 437 25.70 39.34 33.98
C LEU C 437 24.96 39.36 35.31
N ASP C 438 24.28 40.46 35.59
CA ASP C 438 23.51 40.57 36.82
C ASP C 438 22.21 39.78 36.71
N SER C 439 21.60 39.51 37.88
CA SER C 439 20.33 38.78 37.91
C SER C 439 19.23 39.58 37.24
N GLU C 440 19.26 40.91 37.35
CA GLU C 440 18.26 41.73 36.69
C GLU C 440 18.32 41.58 35.18
N ALA C 441 19.53 41.52 34.62
CA ALA C 441 19.67 41.31 33.18
C ALA C 441 19.12 39.95 32.76
N ILE C 442 19.38 38.91 33.56
CA ILE C 442 18.86 37.59 33.26
C ILE C 442 17.33 37.59 33.29
N LYS C 443 16.75 38.26 34.30
CA LYS C 443 15.30 38.34 34.37
C LYS C 443 14.72 39.10 33.19
N TYR C 444 15.40 40.18 32.77
CA TYR C 444 14.94 40.93 31.60
C TYR C 444 14.99 40.08 30.34
N ILE C 445 16.06 39.31 30.16
CA ILE C 445 16.16 38.43 29.00
C ILE C 445 15.07 37.38 29.03
N ALA C 446 14.81 36.79 30.21
CA ALA C 446 13.76 35.79 30.32
C ALA C 446 12.40 36.37 30.01
N SER C 447 12.13 37.60 30.48
CA SER C 447 10.86 38.26 30.18
C SER C 447 10.74 38.55 28.69
N LYS C 448 11.84 38.97 28.05
CA LYS C 448 11.79 39.27 26.63
C LYS C 448 11.48 38.02 25.80
N THR C 449 12.07 36.88 26.17
CA THR C 449 11.83 35.63 25.47
C THR C 449 10.47 35.07 25.90
N HIS C 450 9.48 35.16 25.02
CA HIS C 450 8.14 34.68 25.35
C HIS C 450 7.92 33.25 24.86
N GLY C 451 8.05 33.02 23.57
CA GLY C 451 7.83 31.71 22.99
C GLY C 451 9.01 30.77 23.01
N TYR C 452 10.12 31.19 23.60
CA TYR C 452 11.32 30.35 23.62
C TYR C 452 11.13 29.18 24.59
N VAL C 453 11.74 28.06 24.24
CA VAL C 453 11.71 26.85 25.07
C VAL C 453 13.15 26.55 25.48
N GLY C 454 13.36 25.49 26.26
CA GLY C 454 14.71 25.16 26.71
C GLY C 454 15.66 24.95 25.56
N ALA C 455 15.22 24.23 24.53
CA ALA C 455 16.04 24.08 23.32
C ALA C 455 16.25 25.43 22.64
N ASP C 456 15.20 26.24 22.56
CA ASP C 456 15.34 27.58 21.99
C ASP C 456 16.25 28.46 22.85
N LEU C 457 16.19 28.28 24.18
CA LEU C 457 17.08 29.03 25.05
C LEU C 457 18.53 28.63 24.83
N THR C 458 18.80 27.33 24.65
CA THR C 458 20.15 26.89 24.36
C THR C 458 20.63 27.41 23.01
N ALA C 459 19.73 27.44 22.01
CA ALA C 459 20.08 28.01 20.72
C ALA C 459 20.41 29.49 20.83
N LEU C 460 19.63 30.23 21.63
CA LEU C 460 19.90 31.64 21.87
C LEU C 460 21.25 31.83 22.55
N CYS C 461 21.56 30.96 23.52
CA CYS C 461 22.85 31.03 24.20
C CYS C 461 24.00 30.78 23.23
N ARG C 462 23.86 29.78 22.35
CA ARG C 462 24.90 29.49 21.37
C ARG C 462 25.05 30.65 20.39
N GLU C 463 23.94 31.26 19.96
CA GLU C 463 24.03 32.41 19.08
C GLU C 463 24.68 33.60 19.78
N SER C 464 24.42 33.77 21.07
CA SER C 464 25.09 34.82 21.83
C SER C 464 26.59 34.57 21.91
N VAL C 465 26.99 33.31 22.11
CA VAL C 465 28.42 32.98 22.13
C VAL C 465 29.05 33.28 20.78
N MET C 466 28.37 32.92 19.69
CA MET C 466 28.87 33.24 18.36
C MET C 466 28.97 34.74 18.15
N LYS C 467 28.01 35.50 18.67
CA LYS C 467 28.06 36.95 18.57
C LYS C 467 29.25 37.51 19.34
N THR C 468 29.53 36.96 20.52
CA THR C 468 30.71 37.38 21.27
C THR C 468 31.98 37.10 20.48
N ILE C 469 32.07 35.92 19.88
CA ILE C 469 33.26 35.57 19.10
C ILE C 469 33.42 36.49 17.91
N GLN C 470 32.32 36.78 17.20
CA GLN C 470 32.38 37.67 16.05
C GLN C 470 32.77 39.08 16.45
N ARG C 471 32.23 39.59 17.56
CA ARG C 471 32.59 40.92 18.02
C ARG C 471 34.05 40.99 18.42
N GLY C 472 34.55 39.95 19.10
CA GLY C 472 35.96 39.93 19.45
C GLY C 472 36.86 39.88 18.24
N LEU C 473 36.50 39.09 17.24
CA LEU C 473 37.29 39.03 16.01
C LEU C 473 37.27 40.36 15.27
N GLY C 474 36.11 41.01 15.22
CA GLY C 474 36.03 42.29 14.53
C GLY C 474 36.80 43.39 15.24
N THR C 475 36.74 43.40 16.57
CA THR C 475 37.42 44.45 17.33
C THR C 475 38.93 44.35 17.16
N ASP C 476 39.49 43.16 17.34
CA ASP C 476 40.92 42.93 17.20
C ASP C 476 41.15 41.65 16.42
N ALA C 477 42.04 41.72 15.43
CA ALA C 477 42.37 40.56 14.62
C ALA C 477 43.29 39.61 15.39
N ASN C 478 43.10 38.31 15.16
CA ASN C 478 43.90 37.27 15.79
C ASN C 478 43.86 37.36 17.31
N ILE C 479 42.68 37.67 17.84
CA ILE C 479 42.49 37.77 19.29
C ILE C 479 42.13 36.40 19.84
N ASP C 480 42.47 36.17 21.10
CA ASP C 480 42.15 34.91 21.76
C ASP C 480 40.67 34.87 22.09
N LYS C 481 39.94 33.94 21.47
CA LYS C 481 38.50 33.85 21.67
C LYS C 481 38.12 33.45 23.09
N PHE C 482 39.02 32.78 23.82
CA PHE C 482 38.72 32.36 25.17
C PHE C 482 38.60 33.55 26.12
N SER C 483 39.38 34.61 25.90
CA SER C 483 39.37 35.76 26.80
C SER C 483 38.14 36.64 26.63
N LEU C 484 37.33 36.43 25.61
CA LEU C 484 36.15 37.25 25.40
C LEU C 484 35.11 37.03 26.50
N LYS C 485 34.35 38.07 26.77
CA LYS C 485 33.28 38.04 27.76
C LYS C 485 31.96 38.38 27.11
N VAL C 486 30.87 37.92 27.70
CA VAL C 486 29.53 38.08 27.14
C VAL C 486 28.91 39.35 27.70
N THR C 487 28.41 40.21 26.81
CA THR C 487 27.72 41.43 27.16
C THR C 487 26.23 41.30 26.85
N LEU C 488 25.50 42.39 27.01
CA LEU C 488 24.05 42.37 26.85
C LEU C 488 23.59 42.74 25.44
N LYS C 489 24.30 43.65 24.77
CA LYS C 489 23.87 44.12 23.46
C LYS C 489 23.90 42.99 22.43
N ASP C 490 24.98 42.22 22.40
CA ASP C 490 25.07 41.12 21.45
C ASP C 490 24.12 39.99 21.81
N VAL C 491 23.84 39.78 23.10
CA VAL C 491 22.83 38.81 23.50
C VAL C 491 21.47 39.23 22.97
N GLU C 492 21.14 40.52 23.07
CA GLU C 492 19.88 41.02 22.52
C GLU C 492 19.84 40.86 21.01
N SER C 493 20.96 41.12 20.34
CA SER C 493 21.01 40.95 18.89
C SER C 493 20.78 39.48 18.50
N ALA C 494 21.40 38.56 19.23
CA ALA C 494 21.19 37.14 18.97
C ALA C 494 19.75 36.74 19.24
N MET C 495 19.15 37.30 20.29
CA MET C 495 17.75 37.04 20.59
C MET C 495 16.85 37.50 19.46
N VAL C 496 17.12 38.69 18.92
CA VAL C 496 16.33 39.20 17.80
C VAL C 496 16.52 38.32 16.56
N ASP C 497 17.75 37.93 16.29
CA ASP C 497 18.03 37.12 15.10
C ASP C 497 17.38 35.75 15.19
N ILE C 498 17.43 35.13 16.36
CA ILE C 498 16.95 33.75 16.52
C ILE C 498 15.43 33.78 16.71
N ARG C 499 14.72 32.99 15.89
CA ARG C 499 13.28 32.84 15.97
C ARG C 499 12.91 31.61 16.80
N PRO C 500 11.77 31.63 17.47
CA PRO C 500 11.35 30.46 18.25
C PRO C 500 11.07 29.26 17.36
N SER C 501 11.24 28.06 17.94
CA SER C 501 11.00 26.83 17.20
C SER C 501 9.54 26.72 16.79
N ALA C 502 8.62 27.12 17.68
CA ALA C 502 7.20 27.09 17.33
C ALA C 502 6.89 28.03 16.17
N MET C 503 7.53 29.20 16.15
CA MET C 503 7.34 30.17 15.08
C MET C 503 8.18 29.87 13.85
N ARG C 504 9.06 28.86 13.91
CA ARG C 504 9.89 28.52 12.76
C ARG C 504 9.09 27.86 11.64
N GLU C 505 7.89 27.35 11.93
CA GLU C 505 7.08 26.69 10.92
C GLU C 505 6.36 27.66 10.00
N ILE C 506 6.38 28.95 10.31
CA ILE C 506 5.70 29.97 9.51
C ILE C 506 6.74 30.96 9.01
N PHE C 507 6.79 31.15 7.70
CA PHE C 507 7.71 32.10 7.07
C PHE C 507 6.92 33.36 6.74
N LEU C 508 7.11 34.40 7.57
CA LEU C 508 6.36 35.64 7.40
C LEU C 508 7.18 36.77 8.00
N GLU C 509 7.84 37.56 7.15
CA GLU C 509 8.70 38.64 7.60
C GLU C 509 8.38 39.89 6.80
N MET C 510 8.39 41.03 7.48
CA MET C 510 8.09 42.33 6.88
C MET C 510 9.17 43.33 7.27
N PRO C 511 9.38 44.36 6.46
CA PRO C 511 10.33 45.41 6.86
C PRO C 511 9.86 46.11 8.13
N LYS C 512 10.83 46.55 8.94
CA LYS C 512 10.53 47.16 10.22
C LYS C 512 9.73 48.45 10.04
N VAL C 513 8.66 48.58 10.83
CA VAL C 513 7.82 49.76 10.82
C VAL C 513 7.71 50.27 12.26
N TYR C 514 7.98 51.55 12.45
CA TYR C 514 7.97 52.15 13.78
C TYR C 514 6.69 52.93 14.02
N TRP C 515 6.44 53.24 15.30
CA TRP C 515 5.25 54.01 15.66
C TRP C 515 5.32 55.42 15.10
N SER C 516 6.53 55.95 14.88
CA SER C 516 6.67 57.29 14.33
C SER C 516 6.14 57.39 12.90
N ASP C 517 6.02 56.26 12.20
CA ASP C 517 5.46 56.29 10.85
C ASP C 517 4.00 56.71 10.86
N ILE C 518 3.23 56.26 11.84
CA ILE C 518 1.82 56.60 11.94
C ILE C 518 1.69 58.05 12.38
N GLY C 519 0.93 58.84 11.62
CA GLY C 519 0.66 60.22 11.98
C GLY C 519 -0.55 60.30 12.90
N GLY C 520 -0.38 61.01 14.02
CA GLY C 520 -1.46 61.14 14.97
C GLY C 520 -1.85 59.78 15.54
N GLN C 521 -3.16 59.54 15.60
CA GLN C 521 -3.71 58.28 16.12
C GLN C 521 -3.22 58.00 17.53
N GLU C 522 -3.18 59.04 18.37
CA GLU C 522 -2.70 58.88 19.73
C GLU C 522 -3.62 57.96 20.53
N GLU C 523 -4.93 58.10 20.35
CA GLU C 523 -5.87 57.23 21.05
C GLU C 523 -5.70 55.78 20.64
N LEU C 524 -5.52 55.53 19.33
CA LEU C 524 -5.31 54.17 18.85
C LEU C 524 -4.02 53.59 19.42
N LYS C 525 -2.94 54.40 19.45
CA LYS C 525 -1.68 53.92 20.00
C LYS C 525 -1.82 53.59 21.49
N THR C 526 -2.50 54.44 22.25
CA THR C 526 -2.70 54.19 23.67
C THR C 526 -3.53 52.93 23.90
N LYS C 527 -4.58 52.75 23.11
CA LYS C 527 -5.41 51.56 23.26
C LYS C 527 -4.63 50.29 22.93
N MET C 528 -3.87 50.30 21.83
CA MET C 528 -3.08 49.13 21.49
C MET C 528 -2.02 48.85 22.55
N LYS C 529 -1.41 49.90 23.10
CA LYS C 529 -0.44 49.71 24.17
C LYS C 529 -1.09 49.07 25.39
N GLU C 530 -2.27 49.55 25.78
CA GLU C 530 -2.93 48.99 26.95
C GLU C 530 -3.41 47.56 26.70
N MET C 531 -3.68 47.21 25.44
CA MET C 531 -4.02 45.82 25.14
C MET C 531 -2.79 44.92 25.22
N ILE C 532 -1.67 45.35 24.66
CA ILE C 532 -0.54 44.44 24.47
C ILE C 532 0.48 44.56 25.61
N GLN C 533 1.06 45.74 25.78
CA GLN C 533 2.19 45.87 26.70
C GLN C 533 1.75 45.86 28.15
N LEU C 534 0.57 46.42 28.44
CA LEU C 534 0.12 46.54 29.83
C LEU C 534 0.00 45.20 30.54
N PRO C 535 -0.63 44.16 29.97
CA PRO C 535 -0.66 42.87 30.69
C PRO C 535 0.70 42.28 30.94
N LEU C 536 1.68 42.53 30.07
CA LEU C 536 2.99 41.90 30.18
C LEU C 536 4.00 42.72 30.95
N GLU C 537 3.85 44.06 30.96
CA GLU C 537 4.84 44.89 31.64
C GLU C 537 4.81 44.66 33.15
N ALA C 538 3.62 44.48 33.72
CA ALA C 538 3.47 44.20 35.16
C ALA C 538 2.20 43.36 35.33
N SER C 539 2.37 42.04 35.37
CA SER C 539 1.25 41.14 35.59
C SER C 539 0.89 40.98 37.05
N GLU C 540 1.76 41.41 37.97
CA GLU C 540 1.46 41.30 39.39
C GLU C 540 0.26 42.14 39.78
N THR C 541 0.18 43.36 39.26
CA THR C 541 -0.97 44.23 39.56
C THR C 541 -2.26 43.63 39.01
N PHE C 542 -2.21 43.09 37.79
CA PHE C 542 -3.40 42.46 37.21
C PHE C 542 -3.83 41.25 38.02
N ALA C 543 -2.87 40.44 38.47
CA ALA C 543 -3.22 39.28 39.29
C ALA C 543 -3.81 39.71 40.62
N ARG C 544 -3.26 40.76 41.24
CA ARG C 544 -3.80 41.26 42.50
C ARG C 544 -5.22 41.79 42.33
N LEU C 545 -5.46 42.54 41.26
CA LEU C 545 -6.78 43.10 41.01
C LEU C 545 -7.73 42.12 40.33
N GLY C 546 -7.22 41.01 39.82
CA GLY C 546 -8.08 40.02 39.17
C GLY C 546 -8.77 40.54 37.92
N ILE C 547 -8.04 41.26 37.07
CA ILE C 547 -8.58 41.82 35.84
C ILE C 547 -7.81 41.22 34.67
N SER C 548 -8.54 40.66 33.71
CA SER C 548 -7.94 40.06 32.53
C SER C 548 -8.00 41.02 31.35
N ALA C 549 -7.23 40.69 30.32
CA ALA C 549 -7.19 41.52 29.13
C ALA C 549 -8.49 41.40 28.35
N PRO C 550 -8.88 42.46 27.61
CA PRO C 550 -10.09 42.36 26.78
C PRO C 550 -10.03 41.27 25.74
N LYS C 551 -8.83 40.94 25.25
CA LYS C 551 -8.59 39.81 24.35
C LYS C 551 -9.20 40.03 22.97
N GLY C 552 -9.81 41.19 22.73
CA GLY C 552 -10.43 41.46 21.44
C GLY C 552 -10.25 42.87 20.95
N VAL C 553 -9.74 43.03 19.73
CA VAL C 553 -9.55 44.33 19.10
C VAL C 553 -10.15 44.29 17.71
N LEU C 554 -10.95 45.28 17.37
CA LEU C 554 -11.56 45.40 16.06
C LEU C 554 -11.19 46.75 15.45
N LEU C 555 -10.83 46.74 14.17
CA LEU C 555 -10.44 47.95 13.44
C LEU C 555 -11.35 48.09 12.22
N TYR C 556 -12.31 49.00 12.30
CA TYR C 556 -13.23 49.29 11.20
C TYR C 556 -13.10 50.76 10.83
N GLY C 557 -13.04 51.04 9.54
CA GLY C 557 -12.91 52.39 9.05
C GLY C 557 -12.76 52.46 7.55
N PRO C 558 -12.45 53.64 7.03
CA PRO C 558 -12.25 53.80 5.58
C PRO C 558 -11.12 52.92 5.09
N PRO C 559 -11.24 52.35 3.89
CA PRO C 559 -10.19 51.48 3.37
C PRO C 559 -8.88 52.24 3.17
N GLY C 560 -7.77 51.56 3.45
CA GLY C 560 -6.47 52.14 3.23
C GLY C 560 -6.09 53.27 4.16
N CYS C 561 -6.75 53.40 5.31
CA CYS C 561 -6.46 54.53 6.18
C CYS C 561 -5.25 54.26 7.08
N SER C 562 -5.38 53.32 8.02
CA SER C 562 -4.28 53.04 8.95
C SER C 562 -4.10 51.58 9.34
N LYS C 563 -4.94 50.65 8.89
CA LYS C 563 -5.03 49.35 9.55
C LYS C 563 -3.80 48.49 9.30
N THR C 564 -3.46 48.24 8.04
CA THR C 564 -2.37 47.30 7.74
C THR C 564 -1.03 47.84 8.24
N LEU C 565 -0.78 49.14 8.07
CA LEU C 565 0.47 49.72 8.53
C LEU C 565 0.55 49.68 10.06
N THR C 566 -0.59 49.88 10.73
CA THR C 566 -0.62 49.75 12.18
C THR C 566 -0.29 48.32 12.61
N ALA C 567 -0.84 47.32 11.90
CA ALA C 567 -0.52 45.94 12.22
C ALA C 567 0.96 45.65 11.99
N LYS C 568 1.53 46.18 10.92
CA LYS C 568 2.95 46.00 10.66
C LYS C 568 3.81 46.61 11.76
N ALA C 569 3.45 47.83 12.19
CA ALA C 569 4.19 48.49 13.26
C ALA C 569 4.07 47.72 14.56
N LEU C 570 2.88 47.20 14.86
CA LEU C 570 2.68 46.40 16.07
C LEU C 570 3.54 45.14 16.03
N ALA C 571 3.58 44.47 14.88
CA ALA C 571 4.40 43.27 14.75
C ALA C 571 5.88 43.62 14.90
N THR C 572 6.31 44.74 14.34
CA THR C 572 7.72 45.10 14.40
C THR C 572 8.16 45.46 15.81
N GLU C 573 7.41 46.32 16.49
CA GLU C 573 7.83 46.86 17.77
C GLU C 573 7.22 46.16 18.98
N SER C 574 6.44 45.10 18.77
CA SER C 574 5.85 44.41 19.92
C SER C 574 6.85 43.53 20.63
N GLY C 575 7.80 42.95 19.90
CA GLY C 575 8.71 41.99 20.50
C GLY C 575 8.09 40.65 20.81
N ILE C 576 6.90 40.39 20.28
CA ILE C 576 6.16 39.17 20.55
C ILE C 576 5.84 38.50 19.22
N ASN C 577 5.60 37.19 19.28
CA ASN C 577 5.26 36.43 18.08
C ASN C 577 4.00 37.00 17.43
N PHE C 578 4.06 37.18 16.12
CA PHE C 578 2.96 37.77 15.35
C PHE C 578 2.45 36.77 14.34
N LEU C 579 1.13 36.64 14.26
CA LEU C 579 0.48 35.74 13.32
C LEU C 579 -0.41 36.54 12.38
N ALA C 580 -0.20 36.37 11.08
CA ALA C 580 -1.02 37.00 10.05
C ALA C 580 -1.72 35.92 9.26
N VAL C 581 -3.05 35.98 9.21
CA VAL C 581 -3.87 35.00 8.52
C VAL C 581 -4.79 35.72 7.55
N LYS C 582 -4.90 35.20 6.34
CA LYS C 582 -5.76 35.77 5.31
C LYS C 582 -7.05 34.96 5.19
N GLY C 583 -8.16 35.66 4.99
CA GLY C 583 -9.46 35.05 4.90
C GLY C 583 -9.57 34.02 3.78
N PRO C 584 -9.48 34.48 2.53
CA PRO C 584 -9.60 33.54 1.40
C PRO C 584 -8.50 32.49 1.35
N GLU C 585 -7.35 32.73 2.00
CA GLU C 585 -6.25 31.77 1.96
C GLU C 585 -6.64 30.45 2.62
N ILE C 586 -7.34 30.52 3.76
CA ILE C 586 -7.68 29.30 4.50
C ILE C 586 -8.74 28.48 3.78
N PHE C 587 -9.50 29.09 2.88
CA PHE C 587 -10.58 28.38 2.22
C PHE C 587 -10.06 27.29 1.29
N ASN C 588 -10.68 26.13 1.33
CA ASN C 588 -10.29 24.99 0.51
C ASN C 588 -11.54 24.29 -0.01
N LYS C 589 -11.38 23.61 -1.15
CA LYS C 589 -12.51 22.90 -1.75
C LYS C 589 -12.94 21.71 -0.90
N TYR C 590 -11.99 21.02 -0.27
CA TYR C 590 -12.31 19.85 0.53
C TYR C 590 -13.04 20.27 1.81
N VAL C 591 -14.02 19.47 2.21
CA VAL C 591 -14.79 19.76 3.41
C VAL C 591 -13.94 19.46 4.65
N GLY C 592 -14.01 20.33 5.65
CA GLY C 592 -13.25 20.14 6.86
C GLY C 592 -11.79 20.49 6.76
N GLU C 593 -11.39 21.25 5.74
CA GLU C 593 -10.00 21.66 5.57
C GLU C 593 -9.71 23.04 6.12
N SER C 594 -10.58 24.02 5.85
CA SER C 594 -10.40 25.35 6.41
C SER C 594 -10.54 25.32 7.93
N GLU C 595 -11.48 24.54 8.44
CA GLU C 595 -11.62 24.39 9.89
C GLU C 595 -10.37 23.75 10.49
N ARG C 596 -9.81 22.74 9.81
CA ARG C 596 -8.58 22.11 10.29
C ARG C 596 -7.43 23.11 10.29
N ALA C 597 -7.34 23.95 9.25
CA ALA C 597 -6.29 24.96 9.20
C ALA C 597 -6.44 25.97 10.34
N ILE C 598 -7.68 26.40 10.61
CA ILE C 598 -7.92 27.34 11.70
C ILE C 598 -7.54 26.71 13.04
N ARG C 599 -7.91 25.44 13.24
CA ARG C 599 -7.58 24.75 14.48
C ARG C 599 -6.06 24.61 14.64
N GLU C 600 -5.36 24.31 13.55
CA GLU C 600 -3.91 24.20 13.61
C GLU C 600 -3.26 25.54 13.93
N ILE C 601 -3.78 26.62 13.33
CA ILE C 601 -3.24 27.95 13.60
C ILE C 601 -3.45 28.31 15.07
N PHE C 602 -4.64 28.03 15.60
CA PHE C 602 -4.91 28.35 17.00
C PHE C 602 -4.06 27.50 17.93
N ARG C 603 -3.85 26.22 17.58
CA ARG C 603 -2.97 25.38 18.39
C ARG C 603 -1.53 25.90 18.38
N LYS C 604 -1.06 26.34 17.21
CA LYS C 604 0.28 26.92 17.13
C LYS C 604 0.38 28.18 17.97
N ALA C 605 -0.65 29.03 17.92
CA ALA C 605 -0.66 30.24 18.74
C ALA C 605 -0.63 29.92 20.23
N ARG C 606 -1.43 28.93 20.64
CA ARG C 606 -1.46 28.55 22.06
C ARG C 606 -0.12 27.97 22.50
N SER C 607 0.49 27.14 21.66
CA SER C 607 1.76 26.51 22.01
C SER C 607 2.96 27.45 21.89
N ALA C 608 2.79 28.61 21.25
CA ALA C 608 3.87 29.57 21.08
C ALA C 608 3.77 30.74 22.06
N ALA C 609 3.32 30.46 23.28
CA ALA C 609 3.25 31.45 24.36
C ALA C 609 2.24 32.55 24.01
N PRO C 610 2.03 33.55 24.88
CA PRO C 610 1.24 34.70 24.47
C PRO C 610 1.78 35.34 23.19
N SER C 611 0.88 35.72 22.31
CA SER C 611 1.23 36.26 21.00
C SER C 611 0.09 37.15 20.51
N ILE C 612 0.14 37.50 19.24
CA ILE C 612 -0.89 38.33 18.61
C ILE C 612 -1.26 37.71 17.27
N ILE C 613 -2.56 37.63 17.00
CA ILE C 613 -3.08 37.11 15.74
C ILE C 613 -3.82 38.22 15.04
N PHE C 614 -3.46 38.49 13.79
CA PHE C 614 -4.08 39.54 12.98
C PHE C 614 -4.93 38.90 11.89
N PHE C 615 -6.20 39.29 11.84
CA PHE C 615 -7.14 38.79 10.84
C PHE C 615 -7.40 39.90 9.84
N ASP C 616 -6.63 39.90 8.74
CA ASP C 616 -6.78 40.91 7.71
C ASP C 616 -8.02 40.61 6.86
N GLN C 617 -8.91 41.59 6.76
CA GLN C 617 -10.15 41.47 5.99
C GLN C 617 -10.98 40.29 6.47
N ILE C 618 -11.41 40.37 7.72
CA ILE C 618 -12.23 39.32 8.32
C ILE C 618 -13.63 39.24 7.74
N ASP C 619 -14.02 40.23 6.94
CA ASP C 619 -15.34 40.21 6.31
C ASP C 619 -15.46 39.19 5.18
N ALA C 620 -14.36 38.54 4.79
CA ALA C 620 -14.42 37.54 3.75
C ALA C 620 -15.05 36.24 4.22
N LEU C 621 -14.97 35.94 5.53
CA LEU C 621 -15.45 34.68 6.07
C LEU C 621 -16.48 34.82 7.17
N SER C 622 -16.45 35.91 7.95
CA SER C 622 -17.37 36.05 9.07
C SER C 622 -18.84 36.06 8.67
N PRO C 623 -19.29 36.79 7.64
CA PRO C 623 -20.72 36.81 7.34
C PRO C 623 -21.21 35.46 6.86
N ASP C 624 -22.47 35.16 7.20
CA ASP C 624 -23.14 33.95 6.73
C ASP C 624 -24.05 34.21 5.53
N ARG C 625 -24.25 35.47 5.16
CA ARG C 625 -25.11 35.88 4.03
C ARG C 625 -26.51 35.31 4.27
N ASP C 626 -27.23 34.91 3.22
CA ASP C 626 -28.57 34.32 3.35
C ASP C 626 -28.57 33.02 2.52
N GLY C 627 -28.14 31.94 3.14
CA GLY C 627 -28.09 30.65 2.47
C GLY C 627 -26.86 30.51 1.60
N SER C 628 -26.66 29.28 1.12
CA SER C 628 -25.57 28.90 0.23
C SER C 628 -24.19 29.17 0.81
N SER C 629 -24.09 29.36 2.13
CA SER C 629 -22.81 29.62 2.78
C SER C 629 -22.51 28.65 3.91
N THR C 630 -23.41 27.71 4.20
CA THR C 630 -23.17 26.74 5.27
C THR C 630 -22.09 25.73 4.93
N SER C 631 -21.68 25.63 3.65
CA SER C 631 -20.67 24.66 3.27
C SER C 631 -19.32 24.98 3.89
N ALA C 632 -18.88 26.22 3.76
CA ALA C 632 -17.57 26.60 4.30
C ALA C 632 -17.61 27.83 5.18
N ALA C 633 -18.41 28.85 4.83
CA ALA C 633 -18.41 30.10 5.59
C ALA C 633 -18.93 29.90 7.00
N ASN C 634 -20.08 29.23 7.13
CA ASN C 634 -20.63 28.97 8.46
C ASN C 634 -19.72 28.07 9.27
N HIS C 635 -19.13 27.05 8.63
CA HIS C 635 -18.20 26.17 9.32
C HIS C 635 -16.98 26.93 9.81
N VAL C 636 -16.43 27.82 8.97
CA VAL C 636 -15.27 28.60 9.38
C VAL C 636 -15.63 29.53 10.54
N LEU C 637 -16.79 30.17 10.47
CA LEU C 637 -17.21 31.06 11.56
C LEU C 637 -17.40 30.28 12.86
N THR C 638 -18.01 29.10 12.78
CA THR C 638 -18.21 28.28 13.98
C THR C 638 -16.87 27.82 14.56
N SER C 639 -15.94 27.42 13.69
CA SER C 639 -14.62 27.01 14.15
C SER C 639 -13.89 28.17 14.83
N LEU C 640 -13.98 29.37 14.24
CA LEU C 640 -13.36 30.54 14.86
C LEU C 640 -13.98 30.84 16.22
N LEU C 641 -15.31 30.75 16.33
CA LEU C 641 -15.98 31.00 17.60
C LEU C 641 -15.55 29.98 18.65
N ASN C 642 -15.48 28.71 18.26
CA ASN C 642 -15.10 27.67 19.21
C ASN C 642 -13.63 27.76 19.59
N GLU C 643 -12.78 28.27 18.70
CA GLU C 643 -11.38 28.43 19.02
C GLU C 643 -11.17 29.63 19.95
N ILE C 644 -11.97 30.69 19.76
CA ILE C 644 -11.79 31.90 20.57
C ILE C 644 -12.41 31.71 21.95
N ASP C 645 -13.69 31.36 22.01
CA ASP C 645 -14.43 31.30 23.26
C ASP C 645 -15.23 29.99 23.35
N GLY C 646 -14.57 28.87 23.06
CA GLY C 646 -15.17 27.56 23.16
C GLY C 646 -15.07 26.98 24.55
N VAL C 647 -15.20 25.66 24.63
CA VAL C 647 -15.12 24.98 25.92
C VAL C 647 -13.75 25.20 26.55
N GLU C 648 -12.69 25.08 25.76
CA GLU C 648 -11.35 25.45 26.20
C GLU C 648 -11.04 26.84 25.64
N GLU C 649 -10.59 27.73 26.52
CA GLU C 649 -10.40 29.13 26.16
C GLU C 649 -8.96 29.56 26.36
N LEU C 650 -8.51 30.45 25.48
CA LEU C 650 -7.14 30.94 25.44
C LEU C 650 -6.99 32.21 26.28
N LYS C 651 -5.81 32.37 26.87
CA LYS C 651 -5.49 33.53 27.69
C LYS C 651 -4.38 34.40 27.10
N GLY C 652 -3.22 33.81 26.82
CA GLY C 652 -2.05 34.62 26.51
C GLY C 652 -2.16 35.38 25.21
N VAL C 653 -2.62 34.71 24.15
CA VAL C 653 -2.65 35.32 22.83
C VAL C 653 -3.84 36.25 22.71
N VAL C 654 -3.63 37.40 22.06
CA VAL C 654 -4.67 38.41 21.87
C VAL C 654 -4.93 38.52 20.37
N ILE C 655 -6.19 38.39 19.98
CA ILE C 655 -6.58 38.41 18.58
C ILE C 655 -7.04 39.81 18.19
N VAL C 656 -6.54 40.31 17.07
CA VAL C 656 -6.92 41.60 16.53
C VAL C 656 -7.39 41.40 15.09
N ALA C 657 -8.51 42.04 14.75
CA ALA C 657 -9.11 41.88 13.43
C ALA C 657 -9.36 43.25 12.81
N ALA C 658 -9.23 43.31 11.49
CA ALA C 658 -9.48 44.52 10.73
C ALA C 658 -10.43 44.23 9.60
N THR C 659 -11.40 45.12 9.40
CA THR C 659 -12.41 44.93 8.37
C THR C 659 -12.91 46.29 7.89
N ASN C 660 -13.50 46.29 6.69
CA ASN C 660 -14.06 47.49 6.10
C ASN C 660 -15.58 47.51 6.11
N ARG C 661 -16.24 46.39 6.45
CA ARG C 661 -17.70 46.29 6.47
C ARG C 661 -18.11 45.75 7.84
N PRO C 662 -18.17 46.62 8.85
CA PRO C 662 -18.56 46.15 10.19
C PRO C 662 -19.96 45.57 10.24
N ASP C 663 -20.88 46.05 9.41
CA ASP C 663 -22.24 45.51 9.40
C ASP C 663 -22.26 44.05 8.97
N GLU C 664 -21.44 43.69 7.98
CA GLU C 664 -21.42 42.32 7.51
C GLU C 664 -20.91 41.34 8.57
N ILE C 665 -20.16 41.82 9.55
CA ILE C 665 -19.65 40.95 10.60
C ILE C 665 -20.80 40.43 11.45
N ASP C 666 -20.77 39.15 11.78
CA ASP C 666 -21.83 38.54 12.56
C ASP C 666 -21.87 39.11 13.96
N ALA C 667 -23.08 39.13 14.55
CA ALA C 667 -23.24 39.65 15.90
C ALA C 667 -22.52 38.79 16.93
N ALA C 668 -22.38 37.49 16.66
CA ALA C 668 -21.66 36.62 17.57
C ALA C 668 -20.18 37.02 17.67
N LEU C 669 -19.58 37.37 16.54
CA LEU C 669 -18.20 37.84 16.56
C LEU C 669 -18.08 39.16 17.29
N LEU C 670 -19.05 40.06 17.10
CA LEU C 670 -19.06 41.35 17.79
C LEU C 670 -19.44 41.23 19.26
N ARG C 671 -19.89 40.07 19.71
CA ARG C 671 -20.26 39.90 21.11
C ARG C 671 -19.03 40.06 21.99
N PRO C 672 -19.17 40.69 23.15
CA PRO C 672 -18.00 40.87 24.04
C PRO C 672 -17.40 39.53 24.44
N GLY C 673 -16.07 39.51 24.55
CA GLY C 673 -15.31 38.32 24.85
C GLY C 673 -14.50 37.79 23.68
N ARG C 674 -14.89 38.17 22.46
CA ARG C 674 -14.16 37.74 21.24
C ARG C 674 -13.53 38.99 20.59
N LEU C 675 -14.39 39.92 20.16
CA LEU C 675 -14.00 41.16 19.50
C LEU C 675 -14.72 42.33 20.16
N ASP C 676 -14.62 42.38 21.49
CA ASP C 676 -15.47 43.27 22.28
C ASP C 676 -15.29 44.74 21.90
N ARG C 677 -14.05 45.20 21.82
CA ARG C 677 -13.80 46.61 21.57
C ARG C 677 -13.58 46.87 20.09
N HIS C 678 -14.00 48.05 19.64
CA HIS C 678 -13.86 48.48 18.26
C HIS C 678 -13.18 49.85 18.21
N ILE C 679 -12.43 50.09 17.15
CA ILE C 679 -11.68 51.32 16.96
C ILE C 679 -12.24 52.03 15.73
N TYR C 680 -12.60 53.30 15.90
CA TYR C 680 -13.16 54.07 14.79
C TYR C 680 -12.12 54.29 13.69
N VAL C 681 -10.87 54.55 14.07
CA VAL C 681 -9.74 54.81 13.18
C VAL C 681 -10.18 55.61 11.96
N GLY C 682 -10.62 56.85 12.18
CA GLY C 682 -11.11 57.68 11.13
C GLY C 682 -10.00 58.29 10.31
N PRO C 683 -10.38 59.17 9.37
CA PRO C 683 -9.38 59.82 8.53
C PRO C 683 -8.49 60.71 9.37
N PRO C 684 -7.23 60.87 8.96
CA PRO C 684 -6.30 61.71 9.73
C PRO C 684 -6.73 63.17 9.73
N ASP C 685 -6.40 63.85 10.83
CA ASP C 685 -6.72 65.26 10.98
C ASP C 685 -5.54 66.10 10.44
N VAL C 686 -5.56 67.40 10.74
CA VAL C 686 -4.53 68.30 10.21
C VAL C 686 -3.16 67.93 10.78
N ASN C 687 -3.09 67.65 12.08
CA ASN C 687 -1.81 67.32 12.69
C ASN C 687 -1.24 66.02 12.15
N ALA C 688 -2.09 64.99 12.02
CA ALA C 688 -1.62 63.70 11.51
C ALA C 688 -1.17 63.83 10.05
N ARG C 689 -1.93 64.56 9.24
CA ARG C 689 -1.55 64.76 7.85
C ARG C 689 -0.26 65.54 7.73
N LEU C 690 -0.07 66.56 8.58
CA LEU C 690 1.18 67.31 8.58
C LEU C 690 2.35 66.41 8.97
N GLU C 691 2.16 65.55 9.97
CA GLU C 691 3.22 64.63 10.36
C GLU C 691 3.56 63.66 9.23
N ILE C 692 2.53 63.14 8.54
CA ILE C 692 2.76 62.24 7.41
C ILE C 692 3.52 62.95 6.30
N LEU C 693 3.13 64.19 6.00
CA LEU C 693 3.81 64.96 4.97
C LEU C 693 5.27 65.22 5.34
N LYS C 694 5.53 65.55 6.62
CA LYS C 694 6.89 65.77 7.07
C LYS C 694 7.72 64.49 6.96
N LYS C 695 7.14 63.35 7.33
CA LYS C 695 7.85 62.08 7.21
C LYS C 695 8.16 61.76 5.75
N CYS C 696 7.20 62.02 4.85
CA CYS C 696 7.40 61.72 3.44
C CYS C 696 8.41 62.67 2.80
N THR C 697 8.45 63.92 3.22
CA THR C 697 9.33 64.92 2.64
C THR C 697 10.59 65.17 3.46
N LYS C 698 10.89 64.30 4.43
CA LYS C 698 12.12 64.43 5.19
C LYS C 698 13.34 64.33 4.27
N LYS C 699 13.31 63.38 3.32
CA LYS C 699 14.39 63.30 2.34
C LYS C 699 14.37 64.48 1.39
N PHE C 700 13.19 65.03 1.10
CA PHE C 700 13.10 66.19 0.23
C PHE C 700 13.72 67.42 0.88
N ASN C 701 14.25 68.32 0.05
CA ASN C 701 14.85 69.57 0.52
C ASN C 701 13.73 70.58 0.73
N THR C 702 13.07 70.46 1.88
CA THR C 702 11.94 71.34 2.19
C THR C 702 12.39 72.79 2.30
N GLU C 703 13.52 73.05 2.97
CA GLU C 703 14.01 74.41 3.11
C GLU C 703 14.40 75.01 1.77
N GLU C 704 15.08 74.24 0.93
CA GLU C 704 15.48 74.73 -0.38
C GLU C 704 14.26 74.96 -1.28
N SER C 705 13.29 74.03 -1.24
CA SER C 705 12.09 74.19 -2.06
C SER C 705 11.27 75.40 -1.62
N GLY C 706 11.16 75.62 -0.31
CA GLY C 706 10.40 76.74 0.20
C GLY C 706 8.91 76.52 0.33
N VAL C 707 8.46 75.26 0.35
CA VAL C 707 7.04 74.98 0.47
C VAL C 707 6.53 75.42 1.85
N ASP C 708 5.32 75.97 1.87
CA ASP C 708 4.75 76.45 3.12
C ASP C 708 4.45 75.29 4.08
N LEU C 709 3.96 74.18 3.54
CA LEU C 709 3.64 72.93 4.24
C LEU C 709 2.43 73.07 5.17
N HIS C 710 1.85 74.26 5.29
CA HIS C 710 0.65 74.47 6.09
C HIS C 710 -0.58 74.70 5.22
N GLU C 711 -0.45 75.51 4.16
CA GLU C 711 -1.53 75.63 3.20
C GLU C 711 -1.82 74.31 2.50
N LEU C 712 -0.79 73.49 2.32
CA LEU C 712 -1.01 72.13 1.81
C LEU C 712 -1.84 71.31 2.77
N ALA C 713 -1.55 71.41 4.08
CA ALA C 713 -2.33 70.68 5.07
C ALA C 713 -3.77 71.17 5.08
N ASP C 714 -3.98 72.47 4.94
CA ASP C 714 -5.34 73.00 4.85
C ASP C 714 -6.06 72.49 3.61
N ARG C 715 -5.34 72.41 2.48
CA ARG C 715 -5.95 71.94 1.24
C ARG C 715 -6.39 70.50 1.34
N THR C 716 -5.58 69.64 1.96
CA THR C 716 -5.88 68.22 2.03
C THR C 716 -6.83 67.90 3.18
N GLU C 717 -7.95 68.63 3.24
CA GLU C 717 -8.90 68.44 4.35
C GLU C 717 -9.61 67.10 4.25
N GLY C 718 -10.08 66.73 3.06
CA GLY C 718 -10.89 65.55 2.90
C GLY C 718 -10.17 64.34 2.34
N TYR C 719 -8.83 64.37 2.35
CA TYR C 719 -8.04 63.28 1.83
C TYR C 719 -7.70 62.28 2.94
N SER C 720 -6.83 61.32 2.62
CA SER C 720 -6.40 60.30 3.54
C SER C 720 -4.88 60.15 3.46
N GLY C 721 -4.32 59.44 4.45
CA GLY C 721 -2.88 59.23 4.48
C GLY C 721 -2.37 58.50 3.26
N ALA C 722 -3.12 57.49 2.79
CA ALA C 722 -2.74 56.79 1.58
C ALA C 722 -2.74 57.73 0.37
N GLU C 723 -3.73 58.61 0.28
CA GLU C 723 -3.72 59.60 -0.80
C GLU C 723 -2.58 60.60 -0.64
N VAL C 724 -2.21 60.93 0.59
CA VAL C 724 -1.09 61.83 0.81
C VAL C 724 0.21 61.21 0.33
N VAL C 725 0.45 59.94 0.68
CA VAL C 725 1.68 59.29 0.23
C VAL C 725 1.64 59.06 -1.28
N LEU C 726 0.45 58.82 -1.84
CA LEU C 726 0.33 58.75 -3.29
C LEU C 726 0.73 60.06 -3.95
N LEU C 727 0.26 61.18 -3.39
CA LEU C 727 0.61 62.48 -3.93
C LEU C 727 2.11 62.73 -3.84
N CYS C 728 2.72 62.37 -2.71
CA CYS C 728 4.16 62.55 -2.55
C CYS C 728 4.94 61.71 -3.56
N GLN C 729 4.54 60.44 -3.73
CA GLN C 729 5.22 59.57 -4.68
C GLN C 729 5.07 60.08 -6.11
N GLU C 730 3.85 60.54 -6.46
CA GLU C 730 3.63 61.06 -7.80
C GLU C 730 4.46 62.31 -8.04
N ALA C 731 4.54 63.20 -7.05
CA ALA C 731 5.36 64.40 -7.19
C ALA C 731 6.83 64.04 -7.37
N GLY C 732 7.32 63.08 -6.59
CA GLY C 732 8.71 62.66 -6.74
C GLY C 732 8.99 62.07 -8.10
N LEU C 733 8.11 61.17 -8.57
CA LEU C 733 8.29 60.55 -9.88
C LEU C 733 8.24 61.59 -10.99
N ALA C 734 7.31 62.54 -10.90
CA ALA C 734 7.19 63.57 -11.91
C ALA C 734 8.42 64.46 -11.93
N ALA C 735 8.94 64.82 -10.76
CA ALA C 735 10.17 65.61 -10.70
C ALA C 735 11.34 64.85 -11.31
N ILE C 736 11.45 63.55 -10.99
CA ILE C 736 12.55 62.75 -11.52
C ILE C 736 12.47 62.66 -13.04
N MET C 737 11.28 62.43 -13.58
CA MET C 737 11.16 62.32 -15.04
C MET C 737 11.34 63.67 -15.73
N GLU C 738 10.92 64.77 -15.09
CA GLU C 738 11.03 66.08 -15.71
C GLU C 738 12.46 66.60 -15.71
N ASP C 739 13.18 66.45 -14.60
CA ASP C 739 14.48 67.07 -14.46
C ASP C 739 15.63 66.10 -14.22
N LEU C 740 15.37 64.93 -13.64
CA LEU C 740 16.43 64.01 -13.21
C LEU C 740 17.42 64.72 -12.30
N ASP C 741 16.91 65.59 -11.43
CA ASP C 741 17.71 66.40 -10.53
C ASP C 741 17.25 66.18 -9.10
N VAL C 742 18.19 66.31 -8.17
CA VAL C 742 17.95 65.97 -6.77
C VAL C 742 17.98 67.19 -5.87
N ALA C 743 17.92 68.39 -6.45
CA ALA C 743 18.04 69.61 -5.65
C ALA C 743 16.77 69.86 -4.83
N LYS C 744 15.65 70.05 -5.51
CA LYS C 744 14.38 70.38 -4.86
C LYS C 744 13.26 70.16 -5.88
N VAL C 745 12.05 70.57 -5.51
CA VAL C 745 10.88 70.47 -6.38
C VAL C 745 10.25 71.85 -6.50
N GLU C 746 9.90 72.23 -7.72
CA GLU C 746 9.31 73.54 -7.97
C GLU C 746 7.90 73.61 -7.41
N LEU C 747 7.50 74.82 -7.01
CA LEU C 747 6.16 75.03 -6.47
C LEU C 747 5.09 74.77 -7.53
N ARG C 748 5.30 75.25 -8.75
CA ARG C 748 4.34 75.00 -9.82
C ARG C 748 4.30 73.51 -10.16
N HIS C 749 5.44 72.83 -10.15
CA HIS C 749 5.48 71.40 -10.39
C HIS C 749 4.74 70.64 -9.29
N PHE C 750 4.92 71.06 -8.03
CA PHE C 750 4.23 70.41 -6.93
C PHE C 750 2.72 70.64 -7.02
N GLU C 751 2.31 71.83 -7.42
CA GLU C 751 0.88 72.10 -7.63
C GLU C 751 0.33 71.24 -8.76
N LYS C 752 1.10 71.09 -9.84
CA LYS C 752 0.68 70.21 -10.93
C LYS C 752 0.49 68.78 -10.45
N ALA C 753 1.45 68.28 -9.65
CA ALA C 753 1.33 66.94 -9.09
C ALA C 753 0.12 66.82 -8.18
N PHE C 754 -0.13 67.84 -7.36
CA PHE C 754 -1.27 67.83 -6.46
C PHE C 754 -2.60 67.78 -7.21
N LYS C 755 -2.73 68.59 -8.27
CA LYS C 755 -3.98 68.62 -9.01
C LYS C 755 -4.10 67.47 -10.01
N GLY C 756 -3.01 66.74 -10.26
CA GLY C 756 -3.11 65.56 -11.11
C GLY C 756 -3.99 64.47 -10.53
N ILE C 757 -3.95 64.31 -9.21
CA ILE C 757 -4.78 63.33 -8.53
C ILE C 757 -5.90 64.06 -7.80
N ALA C 758 -6.97 63.32 -7.48
CA ALA C 758 -8.14 63.88 -6.83
C ALA C 758 -8.60 62.94 -5.73
N ARG C 759 -9.55 63.43 -4.93
CA ARG C 759 -10.10 62.63 -3.85
C ARG C 759 -10.89 61.45 -4.39
N GLY C 760 -10.92 60.37 -3.62
CA GLY C 760 -11.64 59.17 -4.02
C GLY C 760 -12.55 58.62 -2.95
N ILE C 761 -12.77 59.39 -1.89
CA ILE C 761 -13.60 58.98 -0.77
C ILE C 761 -14.84 59.87 -0.76
N THR C 762 -15.93 59.39 -1.35
CA THR C 762 -17.19 60.11 -1.27
C THR C 762 -17.76 59.98 0.14
N PRO C 763 -18.55 60.97 0.60
CA PRO C 763 -19.06 60.92 1.98
C PRO C 763 -20.04 59.79 2.26
N GLU C 764 -20.30 58.88 1.32
CA GLU C 764 -21.31 57.85 1.53
C GLU C 764 -20.90 56.83 2.59
N MET C 765 -19.85 56.05 2.32
CA MET C 765 -19.40 55.08 3.32
C MET C 765 -18.82 55.79 4.54
N LEU C 766 -18.35 57.02 4.38
CA LEU C 766 -17.95 57.81 5.53
C LEU C 766 -19.12 57.99 6.48
N SER C 767 -20.19 58.65 6.01
CA SER C 767 -21.37 58.86 6.84
C SER C 767 -21.92 57.53 7.36
N TYR C 768 -21.77 56.46 6.59
CA TYR C 768 -22.08 55.13 7.11
C TYR C 768 -21.23 54.80 8.33
N TYR C 769 -19.94 55.15 8.28
CA TYR C 769 -19.06 54.87 9.41
C TYR C 769 -19.45 55.68 10.64
N GLU C 770 -19.76 56.98 10.47
CA GLU C 770 -20.20 57.74 11.65
C GLU C 770 -21.54 57.22 12.18
N GLU C 771 -22.48 56.86 11.30
CA GLU C 771 -23.77 56.38 11.81
C GLU C 771 -23.63 55.01 12.48
N PHE C 772 -22.62 54.23 12.08
CA PHE C 772 -22.33 52.99 12.80
C PHE C 772 -21.66 53.27 14.14
N ALA C 773 -20.76 54.26 14.18
CA ALA C 773 -20.08 54.60 15.43
C ALA C 773 -21.05 55.14 16.47
N LEU C 774 -21.96 56.02 16.05
CA LEU C 774 -22.97 56.55 16.97
C LEU C 774 -23.99 55.49 17.39
N ARG C 775 -24.08 54.39 16.64
CA ARG C 775 -24.93 53.27 17.06
C ARG C 775 -24.41 52.61 18.32
N SER C 776 -23.14 52.82 18.66
CA SER C 776 -22.54 52.28 19.88
C SER C 776 -22.23 53.43 20.83
N GLY C 777 -22.69 53.31 22.08
CA GLY C 777 -22.47 54.33 23.07
C GLY C 777 -23.74 54.75 23.79
N LYS D 29 34.77 -13.62 5.91
CA LYS D 29 34.60 -12.17 5.99
C LYS D 29 34.07 -11.61 4.68
N LEU D 30 34.75 -11.96 3.58
CA LEU D 30 34.42 -11.51 2.23
C LEU D 30 34.30 -9.99 2.18
N PRO D 31 35.41 -9.24 2.32
CA PRO D 31 35.35 -7.78 2.27
C PRO D 31 35.31 -7.29 0.82
N ALA D 32 34.16 -6.78 0.41
CA ALA D 32 33.97 -6.29 -0.95
C ALA D 32 34.05 -4.77 -1.07
N GLU D 33 34.43 -4.08 0.00
CA GLU D 33 34.48 -2.62 -0.01
C GLU D 33 35.65 -2.15 0.83
N PHE D 34 36.19 -0.98 0.49
CA PHE D 34 37.28 -0.37 1.23
C PHE D 34 37.03 1.13 1.36
N ILE D 35 37.58 1.71 2.42
CA ILE D 35 37.39 3.13 2.73
C ILE D 35 38.76 3.76 3.00
N THR D 36 39.01 4.91 2.39
CA THR D 36 40.26 5.62 2.60
C THR D 36 40.27 6.29 3.97
N ARG D 37 41.46 6.36 4.56
CA ARG D 37 41.66 6.96 5.87
C ARG D 37 43.01 7.65 5.89
N PRO D 38 43.19 8.67 6.72
CA PRO D 38 44.49 9.32 6.84
C PRO D 38 45.35 8.72 7.94
N HIS D 39 46.67 8.86 7.76
CA HIS D 39 47.60 8.37 8.75
C HIS D 39 47.52 9.24 10.02
N PRO D 40 47.71 8.63 11.20
CA PRO D 40 47.74 9.44 12.43
C PRO D 40 48.85 10.46 12.45
N SER D 41 49.99 10.15 11.84
CA SER D 41 51.13 11.06 11.77
C SER D 41 51.36 11.50 10.32
N LYS D 42 52.22 12.51 10.17
CA LYS D 42 52.51 13.02 8.82
C LYS D 42 53.28 12.01 7.99
N ASP D 43 54.04 11.13 8.64
CA ASP D 43 54.83 10.08 7.96
C ASP D 43 55.80 10.71 6.96
N HIS D 44 56.76 11.45 7.51
CA HIS D 44 57.70 12.19 6.69
C HIS D 44 58.50 11.29 5.76
N GLY D 45 58.76 10.05 6.19
CA GLY D 45 59.55 9.16 5.35
C GLY D 45 58.83 8.70 4.09
N LYS D 46 57.54 8.39 4.20
CA LYS D 46 56.82 7.65 3.17
C LYS D 46 55.45 8.28 2.90
N GLU D 47 55.42 9.59 2.62
CA GLU D 47 54.17 10.24 2.26
C GLU D 47 53.46 9.51 1.12
N THR D 48 54.20 9.19 0.06
CA THR D 48 53.64 8.63 -1.15
C THR D 48 53.93 7.13 -1.23
N CYS D 49 53.03 6.41 -1.92
CA CYS D 49 53.16 4.97 -2.13
C CYS D 49 53.15 4.22 -0.80
N THR D 50 52.16 4.51 0.03
CA THR D 50 51.97 3.85 1.32
C THR D 50 50.48 3.60 1.51
N ALA D 51 50.10 2.32 1.60
CA ALA D 51 48.70 1.93 1.80
C ALA D 51 48.67 0.76 2.77
N TYR D 52 48.23 1.02 4.00
CA TYR D 52 48.19 -0.01 5.02
C TYR D 52 46.98 -0.91 4.80
N ILE D 53 47.22 -2.20 4.65
CA ILE D 53 46.18 -3.20 4.44
C ILE D 53 46.30 -4.27 5.52
N HIS D 54 45.17 -4.70 6.05
CA HIS D 54 45.17 -5.71 7.10
C HIS D 54 45.79 -7.01 6.59
N PRO D 55 46.63 -7.67 7.37
CA PRO D 55 47.23 -8.94 6.90
C PRO D 55 46.20 -10.02 6.61
N ASN D 56 45.07 -10.02 7.32
CA ASN D 56 44.06 -11.06 7.11
C ASN D 56 43.46 -10.98 5.71
N VAL D 57 43.02 -9.79 5.30
CA VAL D 57 42.47 -9.64 3.96
C VAL D 57 43.56 -9.77 2.91
N LEU D 58 44.76 -9.27 3.21
CA LEU D 58 45.87 -9.37 2.26
C LEU D 58 46.24 -10.83 2.00
N SER D 59 46.27 -11.65 3.06
CA SER D 59 46.56 -13.06 2.88
C SER D 59 45.48 -13.75 2.06
N SER D 60 44.21 -13.42 2.31
CA SER D 60 43.12 -14.00 1.54
C SER D 60 43.11 -13.53 0.09
N LEU D 61 43.76 -12.41 -0.21
CA LEU D 61 43.83 -11.89 -1.56
C LEU D 61 45.00 -12.47 -2.35
N GLU D 62 45.81 -13.34 -1.73
CA GLU D 62 46.97 -13.96 -2.38
C GLU D 62 47.93 -12.89 -2.92
N ILE D 63 48.14 -11.83 -2.12
CA ILE D 63 48.99 -10.71 -2.50
C ILE D 63 50.13 -10.63 -1.49
N ASN D 64 51.36 -10.66 -1.99
CA ASN D 64 52.53 -10.52 -1.14
C ASN D 64 52.77 -9.05 -0.81
N PRO D 65 53.49 -8.77 0.29
CA PRO D 65 53.82 -7.37 0.60
C PRO D 65 54.54 -6.66 -0.53
N GLY D 66 55.43 -7.35 -1.25
CA GLY D 66 56.14 -6.74 -2.35
C GLY D 66 55.41 -6.86 -3.67
N SER D 67 54.09 -6.65 -3.66
CA SER D 67 53.27 -6.73 -4.85
C SER D 67 52.44 -5.46 -4.98
N PHE D 68 52.32 -4.96 -6.20
CA PHE D 68 51.56 -3.75 -6.46
C PHE D 68 50.07 -4.06 -6.59
N CYS D 69 49.25 -3.19 -6.00
CA CYS D 69 47.79 -3.33 -6.06
C CYS D 69 47.19 -2.00 -6.47
N THR D 70 46.20 -2.05 -7.37
CA THR D 70 45.54 -0.86 -7.86
C THR D 70 44.27 -0.61 -7.05
N VAL D 71 44.14 0.61 -6.52
CA VAL D 71 43.01 1.02 -5.72
C VAL D 71 42.40 2.28 -6.33
N GLY D 72 41.08 2.34 -6.35
CA GLY D 72 40.40 3.49 -6.93
C GLY D 72 38.92 3.43 -6.65
N LYS D 73 38.23 4.51 -7.02
CA LYS D 73 36.79 4.58 -6.82
C LYS D 73 36.07 3.57 -7.70
N ILE D 74 34.91 3.11 -7.22
CA ILE D 74 34.13 2.13 -7.96
C ILE D 74 33.60 2.76 -9.24
N GLY D 75 33.72 2.04 -10.34
CA GLY D 75 33.30 2.54 -11.64
C GLY D 75 34.32 3.39 -12.35
N GLU D 76 35.51 3.57 -11.78
CA GLU D 76 36.57 4.36 -12.38
C GLU D 76 37.87 3.58 -12.34
N ASN D 77 38.90 4.14 -12.96
CA ASN D 77 40.20 3.50 -12.98
C ASN D 77 40.86 3.54 -11.61
N GLY D 78 41.70 2.55 -11.34
CA GLY D 78 42.38 2.44 -10.07
C GLY D 78 43.79 3.03 -10.11
N ILE D 79 44.35 3.23 -8.92
CA ILE D 79 45.69 3.77 -8.75
C ILE D 79 46.53 2.71 -8.06
N LEU D 80 47.65 2.33 -8.68
CA LEU D 80 48.49 1.28 -8.13
C LEU D 80 49.28 1.78 -6.94
N VAL D 81 49.45 0.90 -5.95
CA VAL D 81 50.20 1.22 -4.74
C VAL D 81 50.70 -0.09 -4.15
N ILE D 82 51.88 -0.04 -3.53
CA ILE D 82 52.46 -1.24 -2.95
C ILE D 82 51.69 -1.65 -1.70
N ALA D 83 51.47 -2.95 -1.55
CA ALA D 83 50.78 -3.46 -0.38
C ALA D 83 51.66 -3.33 0.86
N ARG D 84 51.03 -3.02 2.00
CA ARG D 84 51.74 -2.88 3.26
C ARG D 84 50.99 -3.63 4.35
N ALA D 85 51.76 -4.19 5.28
CA ALA D 85 51.18 -4.94 6.39
C ALA D 85 50.41 -4.01 7.31
N GLY D 86 49.32 -4.52 7.88
CA GLY D 86 48.51 -3.72 8.77
C GLY D 86 49.22 -3.44 10.08
N ASP D 87 48.75 -2.38 10.76
CA ASP D 87 49.32 -1.96 12.03
C ASP D 87 48.71 -2.81 13.15
N GLU D 88 49.21 -4.05 13.25
CA GLU D 88 48.78 -5.06 14.22
C GLU D 88 47.28 -5.03 14.48
N GLU D 89 46.89 -5.09 15.75
CA GLU D 89 45.49 -5.11 16.13
C GLU D 89 44.92 -3.69 16.09
N VAL D 90 43.72 -3.52 16.67
CA VAL D 90 42.95 -2.27 16.74
C VAL D 90 43.02 -1.49 15.42
N HIS D 91 43.12 -2.20 14.31
CA HIS D 91 43.11 -1.59 12.98
C HIS D 91 41.96 -2.19 12.17
N PRO D 92 40.97 -1.39 11.76
CA PRO D 92 39.84 -1.95 11.01
C PRO D 92 40.30 -2.57 9.70
N VAL D 93 39.65 -3.67 9.33
CA VAL D 93 39.97 -4.34 8.08
C VAL D 93 39.50 -3.51 6.88
N ASN D 94 38.33 -2.87 7.02
CA ASN D 94 37.72 -2.17 5.90
C ASN D 94 38.58 -0.99 5.44
N VAL D 95 39.18 -0.26 6.38
CA VAL D 95 39.84 1.00 6.06
C VAL D 95 41.18 0.75 5.38
N ILE D 96 41.56 1.67 4.50
CA ILE D 96 42.88 1.71 3.87
C ILE D 96 43.46 3.10 4.13
N THR D 97 44.71 3.13 4.58
CA THR D 97 45.34 4.35 5.05
C THR D 97 46.18 4.98 3.95
N LEU D 98 45.96 6.29 3.73
CA LEU D 98 46.71 7.06 2.75
C LEU D 98 47.02 8.42 3.35
N SER D 99 48.04 9.10 2.79
CA SER D 99 48.52 10.37 3.35
C SER D 99 48.50 11.45 2.27
N THR D 100 47.32 12.07 2.10
CA THR D 100 47.19 13.39 1.48
C THR D 100 47.61 13.41 0.01
N THR D 101 48.19 12.30 -0.47
CA THR D 101 48.79 12.28 -1.80
C THR D 101 48.08 11.35 -2.76
N ILE D 102 47.89 10.08 -2.39
CA ILE D 102 47.19 9.15 -3.26
C ILE D 102 45.74 9.59 -3.44
N ARG D 103 45.13 10.14 -2.39
CA ARG D 103 43.77 10.64 -2.49
C ARG D 103 43.67 11.79 -3.48
N SER D 104 44.66 12.69 -3.48
CA SER D 104 44.64 13.84 -4.36
C SER D 104 44.87 13.48 -5.83
N VAL D 105 45.33 12.26 -6.12
CA VAL D 105 45.56 11.86 -7.50
C VAL D 105 44.24 11.83 -8.27
N GLY D 106 43.21 11.23 -7.67
CA GLY D 106 41.91 11.15 -8.29
C GLY D 106 40.87 12.00 -7.59
N ASN D 107 41.32 12.98 -6.82
CA ASN D 107 40.44 13.83 -6.01
C ASN D 107 39.57 12.99 -5.09
N LEU D 108 40.21 12.03 -4.42
CA LEU D 108 39.51 11.10 -3.54
C LEU D 108 39.26 11.78 -2.20
N ILE D 109 38.00 12.03 -1.88
CA ILE D 109 37.61 12.64 -0.62
C ILE D 109 37.40 11.53 0.39
N LEU D 110 37.70 11.83 1.66
CA LEU D 110 37.55 10.84 2.73
C LEU D 110 36.11 10.33 2.78
N GLY D 111 35.97 9.02 2.92
CA GLY D 111 34.67 8.38 2.95
C GLY D 111 34.15 7.89 1.62
N ASP D 112 34.85 8.18 0.53
CA ASP D 112 34.41 7.71 -0.78
C ASP D 112 34.65 6.21 -0.92
N ARG D 113 33.86 5.58 -1.79
CA ARG D 113 33.98 4.15 -2.02
C ARG D 113 35.28 3.82 -2.75
N LEU D 114 35.84 2.65 -2.45
CA LEU D 114 37.08 2.21 -3.06
C LEU D 114 36.95 0.76 -3.50
N GLU D 115 37.75 0.40 -4.50
CA GLU D 115 37.79 -0.96 -5.02
C GLU D 115 39.25 -1.39 -5.18
N LEU D 116 39.51 -2.67 -4.90
CA LEU D 116 40.86 -3.21 -4.93
C LEU D 116 40.98 -4.26 -6.03
N LYS D 117 42.07 -4.20 -6.79
CA LYS D 117 42.37 -5.17 -7.83
C LYS D 117 43.79 -5.66 -7.68
N LYS D 118 44.01 -6.93 -8.04
CA LYS D 118 45.31 -7.57 -7.93
C LYS D 118 46.13 -7.49 -9.21
N ALA D 119 45.60 -6.87 -10.26
CA ALA D 119 46.31 -6.77 -11.53
C ALA D 119 47.35 -5.66 -11.45
N GLN D 120 48.61 -6.01 -11.67
CA GLN D 120 49.72 -5.07 -11.64
C GLN D 120 50.57 -5.22 -12.88
N VAL D 121 51.02 -4.09 -13.42
CA VAL D 121 51.87 -4.05 -14.60
C VAL D 121 53.11 -3.23 -14.27
N GLN D 122 54.28 -3.75 -14.63
CA GLN D 122 55.53 -3.05 -14.35
C GLN D 122 55.62 -1.80 -15.22
N PRO D 123 55.79 -0.61 -14.66
CA PRO D 123 55.81 0.61 -15.45
C PRO D 123 57.21 0.92 -15.94
N PRO D 124 57.34 1.62 -17.07
CA PRO D 124 58.65 2.02 -17.55
C PRO D 124 59.29 3.08 -16.66
N TYR D 125 60.61 3.12 -16.70
CA TYR D 125 61.36 4.09 -15.90
C TYR D 125 61.13 5.51 -16.43
N ALA D 126 60.98 6.45 -15.49
CA ALA D 126 60.74 7.83 -15.86
C ALA D 126 62.02 8.52 -16.32
N THR D 127 61.86 9.45 -17.26
CA THR D 127 62.97 10.25 -17.74
C THR D 127 62.41 11.55 -18.32
N LYS D 128 63.21 12.62 -18.20
CA LYS D 128 62.84 13.94 -18.68
C LYS D 128 61.50 14.39 -18.09
N VAL D 129 61.49 14.54 -16.77
CA VAL D 129 60.32 14.98 -16.04
C VAL D 129 60.46 16.44 -15.69
N THR D 130 59.33 17.11 -15.51
CA THR D 130 59.29 18.52 -15.16
C THR D 130 58.33 18.75 -14.00
N VAL D 131 58.71 19.66 -13.12
CA VAL D 131 57.93 19.98 -11.92
C VAL D 131 57.72 21.49 -11.86
N GLY D 132 56.47 21.90 -11.65
CA GLY D 132 56.17 23.31 -11.48
C GLY D 132 55.04 23.54 -10.50
N SER D 133 55.31 24.35 -9.47
CA SER D 133 54.37 24.57 -8.39
C SER D 133 53.35 25.64 -8.78
N LEU D 134 52.08 25.38 -8.47
CA LEU D 134 51.02 26.35 -8.70
C LEU D 134 51.07 27.45 -7.65
N GLN D 135 50.31 28.52 -7.92
CA GLN D 135 50.22 29.74 -7.09
C GLN D 135 51.60 30.27 -6.68
N GLY D 136 52.63 29.98 -7.48
CA GLY D 136 53.97 30.41 -7.16
C GLY D 136 54.74 30.91 -8.37
N TYR D 137 55.43 32.05 -8.21
CA TYR D 137 56.22 32.61 -9.29
C TYR D 137 57.49 31.78 -9.50
N ASN D 138 57.98 31.80 -10.74
CA ASN D 138 59.17 31.01 -11.08
C ASN D 138 60.39 31.55 -10.36
N ILE D 139 60.89 30.81 -9.37
CA ILE D 139 62.05 31.18 -8.59
C ILE D 139 62.99 29.99 -8.51
N LEU D 140 64.28 30.29 -8.41
CA LEU D 140 65.32 29.27 -8.36
C LEU D 140 66.02 29.22 -7.00
N GLU D 141 65.35 29.64 -5.94
CA GLU D 141 65.93 29.62 -4.60
C GLU D 141 65.62 28.35 -3.83
N CYS D 142 64.97 27.37 -4.46
CA CYS D 142 64.71 26.09 -3.82
C CYS D 142 65.96 25.23 -3.71
N MET D 143 67.07 25.64 -4.34
CA MET D 143 68.37 25.00 -4.23
C MET D 143 68.39 23.69 -5.02
N GLU D 144 67.22 23.27 -5.51
CA GLU D 144 67.06 22.22 -6.51
C GLU D 144 67.56 20.85 -6.04
N GLU D 145 67.73 20.65 -4.74
CA GLU D 145 68.16 19.34 -4.26
C GLU D 145 67.28 18.87 -3.10
N LYS D 146 66.69 19.82 -2.35
CA LYS D 146 65.83 19.44 -1.24
C LYS D 146 64.56 18.74 -1.73
N VAL D 147 64.01 19.20 -2.86
CA VAL D 147 62.84 18.53 -3.43
C VAL D 147 63.23 17.19 -4.03
N ILE D 148 64.47 17.07 -4.49
CA ILE D 148 64.94 15.81 -5.09
C ILE D 148 64.92 14.69 -4.05
N GLN D 149 65.39 14.98 -2.83
CA GLN D 149 65.45 13.95 -1.80
C GLN D 149 64.07 13.39 -1.47
N LYS D 150 63.02 14.21 -1.58
CA LYS D 150 61.67 13.72 -1.36
C LYS D 150 61.28 12.68 -2.39
N LEU D 151 61.68 12.89 -3.65
CA LEU D 151 61.34 11.93 -4.71
C LEU D 151 62.09 10.61 -4.52
N LEU D 152 63.27 10.64 -3.91
CA LEU D 152 64.00 9.41 -3.65
C LEU D 152 63.23 8.50 -2.70
N ASP D 153 62.62 9.08 -1.66
CA ASP D 153 61.82 8.29 -0.73
C ASP D 153 60.56 7.71 -1.37
N ASP D 154 60.11 8.28 -2.50
CA ASP D 154 58.92 7.76 -3.16
C ASP D 154 59.16 6.34 -3.69
N SER D 155 60.35 6.09 -4.25
CA SER D 155 60.73 4.79 -4.78
C SER D 155 59.74 4.33 -5.86
N GLY D 156 59.70 5.09 -6.94
CA GLY D 156 58.82 4.78 -8.05
C GLY D 156 57.42 5.36 -7.89
N VAL D 157 56.53 4.91 -8.76
CA VAL D 157 55.14 5.33 -8.80
C VAL D 157 55.09 6.86 -8.96
N ILE D 158 55.37 7.34 -10.17
CA ILE D 158 55.35 8.76 -10.49
C ILE D 158 54.14 9.02 -11.37
N MET D 159 53.29 9.95 -10.93
CA MET D 159 52.07 10.32 -11.62
C MET D 159 51.96 11.84 -11.67
N PRO D 160 51.22 12.38 -12.64
CA PRO D 160 51.10 13.85 -12.74
C PRO D 160 50.45 14.51 -11.54
N GLY D 161 49.70 13.76 -10.72
CA GLY D 161 49.10 14.35 -9.55
C GLY D 161 49.83 14.06 -8.26
N MET D 162 50.60 15.04 -7.78
CA MET D 162 51.33 14.93 -6.53
C MET D 162 51.26 16.26 -5.80
N ILE D 163 50.94 16.22 -4.50
CA ILE D 163 50.88 17.42 -3.67
C ILE D 163 51.77 17.21 -2.46
N PHE D 164 52.67 18.16 -2.21
CA PHE D 164 53.61 18.06 -1.09
C PHE D 164 53.60 19.33 -0.26
N GLN D 165 54.53 19.42 0.71
CA GLN D 165 54.66 20.57 1.58
C GLN D 165 56.02 21.23 1.50
N ASN D 166 57.04 20.54 0.96
CA ASN D 166 58.41 21.05 0.78
C ASN D 166 58.99 21.65 2.05
N LEU D 167 58.48 21.24 3.22
CA LEU D 167 59.03 21.60 4.52
C LEU D 167 59.09 23.11 4.73
N LYS D 168 60.30 23.64 4.79
CA LYS D 168 60.53 25.05 5.15
C LYS D 168 61.75 25.54 4.38
N THR D 169 62.27 26.71 4.78
CA THR D 169 63.43 27.34 4.16
C THR D 169 63.17 27.60 2.67
N LYS D 170 62.16 28.44 2.42
CA LYS D 170 61.83 28.89 1.07
C LYS D 170 61.21 30.28 1.18
N ALA D 171 62.07 31.30 1.04
CA ALA D 171 61.68 32.71 1.08
C ALA D 171 60.92 33.09 2.35
N GLY D 172 61.01 32.27 3.38
CA GLY D 172 60.31 32.55 4.63
C GLY D 172 58.80 32.59 4.49
N ASP D 173 58.23 31.67 3.72
CA ASP D 173 56.79 31.60 3.50
C ASP D 173 56.29 30.28 4.06
N GLU D 174 55.37 30.35 5.04
CA GLU D 174 54.85 29.14 5.67
C GLU D 174 53.87 28.42 4.76
N SER D 175 52.97 29.16 4.11
CA SER D 175 51.87 28.55 3.34
C SER D 175 52.27 28.48 1.87
N ILE D 176 53.07 27.46 1.55
CA ILE D 176 53.48 27.17 0.18
C ILE D 176 53.37 25.66 -0.05
N ASP D 177 53.33 25.29 -1.33
CA ASP D 177 53.25 23.89 -1.72
C ASP D 177 53.84 23.71 -3.11
N VAL D 178 54.17 22.48 -3.44
CA VAL D 178 54.75 22.12 -4.73
C VAL D 178 53.91 21.02 -5.36
N VAL D 179 53.73 21.10 -6.68
CA VAL D 179 52.94 20.14 -7.43
C VAL D 179 53.71 19.75 -8.68
N ILE D 180 53.67 18.47 -9.04
CA ILE D 180 54.31 17.99 -10.26
C ILE D 180 53.34 18.20 -11.42
N THR D 181 53.89 18.50 -12.59
CA THR D 181 53.06 18.82 -13.75
C THR D 181 52.77 17.58 -14.59
N ASP D 182 53.81 16.96 -15.14
CA ASP D 182 53.70 15.76 -15.97
C ASP D 182 55.11 15.29 -16.27
N ALA D 183 55.21 14.18 -17.00
CA ALA D 183 56.49 13.62 -17.41
C ALA D 183 56.49 13.42 -18.92
N SER D 184 57.59 13.78 -19.56
CA SER D 184 57.70 13.72 -21.02
C SER D 184 58.32 12.40 -21.46
N ASP D 185 57.60 11.31 -21.18
CA ASP D 185 58.01 9.98 -21.61
C ASP D 185 56.82 9.03 -21.58
N PHE D 209 44.80 1.22 -18.33
CA PHE D 209 43.53 1.46 -17.66
C PHE D 209 43.76 2.07 -16.27
N TYR D 210 44.51 3.15 -16.21
CA TYR D 210 44.83 3.83 -14.96
C TYR D 210 44.40 5.28 -15.04
N LEU D 211 44.09 5.86 -13.87
CA LEU D 211 43.73 7.27 -13.82
C LEU D 211 44.89 8.16 -14.27
N SER D 212 46.10 7.83 -13.84
CA SER D 212 47.29 8.57 -14.21
C SER D 212 48.38 7.60 -14.66
N PRO D 213 49.24 8.03 -15.58
CA PRO D 213 50.32 7.15 -16.03
C PRO D 213 51.37 6.96 -14.95
N PRO D 214 51.62 5.72 -14.54
CA PRO D 214 52.63 5.48 -13.50
C PRO D 214 54.03 5.29 -14.07
N PHE D 215 54.98 6.00 -13.47
CA PHE D 215 56.38 5.95 -13.87
C PHE D 215 57.25 5.66 -12.66
N ILE D 216 58.45 5.15 -12.91
CA ILE D 216 59.40 4.82 -11.85
C ILE D 216 60.47 5.90 -11.81
N PHE D 217 60.65 6.51 -10.63
CA PHE D 217 61.60 7.60 -10.48
C PHE D 217 63.02 7.07 -10.33
N ARG D 218 63.96 7.74 -11.01
CA ARG D 218 65.38 7.45 -10.86
C ARG D 218 66.12 8.76 -10.69
N LYS D 219 66.96 8.83 -9.65
CA LYS D 219 67.69 10.07 -9.36
C LYS D 219 68.68 10.41 -10.46
N GLY D 220 69.35 9.40 -11.02
CA GLY D 220 70.38 9.66 -12.01
C GLY D 220 69.84 10.29 -13.29
N SER D 221 68.70 9.83 -13.76
CA SER D 221 68.13 10.29 -15.02
C SER D 221 66.77 10.97 -14.85
N THR D 222 66.57 11.68 -13.73
CA THR D 222 65.31 12.37 -13.53
C THR D 222 65.17 13.57 -14.46
N HIS D 223 66.24 14.34 -14.64
CA HIS D 223 66.28 15.49 -15.54
C HIS D 223 65.13 16.47 -15.25
N ILE D 224 65.13 16.99 -14.02
CA ILE D 224 64.07 17.90 -13.60
C ILE D 224 64.26 19.25 -14.28
N THR D 225 63.15 19.83 -14.75
CA THR D 225 63.14 21.16 -15.36
C THR D 225 61.99 21.96 -14.78
N PHE D 226 62.26 23.23 -14.46
CA PHE D 226 61.27 24.09 -13.84
C PHE D 226 60.42 24.79 -14.90
N SER D 227 59.12 24.90 -14.61
CA SER D 227 58.19 25.54 -15.54
C SER D 227 56.98 26.04 -14.77
N LYS D 228 56.23 26.94 -15.41
CA LYS D 228 55.03 27.54 -14.83
C LYS D 228 53.81 27.06 -15.59
N GLU D 229 52.80 26.61 -14.85
CA GLU D 229 51.54 26.16 -15.44
C GLU D 229 50.48 26.14 -14.36
N THR D 230 49.21 26.14 -14.79
CA THR D 230 48.08 26.21 -13.89
C THR D 230 47.45 24.84 -13.73
N GLN D 231 47.01 24.53 -12.50
CA GLN D 231 46.48 23.24 -12.09
C GLN D 231 47.21 22.07 -12.75
N ALA D 232 46.46 21.11 -13.28
CA ALA D 232 47.04 19.95 -13.93
C ALA D 232 46.80 20.00 -15.43
N ASN D 233 47.60 19.23 -16.16
CA ASN D 233 47.48 19.18 -17.61
C ASN D 233 46.14 18.58 -18.02
N ARG D 234 45.52 19.18 -19.03
CA ARG D 234 44.19 18.75 -19.47
C ARG D 234 44.23 17.56 -20.42
N LYS D 235 45.41 17.15 -20.89
CA LYS D 235 45.49 16.02 -21.81
C LYS D 235 45.32 14.68 -21.10
N TYR D 236 45.48 14.64 -19.78
CA TYR D 236 45.28 13.41 -19.02
C TYR D 236 43.85 13.25 -18.52
N ASN D 237 43.01 14.26 -18.69
CA ASN D 237 41.62 14.23 -18.22
C ASN D 237 41.54 13.93 -16.72
N LEU D 238 42.48 14.48 -15.96
CA LEU D 238 42.48 14.28 -14.52
C LEU D 238 41.34 15.08 -13.88
N PRO D 239 40.76 14.57 -12.79
CA PRO D 239 39.72 15.33 -12.09
C PRO D 239 40.27 16.59 -11.43
N GLU D 240 39.85 17.74 -11.91
CA GLU D 240 40.35 19.01 -11.40
C GLU D 240 39.79 19.28 -10.01
N PRO D 241 40.62 19.51 -9.00
CA PRO D 241 40.10 19.80 -7.66
C PRO D 241 39.50 21.19 -7.57
N LEU D 242 38.17 21.27 -7.50
CA LEU D 242 37.48 22.54 -7.41
C LEU D 242 37.33 22.98 -5.95
N SER D 243 37.54 24.27 -5.71
CA SER D 243 37.45 24.82 -4.37
C SER D 243 37.01 26.29 -4.47
N TYR D 244 35.71 26.51 -4.32
CA TYR D 244 35.12 27.85 -4.28
C TYR D 244 35.49 28.65 -5.54
N ALA D 245 35.37 28.01 -6.70
CA ALA D 245 35.68 28.65 -7.98
C ALA D 245 34.42 29.02 -8.74
N ALA D 246 33.54 28.03 -8.98
CA ALA D 246 32.32 28.31 -9.72
C ALA D 246 31.26 29.00 -8.88
N VAL D 247 31.20 28.70 -7.59
CA VAL D 247 30.19 29.27 -6.71
C VAL D 247 30.56 30.71 -6.39
N GLY D 248 29.61 31.63 -6.55
CA GLY D 248 29.85 33.02 -6.25
C GLY D 248 28.54 33.78 -6.16
N GLY D 249 28.65 35.05 -5.75
CA GLY D 249 27.50 35.91 -5.61
C GLY D 249 26.72 35.75 -4.31
N LEU D 250 27.19 34.92 -3.39
CA LEU D 250 26.54 34.67 -2.11
C LEU D 250 27.54 34.75 -0.97
N ASP D 251 28.34 35.82 -0.97
CA ASP D 251 29.42 35.95 0.02
C ASP D 251 28.87 35.93 1.44
N LYS D 252 27.85 36.75 1.71
CA LYS D 252 27.24 36.79 3.03
C LYS D 252 26.76 35.41 3.46
N GLU D 253 26.37 34.57 2.50
CA GLU D 253 25.93 33.21 2.79
C GLU D 253 27.07 32.21 2.79
N ILE D 254 27.98 32.30 1.82
CA ILE D 254 29.02 31.28 1.68
C ILE D 254 30.03 31.38 2.81
N GLU D 255 30.44 32.60 3.19
CA GLU D 255 31.35 32.72 4.32
C GLU D 255 30.68 32.35 5.64
N SER D 256 29.39 32.67 5.79
CA SER D 256 28.67 32.25 6.99
C SER D 256 28.61 30.73 7.09
N LEU D 257 28.34 30.05 5.97
CA LEU D 257 28.32 28.59 5.97
C LEU D 257 29.71 28.03 6.26
N LYS D 258 30.74 28.64 5.68
CA LYS D 258 32.10 28.18 5.93
C LYS D 258 32.46 28.30 7.41
N SER D 259 32.11 29.43 8.03
CA SER D 259 32.38 29.60 9.46
C SER D 259 31.58 28.61 10.30
N ALA D 260 30.31 28.42 9.97
CA ALA D 260 29.46 27.50 10.73
C ALA D 260 29.89 26.05 10.55
N ILE D 261 30.60 25.73 9.48
CA ILE D 261 31.15 24.38 9.31
C ILE D 261 32.49 24.26 10.02
N GLU D 262 33.29 25.33 9.99
CA GLU D 262 34.64 25.26 10.54
C GLU D 262 34.63 25.25 12.06
N ILE D 263 33.80 26.09 12.69
CA ILE D 263 33.88 26.27 14.14
C ILE D 263 33.60 24.98 14.92
N PRO D 264 32.66 24.10 14.54
CA PRO D 264 32.45 22.91 15.38
C PRO D 264 33.60 21.92 15.31
N LEU D 265 34.06 21.59 14.10
CA LEU D 265 35.01 20.50 13.94
C LEU D 265 36.41 20.90 14.39
N HIS D 266 36.85 22.12 14.03
CA HIS D 266 38.23 22.51 14.24
C HIS D 266 38.46 23.27 15.54
N GLN D 267 37.41 23.81 16.16
CA GLN D 267 37.53 24.55 17.41
C GLN D 267 36.46 24.06 18.40
N PRO D 268 36.64 22.87 18.97
CA PRO D 268 35.72 22.40 20.01
C PRO D 268 36.14 22.78 21.42
N THR D 269 37.38 23.24 21.62
CA THR D 269 37.84 23.60 22.95
C THR D 269 37.06 24.77 23.51
N LEU D 270 36.79 25.78 22.69
CA LEU D 270 36.01 26.93 23.15
C LEU D 270 34.58 26.52 23.47
N PHE D 271 34.00 25.63 22.68
CA PHE D 271 32.66 25.13 22.97
C PHE D 271 32.63 24.38 24.30
N SER D 272 33.65 23.54 24.54
CA SER D 272 33.71 22.83 25.82
C SER D 272 33.89 23.79 26.99
N SER D 273 34.75 24.79 26.82
CA SER D 273 34.98 25.75 27.90
C SER D 273 33.73 26.58 28.21
N PHE D 274 33.02 27.00 27.18
CA PHE D 274 31.82 27.81 27.36
C PHE D 274 30.63 27.01 27.86
N GLY D 275 30.69 25.68 27.82
CA GLY D 275 29.60 24.85 28.29
C GLY D 275 28.40 24.79 27.37
N VAL D 276 28.54 25.21 26.11
CA VAL D 276 27.44 25.22 25.14
C VAL D 276 27.69 24.14 24.11
N SER D 277 26.62 23.41 23.76
CA SER D 277 26.75 22.34 22.79
C SER D 277 27.07 22.92 21.41
N PRO D 278 27.98 22.30 20.66
CA PRO D 278 28.29 22.77 19.31
C PRO D 278 27.12 22.55 18.37
N PRO D 279 27.03 23.32 17.28
CA PRO D 279 25.95 23.09 16.31
C PRO D 279 26.02 21.68 15.74
N ARG D 280 24.84 21.09 15.53
CA ARG D 280 24.73 19.72 15.05
C ARG D 280 24.29 19.61 13.60
N GLY D 281 23.28 20.37 13.21
CA GLY D 281 22.77 20.30 11.85
C GLY D 281 22.56 21.66 11.24
N ILE D 282 22.79 21.76 9.94
CA ILE D 282 22.55 22.96 9.16
C ILE D 282 21.64 22.60 8.00
N LEU D 283 20.56 23.37 7.82
CA LEU D 283 19.58 23.13 6.77
C LEU D 283 19.77 24.14 5.66
N LEU D 284 19.93 23.66 4.43
CA LEU D 284 20.10 24.50 3.25
C LEU D 284 18.86 24.32 2.38
N HIS D 285 17.93 25.25 2.47
CA HIS D 285 16.68 25.21 1.72
C HIS D 285 16.61 26.37 0.75
N GLY D 286 16.09 26.11 -0.45
CA GLY D 286 15.95 27.12 -1.46
C GLY D 286 15.29 26.60 -2.72
N PRO D 287 15.07 27.48 -3.69
CA PRO D 287 14.45 27.05 -4.94
C PRO D 287 15.36 26.10 -5.69
N PRO D 288 14.80 25.18 -6.47
CA PRO D 288 15.64 24.26 -7.24
C PRO D 288 16.47 24.99 -8.29
N GLY D 289 17.63 24.42 -8.60
CA GLY D 289 18.53 25.02 -9.56
C GLY D 289 19.39 26.14 -9.01
N THR D 290 19.49 26.27 -7.68
CA THR D 290 20.27 27.34 -7.06
C THR D 290 21.66 26.87 -6.62
N GLY D 291 22.05 25.65 -7.00
CA GLY D 291 23.38 25.18 -6.65
C GLY D 291 23.54 24.65 -5.25
N LYS D 292 22.46 24.20 -4.61
CA LYS D 292 22.55 23.64 -3.27
C LYS D 292 23.41 22.38 -3.27
N THR D 293 23.19 21.49 -4.24
CA THR D 293 24.03 20.31 -4.37
C THR D 293 25.47 20.69 -4.69
N MET D 294 25.65 21.69 -5.56
CA MET D 294 27.00 22.18 -5.85
C MET D 294 27.66 22.75 -4.61
N LEU D 295 26.89 23.49 -3.80
CA LEU D 295 27.42 24.03 -2.55
C LEU D 295 27.84 22.91 -1.60
N LEU D 296 27.02 21.88 -1.48
CA LEU D 296 27.38 20.75 -0.63
C LEU D 296 28.64 20.05 -1.14
N ARG D 297 28.74 19.86 -2.46
CA ARG D 297 29.91 19.22 -3.04
C ARG D 297 31.17 20.04 -2.78
N VAL D 298 31.08 21.36 -2.96
CA VAL D 298 32.27 22.19 -2.80
C VAL D 298 32.67 22.27 -1.32
N VAL D 299 31.68 22.32 -0.41
CA VAL D 299 32.04 22.38 1.00
C VAL D 299 32.57 21.04 1.49
N ALA D 300 32.19 19.94 0.82
CA ALA D 300 32.81 18.65 1.14
C ALA D 300 34.22 18.56 0.59
N ASN D 301 34.44 19.08 -0.62
CA ASN D 301 35.76 18.97 -1.24
C ASN D 301 36.78 19.89 -0.60
N THR D 302 36.35 21.07 -0.14
CA THR D 302 37.29 22.02 0.45
C THR D 302 37.84 21.57 1.80
N SER D 303 37.26 20.54 2.41
CA SER D 303 37.69 20.03 3.70
C SER D 303 38.15 18.59 3.57
N ASN D 304 38.98 18.17 4.53
CA ASN D 304 39.50 16.81 4.57
C ASN D 304 38.67 15.92 5.50
N ALA D 305 37.38 16.20 5.60
CA ALA D 305 36.49 15.47 6.49
C ALA D 305 36.02 14.16 5.86
N HIS D 306 35.60 13.23 6.71
CA HIS D 306 35.08 11.93 6.28
C HIS D 306 33.60 12.10 5.94
N VAL D 307 33.34 12.49 4.70
CA VAL D 307 31.99 12.81 4.26
C VAL D 307 31.24 11.52 3.92
N LEU D 308 29.95 11.51 4.26
CA LEU D 308 29.05 10.42 3.88
C LEU D 308 27.84 11.03 3.19
N THR D 309 27.54 10.56 1.98
CA THR D 309 26.52 11.16 1.13
C THR D 309 25.36 10.19 0.93
N ILE D 310 24.15 10.67 1.17
CA ILE D 310 22.93 9.95 0.86
C ILE D 310 22.03 10.89 0.06
N ASN D 311 21.51 10.40 -1.07
CA ASN D 311 20.78 11.24 -2.02
C ASN D 311 19.36 10.73 -2.25
N GLY D 312 18.42 11.25 -1.47
CA GLY D 312 17.01 11.02 -1.69
C GLY D 312 16.56 9.59 -1.46
N PRO D 313 15.60 9.14 -2.29
CA PRO D 313 15.01 7.80 -2.07
C PRO D 313 15.95 6.65 -2.36
N SER D 314 17.23 6.93 -2.61
CA SER D 314 18.20 5.88 -2.86
C SER D 314 18.46 5.00 -1.65
N ILE D 315 18.02 5.43 -0.46
CA ILE D 315 18.20 4.65 0.76
C ILE D 315 16.94 3.90 1.13
N VAL D 316 15.77 4.51 0.94
CA VAL D 316 14.51 3.87 1.31
C VAL D 316 14.26 2.67 0.42
N SER D 317 13.50 1.71 0.95
CA SER D 317 13.16 0.50 0.21
C SER D 317 11.86 -0.07 0.78
N LYS D 318 11.23 -0.96 0.00
CA LYS D 318 9.99 -1.58 0.43
C LYS D 318 10.19 -2.57 1.56
N TYR D 319 11.42 -3.07 1.75
CA TYR D 319 11.69 -4.02 2.83
C TYR D 319 11.63 -3.32 4.17
N LEU D 320 10.90 -3.90 5.11
CA LEU D 320 10.79 -3.32 6.45
C LEU D 320 12.10 -3.52 7.21
N GLY D 321 12.44 -2.53 8.02
CA GLY D 321 13.64 -2.61 8.83
C GLY D 321 14.94 -2.43 8.08
N GLU D 322 14.91 -1.79 6.92
CA GLU D 322 16.11 -1.57 6.12
C GLU D 322 16.54 -0.11 6.03
N THR D 323 15.59 0.81 5.88
CA THR D 323 15.94 2.23 5.78
C THR D 323 16.54 2.73 7.09
N GLU D 324 15.87 2.45 8.21
CA GLU D 324 16.39 2.89 9.50
C GLU D 324 17.67 2.14 9.87
N ALA D 325 17.78 0.88 9.46
CA ALA D 325 19.02 0.14 9.69
C ALA D 325 20.18 0.78 8.94
N ALA D 326 19.96 1.16 7.68
CA ALA D 326 21.00 1.81 6.90
C ALA D 326 21.36 3.18 7.51
N LEU D 327 20.35 3.92 7.95
CA LEU D 327 20.61 5.21 8.59
C LEU D 327 21.43 5.04 9.87
N ARG D 328 21.09 4.03 10.68
CA ARG D 328 21.85 3.77 11.89
C ARG D 328 23.28 3.37 11.58
N ASP D 329 23.47 2.55 10.54
CA ASP D 329 24.82 2.17 10.14
C ASP D 329 25.63 3.38 9.68
N ILE D 330 25.00 4.26 8.90
CA ILE D 330 25.68 5.46 8.44
C ILE D 330 26.06 6.36 9.62
N PHE D 331 25.14 6.54 10.57
CA PHE D 331 25.43 7.38 11.72
C PHE D 331 26.52 6.77 12.60
N ASN D 332 26.51 5.44 12.76
CA ASN D 332 27.56 4.79 13.54
C ASN D 332 28.92 4.94 12.86
N GLU D 333 28.96 4.79 11.53
CA GLU D 333 30.22 4.99 10.81
C GLU D 333 30.70 6.42 10.94
N ALA D 334 29.78 7.39 10.88
CA ALA D 334 30.16 8.79 11.05
C ALA D 334 30.68 9.05 12.46
N ARG D 335 30.04 8.45 13.48
CA ARG D 335 30.48 8.64 14.85
C ARG D 335 31.79 7.92 15.15
N LYS D 336 32.14 6.91 14.35
CA LYS D 336 33.40 6.20 14.57
C LYS D 336 34.60 7.12 14.40
N TYR D 337 34.54 8.02 13.41
CA TYR D 337 35.62 8.95 13.13
C TYR D 337 35.17 10.36 13.50
N GLN D 338 35.96 11.03 14.35
CA GLN D 338 35.54 12.33 14.87
C GLN D 338 35.31 13.39 13.81
N PRO D 339 36.22 13.62 12.85
CA PRO D 339 36.01 14.71 11.88
C PRO D 339 35.03 14.39 10.77
N SER D 340 34.25 13.31 10.86
CA SER D 340 33.35 12.93 9.79
C SER D 340 32.19 13.92 9.66
N ILE D 341 31.67 14.04 8.45
CA ILE D 341 30.54 14.90 8.14
C ILE D 341 29.47 14.08 7.43
N ILE D 342 28.22 14.28 7.82
CA ILE D 342 27.08 13.58 7.24
C ILE D 342 26.36 14.53 6.29
N PHE D 343 26.17 14.09 5.05
CA PHE D 343 25.48 14.88 4.03
C PHE D 343 24.19 14.19 3.63
N ILE D 344 23.10 14.94 3.65
CA ILE D 344 21.78 14.44 3.28
C ILE D 344 21.26 15.28 2.11
N ASP D 345 20.82 14.62 1.06
CA ASP D 345 20.27 15.27 -0.13
C ASP D 345 18.79 14.92 -0.25
N GLN D 346 17.97 15.95 -0.49
CA GLN D 346 16.52 15.80 -0.63
C GLN D 346 15.92 15.15 0.61
N ILE D 347 16.11 15.82 1.75
CA ILE D 347 15.57 15.33 3.00
C ILE D 347 14.05 15.37 3.03
N ASP D 348 13.43 16.22 2.21
CA ASP D 348 11.97 16.30 2.16
C ASP D 348 11.36 14.99 1.70
N SER D 349 11.93 14.37 0.67
CA SER D 349 11.42 13.09 0.19
C SER D 349 11.76 11.94 1.11
N ILE D 350 12.76 12.10 1.97
CA ILE D 350 13.17 11.04 2.88
C ILE D 350 12.38 11.08 4.19
N ALA D 351 12.30 12.25 4.81
CA ALA D 351 11.66 12.42 6.11
C ALA D 351 10.64 13.55 6.02
N PRO D 352 9.43 13.26 5.55
CA PRO D 352 8.39 14.28 5.45
C PRO D 352 7.69 14.47 6.79
N ASN D 353 6.69 15.35 6.78
CA ASN D 353 5.93 15.65 7.99
C ASN D 353 5.03 14.48 8.37
N ARG D 354 5.03 14.14 9.66
CA ARG D 354 4.16 13.08 10.16
C ARG D 354 2.70 13.51 10.28
N ALA D 355 2.44 14.82 10.32
CA ALA D 355 1.07 15.29 10.46
C ALA D 355 0.22 15.01 9.23
N ASN D 356 0.84 14.80 8.07
CA ASN D 356 0.10 14.51 6.86
C ASN D 356 -0.58 13.14 6.96
N ASP D 357 -1.83 13.08 6.51
CA ASP D 357 -2.59 11.85 6.59
C ASP D 357 -2.10 10.80 5.59
N ASP D 358 -1.41 11.22 4.53
CA ASP D 358 -0.93 10.31 3.51
C ASP D 358 0.50 9.83 3.77
N SER D 359 1.09 10.19 4.91
CA SER D 359 2.45 9.78 5.22
C SER D 359 2.53 8.27 5.43
N GLY D 360 1.79 7.75 6.40
CA GLY D 360 1.79 6.33 6.67
C GLY D 360 2.46 5.95 7.97
N GLU D 361 3.21 4.85 7.95
CA GLU D 361 3.92 4.35 9.13
C GLU D 361 5.42 4.27 8.95
N VAL D 362 5.89 3.85 7.77
CA VAL D 362 7.32 3.76 7.54
C VAL D 362 7.96 5.15 7.54
N GLU D 363 7.24 6.14 7.00
CA GLU D 363 7.75 7.51 7.05
C GLU D 363 7.86 8.01 8.49
N SER D 364 6.86 7.73 9.31
CA SER D 364 6.92 8.12 10.71
C SER D 364 8.07 7.42 11.42
N ARG D 365 8.27 6.13 11.14
CA ARG D 365 9.37 5.39 11.76
C ARG D 365 10.73 5.96 11.36
N VAL D 366 10.91 6.28 10.07
CA VAL D 366 12.19 6.81 9.64
C VAL D 366 12.42 8.21 10.20
N VAL D 367 11.36 9.02 10.32
CA VAL D 367 11.49 10.32 10.95
C VAL D 367 11.90 10.17 12.41
N ALA D 368 11.25 9.25 13.12
CA ALA D 368 11.57 9.04 14.53
C ALA D 368 13.00 8.56 14.72
N THR D 369 13.45 7.63 13.88
CA THR D 369 14.83 7.16 14.02
C THR D 369 15.84 8.24 13.64
N LEU D 370 15.51 9.10 12.68
CA LEU D 370 16.38 10.22 12.37
C LEU D 370 16.48 11.18 13.55
N LEU D 371 15.35 11.48 14.19
CA LEU D 371 15.38 12.36 15.37
C LEU D 371 16.19 11.74 16.50
N THR D 372 16.00 10.44 16.74
CA THR D 372 16.77 9.79 17.81
C THR D 372 18.26 9.80 17.52
N LEU D 373 18.64 9.52 16.28
CA LEU D 373 20.06 9.51 15.92
C LEU D 373 20.66 10.92 16.00
N MET D 374 19.87 11.94 15.65
CA MET D 374 20.38 13.31 15.73
C MET D 374 20.54 13.74 17.19
N ASP D 375 19.53 13.51 18.02
CA ASP D 375 19.58 13.87 19.43
C ASP D 375 18.85 12.81 20.24
N GLY D 376 19.58 11.80 20.70
CA GLY D 376 19.05 10.84 21.65
C GLY D 376 19.91 10.81 22.89
N MET D 377 19.50 9.96 23.84
CA MET D 377 20.26 9.82 25.07
C MET D 377 21.66 9.29 24.82
N GLY D 378 21.78 8.29 23.95
CA GLY D 378 23.06 7.74 23.56
C GLY D 378 23.63 8.26 22.26
N ALA D 379 22.99 9.26 21.65
CA ALA D 379 23.44 9.82 20.38
C ALA D 379 24.25 11.07 20.65
N ALA D 380 25.56 11.00 20.42
CA ALA D 380 26.45 12.14 20.60
C ALA D 380 27.68 11.91 19.73
N GLY D 381 28.41 13.00 19.50
CA GLY D 381 29.60 12.93 18.68
C GLY D 381 30.13 14.31 18.38
N LYS D 382 31.00 14.36 17.37
CA LYS D 382 31.67 15.59 16.95
C LYS D 382 31.48 15.73 15.43
N VAL D 383 30.23 15.57 14.99
CA VAL D 383 29.89 15.56 13.58
C VAL D 383 28.86 16.65 13.30
N VAL D 384 28.74 17.01 12.03
CA VAL D 384 27.79 18.00 11.56
C VAL D 384 26.98 17.38 10.43
N VAL D 385 25.67 17.66 10.42
CA VAL D 385 24.74 17.10 9.43
C VAL D 385 24.27 18.22 8.53
N ILE D 386 24.36 18.02 7.22
CA ILE D 386 23.94 18.99 6.22
C ILE D 386 22.80 18.38 5.42
N ALA D 387 21.67 19.09 5.37
CA ALA D 387 20.48 18.63 4.67
C ALA D 387 20.06 19.67 3.64
N ALA D 388 19.77 19.23 2.42
CA ALA D 388 19.32 20.09 1.35
C ALA D 388 17.89 19.72 0.96
N THR D 389 17.05 20.74 0.79
CA THR D 389 15.66 20.53 0.45
C THR D 389 15.14 21.73 -0.34
N ASN D 390 14.01 21.53 -1.01
CA ASN D 390 13.39 22.57 -1.80
C ASN D 390 12.39 23.39 -0.98
N ARG D 391 11.49 22.71 -0.26
CA ARG D 391 10.50 23.40 0.56
C ARG D 391 10.67 23.00 2.02
N PRO D 392 10.74 23.97 2.94
CA PRO D 392 10.85 23.61 4.36
C PRO D 392 9.54 23.19 4.99
N ASN D 393 8.40 23.54 4.39
CA ASN D 393 7.11 23.19 4.97
C ASN D 393 6.91 21.67 5.02
N SER D 394 7.33 20.97 3.96
CA SER D 394 7.19 19.52 3.94
C SER D 394 8.05 18.85 5.00
N VAL D 395 9.14 19.49 5.41
CA VAL D 395 9.99 18.94 6.46
C VAL D 395 9.24 18.94 7.79
N ASP D 396 9.39 17.87 8.55
CA ASP D 396 8.69 17.75 9.82
C ASP D 396 9.16 18.84 10.78
N PRO D 397 8.24 19.46 11.52
CA PRO D 397 8.66 20.49 12.49
C PRO D 397 9.60 19.96 13.56
N ALA D 398 9.48 18.69 13.94
CA ALA D 398 10.39 18.11 14.91
C ALA D 398 11.82 18.10 14.38
N LEU D 399 11.98 17.81 13.09
CA LEU D 399 13.31 17.90 12.47
C LEU D 399 13.84 19.32 12.51
N ARG D 400 12.97 20.31 12.26
CA ARG D 400 13.36 21.72 12.29
C ARG D 400 13.27 22.23 13.72
N ARG D 401 14.13 21.67 14.57
CA ARG D 401 14.23 22.07 15.97
C ARG D 401 15.67 22.50 16.21
N PRO D 402 15.90 23.51 17.06
CA PRO D 402 17.27 23.98 17.29
C PRO D 402 18.24 22.89 17.71
N GLY D 403 17.78 21.89 18.45
CA GLY D 403 18.64 20.76 18.77
C GLY D 403 19.08 19.99 17.54
N ARG D 404 18.16 19.75 16.61
CA ARG D 404 18.50 19.05 15.38
C ARG D 404 19.17 19.99 14.38
N PHE D 405 18.45 21.04 13.96
CA PHE D 405 18.91 21.98 12.93
C PHE D 405 18.80 23.39 13.51
N ASP D 406 19.86 23.84 14.19
CA ASP D 406 19.83 25.16 14.79
C ASP D 406 19.94 26.26 13.75
N GLN D 407 20.74 26.03 12.71
CA GLN D 407 21.00 27.03 11.67
C GLN D 407 20.26 26.65 10.40
N GLU D 408 19.48 27.60 9.87
CA GLU D 408 18.76 27.42 8.62
C GLU D 408 19.33 28.36 7.58
N VAL D 409 19.73 27.81 6.44
CA VAL D 409 20.31 28.58 5.34
C VAL D 409 19.26 28.69 4.24
N GLU D 410 18.85 29.92 3.95
CA GLU D 410 17.81 30.19 2.95
C GLU D 410 18.48 30.70 1.68
N ILE D 411 18.73 29.78 0.74
CA ILE D 411 19.33 30.16 -0.53
C ILE D 411 18.32 30.98 -1.32
N GLY D 412 18.74 32.16 -1.78
CA GLY D 412 17.89 33.06 -2.53
C GLY D 412 18.21 33.07 -4.01
N ILE D 413 17.28 33.63 -4.77
CA ILE D 413 17.48 33.78 -6.22
C ILE D 413 18.62 34.77 -6.47
N PRO D 414 19.59 34.42 -7.32
CA PRO D 414 20.70 35.36 -7.56
C PRO D 414 20.21 36.68 -8.15
N ASP D 415 20.86 37.76 -7.73
CA ASP D 415 20.52 39.10 -8.20
C ASP D 415 21.37 39.42 -9.44
N VAL D 416 21.33 40.69 -9.86
CA VAL D 416 22.12 41.08 -11.03
C VAL D 416 23.61 40.96 -10.75
N ASP D 417 24.05 41.37 -9.55
CA ASP D 417 25.46 41.23 -9.20
C ASP D 417 25.87 39.76 -9.11
N ALA D 418 25.03 38.93 -8.49
CA ALA D 418 25.35 37.51 -8.39
C ALA D 418 25.38 36.85 -9.76
N ARG D 419 24.42 37.20 -10.62
CA ARG D 419 24.41 36.64 -11.98
C ARG D 419 25.65 37.09 -12.75
N PHE D 420 26.05 38.35 -12.62
CA PHE D 420 27.25 38.83 -13.27
C PHE D 420 28.49 38.09 -12.77
N ASP D 421 28.57 37.87 -11.46
CA ASP D 421 29.71 37.14 -10.90
C ASP D 421 29.75 35.71 -11.42
N ILE D 422 28.60 35.04 -11.48
CA ILE D 422 28.55 33.67 -11.96
C ILE D 422 28.95 33.59 -13.43
N LEU D 423 28.45 34.52 -14.25
CA LEU D 423 28.82 34.55 -15.66
C LEU D 423 30.31 34.80 -15.83
N THR D 424 30.88 35.73 -15.05
CA THR D 424 32.31 35.99 -15.15
C THR D 424 33.12 34.77 -14.76
N LYS D 425 32.72 34.08 -13.70
CA LYS D 425 33.42 32.86 -13.29
C LYS D 425 33.32 31.79 -14.36
N GLN D 426 32.13 31.60 -14.94
CA GLN D 426 31.96 30.59 -15.98
C GLN D 426 32.81 30.91 -17.20
N PHE D 427 32.88 32.19 -17.60
CA PHE D 427 33.66 32.55 -18.76
C PHE D 427 35.16 32.52 -18.50
N SER D 428 35.58 32.77 -17.25
CA SER D 428 36.99 32.66 -16.88
C SER D 428 37.41 31.22 -16.61
N ARG D 429 36.45 30.30 -16.48
CA ARG D 429 36.80 28.89 -16.34
C ARG D 429 37.66 28.41 -17.49
N MET D 430 37.33 28.83 -18.72
CA MET D 430 38.15 28.49 -19.87
C MET D 430 39.39 29.37 -20.00
N SER D 431 39.54 30.38 -19.14
CA SER D 431 40.75 31.18 -19.05
C SER D 431 41.03 31.93 -20.35
N SER D 432 42.28 31.92 -20.79
CA SER D 432 42.76 32.76 -21.89
C SER D 432 42.33 32.18 -23.23
N ASP D 433 42.93 32.72 -24.31
CA ASP D 433 42.98 32.37 -25.72
C ASP D 433 41.60 32.30 -26.37
N ARG D 434 40.54 32.66 -25.65
CA ARG D 434 39.20 32.79 -26.22
C ARG D 434 38.47 33.88 -25.44
N HIS D 435 37.18 34.05 -25.73
CA HIS D 435 36.31 34.99 -25.04
C HIS D 435 36.87 36.42 -25.14
N VAL D 436 36.88 36.92 -26.38
CA VAL D 436 37.31 38.29 -26.63
C VAL D 436 36.34 39.33 -26.11
N LEU D 437 35.15 38.91 -25.71
CA LEU D 437 34.17 39.86 -25.16
C LEU D 437 34.68 40.45 -23.86
N ASP D 438 34.42 41.74 -23.67
CA ASP D 438 34.89 42.46 -22.49
C ASP D 438 33.85 42.39 -21.38
N SER D 439 34.04 43.19 -20.32
CA SER D 439 33.14 43.14 -19.18
C SER D 439 31.77 43.71 -19.50
N GLU D 440 31.68 44.67 -20.42
CA GLU D 440 30.39 45.27 -20.74
C GLU D 440 29.45 44.27 -21.41
N ALA D 441 29.99 43.36 -22.23
CA ALA D 441 29.15 42.33 -22.82
C ALA D 441 28.60 41.40 -21.77
N ILE D 442 29.43 41.02 -20.79
CA ILE D 442 28.97 40.16 -19.71
C ILE D 442 27.90 40.87 -18.87
N LYS D 443 28.10 42.16 -18.60
CA LYS D 443 27.10 42.92 -17.86
C LYS D 443 25.78 43.00 -18.62
N TYR D 444 25.85 43.22 -19.93
CA TYR D 444 24.64 43.26 -20.74
C TYR D 444 23.93 41.91 -20.75
N ILE D 445 24.69 40.82 -20.85
CA ILE D 445 24.10 39.49 -20.83
C ILE D 445 23.42 39.23 -19.48
N ALA D 446 24.08 39.61 -18.39
CA ALA D 446 23.50 39.43 -17.06
C ALA D 446 22.22 40.26 -16.90
N SER D 447 22.23 41.49 -17.42
CA SER D 447 21.04 42.34 -17.34
C SER D 447 19.90 41.78 -18.20
N LYS D 448 20.23 41.09 -19.30
CA LYS D 448 19.21 40.52 -20.15
C LYS D 448 18.46 39.37 -19.48
N THR D 449 18.99 38.82 -18.39
CA THR D 449 18.36 37.73 -17.66
C THR D 449 17.92 38.22 -16.30
N HIS D 450 16.64 37.98 -15.97
CA HIS D 450 16.07 38.39 -14.70
C HIS D 450 15.74 37.22 -13.78
N GLY D 451 14.97 36.25 -14.26
CA GLY D 451 14.60 35.11 -13.45
C GLY D 451 15.47 33.90 -13.68
N TYR D 452 16.63 34.11 -14.30
CA TYR D 452 17.56 33.01 -14.60
C TYR D 452 18.26 32.57 -13.33
N VAL D 453 18.18 31.28 -13.02
CA VAL D 453 18.86 30.71 -11.87
C VAL D 453 20.29 30.34 -12.28
N GLY D 454 21.14 30.05 -11.29
CA GLY D 454 22.52 29.69 -11.59
C GLY D 454 22.64 28.44 -12.43
N ALA D 455 21.71 27.50 -12.28
CA ALA D 455 21.75 26.28 -13.07
C ALA D 455 21.54 26.58 -14.55
N ASP D 456 20.63 27.51 -14.87
CA ASP D 456 20.33 27.82 -16.25
C ASP D 456 21.48 28.52 -16.97
N LEU D 457 22.39 29.17 -16.23
CA LEU D 457 23.49 29.86 -16.87
C LEU D 457 24.50 28.87 -17.47
N THR D 458 24.75 27.76 -16.77
CA THR D 458 25.62 26.73 -17.32
C THR D 458 25.01 26.12 -18.58
N ALA D 459 23.69 25.89 -18.56
CA ALA D 459 23.02 25.38 -19.75
C ALA D 459 23.10 26.38 -20.90
N LEU D 460 22.96 27.68 -20.59
CA LEU D 460 23.10 28.71 -21.61
C LEU D 460 24.50 28.70 -22.22
N CYS D 461 25.52 28.58 -21.38
CA CYS D 461 26.89 28.53 -21.89
C CYS D 461 27.11 27.31 -22.76
N ARG D 462 26.60 26.14 -22.34
CA ARG D 462 26.73 24.93 -23.14
C ARG D 462 26.00 25.06 -24.48
N GLU D 463 24.80 25.64 -24.46
CA GLU D 463 24.06 25.85 -25.70
C GLU D 463 24.79 26.80 -26.63
N SER D 464 25.38 27.87 -26.07
CA SER D 464 26.15 28.79 -26.89
C SER D 464 27.36 28.10 -27.50
N VAL D 465 28.04 27.26 -26.72
CA VAL D 465 29.22 26.56 -27.23
C VAL D 465 28.82 25.61 -28.37
N MET D 466 27.75 24.84 -28.18
CA MET D 466 27.36 23.89 -29.21
C MET D 466 26.84 24.60 -30.46
N LYS D 467 26.13 25.71 -30.28
CA LYS D 467 25.69 26.49 -31.43
C LYS D 467 26.88 27.08 -32.19
N THR D 468 27.91 27.54 -31.46
CA THR D 468 29.11 28.04 -32.11
C THR D 468 29.79 26.94 -32.91
N ILE D 469 29.89 25.73 -32.33
CA ILE D 469 30.51 24.62 -33.04
C ILE D 469 29.71 24.27 -34.30
N GLN D 470 28.38 24.25 -34.18
CA GLN D 470 27.54 23.97 -35.34
C GLN D 470 27.71 25.03 -36.42
N ARG D 471 27.78 26.30 -36.03
CA ARG D 471 27.96 27.38 -37.00
C ARG D 471 29.35 27.33 -37.63
N GLY D 472 30.33 26.76 -36.94
CA GLY D 472 31.66 26.63 -37.51
C GLY D 472 31.74 25.68 -38.68
N LEU D 473 30.74 24.83 -38.86
CA LEU D 473 30.69 23.88 -39.97
C LEU D 473 30.10 24.49 -41.23
N GLY D 474 29.66 25.74 -41.19
CA GLY D 474 28.97 26.35 -42.31
C GLY D 474 29.84 27.24 -43.17
N THR D 475 29.75 28.56 -42.95
CA THR D 475 30.47 29.50 -43.79
C THR D 475 31.98 29.29 -43.72
N ASP D 476 32.50 29.01 -42.52
CA ASP D 476 33.93 28.79 -42.35
C ASP D 476 34.40 27.52 -43.04
N ALA D 477 33.49 26.61 -43.39
CA ALA D 477 33.79 25.39 -44.14
C ALA D 477 34.81 24.52 -43.39
N ASN D 478 34.43 24.12 -42.18
CA ASN D 478 35.22 23.21 -41.35
C ASN D 478 36.64 23.74 -41.13
N ILE D 479 36.75 25.03 -40.84
CA ILE D 479 38.04 25.66 -40.56
C ILE D 479 38.48 25.26 -39.16
N ASP D 480 39.74 25.50 -38.83
CA ASP D 480 40.25 25.19 -37.50
C ASP D 480 39.52 26.01 -36.45
N LYS D 481 39.19 25.37 -35.33
CA LYS D 481 38.41 25.99 -34.27
C LYS D 481 39.27 26.71 -33.23
N PHE D 482 40.59 26.73 -33.42
CA PHE D 482 41.47 27.42 -32.49
C PHE D 482 41.47 28.93 -32.69
N SER D 483 40.91 29.42 -33.80
CA SER D 483 40.84 30.85 -34.07
C SER D 483 39.43 31.37 -34.25
N LEU D 484 38.41 30.50 -34.21
CA LEU D 484 37.03 30.96 -34.37
C LEU D 484 36.52 31.66 -33.13
N LYS D 485 37.06 31.32 -31.96
CA LYS D 485 36.71 31.89 -30.65
C LYS D 485 35.21 32.02 -30.43
N VAL D 486 34.79 33.01 -29.65
CA VAL D 486 33.39 33.21 -29.29
C VAL D 486 33.04 34.68 -29.55
N THR D 487 31.90 34.90 -30.20
CA THR D 487 31.43 36.23 -30.52
C THR D 487 30.06 36.47 -29.88
N LEU D 488 29.65 37.73 -29.86
CA LEU D 488 28.35 38.09 -29.27
C LEU D 488 27.20 37.52 -30.08
N LYS D 489 27.37 37.36 -31.38
CA LYS D 489 26.31 36.79 -32.21
C LYS D 489 25.98 35.37 -31.80
N ASP D 490 26.97 34.60 -31.36
CA ASP D 490 26.73 33.22 -30.93
C ASP D 490 25.77 33.17 -29.75
N VAL D 491 26.06 33.96 -28.70
CA VAL D 491 25.19 33.94 -27.53
C VAL D 491 23.85 34.59 -27.85
N GLU D 492 23.83 35.59 -28.73
CA GLU D 492 22.56 36.19 -29.13
C GLU D 492 21.67 35.16 -29.82
N SER D 493 22.24 34.33 -30.69
CA SER D 493 21.47 33.27 -31.33
C SER D 493 21.07 32.19 -30.34
N ALA D 494 21.96 31.84 -29.41
CA ALA D 494 21.67 30.80 -28.44
C ALA D 494 20.69 31.25 -27.36
N MET D 495 20.42 32.55 -27.26
CA MET D 495 19.46 33.03 -26.26
C MET D 495 18.06 32.47 -26.47
N VAL D 496 17.76 31.96 -27.67
CA VAL D 496 16.45 31.38 -27.93
C VAL D 496 16.46 29.91 -27.53
N ASP D 497 15.26 29.36 -27.33
CA ASP D 497 15.06 27.95 -27.00
C ASP D 497 15.69 27.57 -25.66
N ILE D 498 15.76 28.52 -24.73
CA ILE D 498 16.18 28.26 -23.35
C ILE D 498 15.23 28.99 -22.42
N ARG D 499 14.82 28.32 -21.35
CA ARG D 499 13.85 28.89 -20.43
C ARG D 499 14.41 28.87 -19.01
N PRO D 500 13.99 29.81 -18.16
CA PRO D 500 14.39 29.76 -16.75
C PRO D 500 13.82 28.52 -16.07
N SER D 501 14.55 28.05 -15.06
CA SER D 501 14.15 26.81 -14.37
C SER D 501 12.80 26.98 -13.67
N ALA D 502 12.57 28.14 -13.05
CA ALA D 502 11.35 28.39 -12.31
C ALA D 502 10.27 29.08 -13.15
N MET D 503 10.49 29.22 -14.45
CA MET D 503 9.57 29.94 -15.34
C MET D 503 9.31 29.07 -16.57
N ARG D 504 9.02 27.79 -16.34
CA ARG D 504 8.83 26.83 -17.43
C ARG D 504 7.36 26.66 -17.79
N GLU D 505 6.53 26.22 -16.83
CA GLU D 505 5.17 25.80 -17.15
C GLU D 505 4.27 26.98 -17.48
N ILE D 506 4.34 28.05 -16.68
CA ILE D 506 3.42 29.18 -16.87
C ILE D 506 3.79 30.05 -18.05
N PHE D 507 4.95 29.84 -18.67
CA PHE D 507 5.38 30.65 -19.79
C PHE D 507 4.81 30.09 -21.09
N LEU D 508 4.28 30.97 -21.92
CA LEU D 508 3.73 30.60 -23.22
C LEU D 508 4.61 31.21 -24.32
N GLU D 509 4.18 31.06 -25.57
CA GLU D 509 4.95 31.55 -26.70
C GLU D 509 5.18 33.06 -26.58
N MET D 510 6.43 33.45 -26.79
CA MET D 510 6.82 34.85 -26.61
C MET D 510 6.36 35.68 -27.81
N PRO D 511 5.55 36.71 -27.62
CA PRO D 511 5.17 37.58 -28.74
C PRO D 511 6.38 38.36 -29.26
N LYS D 512 6.30 38.74 -30.52
CA LYS D 512 7.38 39.46 -31.21
C LYS D 512 6.85 40.77 -31.79
N VAL D 513 6.10 41.52 -30.98
CA VAL D 513 5.54 42.80 -31.37
C VAL D 513 6.37 43.90 -30.73
N TYR D 514 6.69 44.92 -31.52
CA TYR D 514 7.54 46.03 -31.10
C TYR D 514 6.75 47.34 -31.10
N TRP D 515 7.45 48.43 -30.80
CA TRP D 515 6.82 49.74 -30.77
C TRP D 515 6.37 50.18 -32.16
N SER D 516 7.14 49.84 -33.19
CA SER D 516 6.78 50.25 -34.55
C SER D 516 5.51 49.55 -35.02
N ASP D 517 5.28 48.32 -34.55
CA ASP D 517 4.09 47.59 -34.98
C ASP D 517 2.82 48.22 -34.43
N ILE D 518 2.87 48.76 -33.21
CA ILE D 518 1.70 49.32 -32.55
C ILE D 518 1.69 50.83 -32.77
N GLY D 519 0.52 51.44 -32.55
CA GLY D 519 0.36 52.88 -32.67
C GLY D 519 -0.66 53.39 -31.67
N GLY D 520 -0.26 54.42 -30.93
CA GLY D 520 -1.12 54.98 -29.90
C GLY D 520 -0.63 56.35 -29.47
N GLN D 521 -1.32 56.90 -28.48
CA GLN D 521 -0.95 58.21 -27.95
C GLN D 521 0.42 58.15 -27.28
N GLU D 522 1.19 59.23 -27.45
CA GLU D 522 2.55 59.27 -26.90
C GLU D 522 2.54 59.44 -25.39
N GLU D 523 1.52 60.09 -24.84
CA GLU D 523 1.50 60.38 -23.41
C GLU D 523 1.50 59.08 -22.59
N LEU D 524 0.64 58.13 -22.95
CA LEU D 524 0.55 56.90 -22.19
C LEU D 524 1.85 56.10 -22.25
N LYS D 525 2.40 55.92 -23.45
CA LYS D 525 3.62 55.14 -23.58
C LYS D 525 4.79 55.81 -22.86
N THR D 526 4.90 57.13 -22.97
CA THR D 526 5.96 57.84 -22.28
C THR D 526 5.83 57.71 -20.77
N LYS D 527 4.62 57.89 -20.25
CA LYS D 527 4.41 57.81 -18.80
C LYS D 527 4.71 56.41 -18.30
N MET D 528 4.23 55.38 -19.01
CA MET D 528 4.47 54.01 -18.58
C MET D 528 5.95 53.64 -18.65
N LYS D 529 6.62 54.05 -19.74
CA LYS D 529 8.05 53.79 -19.86
C LYS D 529 8.82 54.44 -18.73
N GLU D 530 8.52 55.70 -18.42
CA GLU D 530 9.20 56.37 -17.32
C GLU D 530 8.92 55.67 -16.00
N MET D 531 7.66 55.32 -15.74
CA MET D 531 7.29 54.71 -14.47
C MET D 531 8.00 53.38 -14.26
N ILE D 532 8.14 52.58 -15.31
CA ILE D 532 8.76 51.27 -15.16
C ILE D 532 10.28 51.30 -15.33
N GLN D 533 10.84 52.35 -15.91
CA GLN D 533 12.28 52.40 -16.16
C GLN D 533 13.05 53.22 -15.13
N LEU D 534 12.47 54.30 -14.62
CA LEU D 534 13.20 55.14 -13.67
C LEU D 534 13.64 54.39 -12.41
N PRO D 535 12.81 53.57 -11.76
CA PRO D 535 13.34 52.77 -10.64
C PRO D 535 14.45 51.83 -11.04
N LEU D 536 14.42 51.30 -12.27
CA LEU D 536 15.43 50.36 -12.73
C LEU D 536 16.65 51.05 -13.32
N GLU D 537 16.43 52.04 -14.19
CA GLU D 537 17.56 52.74 -14.81
C GLU D 537 18.37 53.50 -13.77
N ALA D 538 17.70 54.22 -12.87
CA ALA D 538 18.35 55.01 -11.83
C ALA D 538 17.72 54.67 -10.49
N SER D 539 18.23 53.61 -9.85
CA SER D 539 17.73 53.24 -8.52
C SER D 539 18.29 54.16 -7.44
N GLU D 540 19.53 54.64 -7.62
CA GLU D 540 20.14 55.51 -6.63
C GLU D 540 19.45 56.86 -6.54
N THR D 541 18.91 57.36 -7.66
CA THR D 541 18.18 58.62 -7.63
C THR D 541 16.93 58.50 -6.76
N PHE D 542 16.18 57.40 -6.93
CA PHE D 542 15.01 57.19 -6.07
C PHE D 542 15.44 56.89 -4.63
N ALA D 543 16.61 56.27 -4.45
CA ALA D 543 17.09 55.98 -3.10
C ALA D 543 17.38 57.26 -2.34
N ARG D 544 18.07 58.22 -2.98
CA ARG D 544 18.32 59.49 -2.31
C ARG D 544 17.05 60.32 -2.20
N LEU D 545 16.17 60.25 -3.21
CA LEU D 545 14.89 60.94 -3.11
C LEU D 545 13.94 60.28 -2.13
N GLY D 546 14.13 58.99 -1.84
CA GLY D 546 13.24 58.29 -0.92
C GLY D 546 11.83 58.13 -1.44
N ILE D 547 11.68 57.85 -2.72
CA ILE D 547 10.38 57.66 -3.36
C ILE D 547 10.37 56.28 -4.01
N SER D 548 9.34 55.49 -3.70
CA SER D 548 9.21 54.16 -4.26
C SER D 548 8.35 54.20 -5.52
N ALA D 549 8.33 53.06 -6.22
CA ALA D 549 7.55 52.95 -7.44
C ALA D 549 6.05 52.98 -7.13
N PRO D 550 5.25 53.52 -8.04
CA PRO D 550 3.79 53.54 -7.81
C PRO D 550 3.19 52.14 -7.67
N LYS D 551 3.80 51.13 -8.28
CA LYS D 551 3.43 49.72 -8.17
C LYS D 551 2.00 49.43 -8.64
N GLY D 552 1.32 50.41 -9.21
CA GLY D 552 -0.04 50.20 -9.67
C GLY D 552 -0.45 51.13 -10.81
N VAL D 553 -1.27 50.63 -11.72
CA VAL D 553 -1.76 51.43 -12.84
C VAL D 553 -2.98 50.72 -13.42
N LEU D 554 -3.98 51.52 -13.80
CA LEU D 554 -5.22 51.02 -14.37
C LEU D 554 -5.46 51.67 -15.72
N LEU D 555 -5.97 50.88 -16.66
CA LEU D 555 -6.26 51.34 -18.02
C LEU D 555 -7.71 51.02 -18.33
N TYR D 556 -8.58 52.02 -18.22
CA TYR D 556 -10.01 51.87 -18.50
C TYR D 556 -10.34 52.56 -19.81
N GLY D 557 -11.01 51.84 -20.71
CA GLY D 557 -11.38 52.39 -22.00
C GLY D 557 -12.26 51.44 -22.80
N PRO D 558 -12.80 51.95 -23.91
CA PRO D 558 -13.66 51.10 -24.74
C PRO D 558 -12.86 50.01 -25.42
N PRO D 559 -13.48 48.89 -25.78
CA PRO D 559 -12.75 47.83 -26.48
C PRO D 559 -12.26 48.30 -27.84
N GLY D 560 -11.07 47.80 -28.20
CA GLY D 560 -10.40 48.23 -29.45
C GLY D 560 -9.77 49.61 -29.24
N CYS D 561 -9.38 49.91 -28.00
CA CYS D 561 -8.82 51.25 -27.63
C CYS D 561 -7.31 51.19 -27.36
N SER D 562 -6.61 50.22 -27.94
CA SER D 562 -5.14 50.10 -27.79
C SER D 562 -4.66 49.98 -26.34
N LYS D 563 -5.21 49.06 -25.53
CA LYS D 563 -4.72 48.97 -24.12
C LYS D 563 -3.77 47.78 -23.87
N THR D 564 -4.20 46.51 -24.06
CA THR D 564 -3.26 45.38 -23.79
C THR D 564 -2.12 45.35 -24.81
N LEU D 565 -2.36 45.82 -26.04
CA LEU D 565 -1.29 45.80 -27.07
C LEU D 565 -0.13 46.67 -26.57
N THR D 566 -0.45 47.85 -26.01
CA THR D 566 0.61 48.72 -25.45
C THR D 566 1.26 47.99 -24.27
N ALA D 567 0.66 46.89 -23.79
CA ALA D 567 1.30 46.19 -22.68
C ALA D 567 2.07 44.97 -23.17
N LYS D 568 1.53 44.23 -24.13
CA LYS D 568 2.24 43.08 -24.69
C LYS D 568 3.52 43.52 -25.38
N ALA D 569 3.45 44.61 -26.14
CA ALA D 569 4.65 45.14 -26.80
C ALA D 569 5.69 45.60 -25.79
N LEU D 570 5.25 46.25 -24.71
CA LEU D 570 6.16 46.66 -23.65
C LEU D 570 6.83 45.45 -23.01
N ALA D 571 6.06 44.39 -22.74
CA ALA D 571 6.64 43.19 -22.16
C ALA D 571 7.65 42.55 -23.10
N THR D 572 7.34 42.53 -24.41
CA THR D 572 8.27 41.96 -25.38
C THR D 572 9.56 42.77 -25.46
N GLU D 573 9.45 44.10 -25.50
CA GLU D 573 10.63 44.94 -25.71
C GLU D 573 11.50 45.03 -24.44
N SER D 574 10.86 45.13 -23.27
CA SER D 574 11.62 45.33 -22.04
C SER D 574 12.49 44.12 -21.72
N GLY D 575 11.97 42.91 -21.95
CA GLY D 575 12.71 41.70 -21.69
C GLY D 575 12.55 41.15 -20.29
N ILE D 576 11.87 41.85 -19.39
CA ILE D 576 11.64 41.36 -18.04
C ILE D 576 10.58 40.26 -18.08
N ASN D 577 10.56 39.43 -17.03
CA ASN D 577 9.59 38.35 -16.96
C ASN D 577 8.17 38.91 -16.99
N PHE D 578 7.32 38.27 -17.79
CA PHE D 578 5.94 38.70 -17.96
C PHE D 578 4.99 37.55 -17.65
N LEU D 579 3.91 37.86 -16.94
CA LEU D 579 2.90 36.87 -16.57
C LEU D 579 1.54 37.37 -17.06
N ALA D 580 0.80 36.49 -17.74
CA ALA D 580 -0.52 36.81 -18.27
C ALA D 580 -1.57 36.00 -17.52
N VAL D 581 -2.57 36.70 -17.00
CA VAL D 581 -3.67 36.08 -16.26
C VAL D 581 -4.96 36.43 -16.98
N LYS D 582 -5.70 35.41 -17.40
CA LYS D 582 -6.95 35.59 -18.11
C LYS D 582 -8.10 35.78 -17.13
N GLY D 583 -9.23 36.27 -17.66
CA GLY D 583 -10.40 36.54 -16.86
C GLY D 583 -11.09 35.28 -16.35
N PRO D 584 -11.68 34.50 -17.26
CA PRO D 584 -12.39 33.28 -16.81
C PRO D 584 -11.48 32.11 -16.52
N GLU D 585 -10.18 32.21 -16.83
CA GLU D 585 -9.27 31.09 -16.56
C GLU D 585 -9.15 30.83 -15.06
N ILE D 586 -9.03 31.89 -14.26
CA ILE D 586 -8.90 31.72 -12.82
C ILE D 586 -10.22 31.27 -12.19
N PHE D 587 -11.36 31.57 -12.81
CA PHE D 587 -12.65 31.18 -12.26
C PHE D 587 -12.81 29.67 -12.34
N ASN D 588 -12.99 29.04 -11.18
CA ASN D 588 -13.15 27.60 -11.09
C ASN D 588 -14.40 27.28 -10.29
N LYS D 589 -15.02 26.13 -10.61
CA LYS D 589 -16.22 25.70 -9.89
C LYS D 589 -15.93 25.44 -8.42
N TYR D 590 -14.81 24.78 -8.13
CA TYR D 590 -14.43 24.50 -6.75
C TYR D 590 -13.97 25.77 -6.04
N VAL D 591 -14.46 25.97 -4.83
CA VAL D 591 -14.11 27.14 -4.04
C VAL D 591 -12.70 26.95 -3.46
N GLY D 592 -11.87 27.98 -3.58
CA GLY D 592 -10.52 27.96 -3.08
C GLY D 592 -9.46 27.61 -4.10
N GLU D 593 -9.85 26.99 -5.22
CA GLU D 593 -8.87 26.72 -6.28
C GLU D 593 -8.37 28.01 -6.90
N SER D 594 -9.26 28.98 -7.12
CA SER D 594 -8.85 30.28 -7.64
C SER D 594 -7.92 30.99 -6.67
N GLU D 595 -8.20 30.89 -5.37
CA GLU D 595 -7.33 31.50 -4.37
C GLU D 595 -5.94 30.87 -4.41
N ARG D 596 -5.88 29.54 -4.51
CA ARG D 596 -4.60 28.85 -4.60
C ARG D 596 -3.83 29.25 -5.85
N ALA D 597 -4.54 29.37 -6.99
CA ALA D 597 -3.89 29.77 -8.23
C ALA D 597 -3.33 31.19 -8.12
N ILE D 598 -4.11 32.10 -7.53
CA ILE D 598 -3.66 33.48 -7.37
C ILE D 598 -2.44 33.54 -6.45
N ARG D 599 -2.48 32.79 -5.35
CA ARG D 599 -1.35 32.76 -4.44
C ARG D 599 -0.10 32.20 -5.11
N GLU D 600 -0.27 31.13 -5.90
CA GLU D 600 0.87 30.54 -6.61
C GLU D 600 1.44 31.53 -7.62
N ILE D 601 0.58 32.24 -8.35
CA ILE D 601 1.05 33.22 -9.33
C ILE D 601 1.82 34.34 -8.63
N PHE D 602 1.29 34.83 -7.51
CA PHE D 602 1.96 35.91 -6.78
C PHE D 602 3.30 35.43 -6.23
N ARG D 603 3.36 34.21 -5.70
CA ARG D 603 4.62 33.68 -5.19
C ARG D 603 5.64 33.51 -6.30
N LYS D 604 5.20 33.04 -7.47
CA LYS D 604 6.11 32.90 -8.60
C LYS D 604 6.63 34.27 -9.05
N ALA D 605 5.76 35.27 -9.07
CA ALA D 605 6.20 36.63 -9.43
C ALA D 605 7.20 37.16 -8.41
N ARG D 606 6.96 36.91 -7.12
CA ARG D 606 7.88 37.36 -6.09
C ARG D 606 9.24 36.69 -6.22
N SER D 607 9.24 35.38 -6.51
CA SER D 607 10.48 34.61 -6.57
C SER D 607 11.20 34.73 -7.90
N ALA D 608 10.61 35.36 -8.90
CA ALA D 608 11.19 35.50 -10.23
C ALA D 608 11.67 36.92 -10.49
N ALA D 609 12.23 37.58 -9.47
CA ALA D 609 12.80 38.92 -9.54
C ALA D 609 11.69 39.94 -9.78
N PRO D 610 11.98 41.25 -9.69
CA PRO D 610 10.98 42.25 -10.05
C PRO D 610 10.47 42.04 -11.48
N SER D 611 9.16 42.17 -11.65
CA SER D 611 8.51 41.89 -12.92
C SER D 611 7.22 42.69 -12.98
N ILE D 612 6.36 42.34 -13.94
CA ILE D 612 5.07 42.99 -14.12
C ILE D 612 4.00 41.92 -14.31
N ILE D 613 2.85 42.12 -13.67
CA ILE D 613 1.72 41.21 -13.78
C ILE D 613 0.59 41.95 -14.48
N PHE D 614 0.14 41.41 -15.60
CA PHE D 614 -0.94 42.01 -16.39
C PHE D 614 -2.13 41.05 -16.41
N PHE D 615 -3.32 41.59 -16.15
CA PHE D 615 -4.54 40.80 -16.08
C PHE D 615 -5.34 40.99 -17.35
N ASP D 616 -5.71 39.87 -17.98
CA ASP D 616 -6.53 39.89 -19.18
C ASP D 616 -7.99 39.75 -18.78
N GLN D 617 -8.81 40.73 -19.18
CA GLN D 617 -10.24 40.75 -18.89
C GLN D 617 -10.48 40.67 -17.37
N ILE D 618 -9.89 41.63 -16.65
CA ILE D 618 -10.07 41.68 -15.20
C ILE D 618 -11.49 42.07 -14.82
N ASP D 619 -12.26 42.62 -15.76
CA ASP D 619 -13.64 42.97 -15.48
C ASP D 619 -14.55 41.76 -15.35
N ALA D 620 -14.06 40.57 -15.69
CA ALA D 620 -14.87 39.36 -15.54
C ALA D 620 -15.26 39.12 -14.08
N LEU D 621 -14.31 39.31 -13.17
CA LEU D 621 -14.60 39.19 -11.75
C LEU D 621 -15.29 40.45 -11.25
N SER D 622 -16.38 40.28 -10.50
CA SER D 622 -17.16 41.40 -10.00
C SER D 622 -17.89 40.96 -8.75
N PRO D 623 -18.22 41.89 -7.84
CA PRO D 623 -18.99 41.56 -6.63
C PRO D 623 -20.48 41.37 -6.90
N ASP D 624 -20.79 40.51 -7.88
CA ASP D 624 -22.16 40.17 -8.26
C ASP D 624 -22.97 41.39 -8.70
N ARG D 625 -22.29 42.46 -9.10
CA ARG D 625 -22.87 43.71 -9.60
C ARG D 625 -23.63 44.49 -8.54
N ASP D 626 -23.78 43.95 -7.32
CA ASP D 626 -24.48 44.65 -6.25
C ASP D 626 -24.13 43.98 -4.94
N GLY D 627 -23.53 44.74 -4.02
CA GLY D 627 -23.16 44.19 -2.73
C GLY D 627 -22.19 43.03 -2.88
N SER D 628 -22.48 41.93 -2.18
CA SER D 628 -21.65 40.73 -2.26
C SER D 628 -22.51 39.54 -1.86
N SER D 629 -22.87 38.70 -2.83
CA SER D 629 -23.71 37.54 -2.59
C SER D 629 -22.96 36.23 -2.77
N THR D 630 -22.34 36.02 -3.93
CA THR D 630 -21.58 34.80 -4.15
C THR D 630 -20.28 34.83 -3.35
N SER D 631 -19.99 33.73 -2.66
CA SER D 631 -18.79 33.68 -1.83
C SER D 631 -17.52 33.62 -2.67
N ALA D 632 -17.56 32.94 -3.82
CA ALA D 632 -16.35 32.75 -4.62
C ALA D 632 -15.80 34.09 -5.12
N ALA D 633 -16.66 34.93 -5.67
CA ALA D 633 -16.21 36.21 -6.20
C ALA D 633 -15.66 37.10 -5.10
N ASN D 634 -16.36 37.16 -3.95
CA ASN D 634 -15.89 37.97 -2.84
C ASN D 634 -14.55 37.48 -2.32
N HIS D 635 -14.39 36.15 -2.22
CA HIS D 635 -13.12 35.60 -1.77
C HIS D 635 -12.00 35.92 -2.75
N VAL D 636 -12.28 35.81 -4.06
CA VAL D 636 -11.28 36.12 -5.07
C VAL D 636 -10.85 37.58 -4.97
N LEU D 637 -11.83 38.48 -4.84
CA LEU D 637 -11.51 39.90 -4.73
C LEU D 637 -10.71 40.20 -3.46
N THR D 638 -11.10 39.62 -2.33
CA THR D 638 -10.39 39.86 -1.08
C THR D 638 -8.97 39.33 -1.14
N SER D 639 -8.78 38.15 -1.73
CA SER D 639 -7.43 37.61 -1.89
C SER D 639 -6.60 38.49 -2.81
N LEU D 640 -7.21 39.02 -3.86
CA LEU D 640 -6.48 39.92 -4.76
C LEU D 640 -6.02 41.17 -4.03
N LEU D 641 -6.90 41.79 -3.24
CA LEU D 641 -6.51 42.98 -2.48
C LEU D 641 -5.42 42.64 -1.47
N ASN D 642 -5.55 41.51 -0.78
CA ASN D 642 -4.55 41.13 0.21
C ASN D 642 -3.19 40.87 -0.44
N GLU D 643 -3.18 40.23 -1.61
CA GLU D 643 -1.92 39.93 -2.28
C GLU D 643 -1.27 41.20 -2.82
N ILE D 644 -2.07 42.11 -3.40
CA ILE D 644 -1.50 43.35 -3.92
C ILE D 644 -0.97 44.21 -2.77
N ASP D 645 -1.73 44.34 -1.70
CA ASP D 645 -1.34 45.11 -0.53
C ASP D 645 -1.94 44.48 0.71
N GLY D 646 -1.09 43.80 1.49
CA GLY D 646 -1.53 43.14 2.70
C GLY D 646 -0.48 43.26 3.78
N VAL D 647 -0.52 42.31 4.71
CA VAL D 647 0.47 42.29 5.79
C VAL D 647 1.87 42.13 5.23
N GLU D 648 2.04 41.18 4.31
CA GLU D 648 3.32 41.03 3.63
C GLU D 648 3.47 42.10 2.55
N GLU D 649 4.60 42.80 2.56
CA GLU D 649 4.85 43.92 1.67
C GLU D 649 5.76 43.47 0.54
N LEU D 650 5.32 43.72 -0.70
CA LEU D 650 6.08 43.38 -1.90
C LEU D 650 6.24 44.64 -2.73
N LYS D 651 7.44 44.84 -3.28
CA LYS D 651 7.76 46.05 -4.01
C LYS D 651 8.38 45.81 -5.38
N GLY D 652 8.98 44.65 -5.61
CA GLY D 652 9.65 44.41 -6.88
C GLY D 652 8.70 44.39 -8.06
N VAL D 653 7.57 43.70 -7.92
CA VAL D 653 6.63 43.54 -9.01
C VAL D 653 5.71 44.75 -9.08
N VAL D 654 5.33 45.13 -10.30
CA VAL D 654 4.42 46.24 -10.54
C VAL D 654 3.15 45.69 -11.16
N ILE D 655 2.01 46.04 -10.58
CA ILE D 655 0.71 45.51 -11.01
C ILE D 655 0.13 46.44 -12.07
N VAL D 656 -0.21 45.86 -13.23
CA VAL D 656 -0.88 46.58 -14.30
C VAL D 656 -2.14 45.81 -14.68
N ALA D 657 -3.24 46.53 -14.81
CA ALA D 657 -4.52 45.90 -15.13
C ALA D 657 -5.32 46.81 -16.05
N ALA D 658 -6.17 46.19 -16.86
CA ALA D 658 -7.05 46.90 -17.78
C ALA D 658 -8.46 46.35 -17.64
N THR D 659 -9.43 47.25 -17.45
CA THR D 659 -10.83 46.86 -17.31
C THR D 659 -11.68 47.66 -18.28
N ASN D 660 -12.65 46.98 -18.89
CA ASN D 660 -13.56 47.66 -19.81
C ASN D 660 -14.57 48.53 -19.06
N ARG D 661 -15.13 48.01 -17.96
CA ARG D 661 -16.12 48.73 -17.16
C ARG D 661 -15.63 48.86 -15.73
N PRO D 662 -15.02 49.98 -15.36
CA PRO D 662 -14.55 50.16 -13.98
C PRO D 662 -15.64 50.45 -12.97
N ASP D 663 -16.91 50.37 -13.37
CA ASP D 663 -18.00 50.66 -12.43
C ASP D 663 -18.05 49.65 -11.29
N GLU D 664 -17.89 48.36 -11.62
CA GLU D 664 -17.96 47.33 -10.60
C GLU D 664 -16.74 47.27 -9.70
N ILE D 665 -15.67 48.00 -10.04
CA ILE D 665 -14.47 48.03 -9.21
C ILE D 665 -14.75 48.91 -8.00
N ASP D 666 -14.69 48.32 -6.81
CA ASP D 666 -14.99 49.04 -5.59
C ASP D 666 -13.84 49.97 -5.21
N ALA D 667 -14.12 50.88 -4.26
CA ALA D 667 -13.10 51.81 -3.79
C ALA D 667 -11.97 51.11 -3.06
N ALA D 668 -12.20 49.90 -2.55
CA ALA D 668 -11.13 49.15 -1.92
C ALA D 668 -10.03 48.79 -2.91
N LEU D 669 -10.42 48.43 -4.14
CA LEU D 669 -9.43 48.14 -5.18
C LEU D 669 -8.91 49.41 -5.83
N LEU D 670 -9.70 50.48 -5.82
CA LEU D 670 -9.32 51.73 -6.47
C LEU D 670 -8.56 52.68 -5.55
N ARG D 671 -8.41 52.34 -4.27
CA ARG D 671 -7.68 53.20 -3.35
C ARG D 671 -6.18 53.20 -3.70
N PRO D 672 -5.47 54.28 -3.39
CA PRO D 672 -4.05 54.35 -3.74
C PRO D 672 -3.24 53.22 -3.11
N GLY D 673 -2.31 52.66 -3.88
CA GLY D 673 -1.46 51.57 -3.38
C GLY D 673 -1.79 50.24 -4.05
N ARG D 674 -2.76 50.24 -4.97
CA ARG D 674 -3.17 49.01 -5.69
C ARG D 674 -3.37 49.37 -7.17
N LEU D 675 -4.33 50.26 -7.45
CA LEU D 675 -4.63 50.72 -8.80
C LEU D 675 -4.77 52.24 -8.81
N ASP D 676 -3.79 52.92 -8.20
CA ASP D 676 -3.87 54.36 -8.01
C ASP D 676 -3.94 55.11 -9.34
N ARG D 677 -3.13 54.70 -10.32
CA ARG D 677 -3.07 55.41 -11.59
C ARG D 677 -4.25 55.04 -12.48
N HIS D 678 -4.84 56.06 -13.12
CA HIS D 678 -5.93 55.88 -14.06
C HIS D 678 -5.64 56.69 -15.32
N ILE D 679 -5.89 56.07 -16.48
CA ILE D 679 -5.64 56.70 -17.77
C ILE D 679 -6.88 56.53 -18.64
N TYR D 680 -7.25 57.61 -19.35
CA TYR D 680 -8.43 57.57 -20.20
C TYR D 680 -8.28 56.57 -21.33
N VAL D 681 -7.08 56.46 -21.91
CA VAL D 681 -6.72 55.57 -23.01
C VAL D 681 -7.82 55.54 -24.08
N GLY D 682 -8.40 56.70 -24.36
CA GLY D 682 -9.42 56.81 -25.37
C GLY D 682 -8.87 56.71 -26.77
N PRO D 683 -9.61 57.23 -27.75
CA PRO D 683 -9.14 57.18 -29.14
C PRO D 683 -7.85 57.95 -29.31
N PRO D 684 -6.93 57.46 -30.14
CA PRO D 684 -5.66 58.16 -30.35
C PRO D 684 -5.85 59.39 -31.21
N ASP D 685 -4.82 60.23 -31.24
CA ASP D 685 -4.84 61.45 -32.01
C ASP D 685 -4.63 61.15 -33.49
N VAL D 686 -4.62 62.21 -34.30
CA VAL D 686 -4.51 62.04 -35.75
C VAL D 686 -3.14 61.47 -36.14
N ASN D 687 -2.09 61.88 -35.43
CA ASN D 687 -0.74 61.44 -35.77
C ASN D 687 -0.59 59.94 -35.57
N ALA D 688 -1.11 59.40 -34.47
CA ALA D 688 -0.98 57.97 -34.22
C ALA D 688 -1.72 57.15 -35.27
N ARG D 689 -2.94 57.57 -35.63
CA ARG D 689 -3.70 56.86 -36.64
C ARG D 689 -3.03 56.96 -38.01
N LEU D 690 -2.47 58.13 -38.33
CA LEU D 690 -1.73 58.27 -39.57
C LEU D 690 -0.52 57.34 -39.61
N GLU D 691 0.19 57.22 -38.48
CA GLU D 691 1.31 56.29 -38.41
C GLU D 691 0.86 54.86 -38.58
N ILE D 692 -0.28 54.49 -37.98
CA ILE D 692 -0.81 53.14 -38.11
C ILE D 692 -1.13 52.84 -39.58
N LEU D 693 -1.79 53.79 -40.25
CA LEU D 693 -2.13 53.59 -41.66
C LEU D 693 -0.87 53.52 -42.52
N LYS D 694 0.13 54.34 -42.22
CA LYS D 694 1.39 54.30 -42.98
C LYS D 694 2.08 52.95 -42.81
N LYS D 695 2.07 52.42 -41.59
CA LYS D 695 2.64 51.08 -41.36
C LYS D 695 1.85 50.03 -42.11
N CYS D 696 0.52 50.13 -42.11
CA CYS D 696 -0.31 49.20 -42.86
C CYS D 696 -0.10 49.37 -44.36
N THR D 697 0.01 50.62 -44.83
CA THR D 697 0.23 50.89 -46.24
C THR D 697 1.67 50.64 -46.67
N LYS D 698 2.59 50.44 -45.72
CA LYS D 698 3.99 50.21 -46.08
C LYS D 698 4.14 48.97 -46.94
N LYS D 699 3.35 47.93 -46.66
CA LYS D 699 3.35 46.75 -47.53
C LYS D 699 2.82 47.09 -48.92
N PHE D 700 1.80 47.94 -48.99
CA PHE D 700 1.26 48.37 -50.26
C PHE D 700 2.24 49.27 -51.00
N ASN D 701 2.08 49.34 -52.32
CA ASN D 701 2.93 50.18 -53.16
C ASN D 701 2.48 51.63 -53.02
N THR D 702 3.03 52.31 -52.02
CA THR D 702 2.67 53.71 -51.78
C THR D 702 3.07 54.59 -52.95
N GLU D 703 4.26 54.39 -53.50
CA GLU D 703 4.72 55.21 -54.61
C GLU D 703 3.83 55.03 -55.84
N GLU D 704 3.46 53.78 -56.14
CA GLU D 704 2.59 53.52 -57.29
C GLU D 704 1.21 54.13 -57.09
N SER D 705 0.66 54.02 -55.87
CA SER D 705 -0.66 54.58 -55.61
C SER D 705 -0.63 56.10 -55.63
N GLY D 706 0.32 56.70 -54.91
CA GLY D 706 0.44 58.14 -54.89
C GLY D 706 -0.60 58.87 -54.09
N VAL D 707 -1.39 58.16 -53.28
CA VAL D 707 -2.45 58.79 -52.51
C VAL D 707 -1.86 59.44 -51.26
N ASP D 708 -2.37 60.62 -50.91
CA ASP D 708 -1.92 61.32 -49.71
C ASP D 708 -2.62 60.83 -48.45
N LEU D 709 -3.68 60.05 -48.58
CA LEU D 709 -4.40 59.39 -47.48
C LEU D 709 -4.82 60.38 -46.38
N HIS D 710 -4.84 61.67 -46.67
CA HIS D 710 -5.31 62.65 -45.70
C HIS D 710 -6.81 62.49 -45.46
N GLU D 711 -7.58 62.37 -46.55
CA GLU D 711 -9.00 62.04 -46.42
C GLU D 711 -9.17 60.67 -45.77
N LEU D 712 -8.31 59.72 -46.14
CA LEU D 712 -8.31 58.42 -45.47
C LEU D 712 -7.94 58.55 -44.00
N ALA D 713 -7.03 59.47 -43.67
CA ALA D 713 -6.71 59.71 -42.26
C ALA D 713 -7.94 60.23 -41.52
N ASP D 714 -8.70 61.14 -42.14
CA ASP D 714 -9.92 61.63 -41.51
C ASP D 714 -10.94 60.51 -41.33
N ARG D 715 -11.09 59.66 -42.35
CA ARG D 715 -12.03 58.54 -42.26
C ARG D 715 -11.62 57.57 -41.15
N THR D 716 -10.32 57.31 -41.02
CA THR D 716 -9.81 56.48 -39.93
C THR D 716 -10.11 57.13 -38.58
N GLU D 717 -9.90 58.44 -38.48
CA GLU D 717 -10.24 59.16 -37.25
C GLU D 717 -11.72 59.06 -36.94
N GLY D 718 -12.56 58.90 -37.97
CA GLY D 718 -13.98 58.72 -37.75
C GLY D 718 -14.35 57.41 -37.08
N TYR D 719 -13.44 56.44 -37.09
CA TYR D 719 -13.66 55.13 -36.47
C TYR D 719 -12.70 54.94 -35.30
N SER D 720 -12.78 53.77 -34.68
CA SER D 720 -11.95 53.45 -33.53
C SER D 720 -10.67 52.75 -33.98
N GLY D 721 -9.93 52.17 -33.04
CA GLY D 721 -8.65 51.55 -33.33
C GLY D 721 -8.74 50.28 -34.14
N ALA D 722 -9.33 49.23 -33.57
CA ALA D 722 -9.43 47.96 -34.28
C ALA D 722 -10.40 48.03 -35.44
N GLU D 723 -11.31 49.01 -35.42
CA GLU D 723 -12.29 49.14 -36.50
C GLU D 723 -11.62 49.42 -37.83
N VAL D 724 -10.62 50.31 -37.85
CA VAL D 724 -9.95 50.63 -39.11
C VAL D 724 -9.08 49.46 -39.58
N VAL D 725 -8.51 48.69 -38.65
CA VAL D 725 -7.74 47.51 -39.04
C VAL D 725 -8.66 46.48 -39.69
N LEU D 726 -9.82 46.24 -39.09
CA LEU D 726 -10.80 45.35 -39.70
C LEU D 726 -11.29 45.88 -41.03
N LEU D 727 -11.45 47.20 -41.15
CA LEU D 727 -11.85 47.81 -42.41
C LEU D 727 -10.82 47.53 -43.50
N CYS D 728 -9.54 47.72 -43.18
CA CYS D 728 -8.48 47.46 -44.15
C CYS D 728 -8.43 45.98 -44.55
N GLN D 729 -8.56 45.09 -43.56
CA GLN D 729 -8.55 43.66 -43.87
C GLN D 729 -9.72 43.28 -44.76
N GLU D 730 -10.91 43.79 -44.48
CA GLU D 730 -12.07 43.47 -45.29
C GLU D 730 -11.95 44.08 -46.68
N ALA D 731 -11.35 45.27 -46.79
CA ALA D 731 -11.12 45.86 -48.11
C ALA D 731 -10.15 45.01 -48.92
N GLY D 732 -9.08 44.51 -48.30
CA GLY D 732 -8.18 43.63 -49.00
C GLY D 732 -8.84 42.34 -49.44
N LEU D 733 -9.68 41.76 -48.56
CA LEU D 733 -10.40 40.56 -48.91
C LEU D 733 -11.36 40.81 -50.08
N ALA D 734 -12.07 41.93 -50.05
CA ALA D 734 -12.97 42.26 -51.15
C ALA D 734 -12.21 42.46 -52.45
N ALA D 735 -11.05 43.10 -52.39
CA ALA D 735 -10.24 43.29 -53.59
C ALA D 735 -9.78 41.94 -54.17
N ILE D 736 -9.26 41.06 -53.31
CA ILE D 736 -8.76 39.79 -53.81
C ILE D 736 -9.89 38.86 -54.23
N MET D 737 -11.11 39.09 -53.76
CA MET D 737 -12.25 38.31 -54.26
C MET D 737 -12.84 38.89 -55.54
N GLU D 738 -12.70 40.21 -55.74
CA GLU D 738 -13.28 40.83 -56.92
C GLU D 738 -12.36 40.71 -58.12
N ASP D 739 -11.12 41.19 -58.00
CA ASP D 739 -10.20 41.15 -59.14
C ASP D 739 -8.83 40.60 -58.74
N LEU D 740 -8.79 39.78 -57.69
CA LEU D 740 -7.57 39.06 -57.27
C LEU D 740 -6.49 40.09 -56.96
N ASP D 741 -5.25 39.89 -57.39
CA ASP D 741 -4.17 40.82 -57.08
C ASP D 741 -4.35 42.12 -57.85
N VAL D 742 -4.04 43.24 -57.18
CA VAL D 742 -4.11 44.56 -57.78
C VAL D 742 -2.77 45.27 -57.53
N ALA D 743 -2.24 45.90 -58.57
CA ALA D 743 -1.00 46.67 -58.42
C ALA D 743 -1.21 47.87 -57.51
N LYS D 744 -2.34 48.57 -57.68
CA LYS D 744 -2.65 49.75 -56.88
C LYS D 744 -4.06 49.60 -56.32
N VAL D 745 -4.22 49.89 -55.04
CA VAL D 745 -5.52 49.82 -54.38
C VAL D 745 -6.19 51.19 -54.50
N GLU D 746 -7.35 51.23 -55.11
CA GLU D 746 -8.08 52.47 -55.35
C GLU D 746 -9.12 52.67 -54.24
N LEU D 747 -9.95 53.71 -54.40
CA LEU D 747 -10.98 54.04 -53.43
C LEU D 747 -12.17 53.10 -53.50
N ARG D 748 -12.31 52.32 -54.58
CA ARG D 748 -13.47 51.44 -54.72
C ARG D 748 -13.53 50.41 -53.59
N HIS D 749 -12.40 49.72 -53.35
CA HIS D 749 -12.38 48.70 -52.31
C HIS D 749 -12.54 49.33 -50.93
N PHE D 750 -11.95 50.51 -50.71
CA PHE D 750 -12.07 51.17 -49.43
C PHE D 750 -13.51 51.58 -49.14
N GLU D 751 -14.23 52.08 -50.16
CA GLU D 751 -15.64 52.38 -49.99
C GLU D 751 -16.46 51.12 -49.79
N LYS D 752 -16.07 50.03 -50.44
CA LYS D 752 -16.75 48.75 -50.21
C LYS D 752 -16.59 48.31 -48.75
N ALA D 753 -15.39 48.48 -48.20
CA ALA D 753 -15.18 48.18 -46.78
C ALA D 753 -16.00 49.11 -45.90
N PHE D 754 -16.06 50.40 -46.26
CA PHE D 754 -16.80 51.36 -45.45
C PHE D 754 -18.28 51.01 -45.41
N LYS D 755 -18.85 50.61 -46.55
CA LYS D 755 -20.26 50.23 -46.56
C LYS D 755 -20.48 48.87 -45.90
N GLY D 756 -19.48 48.00 -45.98
CA GLY D 756 -19.60 46.69 -45.36
C GLY D 756 -19.63 46.77 -43.84
N ILE D 757 -18.75 47.58 -43.25
CA ILE D 757 -18.65 47.73 -41.81
C ILE D 757 -19.08 49.15 -41.46
N ALA D 758 -20.20 49.29 -40.76
CA ALA D 758 -20.76 50.58 -40.41
C ALA D 758 -20.90 50.70 -38.91
N ARG D 759 -20.55 51.87 -38.37
CA ARG D 759 -20.66 52.18 -36.94
C ARG D 759 -19.81 51.17 -36.16
N GLY D 760 -20.39 50.38 -35.25
CA GLY D 760 -19.64 49.47 -34.43
C GLY D 760 -19.34 50.00 -33.04
N ILE D 761 -19.41 51.32 -32.84
CA ILE D 761 -19.19 51.93 -31.54
C ILE D 761 -20.29 52.97 -31.32
N THR D 762 -20.81 53.01 -30.09
CA THR D 762 -21.84 53.96 -29.72
C THR D 762 -21.28 55.04 -28.80
N PRO D 763 -21.76 56.29 -28.92
CA PRO D 763 -21.20 57.37 -28.12
C PRO D 763 -21.58 57.34 -26.65
N GLU D 764 -22.53 56.50 -26.25
CA GLU D 764 -22.93 56.46 -24.84
C GLU D 764 -21.77 56.00 -23.95
N MET D 765 -21.01 55.00 -24.41
CA MET D 765 -19.84 54.59 -23.63
C MET D 765 -18.77 55.66 -23.62
N LEU D 766 -18.63 56.41 -24.72
CA LEU D 766 -17.68 57.52 -24.73
C LEU D 766 -18.06 58.59 -23.71
N SER D 767 -19.35 58.92 -23.64
CA SER D 767 -19.82 59.88 -22.64
C SER D 767 -19.62 59.35 -21.23
N TYR D 768 -19.87 58.05 -21.03
CA TYR D 768 -19.66 57.46 -19.71
C TYR D 768 -18.19 57.53 -19.30
N TYR D 769 -17.28 57.22 -20.23
CA TYR D 769 -15.86 57.30 -19.92
C TYR D 769 -15.43 58.74 -19.66
N GLU D 770 -15.97 59.70 -20.42
CA GLU D 770 -15.65 61.10 -20.20
C GLU D 770 -16.09 61.56 -18.82
N GLU D 771 -17.31 61.20 -18.41
CA GLU D 771 -17.79 61.60 -17.09
C GLU D 771 -17.03 60.87 -15.98
N PHE D 772 -16.66 59.61 -16.21
CA PHE D 772 -15.88 58.86 -15.23
C PHE D 772 -14.46 59.40 -15.11
N ALA D 773 -13.95 60.05 -16.14
CA ALA D 773 -12.65 60.71 -16.06
C ALA D 773 -12.74 62.13 -15.52
N LEU D 774 -13.90 62.77 -15.64
CA LEU D 774 -14.03 64.17 -15.27
C LEU D 774 -14.63 64.41 -13.89
N ARG D 775 -15.34 63.43 -13.30
CA ARG D 775 -15.97 63.71 -12.01
C ARG D 775 -14.97 63.74 -10.86
N SER D 776 -13.72 63.34 -11.11
CA SER D 776 -12.71 63.36 -10.04
C SER D 776 -12.45 64.78 -9.56
N GLY D 777 -12.33 65.73 -10.48
CA GLY D 777 -12.07 67.11 -10.13
C GLY D 777 -10.61 67.49 -10.20
N LYS E 29 38.17 -18.47 -9.84
CA LYS E 29 37.62 -17.39 -10.64
C LYS E 29 36.48 -17.89 -11.54
N LEU E 30 36.79 -18.89 -12.37
CA LEU E 30 35.86 -19.49 -13.31
C LEU E 30 35.19 -18.43 -14.18
N PRO E 31 35.92 -17.82 -15.11
CA PRO E 31 35.31 -16.78 -15.96
C PRO E 31 34.35 -17.36 -16.98
N ALA E 32 33.04 -17.14 -16.78
CA ALA E 32 32.02 -17.62 -17.68
C ALA E 32 31.64 -16.61 -18.76
N GLU E 33 32.24 -15.41 -18.74
CA GLU E 33 31.91 -14.37 -19.70
C GLU E 33 33.19 -13.85 -20.34
N PHE E 34 33.14 -13.63 -21.66
CA PHE E 34 34.27 -13.11 -22.40
C PHE E 34 33.77 -12.09 -23.41
N ILE E 35 34.65 -11.16 -23.77
CA ILE E 35 34.37 -10.12 -24.76
C ILE E 35 35.49 -10.09 -25.78
N THR E 36 35.26 -9.33 -26.85
CA THR E 36 36.20 -9.23 -27.96
C THR E 36 36.73 -7.81 -28.09
N ARG E 37 37.92 -7.70 -28.69
CA ARG E 37 38.57 -6.42 -28.90
C ARG E 37 39.60 -6.55 -30.03
N PRO E 38 39.59 -5.65 -31.01
CA PRO E 38 40.55 -5.75 -32.11
C PRO E 38 41.98 -5.58 -31.63
N HIS E 39 42.90 -6.32 -32.25
CA HIS E 39 44.31 -6.27 -31.91
C HIS E 39 44.96 -5.01 -32.47
N PRO E 40 45.95 -4.47 -31.77
CA PRO E 40 46.66 -3.29 -32.29
C PRO E 40 47.79 -3.65 -33.24
N SER E 41 48.55 -2.63 -33.67
CA SER E 41 49.76 -2.79 -34.47
C SER E 41 49.46 -3.21 -35.91
N LYS E 42 48.20 -3.47 -36.22
CA LYS E 42 47.76 -3.84 -37.56
C LYS E 42 48.56 -5.03 -38.09
N ASP E 43 48.35 -6.16 -37.42
CA ASP E 43 49.02 -7.39 -37.81
C ASP E 43 48.49 -7.90 -39.16
N HIS E 44 49.38 -8.49 -39.94
CA HIS E 44 49.04 -9.04 -41.24
C HIS E 44 49.39 -10.51 -41.29
N GLY E 45 48.49 -11.31 -41.86
CA GLY E 45 48.72 -12.75 -41.96
C GLY E 45 48.51 -13.48 -40.66
N LYS E 46 49.39 -13.23 -39.70
CA LYS E 46 49.27 -13.86 -38.37
C LYS E 46 48.09 -13.35 -37.58
N GLU E 47 47.43 -12.27 -38.03
CA GLU E 47 46.28 -11.74 -37.29
C GLU E 47 45.09 -12.68 -37.32
N THR E 48 44.95 -13.48 -38.39
CA THR E 48 43.79 -14.32 -38.54
C THR E 48 43.92 -15.60 -37.72
N CYS E 49 42.77 -16.14 -37.30
CA CYS E 49 42.70 -17.41 -36.58
C CYS E 49 43.55 -17.40 -35.31
N THR E 50 43.54 -16.26 -34.62
CA THR E 50 44.29 -16.11 -33.38
C THR E 50 43.38 -15.57 -32.29
N ALA E 51 43.40 -16.20 -31.12
CA ALA E 51 42.64 -15.78 -29.96
C ALA E 51 43.58 -15.75 -28.77
N TYR E 52 44.07 -14.55 -28.43
CA TYR E 52 45.04 -14.38 -27.36
C TYR E 52 44.33 -14.48 -26.01
N ILE E 53 44.01 -15.73 -25.64
CA ILE E 53 43.37 -15.98 -24.35
C ILE E 53 44.41 -15.81 -23.24
N HIS E 54 43.94 -15.42 -22.06
CA HIS E 54 44.83 -15.24 -20.92
C HIS E 54 45.48 -16.57 -20.55
N PRO E 55 46.78 -16.58 -20.21
CA PRO E 55 47.43 -17.85 -19.86
C PRO E 55 46.78 -18.57 -18.70
N ASN E 56 46.29 -17.83 -17.70
CA ASN E 56 45.57 -18.46 -16.60
C ASN E 56 44.28 -19.10 -17.07
N VAL E 57 43.54 -18.41 -17.94
CA VAL E 57 42.32 -18.97 -18.50
C VAL E 57 42.65 -20.12 -19.45
N LEU E 58 43.73 -19.98 -20.22
CA LEU E 58 44.11 -21.03 -21.16
C LEU E 58 44.45 -22.32 -20.44
N SER E 59 45.19 -22.23 -19.33
CA SER E 59 45.51 -23.42 -18.56
C SER E 59 44.28 -23.96 -17.83
N SER E 60 43.37 -23.08 -17.40
CA SER E 60 42.17 -23.53 -16.70
C SER E 60 41.28 -24.36 -17.61
N LEU E 61 41.15 -23.97 -18.88
CA LEU E 61 40.31 -24.67 -19.84
C LEU E 61 41.03 -25.85 -20.50
N GLU E 62 42.12 -26.32 -19.89
CA GLU E 62 42.92 -27.47 -20.34
C GLU E 62 43.11 -27.50 -21.86
N ILE E 63 43.38 -26.34 -22.46
CA ILE E 63 43.62 -26.22 -23.89
C ILE E 63 45.03 -25.67 -24.10
N ASN E 64 45.80 -26.36 -24.95
CA ASN E 64 47.16 -25.96 -25.24
C ASN E 64 47.18 -24.76 -26.18
N PRO E 65 48.25 -23.95 -26.15
CA PRO E 65 48.34 -22.83 -27.09
C PRO E 65 48.29 -23.27 -28.55
N GLY E 66 48.88 -24.41 -28.87
CA GLY E 66 48.84 -24.92 -30.24
C GLY E 66 47.67 -25.85 -30.47
N SER E 67 46.45 -25.34 -30.30
CA SER E 67 45.26 -26.15 -30.46
C SER E 67 44.15 -25.29 -31.04
N PHE E 68 43.14 -25.95 -31.60
CA PHE E 68 41.99 -25.29 -32.20
C PHE E 68 40.87 -25.21 -31.17
N CYS E 69 40.29 -24.02 -31.02
CA CYS E 69 39.23 -23.78 -30.05
C CYS E 69 38.09 -23.03 -30.72
N THR E 70 36.89 -23.18 -30.14
CA THR E 70 35.70 -22.55 -30.64
C THR E 70 35.45 -21.25 -29.89
N VAL E 71 35.41 -20.13 -30.62
CA VAL E 71 35.16 -18.82 -30.05
C VAL E 71 33.97 -18.20 -30.77
N GLY E 72 32.99 -17.74 -30.01
CA GLY E 72 31.82 -17.12 -30.59
C GLY E 72 30.78 -16.85 -29.55
N LYS E 73 29.70 -16.20 -30.00
CA LYS E 73 28.59 -15.89 -29.11
C LYS E 73 27.89 -17.16 -28.65
N ILE E 74 27.43 -17.13 -27.40
CA ILE E 74 26.97 -18.35 -26.73
C ILE E 74 25.71 -18.88 -27.40
N GLY E 75 25.70 -20.18 -27.65
CA GLY E 75 24.53 -20.88 -28.14
C GLY E 75 24.21 -20.70 -29.61
N GLU E 76 24.96 -19.86 -30.33
CA GLU E 76 24.63 -19.58 -31.73
C GLU E 76 25.42 -20.48 -32.67
N ASN E 77 26.74 -20.37 -32.66
CA ASN E 77 27.61 -21.11 -33.59
C ASN E 77 29.05 -20.95 -33.12
N GLY E 78 29.99 -21.45 -33.94
CA GLY E 78 31.40 -21.33 -33.62
C GLY E 78 32.19 -20.99 -34.87
N ILE E 79 33.47 -20.68 -34.66
CA ILE E 79 34.35 -20.26 -35.75
C ILE E 79 35.62 -21.09 -35.86
N LEU E 80 36.04 -21.79 -34.80
CA LEU E 80 37.19 -22.70 -34.84
C LEU E 80 38.48 -21.97 -35.23
N VAL E 81 38.89 -21.04 -34.38
CA VAL E 81 40.15 -20.33 -34.54
C VAL E 81 41.16 -20.87 -33.53
N ILE E 82 42.44 -20.75 -33.87
CA ILE E 82 43.51 -21.26 -33.03
C ILE E 82 43.74 -20.30 -31.86
N ALA E 83 43.79 -20.84 -30.65
CA ALA E 83 44.05 -20.04 -29.48
C ALA E 83 45.52 -19.61 -29.43
N ARG E 84 45.81 -18.62 -28.59
CA ARG E 84 47.15 -18.09 -28.44
C ARG E 84 47.51 -17.97 -26.97
N ALA E 85 48.82 -17.85 -26.70
CA ALA E 85 49.29 -17.74 -25.33
C ALA E 85 48.78 -16.45 -24.68
N GLY E 86 48.77 -15.36 -25.42
CA GLY E 86 48.32 -14.07 -24.91
C GLY E 86 49.41 -13.03 -24.77
N ASP E 87 50.67 -13.41 -24.97
CA ASP E 87 51.83 -12.49 -24.90
C ASP E 87 51.87 -11.90 -23.50
N GLU E 88 51.86 -10.58 -23.34
CA GLU E 88 51.98 -9.95 -22.04
C GLU E 88 50.67 -10.10 -21.25
N GLU E 89 50.76 -9.81 -19.96
CA GLU E 89 49.63 -9.88 -19.05
C GLU E 89 48.91 -8.55 -18.86
N VAL E 90 49.31 -7.52 -19.60
CA VAL E 90 48.69 -6.21 -19.45
C VAL E 90 47.23 -6.23 -19.92
N HIS E 91 46.89 -7.13 -20.84
CA HIS E 91 45.53 -7.20 -21.34
C HIS E 91 44.60 -7.72 -20.25
N PRO E 92 43.35 -7.25 -20.23
CA PRO E 92 42.39 -7.75 -19.24
C PRO E 92 42.13 -9.24 -19.41
N VAL E 93 41.87 -9.90 -18.27
CA VAL E 93 41.68 -11.35 -18.27
C VAL E 93 40.44 -11.73 -19.07
N ASN E 94 39.33 -11.02 -18.86
CA ASN E 94 38.06 -11.40 -19.46
C ASN E 94 38.08 -11.29 -20.98
N VAL E 95 38.72 -10.25 -21.51
CA VAL E 95 38.68 -10.00 -22.95
C VAL E 95 39.71 -10.87 -23.66
N ILE E 96 39.36 -11.32 -24.86
CA ILE E 96 40.27 -12.03 -25.74
C ILE E 96 40.31 -11.31 -27.08
N THR E 97 41.50 -11.08 -27.60
CA THR E 97 41.66 -10.28 -28.81
C THR E 97 41.42 -11.13 -30.05
N LEU E 98 40.55 -10.65 -30.94
CA LEU E 98 40.26 -11.32 -32.20
C LEU E 98 40.34 -10.31 -33.33
N SER E 99 40.76 -10.79 -34.50
CA SER E 99 40.88 -9.94 -35.67
C SER E 99 39.50 -9.59 -36.22
N THR E 100 39.44 -8.47 -36.94
CA THR E 100 38.17 -8.02 -37.51
C THR E 100 37.64 -8.98 -38.57
N THR E 101 38.54 -9.67 -39.28
CA THR E 101 38.11 -10.59 -40.33
C THR E 101 37.27 -11.73 -39.76
N ILE E 102 37.71 -12.32 -38.65
CA ILE E 102 36.98 -13.42 -38.05
C ILE E 102 35.63 -12.96 -37.51
N ARG E 103 35.59 -11.78 -36.89
CA ARG E 103 34.36 -11.28 -36.30
C ARG E 103 33.29 -11.05 -37.36
N SER E 104 33.68 -10.53 -38.52
CA SER E 104 32.71 -10.25 -39.58
C SER E 104 32.10 -11.51 -40.19
N VAL E 105 32.75 -12.67 -40.00
CA VAL E 105 32.20 -13.91 -40.54
C VAL E 105 30.89 -14.27 -39.84
N GLY E 106 30.89 -14.21 -38.51
CA GLY E 106 29.69 -14.52 -37.75
C GLY E 106 28.97 -13.29 -37.24
N ASN E 107 29.30 -12.13 -37.82
CA ASN E 107 28.72 -10.85 -37.40
C ASN E 107 28.97 -10.59 -35.92
N LEU E 108 30.16 -10.95 -35.44
CA LEU E 108 30.54 -10.77 -34.04
C LEU E 108 30.82 -9.29 -33.80
N ILE E 109 29.83 -8.57 -33.29
CA ILE E 109 29.97 -7.14 -33.01
C ILE E 109 30.82 -6.97 -31.76
N LEU E 110 31.32 -5.75 -31.54
CA LEU E 110 32.14 -5.47 -30.37
C LEU E 110 31.33 -5.67 -29.09
N GLY E 111 31.96 -6.26 -28.08
CA GLY E 111 31.32 -6.50 -26.81
C GLY E 111 30.39 -7.68 -26.75
N ASP E 112 30.34 -8.49 -27.81
CA ASP E 112 29.50 -9.68 -27.80
C ASP E 112 30.04 -10.71 -26.82
N ARG E 113 29.12 -11.46 -26.21
CA ARG E 113 29.51 -12.53 -25.31
C ARG E 113 30.28 -13.60 -26.06
N LEU E 114 31.24 -14.22 -25.38
CA LEU E 114 32.07 -15.26 -25.99
C LEU E 114 32.17 -16.45 -25.05
N GLU E 115 32.26 -17.64 -25.63
CA GLU E 115 32.36 -18.88 -24.88
C GLU E 115 33.44 -19.76 -25.49
N LEU E 116 34.20 -20.43 -24.64
CA LEU E 116 35.28 -21.32 -25.05
C LEU E 116 34.90 -22.76 -24.74
N LYS E 117 35.04 -23.64 -25.72
CA LYS E 117 34.72 -25.05 -25.57
C LYS E 117 35.97 -25.88 -25.85
N LYS E 118 36.23 -26.85 -24.98
CA LYS E 118 37.49 -27.60 -25.04
C LYS E 118 37.50 -28.58 -26.21
N ALA E 119 36.38 -29.27 -26.45
CA ALA E 119 36.34 -30.30 -27.48
C ALA E 119 36.55 -29.68 -28.87
N GLN E 120 37.23 -30.43 -29.74
CA GLN E 120 37.55 -29.95 -31.07
C GLN E 120 37.54 -31.11 -32.04
N VAL E 121 37.11 -30.84 -33.27
CA VAL E 121 37.08 -31.82 -34.35
C VAL E 121 38.15 -31.42 -35.36
N GLN E 122 38.97 -32.38 -35.77
CA GLN E 122 40.06 -32.10 -36.70
C GLN E 122 39.49 -31.66 -38.05
N PRO E 123 39.92 -30.52 -38.58
CA PRO E 123 39.37 -30.04 -39.85
C PRO E 123 40.04 -30.72 -41.03
N PRO E 124 39.27 -31.20 -42.00
CA PRO E 124 39.86 -31.80 -43.19
C PRO E 124 40.46 -30.73 -44.10
N TYR E 125 41.37 -31.17 -44.96
CA TYR E 125 42.02 -30.27 -45.90
C TYR E 125 41.03 -29.75 -46.93
N ALA E 126 41.14 -28.47 -47.26
CA ALA E 126 40.25 -27.86 -48.23
C ALA E 126 40.55 -28.38 -49.64
N THR E 127 39.49 -28.47 -50.44
CA THR E 127 39.60 -28.97 -51.81
C THR E 127 38.62 -28.22 -52.70
N LYS E 128 39.05 -27.95 -53.93
CA LYS E 128 38.26 -27.28 -54.97
C LYS E 128 37.44 -26.11 -54.41
N VAL E 129 38.12 -25.24 -53.67
CA VAL E 129 37.47 -24.07 -53.10
C VAL E 129 37.22 -23.03 -54.19
N THR E 130 36.30 -22.11 -53.89
CA THR E 130 35.99 -21.01 -54.79
C THR E 130 36.04 -19.70 -54.02
N VAL E 131 36.42 -18.64 -54.73
CA VAL E 131 36.59 -17.32 -54.14
C VAL E 131 35.85 -16.28 -54.98
N GLY E 132 35.42 -15.20 -54.32
CA GLY E 132 34.70 -14.15 -55.01
C GLY E 132 35.18 -12.78 -54.56
N SER E 133 34.58 -11.76 -55.14
CA SER E 133 34.90 -10.37 -54.84
C SER E 133 33.64 -9.63 -54.44
N LEU E 134 33.72 -8.88 -53.34
CA LEU E 134 32.58 -8.08 -52.89
C LEU E 134 32.25 -6.99 -53.90
N GLN E 135 33.27 -6.33 -54.44
CA GLN E 135 33.05 -5.26 -55.40
C GLN E 135 32.71 -5.84 -56.78
N GLY E 136 32.28 -4.96 -57.68
CA GLY E 136 31.90 -5.38 -59.02
C GLY E 136 33.04 -5.71 -59.95
N TYR E 137 34.27 -5.39 -59.56
CA TYR E 137 35.42 -5.69 -60.39
C TYR E 137 35.70 -7.19 -60.39
N ASN E 138 35.89 -7.76 -61.57
CA ASN E 138 36.14 -9.19 -61.71
C ASN E 138 37.08 -9.42 -62.89
N ILE E 139 37.95 -10.41 -62.74
CA ILE E 139 38.98 -10.75 -63.72
C ILE E 139 39.78 -9.50 -64.04
N LEU E 140 40.57 -9.04 -63.08
CA LEU E 140 41.43 -7.86 -63.25
C LEU E 140 42.70 -8.06 -62.44
N GLU E 141 43.84 -8.02 -63.11
CA GLU E 141 45.15 -8.19 -62.47
C GLU E 141 45.20 -9.49 -61.66
N CYS E 142 44.79 -10.58 -62.30
CA CYS E 142 44.76 -11.90 -61.66
C CYS E 142 46.19 -12.43 -61.59
N MET E 143 46.94 -11.91 -60.63
CA MET E 143 48.33 -12.33 -60.44
C MET E 143 48.41 -13.67 -59.70
N GLU E 144 47.81 -13.75 -58.51
CA GLU E 144 47.64 -14.97 -57.74
C GLU E 144 48.94 -15.60 -57.28
N GLU E 145 50.09 -14.94 -57.48
CA GLU E 145 51.33 -15.47 -56.94
C GLU E 145 51.56 -15.07 -55.49
N LYS E 146 50.73 -14.20 -54.92
CA LYS E 146 50.81 -13.85 -53.52
C LYS E 146 49.44 -14.01 -52.85
N VAL E 147 48.38 -13.85 -53.64
CA VAL E 147 47.03 -14.03 -53.12
C VAL E 147 46.82 -15.48 -52.69
N ILE E 148 47.28 -16.43 -53.51
CA ILE E 148 47.18 -17.83 -53.12
C ILE E 148 48.03 -18.11 -51.88
N GLN E 149 49.24 -17.55 -51.83
CA GLN E 149 50.08 -17.69 -50.65
C GLN E 149 49.47 -16.99 -49.44
N LYS E 150 48.66 -15.94 -49.67
CA LYS E 150 48.00 -15.25 -48.57
C LYS E 150 47.02 -16.17 -47.86
N LEU E 151 46.28 -16.98 -48.62
CA LEU E 151 45.34 -17.92 -48.02
C LEU E 151 46.04 -19.05 -47.27
N LEU E 152 47.36 -19.20 -47.44
CA LEU E 152 48.12 -20.24 -46.76
C LEU E 152 48.90 -19.73 -45.56
N ASP E 153 49.46 -18.51 -45.64
CA ASP E 153 50.28 -18.00 -44.54
C ASP E 153 49.43 -17.55 -43.36
N ASP E 154 48.13 -17.33 -43.56
CA ASP E 154 47.28 -16.83 -42.49
C ASP E 154 46.75 -17.98 -41.63
N SER E 155 47.64 -18.85 -41.16
CA SER E 155 47.32 -19.95 -40.25
C SER E 155 46.25 -20.89 -40.80
N GLY E 156 45.99 -20.83 -42.10
CA GLY E 156 44.97 -21.69 -42.68
C GLY E 156 43.59 -21.35 -42.15
N VAL E 157 42.74 -22.38 -42.07
CA VAL E 157 41.39 -22.27 -41.54
C VAL E 157 40.60 -21.22 -42.32
N ILE E 158 40.10 -21.61 -43.49
CA ILE E 158 39.39 -20.69 -44.37
C ILE E 158 37.89 -20.75 -44.04
N MET E 159 37.33 -19.60 -43.70
CA MET E 159 35.92 -19.42 -43.42
C MET E 159 35.21 -18.77 -44.60
N PRO E 160 33.88 -18.91 -44.69
CA PRO E 160 33.17 -18.27 -45.81
C PRO E 160 33.30 -16.75 -45.83
N GLY E 161 33.56 -16.12 -44.69
CA GLY E 161 33.70 -14.67 -44.66
C GLY E 161 34.96 -14.15 -45.33
N MET E 162 36.10 -14.37 -44.70
CA MET E 162 37.41 -13.93 -45.19
C MET E 162 37.35 -12.49 -45.71
N ILE E 163 36.98 -11.57 -44.82
CA ILE E 163 36.97 -10.16 -45.14
C ILE E 163 38.41 -9.66 -45.08
N PHE E 164 38.99 -9.34 -46.24
CA PHE E 164 40.40 -8.99 -46.36
C PHE E 164 40.58 -7.48 -46.37
N GLN E 165 41.43 -6.98 -45.46
CA GLN E 165 41.80 -5.58 -45.44
C GLN E 165 43.30 -5.37 -45.26
N ASN E 166 44.07 -6.43 -45.07
CA ASN E 166 45.51 -6.31 -44.88
C ASN E 166 46.20 -5.94 -46.19
N LEU E 167 47.43 -5.44 -46.05
CA LEU E 167 48.26 -5.04 -47.18
C LEU E 167 47.58 -3.98 -48.05
N LYS E 168 48.11 -3.75 -49.25
CA LYS E 168 47.56 -2.77 -50.18
C LYS E 168 47.47 -3.42 -51.56
N THR E 169 46.33 -4.05 -51.85
CA THR E 169 46.06 -4.63 -53.15
C THR E 169 45.16 -3.70 -53.94
N LYS E 170 45.52 -3.43 -55.19
CA LYS E 170 44.79 -2.47 -56.00
C LYS E 170 45.09 -2.72 -57.47
N ALA E 171 44.21 -2.21 -58.33
CA ALA E 171 44.37 -2.25 -59.78
C ALA E 171 44.03 -0.86 -60.30
N GLY E 172 45.03 0.01 -60.36
CA GLY E 172 44.80 1.39 -60.75
C GLY E 172 44.49 2.28 -59.57
N ASP E 173 45.10 1.98 -58.42
CA ASP E 173 44.94 2.75 -57.18
C ASP E 173 43.47 2.79 -56.75
N GLU E 174 42.93 1.61 -56.47
CA GLU E 174 41.57 1.48 -55.97
C GLU E 174 41.47 0.24 -55.09
N SER E 175 40.91 0.41 -53.90
CA SER E 175 40.78 -0.69 -52.96
C SER E 175 39.72 -1.68 -53.42
N ILE E 176 39.99 -2.96 -53.18
CA ILE E 176 39.07 -4.03 -53.55
C ILE E 176 38.92 -4.97 -52.36
N ASP E 177 37.82 -5.73 -52.37
CA ASP E 177 37.51 -6.70 -51.33
C ASP E 177 37.40 -8.09 -51.94
N VAL E 178 38.02 -9.07 -51.30
CA VAL E 178 38.05 -10.45 -51.76
C VAL E 178 37.40 -11.33 -50.69
N VAL E 179 36.43 -12.14 -51.10
CA VAL E 179 35.69 -13.00 -50.18
C VAL E 179 35.73 -14.43 -50.72
N ILE E 180 36.15 -15.37 -49.88
CA ILE E 180 36.13 -16.79 -50.22
C ILE E 180 34.73 -17.29 -49.88
N THR E 181 33.83 -17.23 -50.87
CA THR E 181 32.41 -17.46 -50.62
C THR E 181 32.14 -18.87 -50.13
N ASP E 182 32.66 -19.88 -50.83
CA ASP E 182 32.35 -21.27 -50.52
C ASP E 182 33.62 -22.11 -50.58
N ALA E 183 33.60 -23.20 -49.80
CA ALA E 183 34.69 -24.18 -49.81
C ALA E 183 34.07 -25.54 -49.53
N SER E 184 33.77 -26.27 -50.61
CA SER E 184 33.11 -27.56 -50.54
C SER E 184 34.08 -28.66 -50.96
N ASP E 185 34.14 -29.72 -50.16
CA ASP E 185 35.03 -30.85 -50.45
C ASP E 185 34.39 -32.17 -50.04
N PHE E 209 27.98 -28.04 -35.10
CA PHE E 209 27.23 -26.91 -34.56
C PHE E 209 28.05 -25.62 -34.58
N TYR E 210 28.56 -25.28 -35.76
CA TYR E 210 29.37 -24.08 -35.96
C TYR E 210 28.82 -23.30 -37.13
N LEU E 211 29.41 -22.13 -37.40
CA LEU E 211 28.99 -21.32 -38.54
C LEU E 211 29.19 -22.06 -39.85
N SER E 212 30.33 -22.73 -40.00
CA SER E 212 30.64 -23.51 -41.19
C SER E 212 31.72 -24.52 -40.82
N PRO E 213 31.77 -25.66 -41.49
CA PRO E 213 32.83 -26.64 -41.21
C PRO E 213 34.20 -26.05 -41.47
N PRO E 214 35.17 -26.33 -40.61
CA PRO E 214 36.50 -25.74 -40.79
C PRO E 214 37.32 -26.49 -41.84
N PHE E 215 37.99 -25.73 -42.69
CA PHE E 215 38.85 -26.27 -43.72
C PHE E 215 40.14 -25.46 -43.78
N ILE E 216 41.27 -26.14 -43.78
CA ILE E 216 42.59 -25.50 -43.85
C ILE E 216 43.02 -25.45 -45.30
N PHE E 217 43.38 -24.26 -45.77
CA PHE E 217 43.79 -24.08 -47.15
C PHE E 217 45.12 -24.76 -47.41
N ARG E 218 45.25 -25.42 -48.56
CA ARG E 218 46.48 -26.06 -48.98
C ARG E 218 46.92 -25.49 -50.33
N LYS E 219 48.23 -25.43 -50.53
CA LYS E 219 48.79 -24.82 -51.73
C LYS E 219 48.43 -25.58 -53.00
N GLY E 220 48.50 -26.90 -53.00
CA GLY E 220 48.32 -27.65 -54.23
C GLY E 220 47.17 -28.63 -54.25
N SER E 221 46.56 -28.90 -53.08
CA SER E 221 45.48 -29.87 -53.00
C SER E 221 44.14 -29.31 -53.47
N THR E 222 44.05 -28.00 -53.72
CA THR E 222 42.81 -27.37 -54.13
C THR E 222 43.06 -26.44 -55.31
N HIS E 223 42.01 -26.21 -56.10
CA HIS E 223 42.06 -25.33 -57.25
C HIS E 223 41.36 -24.03 -56.93
N ILE E 224 41.89 -22.93 -57.46
CA ILE E 224 41.37 -21.59 -57.19
C ILE E 224 40.53 -21.15 -58.39
N THR E 225 39.26 -20.86 -58.14
CA THR E 225 38.34 -20.36 -59.15
C THR E 225 37.81 -19.01 -58.70
N PHE E 226 37.82 -18.03 -59.61
CA PHE E 226 37.40 -16.68 -59.31
C PHE E 226 36.14 -16.34 -60.08
N SER E 227 35.16 -15.75 -59.37
CA SER E 227 33.89 -15.37 -59.97
C SER E 227 33.31 -14.23 -59.17
N LYS E 228 32.25 -13.62 -59.71
CA LYS E 228 31.58 -12.50 -59.07
C LYS E 228 30.31 -13.00 -58.39
N GLU E 229 30.24 -12.82 -57.08
CA GLU E 229 29.07 -13.19 -56.30
C GLU E 229 28.54 -12.08 -55.41
N THR E 230 29.40 -11.17 -54.94
CA THR E 230 29.02 -9.98 -54.18
C THR E 230 28.51 -10.37 -52.79
N GLN E 231 28.38 -11.68 -52.53
CA GLN E 231 27.92 -12.18 -51.26
C GLN E 231 28.44 -13.59 -51.06
N ALA E 232 28.41 -14.04 -49.80
CA ALA E 232 28.82 -15.40 -49.47
C ALA E 232 27.74 -16.38 -49.89
N ASN E 233 28.11 -17.67 -49.89
CA ASN E 233 27.17 -18.71 -50.26
C ASN E 233 26.05 -18.81 -49.23
N ARG E 234 24.83 -19.04 -49.72
CA ARG E 234 23.65 -19.09 -48.86
C ARG E 234 23.45 -20.46 -48.20
N LYS E 235 24.27 -21.45 -48.55
CA LYS E 235 24.11 -22.78 -47.94
C LYS E 235 24.37 -22.73 -46.44
N TYR E 236 25.40 -22.00 -46.02
CA TYR E 236 25.71 -21.89 -44.60
C TYR E 236 24.74 -20.98 -43.86
N ASN E 237 24.01 -20.12 -44.57
CA ASN E 237 23.04 -19.20 -43.96
C ASN E 237 23.70 -18.33 -42.88
N LEU E 238 24.90 -17.85 -43.17
CA LEU E 238 25.59 -16.98 -42.23
C LEU E 238 24.88 -15.64 -42.12
N PRO E 239 24.90 -15.01 -40.94
CA PRO E 239 24.27 -13.70 -40.79
C PRO E 239 24.93 -12.66 -41.69
N GLU E 240 24.11 -11.78 -42.25
CA GLU E 240 24.58 -10.73 -43.13
C GLU E 240 24.44 -9.38 -42.43
N PRO E 241 25.53 -8.63 -42.28
CA PRO E 241 25.41 -7.31 -41.64
C PRO E 241 24.49 -6.39 -42.42
N LEU E 242 23.70 -5.61 -41.68
CA LEU E 242 22.74 -4.71 -42.29
C LEU E 242 23.43 -3.49 -42.88
N SER E 243 22.93 -3.03 -44.02
CA SER E 243 23.49 -1.88 -44.71
C SER E 243 22.38 -0.86 -44.99
N TYR E 244 22.80 0.33 -45.39
CA TYR E 244 21.85 1.41 -45.68
C TYR E 244 20.99 1.10 -46.91
N ALA E 245 21.45 0.20 -47.79
CA ALA E 245 20.65 -0.15 -48.96
C ALA E 245 19.41 -0.95 -48.54
N ALA E 246 19.55 -1.84 -47.57
CA ALA E 246 18.43 -2.68 -47.15
C ALA E 246 17.38 -1.89 -46.37
N VAL E 247 17.80 -0.92 -45.57
CA VAL E 247 16.88 -0.16 -44.73
C VAL E 247 16.07 0.80 -45.58
N GLY E 248 15.02 1.37 -45.02
CA GLY E 248 14.22 2.34 -45.73
C GLY E 248 14.95 3.66 -45.91
N GLY E 249 14.34 4.55 -46.69
CA GLY E 249 14.96 5.83 -46.99
C GLY E 249 15.21 6.69 -45.77
N LEU E 250 14.14 7.22 -45.18
CA LEU E 250 14.20 8.08 -44.00
C LEU E 250 15.35 9.07 -44.10
N ASP E 251 15.40 9.83 -45.18
CA ASP E 251 16.60 10.63 -45.49
C ASP E 251 16.90 11.64 -44.40
N LYS E 252 15.92 12.45 -44.01
CA LYS E 252 16.15 13.47 -43.00
C LYS E 252 16.48 12.84 -41.65
N GLU E 253 15.75 11.80 -41.26
CA GLU E 253 15.99 11.17 -39.97
C GLU E 253 17.36 10.49 -39.92
N ILE E 254 17.71 9.75 -40.98
CA ILE E 254 19.00 9.06 -40.99
C ILE E 254 20.14 10.08 -41.05
N GLU E 255 19.96 11.19 -41.77
CA GLU E 255 20.98 12.21 -41.81
C GLU E 255 21.18 12.86 -40.45
N SER E 256 20.07 13.18 -39.76
CA SER E 256 20.18 13.77 -38.44
C SER E 256 20.84 12.81 -37.46
N LEU E 257 20.46 11.53 -37.50
CA LEU E 257 21.07 10.56 -36.60
C LEU E 257 22.56 10.38 -36.90
N LYS E 258 22.93 10.34 -38.19
CA LYS E 258 24.33 10.21 -38.55
C LYS E 258 25.13 11.40 -38.07
N SER E 259 24.60 12.61 -38.24
CA SER E 259 25.31 13.80 -37.76
C SER E 259 25.45 13.79 -36.25
N ALA E 260 24.37 13.41 -35.53
CA ALA E 260 24.41 13.40 -34.08
C ALA E 260 25.41 12.38 -33.56
N ILE E 261 25.51 11.21 -34.21
CA ILE E 261 26.49 10.22 -33.79
C ILE E 261 27.90 10.67 -34.17
N GLU E 262 28.05 11.33 -35.32
CA GLU E 262 29.38 11.66 -35.83
C GLU E 262 30.02 12.82 -35.08
N ILE E 263 29.22 13.79 -34.63
CA ILE E 263 29.80 15.01 -34.07
C ILE E 263 30.66 14.75 -32.84
N PRO E 264 30.22 13.95 -31.84
CA PRO E 264 31.11 13.66 -30.71
C PRO E 264 32.16 12.61 -31.03
N LEU E 265 31.86 11.74 -32.00
CA LEU E 265 32.69 10.55 -32.22
C LEU E 265 34.09 10.92 -32.69
N HIS E 266 34.21 11.88 -33.61
CA HIS E 266 35.49 12.18 -34.23
C HIS E 266 36.20 13.38 -33.63
N GLN E 267 35.48 14.33 -33.05
CA GLN E 267 36.08 15.53 -32.45
C GLN E 267 35.52 15.74 -31.05
N PRO E 268 35.92 14.90 -30.09
CA PRO E 268 35.51 15.13 -28.70
C PRO E 268 36.46 16.06 -27.95
N THR E 269 37.71 16.12 -28.42
CA THR E 269 38.71 16.95 -27.77
C THR E 269 38.38 18.43 -27.90
N LEU E 270 37.91 18.84 -29.08
CA LEU E 270 37.53 20.24 -29.27
C LEU E 270 36.35 20.62 -28.39
N PHE E 271 35.36 19.72 -28.28
CA PHE E 271 34.23 19.98 -27.38
C PHE E 271 34.68 20.07 -25.93
N SER E 272 35.59 19.19 -25.51
CA SER E 272 36.08 19.23 -24.14
C SER E 272 36.84 20.51 -23.87
N SER E 273 37.66 20.96 -24.83
CA SER E 273 38.43 22.19 -24.64
C SER E 273 37.52 23.41 -24.62
N PHE E 274 36.51 23.45 -25.50
CA PHE E 274 35.63 24.62 -25.55
C PHE E 274 34.79 24.73 -24.28
N GLY E 275 34.28 23.63 -23.77
CA GLY E 275 33.44 23.67 -22.59
C GLY E 275 33.30 22.31 -21.96
N VAL E 276 32.48 22.26 -20.91
CA VAL E 276 32.25 21.02 -20.17
C VAL E 276 30.87 20.47 -20.54
N SER E 277 30.67 19.20 -20.19
CA SER E 277 29.42 18.48 -20.41
C SER E 277 29.04 18.48 -21.90
N PRO E 278 29.77 17.76 -22.75
CA PRO E 278 29.39 17.68 -24.16
C PRO E 278 28.14 16.84 -24.32
N PRO E 279 27.41 16.99 -25.43
CA PRO E 279 26.21 16.17 -25.64
C PRO E 279 26.57 14.70 -25.80
N ARG E 280 25.90 13.86 -25.02
CA ARG E 280 26.11 12.42 -25.05
C ARG E 280 24.83 11.63 -25.28
N GLY E 281 23.71 12.07 -24.71
CA GLY E 281 22.48 11.31 -24.78
C GLY E 281 21.74 11.56 -26.09
N ILE E 282 21.35 10.46 -26.75
CA ILE E 282 20.55 10.53 -27.97
C ILE E 282 19.25 9.80 -27.70
N LEU E 283 18.13 10.47 -27.93
CA LEU E 283 16.80 9.93 -27.66
C LEU E 283 16.05 9.72 -28.96
N LEU E 284 15.53 8.51 -29.16
CA LEU E 284 14.72 8.16 -30.31
C LEU E 284 13.31 7.83 -29.85
N HIS E 285 12.32 8.51 -30.42
CA HIS E 285 10.93 8.34 -30.02
C HIS E 285 10.05 8.46 -31.27
N GLY E 286 8.74 8.56 -31.04
CA GLY E 286 7.78 8.64 -32.12
C GLY E 286 6.71 7.58 -31.99
N PRO E 287 6.16 7.14 -33.13
CA PRO E 287 5.16 6.08 -33.09
C PRO E 287 5.82 4.71 -33.07
N PRO E 288 5.26 3.77 -32.33
CA PRO E 288 5.87 2.42 -32.27
C PRO E 288 5.81 1.72 -33.61
N GLY E 289 6.82 0.89 -33.86
CA GLY E 289 6.87 0.12 -35.09
C GLY E 289 7.60 0.82 -36.22
N THR E 290 7.94 2.09 -36.05
CA THR E 290 8.66 2.84 -37.08
C THR E 290 10.10 2.36 -37.26
N GLY E 291 10.66 1.67 -36.27
CA GLY E 291 12.01 1.16 -36.37
C GLY E 291 12.98 1.84 -35.43
N LYS E 292 13.31 1.17 -34.32
CA LYS E 292 14.36 1.64 -33.42
C LYS E 292 15.45 0.59 -33.29
N THR E 293 15.09 -0.67 -33.02
CA THR E 293 16.06 -1.74 -32.84
C THR E 293 16.87 -1.98 -34.11
N MET E 294 16.19 -1.95 -35.25
CA MET E 294 16.84 -2.11 -36.55
C MET E 294 17.84 -1.00 -36.86
N LEU E 295 17.46 0.26 -36.61
CA LEU E 295 18.36 1.36 -36.91
C LEU E 295 19.53 1.43 -35.93
N LEU E 296 19.28 1.15 -34.65
CA LEU E 296 20.40 1.10 -33.72
C LEU E 296 21.34 -0.04 -34.05
N ARG E 297 20.80 -1.18 -34.49
CA ARG E 297 21.64 -2.28 -34.94
C ARG E 297 22.46 -1.88 -36.16
N VAL E 298 21.84 -1.15 -37.09
CA VAL E 298 22.56 -0.70 -38.28
C VAL E 298 23.70 0.23 -37.91
N VAL E 299 23.44 1.22 -37.05
CA VAL E 299 24.49 2.17 -36.68
C VAL E 299 25.55 1.53 -35.81
N ALA E 300 25.21 0.45 -35.09
CA ALA E 300 26.24 -0.28 -34.35
C ALA E 300 27.10 -1.11 -35.29
N ASN E 301 26.48 -1.74 -36.30
CA ASN E 301 27.23 -2.54 -37.26
C ASN E 301 28.17 -1.68 -38.09
N THR E 302 27.70 -0.51 -38.53
CA THR E 302 28.54 0.36 -39.34
C THR E 302 29.67 1.01 -38.55
N SER E 303 29.61 0.97 -37.22
CA SER E 303 30.64 1.53 -36.37
C SER E 303 31.55 0.42 -35.82
N ASN E 304 32.82 0.76 -35.62
CA ASN E 304 33.80 -0.18 -35.11
C ASN E 304 34.04 -0.01 -33.61
N ALA E 305 33.21 0.77 -32.93
CA ALA E 305 33.36 1.05 -31.51
C ALA E 305 32.64 -0.01 -30.68
N HIS E 306 32.98 -0.06 -29.40
CA HIS E 306 32.38 -1.01 -28.48
C HIS E 306 30.92 -0.67 -28.25
N VAL E 307 30.06 -1.70 -28.26
CA VAL E 307 28.64 -1.54 -28.02
C VAL E 307 28.20 -2.54 -26.96
N LEU E 308 27.11 -2.18 -26.27
CA LEU E 308 26.54 -3.03 -25.22
C LEU E 308 25.04 -3.11 -25.41
N THR E 309 24.47 -4.28 -25.12
CA THR E 309 23.03 -4.48 -25.20
C THR E 309 22.45 -4.35 -23.79
N ILE E 310 21.67 -3.30 -23.58
CA ILE E 310 21.08 -3.00 -22.27
C ILE E 310 19.57 -2.99 -22.46
N ASN E 311 18.93 -4.14 -22.23
CA ASN E 311 17.47 -4.20 -22.29
C ASN E 311 16.85 -3.44 -21.13
N GLY E 312 17.32 -3.70 -19.91
CA GLY E 312 16.88 -2.98 -18.74
C GLY E 312 16.19 -3.82 -17.69
N PRO E 313 15.24 -4.67 -18.09
CA PRO E 313 14.69 -5.64 -17.12
C PRO E 313 15.74 -6.62 -16.60
N SER E 314 16.67 -7.03 -17.46
CA SER E 314 17.73 -7.95 -17.02
C SER E 314 18.80 -7.24 -16.20
N ILE E 315 19.03 -5.95 -16.47
CA ILE E 315 20.04 -5.20 -15.72
C ILE E 315 19.65 -5.09 -14.26
N VAL E 316 18.38 -4.79 -13.98
CA VAL E 316 17.89 -4.63 -12.62
C VAL E 316 17.46 -6.00 -12.09
N SER E 317 17.81 -6.28 -10.83
CA SER E 317 17.37 -7.49 -10.16
C SER E 317 16.18 -7.14 -9.27
N LYS E 318 15.05 -7.80 -9.52
CA LYS E 318 13.83 -7.49 -8.78
C LYS E 318 13.96 -7.86 -7.31
N TYR E 319 13.51 -6.96 -6.44
CA TYR E 319 13.50 -7.16 -5.00
C TYR E 319 14.91 -7.37 -4.45
N LEU E 320 15.91 -6.86 -5.16
CA LEU E 320 17.30 -7.00 -4.72
C LEU E 320 18.03 -5.66 -4.72
N GLY E 321 17.61 -4.76 -5.61
CA GLY E 321 18.23 -3.45 -5.70
C GLY E 321 19.68 -3.46 -6.15
N GLU E 322 20.02 -4.29 -7.14
CA GLU E 322 21.37 -4.36 -7.68
C GLU E 322 21.54 -3.57 -8.96
N THR E 323 20.52 -2.78 -9.34
CA THR E 323 20.62 -2.00 -10.57
C THR E 323 21.74 -0.97 -10.50
N GLU E 324 22.00 -0.42 -9.31
CA GLU E 324 23.10 0.53 -9.16
C GLU E 324 24.44 -0.12 -9.51
N ALA E 325 24.70 -1.29 -8.91
CA ALA E 325 25.95 -1.99 -9.19
C ALA E 325 26.03 -2.42 -10.64
N ALA E 326 24.92 -2.91 -11.20
CA ALA E 326 24.92 -3.35 -12.59
C ALA E 326 25.24 -2.19 -13.53
N LEU E 327 24.59 -1.04 -13.33
CA LEU E 327 24.85 0.11 -14.19
C LEU E 327 26.27 0.63 -14.01
N ARG E 328 26.77 0.63 -12.77
CA ARG E 328 28.14 1.06 -12.53
C ARG E 328 29.13 0.16 -13.24
N ASP E 329 28.92 -1.16 -13.18
CA ASP E 329 29.81 -2.09 -13.87
C ASP E 329 29.73 -1.91 -15.39
N ILE E 330 28.52 -1.70 -15.91
CA ILE E 330 28.35 -1.50 -17.34
C ILE E 330 29.10 -0.26 -17.80
N PHE E 331 28.94 0.85 -17.07
CA PHE E 331 29.61 2.08 -17.46
C PHE E 331 31.12 2.00 -17.24
N ASN E 332 31.58 1.26 -16.25
CA ASN E 332 33.02 1.05 -16.08
C ASN E 332 33.58 0.26 -17.25
N GLU E 333 32.86 -0.78 -17.70
CA GLU E 333 33.30 -1.54 -18.86
C GLU E 333 33.32 -0.66 -20.11
N ALA E 334 32.32 0.20 -20.27
CA ALA E 334 32.31 1.13 -21.40
C ALA E 334 33.49 2.09 -21.33
N ARG E 335 33.80 2.60 -20.13
CA ARG E 335 34.92 3.51 -19.95
C ARG E 335 36.26 2.83 -20.12
N LYS E 336 36.32 1.50 -19.98
CA LYS E 336 37.58 0.79 -20.13
C LYS E 336 38.17 0.99 -21.52
N TYR E 337 37.34 0.95 -22.55
CA TYR E 337 37.77 1.17 -23.93
C TYR E 337 37.32 2.54 -24.39
N GLN E 338 38.25 3.29 -24.99
CA GLN E 338 37.93 4.65 -25.44
C GLN E 338 36.80 4.68 -26.46
N PRO E 339 36.79 3.87 -27.53
CA PRO E 339 35.62 3.85 -28.42
C PRO E 339 34.54 2.95 -27.84
N SER E 340 33.44 3.55 -27.39
CA SER E 340 32.35 2.80 -26.78
C SER E 340 31.02 3.47 -27.11
N ILE E 341 30.00 2.65 -27.35
CA ILE E 341 28.65 3.11 -27.64
C ILE E 341 27.71 2.47 -26.62
N ILE E 342 26.81 3.28 -26.06
CA ILE E 342 25.83 2.82 -25.08
C ILE E 342 24.47 2.82 -25.73
N PHE E 343 23.82 1.65 -25.73
CA PHE E 343 22.49 1.48 -26.30
C PHE E 343 21.50 1.13 -25.20
N ILE E 344 20.42 1.89 -25.12
CA ILE E 344 19.38 1.68 -24.12
C ILE E 344 18.07 1.41 -24.85
N ASP E 345 17.42 0.29 -24.50
CA ASP E 345 16.15 -0.10 -25.10
C ASP E 345 15.04 0.05 -24.07
N GLN E 346 13.96 0.72 -24.47
CA GLN E 346 12.79 0.96 -23.60
C GLN E 346 13.22 1.66 -22.31
N ILE E 347 13.86 2.81 -22.47
CA ILE E 347 14.32 3.58 -21.32
C ILE E 347 13.15 4.09 -20.49
N ASP E 348 12.00 4.36 -21.14
CA ASP E 348 10.83 4.82 -20.41
C ASP E 348 10.34 3.76 -19.43
N SER E 349 10.33 2.50 -19.85
CA SER E 349 9.91 1.43 -18.95
C SER E 349 10.87 1.29 -17.77
N ILE E 350 12.18 1.41 -18.02
CA ILE E 350 13.16 1.31 -16.95
C ILE E 350 13.00 2.46 -15.96
N ALA E 351 12.84 3.68 -16.47
CA ALA E 351 12.74 4.88 -15.64
C ALA E 351 11.52 5.69 -16.06
N PRO E 352 10.32 5.32 -15.57
CA PRO E 352 9.13 6.12 -15.86
C PRO E 352 9.15 7.46 -15.16
N ASN E 353 8.09 8.25 -15.32
CA ASN E 353 8.03 9.58 -14.72
C ASN E 353 8.03 9.49 -13.20
N ARG E 354 8.78 10.39 -12.57
CA ARG E 354 8.89 10.42 -11.12
C ARG E 354 7.70 11.10 -10.45
N ALA E 355 6.84 11.78 -11.21
CA ALA E 355 5.69 12.45 -10.62
C ALA E 355 4.73 11.45 -10.00
N ASN E 356 4.49 10.33 -10.69
CA ASN E 356 3.59 9.31 -10.18
C ASN E 356 4.19 8.63 -8.95
N ASP E 357 3.35 8.36 -7.96
CA ASP E 357 3.80 7.70 -6.74
C ASP E 357 4.05 6.21 -6.94
N ASP E 358 3.62 5.63 -8.06
CA ASP E 358 3.82 4.23 -8.35
C ASP E 358 5.05 3.96 -9.21
N SER E 359 5.89 4.99 -9.42
CA SER E 359 7.10 4.79 -10.24
C SER E 359 8.03 3.77 -9.61
N GLY E 360 8.25 3.87 -8.30
CA GLY E 360 9.03 2.87 -7.60
C GLY E 360 10.31 3.38 -6.95
N GLU E 361 10.62 2.84 -5.77
CA GLU E 361 11.88 3.18 -5.12
C GLU E 361 13.07 2.69 -5.94
N VAL E 362 12.93 1.53 -6.59
CA VAL E 362 13.98 1.07 -7.49
C VAL E 362 14.12 2.01 -8.69
N GLU E 363 13.01 2.56 -9.16
CA GLU E 363 13.07 3.55 -10.23
C GLU E 363 13.82 4.80 -9.76
N SER E 364 13.53 5.26 -8.54
CA SER E 364 14.26 6.42 -8.02
C SER E 364 15.75 6.12 -7.88
N ARG E 365 16.09 4.92 -7.40
CA ARG E 365 17.49 4.54 -7.25
C ARG E 365 18.20 4.50 -8.61
N VAL E 366 17.56 3.91 -9.61
CA VAL E 366 18.21 3.81 -10.93
C VAL E 366 18.33 5.19 -11.56
N VAL E 367 17.34 6.07 -11.36
CA VAL E 367 17.43 7.43 -11.86
C VAL E 367 18.60 8.16 -11.21
N ALA E 368 18.72 8.03 -9.88
CA ALA E 368 19.81 8.71 -9.17
C ALA E 368 21.16 8.19 -9.62
N THR E 369 21.30 6.87 -9.77
CA THR E 369 22.60 6.33 -10.16
C THR E 369 22.93 6.69 -11.61
N LEU E 370 21.93 6.74 -12.48
CA LEU E 370 22.17 7.19 -13.85
C LEU E 370 22.61 8.65 -13.87
N LEU E 371 21.97 9.50 -13.06
CA LEU E 371 22.35 10.90 -13.01
C LEU E 371 23.77 11.07 -12.50
N THR E 372 24.14 10.36 -11.42
CA THR E 372 25.48 10.52 -10.88
C THR E 372 26.53 9.92 -11.81
N LEU E 373 26.21 8.84 -12.51
CA LEU E 373 27.16 8.27 -13.45
C LEU E 373 27.34 9.16 -14.67
N MET E 374 26.27 9.83 -15.11
CA MET E 374 26.41 10.79 -16.20
C MET E 374 27.20 12.01 -15.76
N ASP E 375 27.04 12.41 -14.50
CA ASP E 375 27.86 13.50 -13.95
C ASP E 375 29.33 13.11 -13.92
N GLY E 376 29.63 11.88 -13.49
CA GLY E 376 31.00 11.43 -13.34
C GLY E 376 31.63 10.75 -14.54
N MET E 377 30.93 10.68 -15.67
CA MET E 377 31.50 9.99 -16.84
C MET E 377 32.65 10.80 -17.46
N GLY E 378 32.74 12.09 -17.16
CA GLY E 378 33.77 12.92 -17.71
C GLY E 378 33.33 13.61 -19.00
N ALA E 379 34.15 14.57 -19.44
CA ALA E 379 33.87 15.35 -20.64
C ALA E 379 34.76 14.99 -21.82
N ALA E 380 36.06 14.79 -21.59
CA ALA E 380 36.99 14.51 -22.67
C ALA E 380 36.86 13.08 -23.21
N GLY E 381 36.12 12.21 -22.52
CA GLY E 381 35.99 10.85 -22.99
C GLY E 381 35.19 10.76 -24.27
N LYS E 382 35.48 9.74 -25.07
CA LYS E 382 34.79 9.51 -26.34
C LYS E 382 33.68 8.49 -26.12
N VAL E 383 32.63 8.94 -25.42
CA VAL E 383 31.50 8.10 -25.06
C VAL E 383 30.21 8.77 -25.52
N VAL E 384 29.30 7.98 -26.06
CA VAL E 384 28.00 8.45 -26.50
C VAL E 384 26.94 7.45 -26.04
N VAL E 385 25.80 7.97 -25.60
CA VAL E 385 24.71 7.14 -25.07
C VAL E 385 23.51 7.28 -26.00
N ILE E 386 22.98 6.14 -26.44
CA ILE E 386 21.80 6.10 -27.30
C ILE E 386 20.66 5.47 -26.51
N ALA E 387 19.54 6.18 -26.44
CA ALA E 387 18.38 5.74 -25.68
C ALA E 387 17.18 5.63 -26.61
N ALA E 388 16.44 4.54 -26.48
CA ALA E 388 15.24 4.29 -27.28
C ALA E 388 14.03 4.23 -26.37
N THR E 389 12.98 4.98 -26.73
CA THR E 389 11.76 5.03 -25.94
C THR E 389 10.56 4.92 -26.87
N ASN E 390 9.44 4.44 -26.31
CA ASN E 390 8.23 4.26 -27.11
C ASN E 390 7.54 5.60 -27.37
N ARG E 391 7.11 6.27 -26.30
CA ARG E 391 6.43 7.55 -26.43
C ARG E 391 7.19 8.64 -25.69
N PRO E 392 7.24 9.87 -26.23
CA PRO E 392 7.91 10.95 -25.50
C PRO E 392 7.26 11.28 -24.17
N ASN E 393 5.95 11.05 -24.04
CA ASN E 393 5.27 11.37 -22.78
C ASN E 393 5.78 10.50 -21.65
N SER E 394 6.04 9.22 -21.91
CA SER E 394 6.51 8.30 -20.88
C SER E 394 7.93 8.57 -20.44
N VAL E 395 8.67 9.42 -21.17
CA VAL E 395 10.04 9.75 -20.78
C VAL E 395 10.01 10.56 -19.48
N ASP E 396 10.92 10.22 -18.56
CA ASP E 396 10.98 10.91 -17.29
C ASP E 396 11.33 12.38 -17.49
N PRO E 397 10.60 13.31 -16.88
CA PRO E 397 10.87 14.74 -17.12
C PRO E 397 12.27 15.17 -16.71
N ALA E 398 12.83 14.60 -15.63
CA ALA E 398 14.17 14.98 -15.21
C ALA E 398 15.21 14.58 -16.26
N LEU E 399 15.07 13.39 -16.84
CA LEU E 399 15.99 12.97 -17.89
C LEU E 399 15.87 13.86 -19.12
N ARG E 400 14.64 14.23 -19.49
CA ARG E 400 14.42 15.08 -20.67
C ARG E 400 14.54 16.55 -20.25
N ARG E 401 15.78 16.94 -19.98
CA ARG E 401 16.14 18.29 -19.60
C ARG E 401 17.34 18.74 -20.41
N PRO E 402 17.52 20.05 -20.58
CA PRO E 402 18.68 20.53 -21.34
C PRO E 402 19.99 20.11 -20.69
N GLY E 403 20.98 19.80 -21.54
CA GLY E 403 22.28 19.35 -21.09
C GLY E 403 22.44 17.85 -21.00
N ARG E 404 21.35 17.09 -21.14
CA ARG E 404 21.40 15.64 -21.09
C ARG E 404 20.97 14.99 -22.39
N PHE E 405 19.81 15.37 -22.93
CA PHE E 405 19.27 14.78 -24.15
C PHE E 405 18.79 15.87 -25.09
N ASP E 406 19.63 16.89 -25.29
CA ASP E 406 19.27 17.99 -26.19
C ASP E 406 19.14 17.52 -27.63
N GLN E 407 20.02 16.61 -28.07
CA GLN E 407 19.96 16.09 -29.44
C GLN E 407 18.84 15.07 -29.52
N GLU E 408 17.64 15.56 -29.84
CA GLU E 408 16.46 14.71 -29.95
C GLU E 408 16.25 14.29 -31.40
N VAL E 409 16.08 12.99 -31.62
CA VAL E 409 15.85 12.43 -32.94
C VAL E 409 14.47 11.77 -32.93
N GLU E 410 13.61 12.17 -33.87
CA GLU E 410 12.26 11.64 -33.97
C GLU E 410 12.04 11.07 -35.37
N ILE E 411 11.27 10.00 -35.44
CA ILE E 411 10.93 9.35 -36.70
C ILE E 411 9.49 9.69 -37.05
N GLY E 412 9.29 10.40 -38.15
CA GLY E 412 7.97 10.79 -38.57
C GLY E 412 7.20 9.64 -39.21
N ILE E 413 5.90 9.85 -39.37
CA ILE E 413 5.02 8.87 -40.00
C ILE E 413 5.33 8.82 -41.48
N PRO E 414 5.69 7.66 -42.03
CA PRO E 414 6.00 7.59 -43.46
C PRO E 414 4.79 7.96 -44.32
N ASP E 415 5.07 8.68 -45.40
CA ASP E 415 4.04 9.08 -46.35
C ASP E 415 3.96 8.04 -47.47
N VAL E 416 3.24 8.37 -48.54
CA VAL E 416 3.14 7.44 -49.67
C VAL E 416 4.49 7.28 -50.36
N ASP E 417 5.26 8.37 -50.44
CA ASP E 417 6.58 8.28 -51.05
C ASP E 417 7.52 7.37 -50.25
N ALA E 418 7.49 7.49 -48.92
CA ALA E 418 8.32 6.62 -48.09
C ALA E 418 7.88 5.16 -48.20
N ARG E 419 6.57 4.92 -48.25
CA ARG E 419 6.10 3.55 -48.44
C ARG E 419 6.54 2.99 -49.78
N PHE E 420 6.45 3.79 -50.84
CA PHE E 420 6.94 3.34 -52.14
C PHE E 420 8.42 3.03 -52.10
N ASP E 421 9.22 3.91 -51.47
CA ASP E 421 10.65 3.70 -51.41
C ASP E 421 11.00 2.43 -50.64
N ILE E 422 10.36 2.20 -49.50
CA ILE E 422 10.66 1.02 -48.70
C ILE E 422 10.20 -0.24 -49.43
N LEU E 423 9.08 -0.17 -50.14
CA LEU E 423 8.63 -1.32 -50.91
C LEU E 423 9.62 -1.66 -52.02
N THR E 424 10.10 -0.65 -52.74
CA THR E 424 11.09 -0.89 -53.78
C THR E 424 12.38 -1.44 -53.19
N LYS E 425 12.80 -0.92 -52.04
CA LYS E 425 14.02 -1.43 -51.39
C LYS E 425 13.87 -2.88 -50.99
N GLN E 426 12.72 -3.25 -50.40
CA GLN E 426 12.49 -4.63 -50.02
C GLN E 426 12.43 -5.54 -51.23
N PHE E 427 11.78 -5.09 -52.31
CA PHE E 427 11.71 -5.90 -53.52
C PHE E 427 13.08 -6.10 -54.15
N SER E 428 13.93 -5.06 -54.12
CA SER E 428 15.29 -5.20 -54.63
C SER E 428 16.11 -6.15 -53.76
N ARG E 429 15.94 -6.06 -52.44
CA ARG E 429 16.65 -6.98 -51.54
C ARG E 429 16.22 -8.42 -51.78
N MET E 430 14.92 -8.66 -51.91
CA MET E 430 14.41 -9.99 -52.21
C MET E 430 14.77 -10.36 -53.64
N SER E 431 14.94 -11.66 -53.89
CA SER E 431 15.36 -12.15 -55.20
C SER E 431 14.26 -11.87 -56.22
N SER E 432 14.48 -10.86 -57.07
CA SER E 432 13.47 -10.40 -58.02
C SER E 432 13.64 -11.03 -59.40
N ASP E 433 14.09 -12.28 -59.47
CA ASP E 433 14.21 -12.95 -60.76
C ASP E 433 12.85 -13.16 -61.41
N ARG E 434 11.79 -13.25 -60.59
CA ARG E 434 10.45 -13.47 -61.08
C ARG E 434 9.49 -12.33 -60.76
N HIS E 435 9.62 -11.70 -59.59
CA HIS E 435 8.69 -10.66 -59.18
C HIS E 435 8.71 -9.50 -60.16
N VAL E 436 7.53 -9.05 -60.56
CA VAL E 436 7.41 -7.94 -61.50
C VAL E 436 7.72 -6.64 -60.79
N LEU E 437 8.55 -5.80 -61.40
CA LEU E 437 8.92 -4.52 -60.83
C LEU E 437 7.70 -3.63 -60.66
N ASP E 438 7.09 -3.23 -61.79
CA ASP E 438 5.78 -2.59 -61.83
C ASP E 438 5.70 -1.39 -60.88
N SER E 439 6.48 -0.35 -61.22
CA SER E 439 6.48 0.87 -60.42
C SER E 439 5.08 1.43 -60.24
N GLU E 440 4.27 1.42 -61.30
CA GLU E 440 2.91 1.94 -61.21
C GLU E 440 2.07 1.11 -60.25
N ALA E 441 2.24 -0.22 -60.27
CA ALA E 441 1.50 -1.07 -59.35
C ALA E 441 1.89 -0.80 -57.90
N ILE E 442 3.20 -0.62 -57.65
CA ILE E 442 3.66 -0.31 -56.29
C ILE E 442 3.10 1.03 -55.83
N LYS E 443 3.12 2.03 -56.71
CA LYS E 443 2.58 3.34 -56.36
C LYS E 443 1.09 3.26 -56.07
N TYR E 444 0.34 2.51 -56.88
CA TYR E 444 -1.09 2.34 -56.64
C TYR E 444 -1.35 1.64 -55.32
N ILE E 445 -0.56 0.61 -55.01
CA ILE E 445 -0.73 -0.11 -53.74
C ILE E 445 -0.45 0.84 -52.57
N ALA E 446 0.63 1.64 -52.67
CA ALA E 446 0.96 2.56 -51.59
C ALA E 446 -0.13 3.62 -51.42
N SER E 447 -0.67 4.15 -52.52
CA SER E 447 -1.72 5.16 -52.42
C SER E 447 -3.00 4.57 -51.86
N LYS E 448 -3.34 3.34 -52.26
CA LYS E 448 -4.57 2.73 -51.78
C LYS E 448 -4.51 2.44 -50.29
N THR E 449 -3.33 2.08 -49.78
CA THR E 449 -3.18 1.78 -48.36
C THR E 449 -3.43 3.02 -47.52
N HIS E 450 -4.12 2.83 -46.39
CA HIS E 450 -4.34 3.92 -45.45
C HIS E 450 -3.00 4.35 -44.86
N GLY E 451 -2.90 5.62 -44.49
CA GLY E 451 -1.67 6.13 -43.90
C GLY E 451 -1.38 5.53 -42.54
N TYR E 452 -0.38 4.66 -42.48
CA TYR E 452 0.06 4.07 -41.21
C TYR E 452 1.58 3.99 -41.21
N VAL E 453 2.15 3.95 -40.01
CA VAL E 453 3.59 3.97 -39.83
C VAL E 453 4.21 2.69 -40.37
N GLY E 454 5.50 2.71 -40.64
CA GLY E 454 6.17 1.56 -41.24
C GLY E 454 6.35 0.40 -40.28
N ALA E 455 5.24 -0.09 -39.71
CA ALA E 455 5.25 -1.20 -38.78
C ALA E 455 4.79 -2.48 -39.47
N ASP E 456 5.53 -3.56 -39.23
CA ASP E 456 5.27 -4.89 -39.78
C ASP E 456 4.88 -4.85 -41.26
N LEU E 457 5.51 -3.97 -42.03
CA LEU E 457 5.22 -3.90 -43.46
C LEU E 457 5.75 -5.14 -44.17
N THR E 458 6.86 -5.71 -43.71
CA THR E 458 7.36 -6.94 -44.29
C THR E 458 6.41 -8.11 -44.06
N ALA E 459 5.58 -8.02 -43.01
CA ALA E 459 4.60 -9.07 -42.76
C ALA E 459 3.57 -9.14 -43.89
N LEU E 460 3.23 -7.99 -44.49
CA LEU E 460 2.31 -8.00 -45.62
C LEU E 460 2.90 -8.78 -46.79
N CYS E 461 4.18 -8.55 -47.09
CA CYS E 461 4.84 -9.31 -48.15
C CYS E 461 4.92 -10.79 -47.79
N ARG E 462 5.18 -11.10 -46.52
CA ARG E 462 5.26 -12.49 -46.09
C ARG E 462 3.93 -13.20 -46.29
N GLU E 463 2.83 -12.57 -45.87
CA GLU E 463 1.52 -13.23 -46.03
C GLU E 463 1.09 -13.28 -47.49
N SER E 464 1.49 -12.29 -48.30
CA SER E 464 1.24 -12.37 -49.72
C SER E 464 1.99 -13.55 -50.34
N VAL E 465 3.24 -13.78 -49.92
CA VAL E 465 4.00 -14.93 -50.38
C VAL E 465 3.33 -16.23 -49.94
N MET E 466 2.82 -16.27 -48.72
CA MET E 466 2.13 -17.46 -48.24
C MET E 466 0.87 -17.74 -49.06
N LYS E 467 0.10 -16.69 -49.37
CA LYS E 467 -1.10 -16.87 -50.20
C LYS E 467 -0.73 -17.34 -51.60
N THR E 468 0.33 -16.77 -52.18
CA THR E 468 0.78 -17.20 -53.50
C THR E 468 1.22 -18.65 -53.49
N ILE E 469 1.92 -19.07 -52.43
CA ILE E 469 2.35 -20.46 -52.30
C ILE E 469 1.13 -21.38 -52.19
N GLN E 470 0.15 -20.98 -51.39
CA GLN E 470 -1.06 -21.80 -51.23
C GLN E 470 -1.80 -21.93 -52.55
N ARG E 471 -1.90 -20.85 -53.32
CA ARG E 471 -2.56 -20.94 -54.62
C ARG E 471 -1.78 -21.81 -55.58
N GLY E 472 -0.46 -21.63 -55.63
CA GLY E 472 0.36 -22.37 -56.59
C GLY E 472 0.39 -23.86 -56.29
N LEU E 473 0.42 -24.23 -55.00
CA LEU E 473 0.42 -25.65 -54.65
C LEU E 473 -0.82 -26.36 -55.19
N GLY E 474 -2.00 -25.77 -54.96
CA GLY E 474 -3.21 -26.33 -55.51
C GLY E 474 -3.27 -26.28 -57.03
N THR E 475 -2.73 -25.22 -57.62
CA THR E 475 -2.80 -25.07 -59.07
C THR E 475 -1.94 -26.11 -59.79
N ASP E 476 -0.73 -26.35 -59.29
CA ASP E 476 0.24 -27.16 -60.03
C ASP E 476 0.60 -28.47 -59.33
N ALA E 477 -0.13 -28.85 -58.27
CA ALA E 477 0.06 -30.13 -57.60
C ALA E 477 1.50 -30.30 -57.10
N ASN E 478 1.92 -29.40 -56.22
CA ASN E 478 3.23 -29.44 -55.56
C ASN E 478 4.37 -29.43 -56.58
N ILE E 479 4.46 -28.32 -57.31
CA ILE E 479 5.50 -28.12 -58.29
C ILE E 479 6.61 -27.28 -57.66
N ASP E 480 7.77 -27.27 -58.32
CA ASP E 480 8.90 -26.48 -57.83
C ASP E 480 8.59 -24.99 -57.90
N LYS E 481 9.24 -24.23 -57.02
CA LYS E 481 8.98 -22.79 -56.90
C LYS E 481 9.30 -22.03 -58.18
N PHE E 482 10.25 -22.50 -58.98
CA PHE E 482 10.62 -21.79 -60.20
C PHE E 482 9.48 -21.79 -61.21
N SER E 483 8.62 -22.81 -61.18
CA SER E 483 7.47 -22.86 -62.08
C SER E 483 6.25 -22.11 -61.55
N LEU E 484 6.27 -21.71 -60.28
CA LEU E 484 5.16 -20.95 -59.71
C LEU E 484 5.19 -19.52 -60.20
N LYS E 485 4.03 -18.87 -60.17
CA LYS E 485 3.88 -17.49 -60.62
C LYS E 485 3.29 -16.65 -59.50
N VAL E 486 3.77 -15.41 -59.40
CA VAL E 486 3.35 -14.47 -58.36
C VAL E 486 2.47 -13.41 -59.00
N THR E 487 1.31 -13.15 -58.40
CA THR E 487 0.35 -12.18 -58.89
C THR E 487 0.17 -11.06 -57.86
N LEU E 488 -0.80 -10.18 -58.13
CA LEU E 488 -1.08 -9.04 -57.27
C LEU E 488 -2.40 -9.17 -56.51
N LYS E 489 -3.33 -9.99 -56.98
CA LYS E 489 -4.61 -10.14 -56.29
C LYS E 489 -4.41 -10.73 -54.89
N ASP E 490 -3.52 -11.70 -54.76
CA ASP E 490 -3.22 -12.25 -53.44
C ASP E 490 -2.62 -11.19 -52.51
N VAL E 491 -1.73 -10.35 -53.04
CA VAL E 491 -1.15 -9.28 -52.24
C VAL E 491 -2.24 -8.31 -51.78
N GLU E 492 -3.14 -7.94 -52.68
CA GLU E 492 -4.23 -7.03 -52.30
C GLU E 492 -5.13 -7.66 -51.25
N SER E 493 -5.46 -8.94 -51.41
CA SER E 493 -6.31 -9.61 -50.42
C SER E 493 -5.62 -9.68 -49.06
N ALA E 494 -4.32 -9.98 -49.04
CA ALA E 494 -3.58 -10.03 -47.79
C ALA E 494 -3.53 -8.66 -47.14
N MET E 495 -3.32 -7.59 -47.94
CA MET E 495 -3.30 -6.25 -47.39
C MET E 495 -4.64 -5.85 -46.80
N VAL E 496 -5.73 -6.22 -47.46
CA VAL E 496 -7.06 -5.95 -46.91
C VAL E 496 -7.25 -6.73 -45.61
N ASP E 497 -6.85 -8.00 -45.59
CA ASP E 497 -7.07 -8.84 -44.41
C ASP E 497 -6.29 -8.33 -43.20
N ILE E 498 -5.03 -7.93 -43.40
CA ILE E 498 -4.18 -7.58 -42.27
C ILE E 498 -4.65 -6.29 -41.61
N ARG E 499 -5.10 -5.31 -42.43
CA ARG E 499 -5.62 -3.98 -42.11
C ARG E 499 -4.59 -3.14 -41.34
N PRO E 500 -4.66 -1.82 -41.41
CA PRO E 500 -3.69 -0.99 -40.69
C PRO E 500 -3.89 -1.09 -39.19
N SER E 501 -2.78 -1.20 -38.46
CA SER E 501 -2.79 -1.32 -37.01
C SER E 501 -2.36 -0.04 -36.31
N ALA E 502 -2.21 1.07 -37.05
CA ALA E 502 -1.79 2.32 -36.42
C ALA E 502 -2.85 2.82 -35.44
N MET E 503 -4.11 2.71 -35.80
CA MET E 503 -5.22 3.15 -34.95
C MET E 503 -5.95 1.93 -34.41
N ARG E 504 -6.18 1.89 -33.10
CA ARG E 504 -6.87 0.78 -32.47
C ARG E 504 -7.87 1.27 -31.43
N VAL E 513 -10.53 5.98 -45.79
CA VAL E 513 -11.53 6.66 -46.60
C VAL E 513 -10.96 6.97 -47.98
N TYR E 514 -11.83 6.95 -49.00
CA TYR E 514 -11.43 7.20 -50.36
C TYR E 514 -12.43 8.14 -51.02
N TRP E 515 -11.98 8.83 -52.06
CA TRP E 515 -12.86 9.74 -52.79
C TRP E 515 -13.97 8.97 -53.51
N SER E 516 -13.71 7.73 -53.90
CA SER E 516 -14.77 6.87 -54.42
C SER E 516 -15.66 6.36 -53.29
N ASP E 517 -15.05 6.06 -52.14
CA ASP E 517 -15.84 5.60 -50.98
C ASP E 517 -16.77 6.69 -50.48
N ILE E 518 -16.29 7.92 -50.39
CA ILE E 518 -17.08 9.06 -49.92
C ILE E 518 -17.04 10.14 -50.99
N GLY E 519 -18.21 10.55 -51.46
CA GLY E 519 -18.31 11.55 -52.50
C GLY E 519 -18.12 12.95 -51.98
N GLY E 520 -18.40 13.92 -52.85
CA GLY E 520 -18.27 15.31 -52.49
C GLY E 520 -19.16 16.18 -53.36
N GLN E 521 -19.48 17.36 -52.85
CA GLN E 521 -20.33 18.31 -53.57
C GLN E 521 -19.46 19.25 -54.41
N GLU E 522 -19.92 19.50 -55.64
CA GLU E 522 -19.14 20.34 -56.56
C GLU E 522 -19.22 21.81 -56.18
N GLU E 523 -20.29 22.23 -55.49
CA GLU E 523 -20.44 23.63 -55.14
C GLU E 523 -19.33 24.08 -54.19
N LEU E 524 -18.98 23.24 -53.22
CA LEU E 524 -17.92 23.57 -52.26
C LEU E 524 -16.53 23.18 -52.75
N LYS E 525 -16.43 22.47 -53.88
CA LYS E 525 -15.12 22.05 -54.37
C LYS E 525 -14.25 23.23 -54.75
N THR E 526 -14.81 24.21 -55.47
CA THR E 526 -14.04 25.38 -55.85
C THR E 526 -13.57 26.16 -54.64
N LYS E 527 -14.46 26.36 -53.66
CA LYS E 527 -14.10 27.13 -52.47
C LYS E 527 -13.04 26.40 -51.64
N MET E 528 -13.18 25.09 -51.46
CA MET E 528 -12.17 24.35 -50.71
C MET E 528 -10.84 24.35 -51.44
N LYS E 529 -10.84 24.22 -52.76
CA LYS E 529 -9.61 24.29 -53.52
C LYS E 529 -8.94 25.65 -53.38
N GLU E 530 -9.74 26.72 -53.42
CA GLU E 530 -9.20 28.06 -53.24
C GLU E 530 -8.57 28.20 -51.85
N MET E 531 -9.28 27.75 -50.81
CA MET E 531 -8.76 27.87 -49.45
C MET E 531 -7.50 27.05 -49.24
N ILE E 532 -7.38 25.89 -49.90
CA ILE E 532 -6.20 25.05 -49.71
C ILE E 532 -5.06 25.40 -50.67
N GLN E 533 -5.30 26.22 -51.68
CA GLN E 533 -4.26 26.57 -52.64
C GLN E 533 -3.78 28.01 -52.52
N LEU E 534 -4.68 28.98 -52.59
CA LEU E 534 -4.26 30.39 -52.64
C LEU E 534 -3.44 30.80 -51.41
N PRO E 535 -3.85 30.51 -50.18
CA PRO E 535 -2.97 30.86 -49.04
C PRO E 535 -1.64 30.13 -49.05
N LEU E 536 -1.59 28.91 -49.59
CA LEU E 536 -0.40 28.07 -49.51
C LEU E 536 0.44 28.11 -50.80
N GLU E 537 -0.19 27.84 -51.95
CA GLU E 537 0.58 27.74 -53.19
C GLU E 537 1.21 29.08 -53.56
N ALA E 538 0.47 30.17 -53.40
CA ALA E 538 0.95 31.51 -53.74
C ALA E 538 0.84 32.39 -52.49
N SER E 539 1.87 32.35 -51.66
CA SER E 539 1.94 33.20 -50.46
C SER E 539 2.64 34.52 -50.71
N GLU E 540 3.22 34.72 -51.90
CA GLU E 540 3.90 35.97 -52.20
C GLU E 540 2.93 37.14 -52.21
N THR E 541 1.75 36.95 -52.79
CA THR E 541 0.75 38.02 -52.82
C THR E 541 0.32 38.41 -51.40
N PHE E 542 0.05 37.42 -50.55
CA PHE E 542 -0.34 37.71 -49.19
C PHE E 542 0.79 38.40 -48.43
N ALA E 543 2.04 37.96 -48.64
CA ALA E 543 3.17 38.57 -47.96
C ALA E 543 3.37 40.01 -48.38
N ARG E 544 3.25 40.30 -49.67
CA ARG E 544 3.49 41.66 -50.15
C ARG E 544 2.32 42.59 -49.85
N LEU E 545 1.09 42.07 -49.81
CA LEU E 545 -0.09 42.88 -49.52
C LEU E 545 -0.45 42.89 -48.05
N GLY E 546 0.21 42.08 -47.22
CA GLY E 546 -0.08 42.04 -45.80
C GLY E 546 -1.50 41.62 -45.49
N ILE E 547 -1.99 40.59 -46.16
CA ILE E 547 -3.35 40.09 -45.99
C ILE E 547 -3.31 38.82 -45.16
N SER E 548 -4.10 38.79 -44.09
CA SER E 548 -4.18 37.61 -43.25
C SER E 548 -4.90 36.47 -43.98
N ALA E 549 -4.54 35.25 -43.61
CA ALA E 549 -5.13 34.08 -44.23
C ALA E 549 -6.61 33.96 -43.85
N PRO E 550 -7.43 33.39 -44.72
CA PRO E 550 -8.85 33.20 -44.37
C PRO E 550 -9.06 32.35 -43.13
N LYS E 551 -8.15 31.42 -42.84
CA LYS E 551 -8.20 30.58 -41.65
C LYS E 551 -9.50 29.77 -41.60
N GLY E 552 -9.93 29.27 -42.76
CA GLY E 552 -11.04 28.36 -42.82
C GLY E 552 -12.39 29.04 -42.70
N VAL E 553 -13.43 28.21 -42.77
CA VAL E 553 -14.81 28.65 -42.67
C VAL E 553 -15.53 27.80 -41.61
N LEU E 554 -16.76 28.18 -41.31
CA LEU E 554 -17.60 27.46 -40.36
C LEU E 554 -18.68 26.71 -41.12
N LEU E 555 -18.79 25.41 -40.84
CA LEU E 555 -19.78 24.55 -41.49
C LEU E 555 -20.85 24.18 -40.47
N TYR E 556 -22.10 24.52 -40.77
CA TYR E 556 -23.24 24.22 -39.91
C TYR E 556 -24.23 23.37 -40.67
N GLY E 557 -24.63 22.24 -40.09
CA GLY E 557 -25.56 21.35 -40.72
C GLY E 557 -26.11 20.30 -39.77
N PRO E 558 -27.16 19.61 -40.18
CA PRO E 558 -27.73 18.57 -39.33
C PRO E 558 -26.75 17.44 -39.14
N PRO E 559 -26.84 16.71 -38.02
CA PRO E 559 -25.93 15.57 -37.81
C PRO E 559 -26.04 14.51 -38.88
N GLY E 560 -27.22 14.32 -39.46
CA GLY E 560 -27.43 13.34 -40.51
C GLY E 560 -27.22 13.83 -41.92
N CYS E 561 -26.76 15.07 -42.10
CA CYS E 561 -26.54 15.61 -43.43
C CYS E 561 -25.15 15.21 -43.93
N SER E 562 -24.70 15.85 -45.00
CA SER E 562 -23.44 15.53 -45.65
C SER E 562 -22.25 16.30 -45.07
N LYS E 563 -22.39 16.89 -43.89
CA LYS E 563 -21.26 17.61 -43.28
C LYS E 563 -20.11 16.65 -42.98
N THR E 564 -20.42 15.47 -42.42
CA THR E 564 -19.40 14.45 -42.24
C THR E 564 -18.88 13.96 -43.58
N LEU E 565 -19.78 13.80 -44.56
CA LEU E 565 -19.35 13.42 -45.90
C LEU E 565 -18.44 14.46 -46.51
N THR E 566 -18.78 15.75 -46.33
CA THR E 566 -17.92 16.82 -46.85
C THR E 566 -16.57 16.82 -46.16
N ALA E 567 -16.55 16.60 -44.84
CA ALA E 567 -15.29 16.55 -44.11
C ALA E 567 -14.42 15.38 -44.60
N LYS E 568 -15.04 14.22 -44.82
CA LYS E 568 -14.29 13.06 -45.31
C LYS E 568 -13.76 13.32 -46.72
N ALA E 569 -14.57 13.97 -47.57
CA ALA E 569 -14.10 14.31 -48.91
C ALA E 569 -12.92 15.27 -48.86
N LEU E 570 -12.99 16.28 -47.97
CA LEU E 570 -11.87 17.20 -47.80
C LEU E 570 -10.63 16.48 -47.33
N ALA E 571 -10.78 15.56 -46.37
CA ALA E 571 -9.64 14.81 -45.86
C ALA E 571 -9.01 13.95 -46.95
N THR E 572 -9.84 13.29 -47.77
CA THR E 572 -9.31 12.46 -48.84
C THR E 572 -8.62 13.30 -49.92
N GLU E 573 -9.22 14.44 -50.27
CA GLU E 573 -8.62 15.30 -51.29
C GLU E 573 -7.32 15.92 -50.82
N SER E 574 -7.22 16.22 -49.53
CA SER E 574 -5.97 16.75 -48.98
C SER E 574 -4.84 15.73 -49.09
N GLY E 575 -5.15 14.45 -48.88
CA GLY E 575 -4.13 13.41 -48.98
C GLY E 575 -3.23 13.31 -47.78
N ILE E 576 -3.58 13.93 -46.66
CA ILE E 576 -2.79 13.89 -45.43
C ILE E 576 -3.65 13.28 -44.33
N ASN E 577 -3.10 12.27 -43.66
CA ASN E 577 -3.82 11.63 -42.56
C ASN E 577 -3.97 12.59 -41.38
N PHE E 578 -5.06 12.41 -40.64
CA PHE E 578 -5.36 13.28 -39.51
C PHE E 578 -6.20 12.52 -38.51
N LEU E 579 -6.21 13.03 -37.28
CA LEU E 579 -7.00 12.47 -36.18
C LEU E 579 -8.10 13.45 -35.81
N ALA E 580 -9.34 12.99 -35.82
CA ALA E 580 -10.46 13.85 -35.49
C ALA E 580 -10.43 14.24 -34.02
N VAL E 581 -10.79 15.50 -33.74
CA VAL E 581 -10.82 16.03 -32.38
C VAL E 581 -12.29 16.14 -31.97
N LYS E 582 -12.67 15.40 -30.95
CA LYS E 582 -14.05 15.40 -30.49
C LYS E 582 -14.39 16.72 -29.80
N GLY E 583 -15.67 17.09 -29.88
CA GLY E 583 -16.15 18.31 -29.27
C GLY E 583 -15.97 18.33 -27.77
N PRO E 584 -16.69 17.45 -27.06
CA PRO E 584 -16.56 17.41 -25.59
C PRO E 584 -15.16 17.04 -25.11
N GLU E 585 -14.35 16.38 -25.94
CA GLU E 585 -12.99 16.03 -25.55
C GLU E 585 -12.10 17.26 -25.45
N ARG E 599 -4.61 20.68 -25.17
CA ARG E 599 -3.41 21.49 -25.30
C ARG E 599 -2.29 20.71 -25.96
N GLU E 600 -2.09 19.47 -25.51
CA GLU E 600 -1.05 18.62 -26.08
C GLU E 600 -1.32 18.33 -27.55
N ILE E 601 -2.57 18.01 -27.89
CA ILE E 601 -2.92 17.75 -29.29
C ILE E 601 -2.77 19.01 -30.13
N PHE E 602 -3.20 20.15 -29.60
CA PHE E 602 -3.11 21.40 -30.35
C PHE E 602 -1.67 21.81 -30.58
N ARG E 603 -0.77 21.51 -29.62
CA ARG E 603 0.63 21.84 -29.79
C ARG E 603 1.27 21.06 -30.92
N LYS E 604 0.83 19.82 -31.14
CA LYS E 604 1.40 18.99 -32.21
C LYS E 604 1.07 19.48 -33.60
N ALA E 605 0.09 20.38 -33.75
CA ALA E 605 -0.25 20.91 -35.06
C ALA E 605 0.91 21.69 -35.65
N ARG E 606 1.58 22.51 -34.84
CA ARG E 606 2.72 23.27 -35.33
C ARG E 606 3.93 22.39 -35.57
N SER E 607 4.15 21.39 -34.72
CA SER E 607 5.33 20.54 -34.85
C SER E 607 5.31 19.76 -36.16
N ALA E 608 4.16 19.21 -36.53
CA ALA E 608 4.06 18.49 -37.80
C ALA E 608 4.20 19.43 -38.98
N ALA E 609 3.44 20.54 -38.98
CA ALA E 609 3.29 21.61 -39.95
C ALA E 609 2.26 21.23 -41.03
N PRO E 610 2.62 20.63 -42.20
CA PRO E 610 1.62 20.51 -43.27
C PRO E 610 0.65 19.37 -43.01
N SER E 611 -0.56 19.72 -42.60
CA SER E 611 -1.58 18.73 -42.28
C SER E 611 -2.94 19.43 -42.23
N ILE E 612 -3.97 18.67 -41.86
CA ILE E 612 -5.32 19.17 -41.76
C ILE E 612 -5.84 18.88 -40.35
N ILE E 613 -6.53 19.85 -39.77
CA ILE E 613 -7.13 19.72 -38.45
C ILE E 613 -8.63 19.99 -38.57
N PHE E 614 -9.44 19.05 -38.10
CA PHE E 614 -10.89 19.15 -38.19
C PHE E 614 -11.50 18.94 -36.80
N PHE E 615 -12.48 19.76 -36.47
CA PHE E 615 -13.21 19.66 -35.21
C PHE E 615 -14.61 19.12 -35.50
N ASP E 616 -14.93 17.96 -34.91
CA ASP E 616 -16.23 17.36 -35.16
C ASP E 616 -17.36 18.21 -34.60
N GLN E 617 -17.18 18.74 -33.39
CA GLN E 617 -18.18 19.57 -32.74
C GLN E 617 -17.52 20.79 -32.13
N ILE E 618 -18.15 21.95 -32.30
CA ILE E 618 -17.67 23.19 -31.72
C ILE E 618 -18.83 23.88 -31.01
N ASP E 619 -20.06 23.40 -31.26
CA ASP E 619 -21.23 23.98 -30.63
C ASP E 619 -21.22 23.76 -29.12
N ALA E 620 -20.77 22.59 -28.67
CA ALA E 620 -20.76 22.29 -27.24
C ALA E 620 -19.86 23.25 -26.48
N LEU E 621 -18.68 23.56 -27.02
CA LEU E 621 -17.75 24.48 -26.39
C LEU E 621 -17.95 25.92 -26.83
N SER E 622 -18.91 26.19 -27.73
CA SER E 622 -19.14 27.55 -28.19
C SER E 622 -19.54 28.50 -27.07
N PRO E 623 -20.52 28.17 -26.20
CA PRO E 623 -20.82 29.14 -25.14
C PRO E 623 -19.87 29.02 -23.94
N THR E 630 -17.12 17.11 -21.22
CA THR E 630 -18.06 17.65 -20.25
C THR E 630 -18.06 19.17 -20.28
N SER E 631 -18.82 19.78 -19.35
CA SER E 631 -18.90 21.24 -19.31
C SER E 631 -17.54 21.85 -18.96
N ALA E 632 -16.82 21.25 -18.02
CA ALA E 632 -15.49 21.75 -17.67
C ALA E 632 -14.53 21.64 -18.84
N ALA E 633 -14.58 20.52 -19.56
CA ALA E 633 -13.72 20.35 -20.74
C ALA E 633 -14.07 21.38 -21.81
N ASN E 634 -15.36 21.63 -22.03
CA ASN E 634 -15.76 22.63 -23.02
C ASN E 634 -15.28 24.03 -22.61
N HIS E 635 -15.39 24.36 -21.32
CA HIS E 635 -14.90 25.66 -20.84
C HIS E 635 -13.40 25.77 -21.02
N VAL E 636 -12.66 24.70 -20.72
CA VAL E 636 -11.21 24.72 -20.92
C VAL E 636 -10.88 24.92 -22.39
N LEU E 637 -11.59 24.22 -23.28
CA LEU E 637 -11.32 24.34 -24.71
C LEU E 637 -11.62 25.74 -25.21
N THR E 638 -12.74 26.34 -24.79
CA THR E 638 -13.06 27.68 -25.26
C THR E 638 -12.17 28.75 -24.63
N SER E 639 -11.60 28.48 -23.46
CA SER E 639 -10.64 29.41 -22.89
C SER E 639 -9.28 29.30 -23.58
N LEU E 640 -8.90 28.09 -23.97
CA LEU E 640 -7.61 27.87 -24.64
C LEU E 640 -7.67 28.15 -26.13
N LEU E 641 -8.89 28.32 -26.69
CA LEU E 641 -9.00 28.72 -28.09
C LEU E 641 -8.33 30.07 -28.34
N ASN E 642 -8.27 30.93 -27.33
CA ASN E 642 -7.58 32.21 -27.48
C ASN E 642 -6.09 32.00 -27.76
N GLU E 643 -5.45 31.08 -27.02
CA GLU E 643 -4.07 30.73 -27.31
C GLU E 643 -3.95 29.97 -28.62
N ILE E 644 -4.97 29.20 -28.98
CA ILE E 644 -4.98 28.49 -30.26
C ILE E 644 -4.89 29.48 -31.42
N ASP E 645 -5.68 30.56 -31.34
CA ASP E 645 -5.69 31.55 -32.41
C ASP E 645 -4.31 32.21 -32.56
N GLY E 646 -3.66 32.54 -31.46
CA GLY E 646 -2.34 33.13 -31.54
C GLY E 646 -1.32 32.23 -32.20
N VAL E 647 -1.34 30.94 -31.85
CA VAL E 647 -0.46 29.97 -32.51
C VAL E 647 -0.84 29.82 -33.97
N GLU E 648 -2.14 29.74 -34.26
CA GLU E 648 -2.61 29.56 -35.63
C GLU E 648 -2.36 30.79 -36.50
N GLU E 649 -2.16 31.95 -35.89
CA GLU E 649 -1.89 33.16 -36.68
C GLU E 649 -0.57 33.05 -37.43
N LEU E 650 0.47 32.50 -36.78
CA LEU E 650 1.77 32.40 -37.41
C LEU E 650 1.74 31.48 -38.63
N LYS E 651 1.07 30.32 -38.51
CA LYS E 651 0.95 29.36 -39.60
C LYS E 651 -0.48 28.83 -39.63
N GLY E 652 -1.33 29.51 -40.39
CA GLY E 652 -2.71 29.07 -40.51
C GLY E 652 -2.86 27.74 -41.21
N VAL E 653 -2.14 27.57 -42.33
CA VAL E 653 -2.23 26.38 -43.17
C VAL E 653 -3.69 26.19 -43.56
N VAL E 654 -4.35 25.19 -42.99
CA VAL E 654 -5.77 24.93 -43.19
C VAL E 654 -6.38 24.54 -41.84
N ILE E 655 -7.59 25.04 -41.58
CA ILE E 655 -8.34 24.69 -40.39
C ILE E 655 -9.82 24.69 -40.72
N VAL E 656 -10.53 23.64 -40.28
CA VAL E 656 -11.96 23.49 -40.52
C VAL E 656 -12.62 23.02 -39.23
N ALA E 657 -13.94 23.24 -39.15
CA ALA E 657 -14.71 22.85 -37.97
C ALA E 657 -16.16 22.65 -38.38
N ALA E 658 -16.91 21.98 -37.51
CA ALA E 658 -18.32 21.72 -37.72
C ALA E 658 -19.10 22.08 -36.46
N THR E 659 -20.39 22.40 -36.66
CA THR E 659 -21.24 22.81 -35.55
C THR E 659 -22.67 22.41 -35.84
N ASN E 660 -23.47 22.34 -34.78
CA ASN E 660 -24.89 22.03 -34.87
C ASN E 660 -25.79 23.17 -34.44
N ARG E 661 -25.33 24.02 -33.53
CA ARG E 661 -26.09 25.19 -33.09
C ARG E 661 -25.29 26.45 -33.41
N PRO E 662 -25.52 27.07 -34.58
CA PRO E 662 -24.73 28.25 -34.95
C PRO E 662 -24.89 29.43 -34.01
N ASP E 663 -26.04 29.56 -33.36
CA ASP E 663 -26.29 30.73 -32.51
C ASP E 663 -25.41 30.77 -31.27
N GLU E 664 -24.80 29.64 -30.89
CA GLU E 664 -23.97 29.59 -29.70
C GLU E 664 -22.55 30.11 -29.93
N ILE E 665 -22.17 30.37 -31.19
CA ILE E 665 -20.81 30.81 -31.47
C ILE E 665 -20.57 32.20 -30.88
N ASP E 666 -19.32 32.45 -30.49
CA ASP E 666 -18.97 33.75 -29.92
C ASP E 666 -19.02 34.84 -30.98
N ALA E 667 -19.47 36.03 -30.56
CA ALA E 667 -19.53 37.16 -31.48
C ALA E 667 -18.14 37.58 -31.93
N ALA E 668 -17.16 37.56 -31.02
CA ALA E 668 -15.81 37.95 -31.36
C ALA E 668 -15.14 36.96 -32.32
N LEU E 669 -15.68 35.74 -32.45
CA LEU E 669 -15.12 34.76 -33.36
C LEU E 669 -15.56 34.98 -34.81
N LEU E 670 -16.56 35.82 -35.04
CA LEU E 670 -17.07 36.08 -36.39
C LEU E 670 -16.41 37.29 -37.04
N ARG E 671 -15.46 37.93 -36.38
CA ARG E 671 -14.80 39.08 -36.95
C ARG E 671 -13.93 38.68 -38.15
N PRO E 672 -13.74 39.57 -39.11
CA PRO E 672 -12.86 39.25 -40.24
C PRO E 672 -11.43 39.02 -39.78
N GLY E 673 -10.75 38.13 -40.49
CA GLY E 673 -9.40 37.72 -40.17
C GLY E 673 -9.30 36.39 -39.46
N ARG E 674 -10.40 35.88 -38.91
CA ARG E 674 -10.45 34.57 -38.29
C ARG E 674 -11.39 33.62 -39.01
N LEU E 675 -12.64 34.03 -39.23
CA LEU E 675 -13.63 33.27 -40.00
C LEU E 675 -14.15 34.22 -41.08
N ASP E 676 -13.44 34.27 -42.21
CA ASP E 676 -13.80 35.22 -43.26
C ASP E 676 -15.15 34.89 -43.88
N ARG E 677 -15.42 33.62 -44.15
CA ARG E 677 -16.63 33.19 -44.83
C ARG E 677 -17.34 32.12 -44.01
N HIS E 678 -18.64 31.98 -44.26
CA HIS E 678 -19.46 30.93 -43.65
C HIS E 678 -20.20 30.21 -44.77
N ILE E 679 -20.12 28.87 -44.77
CA ILE E 679 -20.70 28.05 -45.82
C ILE E 679 -21.71 27.10 -45.18
N TYR E 680 -22.91 27.06 -45.74
CA TYR E 680 -23.94 26.14 -45.26
C TYR E 680 -23.79 24.79 -45.95
N VAL E 681 -24.06 23.72 -45.19
CA VAL E 681 -23.99 22.36 -45.69
C VAL E 681 -25.31 21.67 -45.41
N GLY E 682 -25.80 20.91 -46.39
CA GLY E 682 -27.06 20.22 -46.27
C GLY E 682 -26.98 18.78 -46.71
N PRO E 683 -28.10 18.25 -47.22
CA PRO E 683 -28.10 16.86 -47.68
C PRO E 683 -27.19 16.69 -48.88
N PRO E 684 -26.61 15.50 -49.06
CA PRO E 684 -25.73 15.27 -50.21
C PRO E 684 -26.49 15.36 -51.53
N ASP E 685 -25.77 15.76 -52.57
CA ASP E 685 -26.37 15.91 -53.89
C ASP E 685 -26.62 14.54 -54.53
N VAL E 686 -27.10 14.56 -55.77
CA VAL E 686 -27.44 13.32 -56.46
C VAL E 686 -26.19 12.49 -56.75
N ASN E 687 -25.09 13.15 -57.13
CA ASN E 687 -23.87 12.41 -57.44
C ASN E 687 -23.28 11.75 -56.21
N ALA E 688 -23.22 12.49 -55.09
CA ALA E 688 -22.71 11.91 -53.85
C ALA E 688 -23.61 10.78 -53.36
N ARG E 689 -24.92 10.97 -53.45
CA ARG E 689 -25.85 9.92 -53.04
C ARG E 689 -25.69 8.67 -53.89
N LEU E 690 -25.53 8.84 -55.21
CA LEU E 690 -25.31 7.70 -56.09
C LEU E 690 -24.00 6.99 -55.76
N GLU E 691 -22.94 7.77 -55.49
CA GLU E 691 -21.67 7.16 -55.13
C GLU E 691 -21.77 6.36 -53.83
N ILE E 692 -22.45 6.92 -52.84
CA ILE E 692 -22.62 6.22 -51.56
C ILE E 692 -23.44 4.95 -51.76
N LEU E 693 -24.50 5.04 -52.58
CA LEU E 693 -25.33 3.87 -52.84
C LEU E 693 -24.52 2.78 -53.54
N LYS E 694 -23.70 3.15 -54.52
CA LYS E 694 -22.86 2.17 -55.21
C LYS E 694 -21.86 1.54 -54.25
N LYS E 695 -21.26 2.36 -53.37
CA LYS E 695 -20.27 1.84 -52.44
C LYS E 695 -20.90 0.87 -51.44
N CYS E 696 -22.08 1.20 -50.91
CA CYS E 696 -22.73 0.30 -49.96
C CYS E 696 -23.34 -0.92 -50.64
N THR E 697 -23.68 -0.83 -51.91
CA THR E 697 -24.16 -1.98 -52.66
C THR E 697 -23.04 -2.86 -53.18
N LYS E 698 -21.80 -2.35 -53.17
CA LYS E 698 -20.66 -3.15 -53.63
C LYS E 698 -20.52 -4.44 -52.84
N LYS E 699 -20.80 -4.40 -51.53
CA LYS E 699 -20.80 -5.62 -50.74
C LYS E 699 -21.88 -6.58 -51.22
N PHE E 700 -23.06 -6.06 -51.55
CA PHE E 700 -24.12 -6.87 -52.13
C PHE E 700 -23.86 -7.04 -53.63
N ASN E 701 -24.87 -7.52 -54.35
CA ASN E 701 -24.79 -7.68 -55.80
C ASN E 701 -25.82 -6.79 -56.48
N THR E 702 -25.47 -6.28 -57.66
CA THR E 702 -26.33 -5.36 -58.38
C THR E 702 -27.08 -6.02 -59.55
N GLU E 703 -26.40 -6.86 -60.32
CA GLU E 703 -27.02 -7.48 -61.48
C GLU E 703 -28.17 -8.41 -61.06
N GLU E 704 -27.97 -9.18 -59.99
CA GLU E 704 -29.01 -10.09 -59.54
C GLU E 704 -30.15 -9.33 -58.85
N SER E 705 -29.81 -8.28 -58.10
CA SER E 705 -30.84 -7.48 -57.43
C SER E 705 -31.70 -6.72 -58.42
N GLY E 706 -31.11 -6.23 -59.50
CA GLY E 706 -31.86 -5.50 -60.51
C GLY E 706 -32.05 -4.02 -60.22
N VAL E 707 -31.47 -3.50 -59.15
CA VAL E 707 -31.62 -2.09 -58.83
C VAL E 707 -30.76 -1.25 -59.77
N ASP E 708 -31.27 -0.08 -60.14
CA ASP E 708 -30.57 0.82 -61.05
C ASP E 708 -29.70 1.84 -60.31
N LEU E 709 -29.67 1.79 -58.98
CA LEU E 709 -28.89 2.67 -58.11
C LEU E 709 -29.32 4.13 -58.19
N HIS E 710 -30.45 4.42 -58.84
CA HIS E 710 -30.95 5.78 -58.95
C HIS E 710 -32.35 5.96 -58.39
N GLU E 711 -33.21 4.94 -58.49
CA GLU E 711 -34.54 5.03 -57.92
C GLU E 711 -34.49 5.16 -56.40
N LEU E 712 -33.58 4.43 -55.76
CA LEU E 712 -33.41 4.54 -54.32
C LEU E 712 -32.96 5.94 -53.93
N ALA E 713 -32.02 6.52 -54.71
CA ALA E 713 -31.57 7.87 -54.44
C ALA E 713 -32.70 8.88 -54.60
N ASP E 714 -33.52 8.70 -55.64
CA ASP E 714 -34.67 9.59 -55.84
C ASP E 714 -35.67 9.48 -54.69
N ARG E 715 -35.88 8.25 -54.19
CA ARG E 715 -36.83 8.05 -53.11
C ARG E 715 -36.32 8.64 -51.80
N THR E 716 -35.03 8.45 -51.49
CA THR E 716 -34.46 8.86 -50.22
C THR E 716 -33.49 10.02 -50.36
N GLU E 717 -33.76 10.94 -51.30
CA GLU E 717 -32.90 12.10 -51.47
C GLU E 717 -32.91 12.99 -50.22
N GLY E 718 -34.09 13.21 -49.64
CA GLY E 718 -34.23 14.09 -48.49
C GLY E 718 -34.23 13.42 -47.14
N TYR E 719 -34.02 12.11 -47.07
CA TYR E 719 -34.03 11.40 -45.79
C TYR E 719 -32.89 11.87 -44.91
N SER E 720 -31.65 11.60 -45.32
CA SER E 720 -30.44 12.01 -44.62
C SER E 720 -29.25 11.53 -45.45
N GLY E 721 -28.06 11.94 -45.01
CA GLY E 721 -26.83 11.51 -45.66
C GLY E 721 -26.22 10.23 -45.12
N ALA E 722 -26.86 9.58 -44.14
CA ALA E 722 -26.30 8.37 -43.56
C ALA E 722 -27.33 7.28 -43.30
N GLU E 723 -28.62 7.48 -43.60
CA GLU E 723 -29.62 6.45 -43.34
C GLU E 723 -29.53 5.30 -44.33
N VAL E 724 -28.80 5.46 -45.44
CA VAL E 724 -28.63 4.36 -46.38
C VAL E 724 -27.86 3.22 -45.76
N VAL E 725 -26.91 3.52 -44.86
CA VAL E 725 -26.21 2.47 -44.13
C VAL E 725 -27.19 1.68 -43.27
N LEU E 726 -28.11 2.38 -42.60
CA LEU E 726 -29.14 1.69 -41.82
C LEU E 726 -30.03 0.84 -42.70
N LEU E 727 -30.39 1.35 -43.88
CA LEU E 727 -31.21 0.56 -44.81
C LEU E 727 -30.49 -0.71 -45.22
N CYS E 728 -29.20 -0.61 -45.57
CA CYS E 728 -28.44 -1.77 -45.98
C CYS E 728 -28.30 -2.77 -44.83
N GLN E 729 -28.05 -2.27 -43.62
CA GLN E 729 -27.94 -3.17 -42.47
C GLN E 729 -29.25 -3.89 -42.21
N GLU E 730 -30.37 -3.18 -42.28
CA GLU E 730 -31.67 -3.81 -42.06
C GLU E 730 -31.96 -4.85 -43.14
N ALA E 731 -31.66 -4.53 -44.40
CA ALA E 731 -31.89 -5.49 -45.48
C ALA E 731 -31.02 -6.74 -45.31
N GLY E 732 -29.75 -6.56 -44.95
CA GLY E 732 -28.89 -7.70 -44.72
C GLY E 732 -29.35 -8.56 -43.56
N LEU E 733 -29.75 -7.92 -42.46
CA LEU E 733 -30.25 -8.67 -41.31
C LEU E 733 -31.51 -9.45 -41.67
N ALA E 734 -32.43 -8.81 -42.40
CA ALA E 734 -33.65 -9.49 -42.82
C ALA E 734 -33.32 -10.68 -43.72
N ALA E 735 -32.39 -10.51 -44.66
CA ALA E 735 -32.02 -11.61 -45.53
C ALA E 735 -31.41 -12.77 -44.74
N ILE E 736 -30.51 -12.46 -43.81
CA ILE E 736 -29.83 -13.53 -43.09
C ILE E 736 -30.74 -14.19 -42.06
N MET E 737 -31.85 -13.54 -41.66
CA MET E 737 -32.81 -14.25 -40.83
C MET E 737 -33.94 -14.89 -41.62
N GLU E 738 -34.06 -14.60 -42.92
CA GLU E 738 -35.10 -15.24 -43.72
C GLU E 738 -34.60 -16.43 -44.53
N ASP E 739 -33.35 -16.42 -45.00
CA ASP E 739 -32.86 -17.58 -45.73
C ASP E 739 -31.44 -17.97 -45.32
N LEU E 740 -31.03 -17.57 -44.12
CA LEU E 740 -29.72 -17.92 -43.54
C LEU E 740 -28.64 -17.39 -44.48
N ASP E 741 -27.82 -18.23 -45.10
CA ASP E 741 -26.81 -17.75 -46.02
C ASP E 741 -27.45 -17.13 -47.25
N VAL E 742 -26.88 -16.04 -47.74
CA VAL E 742 -27.47 -15.26 -48.82
C VAL E 742 -26.54 -15.28 -50.03
N ALA E 743 -27.14 -15.39 -51.21
CA ALA E 743 -26.43 -15.26 -52.48
C ALA E 743 -26.88 -14.06 -53.29
N LYS E 744 -28.09 -13.55 -53.04
CA LYS E 744 -28.59 -12.35 -53.71
C LYS E 744 -29.59 -11.67 -52.77
N VAL E 745 -29.83 -10.40 -53.03
CA VAL E 745 -30.73 -9.59 -52.22
C VAL E 745 -31.91 -9.18 -53.10
N GLU E 746 -33.11 -9.52 -52.64
CA GLU E 746 -34.32 -9.19 -53.39
C GLU E 746 -34.84 -7.81 -53.00
N LEU E 747 -35.80 -7.33 -53.78
CA LEU E 747 -36.38 -6.00 -53.54
C LEU E 747 -37.22 -5.96 -52.27
N ARG E 748 -37.67 -7.11 -51.77
CA ARG E 748 -38.50 -7.13 -50.57
C ARG E 748 -37.74 -6.60 -49.36
N HIS E 749 -36.47 -6.98 -49.21
CA HIS E 749 -35.68 -6.50 -48.09
C HIS E 749 -35.49 -4.98 -48.16
N PHE E 750 -35.21 -4.46 -49.36
CA PHE E 750 -35.06 -3.02 -49.52
C PHE E 750 -36.36 -2.29 -49.21
N GLU E 751 -37.49 -2.84 -49.66
CA GLU E 751 -38.78 -2.22 -49.37
C GLU E 751 -39.07 -2.23 -47.87
N LYS E 752 -38.76 -3.34 -47.19
CA LYS E 752 -38.96 -3.40 -45.74
C LYS E 752 -38.08 -2.39 -45.02
N ALA E 753 -36.82 -2.26 -45.45
CA ALA E 753 -35.93 -1.28 -44.84
C ALA E 753 -36.43 0.14 -45.07
N PHE E 754 -36.92 0.43 -46.27
CA PHE E 754 -37.44 1.76 -46.57
C PHE E 754 -38.68 2.06 -45.72
N LYS E 755 -39.56 1.07 -45.55
CA LYS E 755 -40.75 1.28 -44.74
C LYS E 755 -40.45 1.34 -43.25
N GLY E 756 -39.32 0.77 -42.82
CA GLY E 756 -38.99 0.79 -41.40
C GLY E 756 -38.74 2.19 -40.87
N ILE E 757 -37.96 2.98 -41.59
CA ILE E 757 -37.61 4.33 -41.18
C ILE E 757 -38.00 5.30 -42.30
N ALA E 758 -38.75 6.35 -41.94
CA ALA E 758 -39.19 7.33 -42.91
C ALA E 758 -39.09 8.73 -42.31
N ARG E 759 -38.54 9.66 -43.08
CA ARG E 759 -38.44 11.07 -42.70
C ARG E 759 -37.69 11.25 -41.38
N GLY E 760 -36.42 10.83 -41.38
CA GLY E 760 -35.60 10.98 -40.19
C GLY E 760 -35.29 12.43 -39.88
N ILE E 761 -35.05 13.25 -40.91
CA ILE E 761 -34.66 14.65 -40.73
C ILE E 761 -35.90 15.49 -40.47
N THR E 762 -35.70 16.72 -40.00
CA THR E 762 -36.77 17.65 -39.72
C THR E 762 -36.62 18.92 -40.56
N PRO E 763 -37.72 19.54 -40.99
CA PRO E 763 -37.61 20.73 -41.85
C PRO E 763 -37.41 22.02 -41.07
N GLU E 764 -37.87 22.05 -39.81
CA GLU E 764 -37.75 23.28 -39.03
C GLU E 764 -36.30 23.65 -38.76
N MET E 765 -35.47 22.66 -38.44
CA MET E 765 -34.07 22.94 -38.13
C MET E 765 -33.30 23.30 -39.40
N LEU E 766 -33.66 22.70 -40.53
CA LEU E 766 -33.08 23.12 -41.81
C LEU E 766 -33.49 24.56 -42.15
N SER E 767 -34.73 24.93 -41.84
CA SER E 767 -35.17 26.32 -42.04
C SER E 767 -34.39 27.27 -41.14
N TYR E 768 -34.12 26.84 -39.90
CA TYR E 768 -33.29 27.65 -39.01
C TYR E 768 -31.88 27.82 -39.58
N TYR E 769 -31.32 26.75 -40.15
CA TYR E 769 -30.02 26.86 -40.80
C TYR E 769 -30.07 27.84 -41.97
N GLU E 770 -31.13 27.78 -42.76
CA GLU E 770 -31.27 28.71 -43.88
C GLU E 770 -31.38 30.15 -43.39
N GLU E 771 -32.11 30.37 -42.31
CA GLU E 771 -32.22 31.71 -41.74
C GLU E 771 -30.87 32.21 -41.24
N PHE E 772 -30.10 31.33 -40.59
CA PHE E 772 -28.76 31.72 -40.13
C PHE E 772 -27.86 32.05 -41.31
N ALA E 773 -27.94 31.26 -42.39
CA ALA E 773 -27.13 31.55 -43.57
C ALA E 773 -27.53 32.88 -44.20
N LEU E 774 -28.83 33.17 -44.25
CA LEU E 774 -29.28 34.44 -44.80
C LEU E 774 -28.82 35.62 -43.97
N ARG E 775 -28.91 35.50 -42.64
CA ARG E 775 -28.51 36.61 -41.78
C ARG E 775 -26.99 36.77 -41.73
N SER E 776 -26.24 35.69 -41.98
CA SER E 776 -24.79 35.78 -41.99
C SER E 776 -24.30 36.67 -43.14
N GLY E 777 -24.90 36.53 -44.31
CA GLY E 777 -24.50 37.32 -45.46
C GLY E 777 -23.82 36.49 -46.54
N UNK F 1 20.26 -23.76 2.49
CA UNK F 1 19.55 -24.98 2.89
C UNK F 1 18.38 -24.63 3.80
N UNK F 2 18.37 -23.42 4.34
CA UNK F 2 17.33 -22.95 5.23
C UNK F 2 16.63 -21.76 4.60
N UNK F 3 15.30 -21.76 4.62
CA UNK F 3 14.50 -20.70 4.05
C UNK F 3 13.95 -19.81 5.16
N UNK F 4 14.22 -18.51 5.06
CA UNK F 4 13.78 -17.53 6.05
C UNK F 4 12.72 -16.64 5.43
N UNK F 5 11.61 -16.46 6.14
CA UNK F 5 10.52 -15.61 5.67
C UNK F 5 10.78 -14.17 6.07
N UNK F 6 10.72 -13.27 5.11
CA UNK F 6 10.94 -11.84 5.32
C UNK F 6 9.63 -11.09 5.18
N UNK F 7 9.33 -10.23 6.15
CA UNK F 7 8.12 -9.43 6.15
C UNK F 7 8.43 -8.04 5.62
N UNK F 8 7.64 -7.59 4.64
CA UNK F 8 7.82 -6.29 4.02
C UNK F 8 6.53 -5.49 4.10
N UNK F 9 6.65 -4.20 4.40
CA UNK F 9 5.51 -3.30 4.50
C UNK F 9 5.54 -2.32 3.35
N UNK F 10 4.38 -2.15 2.69
CA UNK F 10 4.24 -1.24 1.56
C UNK F 10 3.38 -0.06 1.95
N UNK F 11 3.88 1.14 1.72
CA UNK F 11 3.15 2.36 2.06
C UNK F 11 3.53 3.50 1.12
N UNK F 13 -0.21 2.27 -1.17
CA UNK F 13 -0.69 1.74 -2.44
C UNK F 13 -2.21 1.58 -2.41
N UNK F 14 -2.88 2.44 -1.65
CA UNK F 14 -4.33 2.42 -1.52
C UNK F 14 -4.90 3.78 -1.88
N UNK F 15 -6.02 3.77 -2.60
CA UNK F 15 -6.69 5.00 -3.01
C UNK F 15 -7.84 5.29 -2.05
N UNK F 16 -7.87 6.52 -1.54
CA UNK F 16 -8.91 6.95 -0.61
C UNK F 16 -9.69 8.10 -1.23
N UNK F 17 -11.01 7.95 -1.26
CA UNK F 17 -11.87 8.99 -1.81
C UNK F 17 -11.93 10.18 -0.86
N UNK F 18 -11.94 11.38 -1.43
CA UNK F 18 -11.99 12.62 -0.67
C UNK F 18 -13.21 13.42 -1.09
N UNK F 19 -14.03 13.82 -0.12
CA UNK F 19 -15.21 14.61 -0.40
C UNK F 19 -14.82 16.03 -0.81
N UNK F 20 -15.59 16.60 -1.74
CA UNK F 20 -15.35 17.94 -2.23
C UNK F 20 -16.65 18.73 -2.22
N UNK F 21 -16.53 20.04 -2.01
CA UNK F 21 -17.66 20.95 -1.98
C UNK F 21 -17.54 21.93 -3.13
N UNK F 22 -18.64 22.10 -3.87
CA UNK F 22 -18.69 23.00 -5.01
C UNK F 22 -19.69 24.10 -4.74
N UNK F 23 -19.28 25.35 -4.96
CA UNK F 23 -20.14 26.52 -4.75
C UNK F 23 -20.70 26.56 -3.33
N LYS G 29 23.33 -33.56 24.46
CA LYS G 29 21.96 -33.24 24.08
C LYS G 29 21.14 -32.80 25.30
N LEU G 30 21.83 -32.24 26.30
CA LEU G 30 21.15 -31.78 27.50
C LEU G 30 20.26 -30.58 27.18
N PRO G 31 19.10 -30.46 27.84
CA PRO G 31 18.22 -29.31 27.59
C PRO G 31 18.52 -28.14 28.53
N ALA G 32 18.47 -26.94 27.98
CA ALA G 32 18.71 -25.75 28.78
C ALA G 32 17.56 -25.49 29.74
N GLU G 33 16.33 -25.73 29.31
CA GLU G 33 15.15 -25.51 30.13
C GLU G 33 14.58 -26.85 30.61
N PHE G 34 13.92 -26.81 31.77
CA PHE G 34 13.34 -27.99 32.37
C PHE G 34 11.90 -27.69 32.79
N ILE G 35 11.08 -28.74 32.79
CA ILE G 35 9.67 -28.62 33.13
C ILE G 35 9.41 -29.42 34.41
N THR G 36 8.32 -29.07 35.09
CA THR G 36 7.96 -29.70 36.35
C THR G 36 6.70 -30.54 36.18
N ARG G 37 6.63 -31.61 36.97
CA ARG G 37 5.49 -32.53 36.97
C ARG G 37 5.23 -32.98 38.40
N PRO G 38 3.98 -33.32 38.73
CA PRO G 38 3.68 -33.75 40.09
C PRO G 38 4.26 -35.13 40.38
N HIS G 39 4.46 -35.40 41.67
CA HIS G 39 4.98 -36.69 42.10
C HIS G 39 3.94 -37.78 41.83
N PRO G 40 4.33 -38.89 41.19
CA PRO G 40 3.35 -39.97 40.96
C PRO G 40 2.75 -40.54 42.23
N SER G 41 3.52 -40.59 43.32
CA SER G 41 3.05 -41.13 44.58
C SER G 41 3.26 -40.10 45.69
N LYS G 42 2.36 -40.13 46.68
CA LYS G 42 2.41 -39.21 47.80
C LYS G 42 2.62 -40.01 49.09
N ASP G 43 3.58 -39.56 49.89
CA ASP G 43 3.90 -40.21 51.16
C ASP G 43 4.09 -39.13 52.22
N HIS G 44 4.61 -39.53 53.38
CA HIS G 44 4.79 -38.59 54.48
C HIS G 44 6.04 -37.73 54.27
N GLY G 45 7.21 -38.36 54.20
CA GLY G 45 8.44 -37.62 54.06
C GLY G 45 9.43 -38.24 53.08
N LYS G 46 9.06 -39.39 52.51
CA LYS G 46 9.97 -40.08 51.58
C LYS G 46 10.21 -39.24 50.33
N GLU G 47 9.17 -38.64 49.78
CA GLU G 47 9.27 -37.85 48.56
C GLU G 47 9.41 -36.35 48.81
N THR G 48 9.50 -35.94 50.08
CA THR G 48 9.60 -34.52 50.39
C THR G 48 10.99 -34.00 50.02
N CYS G 49 11.02 -32.85 49.33
CA CYS G 49 12.26 -32.19 48.94
C CYS G 49 13.16 -33.11 48.11
N THR G 50 12.55 -33.89 47.22
CA THR G 50 13.27 -34.77 46.32
C THR G 50 12.84 -34.50 44.89
N ALA G 51 13.81 -34.33 44.01
CA ALA G 51 13.56 -34.10 42.59
C ALA G 51 14.14 -35.26 41.80
N TYR G 52 13.30 -35.94 41.03
CA TYR G 52 13.71 -37.11 40.25
C TYR G 52 14.31 -36.61 38.93
N ILE G 53 15.60 -36.30 38.98
CA ILE G 53 16.34 -35.82 37.82
C ILE G 53 16.83 -37.01 37.02
N HIS G 54 16.83 -36.87 35.70
CA HIS G 54 17.26 -37.96 34.83
C HIS G 54 18.75 -38.24 35.04
N PRO G 55 19.15 -39.51 35.09
CA PRO G 55 20.58 -39.82 35.30
C PRO G 55 21.48 -39.29 34.21
N ASN G 56 21.01 -39.22 32.96
CA ASN G 56 21.84 -38.72 31.88
C ASN G 56 22.19 -37.24 32.08
N VAL G 57 21.16 -36.42 32.33
CA VAL G 57 21.41 -35.01 32.59
C VAL G 57 22.05 -34.81 33.96
N LEU G 58 21.88 -35.76 34.88
CA LEU G 58 22.60 -35.70 36.16
C LEU G 58 24.10 -35.84 35.94
N SER G 59 24.51 -36.78 35.09
CA SER G 59 25.93 -36.93 34.77
C SER G 59 26.42 -35.80 33.89
N SER G 60 25.55 -35.23 33.06
CA SER G 60 25.95 -34.11 32.21
C SER G 60 26.30 -32.89 33.06
N LEU G 61 25.56 -32.65 34.14
CA LEU G 61 25.80 -31.53 35.03
C LEU G 61 26.77 -31.87 36.16
N GLU G 62 27.36 -33.07 36.12
CA GLU G 62 28.33 -33.56 37.12
C GLU G 62 27.91 -33.21 38.55
N ILE G 63 26.67 -33.55 38.87
CA ILE G 63 26.12 -33.37 40.21
C ILE G 63 25.72 -34.74 40.76
N ASN G 64 26.18 -35.03 41.97
CA ASN G 64 25.89 -36.31 42.60
C ASN G 64 24.51 -36.30 43.24
N PRO G 65 23.86 -37.46 43.35
CA PRO G 65 22.56 -37.52 44.05
C PRO G 65 22.64 -37.07 45.50
N GLY G 66 23.75 -37.31 46.17
CA GLY G 66 23.92 -36.87 47.55
C GLY G 66 24.51 -35.48 47.65
N SER G 67 24.04 -34.56 46.81
CA SER G 67 24.53 -33.19 46.77
C SER G 67 23.34 -32.24 46.70
N PHE G 68 23.57 -31.01 47.15
CA PHE G 68 22.53 -29.98 47.16
C PHE G 68 22.50 -29.28 45.81
N CYS G 69 21.31 -29.19 45.23
CA CYS G 69 21.12 -28.52 43.95
C CYS G 69 19.94 -27.56 44.05
N THR G 70 20.03 -26.45 43.32
CA THR G 70 19.01 -25.42 43.34
C THR G 70 18.35 -25.32 41.96
N VAL G 71 17.02 -25.20 41.96
CA VAL G 71 16.24 -25.09 40.73
C VAL G 71 15.15 -24.06 40.94
N GLY G 72 14.85 -23.29 39.91
CA GLY G 72 13.81 -22.28 40.00
C GLY G 72 13.51 -21.68 38.65
N LYS G 73 12.65 -20.67 38.66
CA LYS G 73 12.27 -19.99 37.44
C LYS G 73 13.44 -19.16 36.90
N ILE G 74 13.36 -18.85 35.60
CA ILE G 74 14.42 -18.06 34.97
C ILE G 74 14.44 -16.65 35.54
N GLY G 75 13.27 -16.02 35.63
CA GLY G 75 13.21 -14.65 36.14
C GLY G 75 13.58 -14.56 37.60
N GLU G 76 13.09 -15.49 38.42
CA GLU G 76 13.35 -15.47 39.85
C GLU G 76 14.61 -16.29 40.15
N ASN G 77 14.86 -16.55 41.43
CA ASN G 77 16.01 -17.34 41.84
C ASN G 77 15.61 -18.78 42.09
N GLY G 78 16.61 -19.65 42.20
CA GLY G 78 16.37 -21.05 42.40
C GLY G 78 15.98 -21.40 43.82
N ILE G 79 15.53 -22.65 43.99
CA ILE G 79 15.13 -23.18 45.29
C ILE G 79 15.91 -24.46 45.53
N LEU G 80 16.47 -24.60 46.72
CA LEU G 80 17.25 -25.79 47.08
C LEU G 80 16.32 -26.99 47.14
N VAL G 81 16.41 -27.86 46.12
CA VAL G 81 15.56 -29.03 45.99
C VAL G 81 16.36 -30.32 45.91
N ILE G 82 17.69 -30.22 45.78
CA ILE G 82 18.65 -31.31 45.59
C ILE G 82 18.23 -32.23 44.45
N ALA G 83 18.98 -33.30 44.24
CA ALA G 83 18.81 -34.17 43.08
C ALA G 83 18.62 -35.61 43.53
N ARG G 84 17.71 -36.31 42.85
CA ARG G 84 17.44 -37.72 43.11
C ARG G 84 17.18 -38.42 41.78
N ALA G 85 17.35 -39.74 41.80
CA ALA G 85 17.11 -40.58 40.63
C ALA G 85 15.92 -41.50 40.89
N GLY G 86 14.92 -41.44 40.02
CA GLY G 86 13.74 -42.26 40.18
C GLY G 86 13.26 -42.88 38.88
N ASP G 87 13.19 -44.21 38.84
CA ASP G 87 12.68 -44.99 37.71
C ASP G 87 13.53 -44.82 36.44
N GLU G 88 14.65 -44.10 36.56
CA GLU G 88 15.64 -43.96 35.50
C GLU G 88 15.05 -43.35 34.23
N GLU G 89 14.73 -44.17 33.23
CA GLU G 89 14.33 -43.67 31.92
C GLU G 89 12.83 -43.50 31.76
N VAL G 90 12.02 -43.90 32.74
CA VAL G 90 10.57 -43.85 32.59
C VAL G 90 10.10 -42.41 32.42
N HIS G 91 10.58 -41.52 33.27
CA HIS G 91 10.17 -40.13 33.14
C HIS G 91 10.98 -39.43 32.04
N PRO G 92 10.41 -38.44 31.38
CA PRO G 92 11.16 -37.70 30.36
C PRO G 92 12.31 -36.91 30.98
N VAL G 93 13.33 -36.69 30.15
CA VAL G 93 14.51 -35.94 30.62
C VAL G 93 14.12 -34.52 31.00
N ASN G 94 13.29 -33.87 30.18
CA ASN G 94 12.85 -32.51 30.47
C ASN G 94 11.98 -32.44 31.72
N VAL G 95 11.39 -33.55 32.14
CA VAL G 95 10.48 -33.55 33.28
C VAL G 95 11.29 -33.64 34.57
N ILE G 96 11.03 -32.71 35.48
CA ILE G 96 11.60 -32.72 36.82
C ILE G 96 10.46 -32.91 37.81
N THR G 97 10.57 -33.95 38.64
CA THR G 97 9.49 -34.32 39.54
C THR G 97 9.53 -33.44 40.79
N LEU G 98 8.55 -32.56 40.94
CA LEU G 98 8.41 -31.69 42.10
C LEU G 98 7.04 -31.88 42.71
N SER G 99 6.98 -31.91 44.03
CA SER G 99 5.73 -32.15 44.74
C SER G 99 5.04 -30.83 45.05
N THR G 100 3.84 -30.93 45.65
CA THR G 100 3.02 -29.76 45.90
C THR G 100 3.70 -28.79 46.86
N THR G 101 4.35 -29.31 47.90
CA THR G 101 4.99 -28.45 48.89
C THR G 101 6.07 -27.58 48.26
N ILE G 102 7.01 -28.21 47.54
CA ILE G 102 8.09 -27.45 46.91
C ILE G 102 7.55 -26.54 45.82
N ARG G 103 6.53 -26.99 45.09
CA ARG G 103 5.94 -26.15 44.06
C ARG G 103 5.32 -24.89 44.66
N SER G 104 4.65 -25.02 45.80
CA SER G 104 4.04 -23.87 46.47
C SER G 104 5.07 -23.01 47.21
N VAL G 105 6.25 -23.56 47.52
CA VAL G 105 7.30 -22.73 48.12
C VAL G 105 7.66 -21.58 47.20
N GLY G 106 7.90 -21.87 45.93
CA GLY G 106 8.25 -20.85 44.97
C GLY G 106 7.09 -20.46 44.06
N ASN G 107 5.88 -20.86 44.45
CA ASN G 107 4.67 -20.62 43.65
C ASN G 107 4.82 -21.20 42.25
N LEU G 108 5.45 -22.37 42.16
CA LEU G 108 5.66 -23.03 40.87
C LEU G 108 4.36 -23.63 40.37
N ILE G 109 4.06 -23.40 39.09
CA ILE G 109 2.86 -23.92 38.45
C ILE G 109 3.26 -25.02 37.49
N LEU G 110 2.44 -26.07 37.44
CA LEU G 110 2.72 -27.23 36.59
C LEU G 110 2.84 -26.82 35.12
N GLY G 111 4.05 -26.97 34.57
CA GLY G 111 4.32 -26.64 33.18
C GLY G 111 5.26 -25.48 32.99
N ASP G 112 5.64 -24.76 34.04
CA ASP G 112 6.55 -23.64 33.88
C ASP G 112 7.98 -24.13 33.64
N ARG G 113 8.76 -23.27 33.00
CA ARG G 113 10.16 -23.59 32.71
C ARG G 113 11.02 -23.37 33.93
N LEU G 114 12.00 -24.25 34.12
CA LEU G 114 12.90 -24.20 35.26
C LEU G 114 14.34 -24.32 34.79
N GLU G 115 15.25 -23.70 35.55
CA GLU G 115 16.67 -23.73 35.25
C GLU G 115 17.41 -24.50 36.34
N LEU G 116 18.23 -25.46 35.93
CA LEU G 116 19.01 -26.28 36.84
C LEU G 116 20.46 -25.78 36.84
N LYS G 117 20.88 -25.18 37.95
CA LYS G 117 22.22 -24.64 38.09
C LYS G 117 22.88 -25.24 39.34
N LYS G 118 24.12 -25.69 39.19
CA LYS G 118 24.86 -26.25 40.30
C LYS G 118 25.51 -25.15 41.13
N ALA G 119 25.64 -25.39 42.43
CA ALA G 119 26.22 -24.41 43.34
C ALA G 119 26.72 -25.13 44.58
N GLN G 120 27.47 -24.40 45.39
CA GLN G 120 28.00 -24.96 46.63
C GLN G 120 26.88 -25.28 47.61
N VAL G 121 27.07 -26.34 48.39
CA VAL G 121 26.04 -26.78 49.32
C VAL G 121 25.83 -25.75 50.42
N GLN G 122 26.92 -25.21 50.99
CA GLN G 122 26.98 -24.20 52.05
C GLN G 122 25.80 -24.30 53.01
N PRO G 123 25.68 -25.39 53.78
CA PRO G 123 24.54 -25.55 54.68
C PRO G 123 24.60 -24.57 55.84
N PRO G 124 23.56 -23.77 56.03
CA PRO G 124 23.55 -22.83 57.16
C PRO G 124 23.43 -23.55 58.49
N TYR G 125 23.95 -22.91 59.54
CA TYR G 125 23.92 -23.46 60.88
C TYR G 125 22.72 -23.01 61.68
N ALA G 126 21.90 -22.11 61.15
CA ALA G 126 20.71 -21.65 61.87
C ALA G 126 19.68 -22.77 61.96
N THR G 127 18.99 -22.84 63.10
CA THR G 127 18.04 -23.92 63.34
C THR G 127 16.69 -23.40 63.81
N LYS G 128 16.68 -22.26 64.49
CA LYS G 128 15.45 -21.75 65.08
C LYS G 128 14.42 -21.43 64.02
N VAL G 129 13.20 -21.92 64.22
CA VAL G 129 12.09 -21.72 63.29
C VAL G 129 10.82 -21.50 64.09
N THR G 130 9.80 -20.96 63.40
CA THR G 130 8.47 -20.81 63.97
C THR G 130 7.45 -21.27 62.94
N VAL G 131 6.29 -21.72 63.43
CA VAL G 131 5.25 -22.31 62.60
C VAL G 131 3.94 -21.59 62.87
N GLY G 132 3.27 -21.17 61.80
CA GLY G 132 1.93 -20.60 61.90
C GLY G 132 1.03 -21.09 60.80
N SER G 133 -0.09 -21.71 61.16
CA SER G 133 -0.96 -22.33 60.17
C SER G 133 -1.79 -21.30 59.44
N LEU G 134 -2.28 -21.69 58.26
CA LEU G 134 -3.14 -20.81 57.47
C LEU G 134 -4.46 -20.54 58.19
N GLN G 135 -5.02 -21.56 58.84
CA GLN G 135 -6.29 -21.41 59.52
C GLN G 135 -6.15 -20.47 60.72
N GLY G 136 -7.27 -19.86 61.12
CA GLY G 136 -7.24 -18.94 62.24
C GLY G 136 -6.86 -19.60 63.54
N TYR G 137 -7.35 -20.81 63.77
CA TYR G 137 -7.06 -21.57 64.98
C TYR G 137 -5.97 -22.60 64.68
N ASN G 138 -4.85 -22.50 65.40
CA ASN G 138 -3.73 -23.41 65.19
C ASN G 138 -3.10 -23.92 66.47
N ILE G 139 -3.42 -23.34 67.64
CA ILE G 139 -2.79 -23.78 68.88
C ILE G 139 -3.23 -25.19 69.24
N LEU G 140 -4.49 -25.53 68.96
CA LEU G 140 -5.00 -26.86 69.27
C LEU G 140 -4.50 -27.88 68.24
N GLU G 141 -4.73 -29.15 68.55
CA GLU G 141 -4.31 -30.27 67.70
C GLU G 141 -2.80 -30.24 67.43
N CYS G 142 -2.04 -29.93 68.47
CA CYS G 142 -0.59 -29.89 68.39
C CYS G 142 0.00 -31.12 69.07
N MET G 143 0.92 -31.80 68.37
CA MET G 143 1.56 -33.00 68.88
C MET G 143 2.96 -32.74 69.44
N GLU G 144 3.72 -31.85 68.80
CA GLU G 144 5.07 -31.44 69.19
C GLU G 144 6.09 -32.56 68.98
N GLU G 145 5.65 -33.76 68.61
CA GLU G 145 6.54 -34.88 68.38
C GLU G 145 6.58 -35.30 66.91
N LYS G 146 5.41 -35.54 66.30
CA LYS G 146 5.37 -35.90 64.89
C LYS G 146 5.86 -34.76 63.99
N VAL G 147 5.72 -33.52 64.46
CA VAL G 147 6.18 -32.37 63.68
C VAL G 147 7.69 -32.40 63.51
N ILE G 148 8.41 -32.86 64.54
CA ILE G 148 9.87 -32.92 64.46
C ILE G 148 10.30 -33.87 63.35
N GLN G 149 9.71 -35.06 63.31
CA GLN G 149 10.02 -36.01 62.24
C GLN G 149 9.56 -35.50 60.89
N LYS G 150 8.44 -34.76 60.85
CA LYS G 150 7.94 -34.22 59.59
C LYS G 150 8.94 -33.27 58.96
N LEU G 151 9.55 -32.40 59.77
CA LEU G 151 10.57 -31.48 59.30
C LEU G 151 11.98 -32.06 59.36
N LEU G 152 12.13 -33.30 59.79
CA LEU G 152 13.43 -33.96 59.84
C LEU G 152 13.65 -34.94 58.71
N ASP G 153 12.59 -35.58 58.20
CA ASP G 153 12.75 -36.59 57.17
C ASP G 153 13.14 -35.99 55.82
N ASP G 154 13.00 -34.68 55.65
CA ASP G 154 13.32 -34.02 54.39
C ASP G 154 14.78 -33.56 54.31
N SER G 155 15.66 -34.14 55.14
CA SER G 155 17.08 -33.80 55.16
C SER G 155 17.30 -32.30 55.38
N GLY G 156 16.54 -31.73 56.31
CA GLY G 156 16.66 -30.33 56.62
C GLY G 156 16.03 -29.42 55.58
N VAL G 157 16.85 -28.61 54.91
CA VAL G 157 16.47 -27.68 53.85
C VAL G 157 15.19 -26.93 54.20
N ILE G 158 15.04 -26.60 55.49
CA ILE G 158 13.86 -25.88 55.96
C ILE G 158 13.82 -24.50 55.34
N MET G 159 12.65 -24.11 54.86
CA MET G 159 12.42 -22.84 54.17
C MET G 159 11.24 -22.13 54.82
N PRO G 160 11.15 -20.81 54.66
CA PRO G 160 9.98 -20.08 55.18
C PRO G 160 8.70 -20.37 54.39
N GLY G 161 8.76 -21.32 53.47
CA GLY G 161 7.58 -21.75 52.74
C GLY G 161 6.99 -23.02 53.34
N MET G 162 7.19 -24.15 52.65
CA MET G 162 6.76 -25.47 53.12
C MET G 162 5.26 -25.50 53.38
N ILE G 163 4.51 -25.38 52.29
CA ILE G 163 3.06 -25.59 52.32
C ILE G 163 2.81 -27.09 52.39
N PHE G 164 2.55 -27.60 53.60
CA PHE G 164 2.29 -29.01 53.81
C PHE G 164 0.79 -29.26 53.96
N GLN G 165 0.45 -30.55 54.03
CA GLN G 165 -0.92 -30.98 54.29
C GLN G 165 -1.10 -31.60 55.67
N ASN G 166 -0.01 -31.99 56.33
CA ASN G 166 0.02 -32.58 57.67
C ASN G 166 -0.69 -33.92 57.74
N LEU G 167 -1.04 -34.51 56.60
CA LEU G 167 -1.73 -35.82 56.54
C LEU G 167 -3.02 -35.69 57.35
N LYS G 168 -3.19 -36.44 58.44
CA LYS G 168 -4.37 -36.36 59.29
C LYS G 168 -3.92 -36.00 60.71
N THR G 169 -4.52 -34.95 61.26
CA THR G 169 -4.19 -34.53 62.61
C THR G 169 -4.90 -35.43 63.63
N LYS G 170 -4.51 -35.26 64.90
CA LYS G 170 -5.08 -36.05 66.00
C LYS G 170 -6.40 -35.42 66.44
N ALA G 171 -7.36 -35.46 65.53
CA ALA G 171 -8.69 -34.91 65.77
C ALA G 171 -9.65 -35.56 64.79
N GLY G 172 -10.89 -35.05 64.73
CA GLY G 172 -11.90 -35.57 63.84
C GLY G 172 -12.10 -34.68 62.62
N ASP G 173 -12.99 -35.15 61.74
CA ASP G 173 -13.38 -34.45 60.51
C ASP G 173 -12.12 -34.26 59.66
N GLU G 174 -11.96 -33.12 58.99
CA GLU G 174 -10.82 -32.89 58.13
C GLU G 174 -9.61 -32.46 58.95
N SER G 175 -8.46 -32.39 58.27
CA SER G 175 -7.21 -32.01 58.90
C SER G 175 -6.96 -30.52 58.74
N ILE G 176 -5.86 -30.03 59.31
CA ILE G 176 -5.48 -28.64 59.26
C ILE G 176 -4.08 -28.54 58.65
N ASP G 177 -3.95 -27.69 57.64
CA ASP G 177 -2.65 -27.50 56.98
C ASP G 177 -1.68 -26.82 57.93
N VAL G 178 -0.43 -27.29 57.91
CA VAL G 178 0.64 -26.73 58.75
C VAL G 178 1.70 -26.16 57.80
N VAL G 179 2.03 -24.89 57.98
CA VAL G 179 2.99 -24.20 57.14
C VAL G 179 3.93 -23.37 58.03
N ILE G 180 5.21 -23.39 57.70
CA ILE G 180 6.19 -22.56 58.39
C ILE G 180 6.12 -21.15 57.81
N THR G 181 6.05 -20.16 58.69
CA THR G 181 5.90 -18.76 58.28
C THR G 181 7.24 -18.12 57.96
N ASP G 182 8.13 -18.06 58.94
CA ASP G 182 9.42 -17.40 58.77
C ASP G 182 10.40 -17.94 59.78
N ALA G 183 11.68 -17.64 59.55
CA ALA G 183 12.75 -18.03 60.47
C ALA G 183 13.91 -17.07 60.30
N SER G 184 14.48 -16.62 61.42
CA SER G 184 15.60 -15.70 61.40
C SER G 184 16.63 -16.12 62.43
N ASP G 185 17.87 -15.73 62.20
CA ASP G 185 18.96 -16.05 63.11
C ASP G 185 19.68 -14.79 63.59
N PHE G 209 20.28 -12.96 46.37
CA PHE G 209 20.17 -14.13 45.51
C PHE G 209 19.53 -15.26 46.31
N TYR G 210 19.28 -16.38 45.62
CA TYR G 210 18.67 -17.59 46.17
C TYR G 210 17.25 -17.36 46.67
N LEU G 211 16.65 -16.22 46.35
CA LEU G 211 15.29 -15.86 46.80
C LEU G 211 15.28 -15.93 48.32
N SER G 212 14.57 -16.87 48.93
CA SER G 212 14.59 -16.99 50.39
C SER G 212 15.67 -17.98 50.80
N PRO G 213 16.49 -17.66 51.79
CA PRO G 213 17.54 -18.61 52.20
C PRO G 213 16.94 -19.84 52.86
N PRO G 214 17.58 -21.00 52.72
CA PRO G 214 17.12 -22.20 53.41
C PRO G 214 17.73 -22.31 54.80
N PHE G 215 17.29 -23.33 55.54
CA PHE G 215 17.74 -23.56 56.90
C PHE G 215 17.85 -25.05 57.15
N ILE G 216 18.62 -25.40 58.18
CA ILE G 216 18.90 -26.80 58.53
C ILE G 216 18.13 -27.14 59.81
N PHE G 217 17.43 -28.27 59.78
CA PHE G 217 16.60 -28.71 60.89
C PHE G 217 17.40 -29.55 61.87
N ARG G 218 17.11 -29.39 63.15
CA ARG G 218 17.65 -30.23 64.21
C ARG G 218 16.53 -30.61 65.17
N LYS G 219 16.72 -31.74 65.87
CA LYS G 219 15.64 -32.29 66.69
C LYS G 219 15.32 -31.38 67.87
N GLY G 220 16.33 -30.84 68.55
CA GLY G 220 16.09 -30.11 69.78
C GLY G 220 16.49 -28.65 69.77
N SER G 221 16.97 -28.13 68.64
CA SER G 221 17.44 -26.76 68.56
C SER G 221 16.48 -25.82 67.86
N THR G 222 15.37 -26.33 67.31
CA THR G 222 14.43 -25.46 66.60
C THR G 222 13.64 -24.60 67.56
N HIS G 223 13.14 -25.20 68.65
CA HIS G 223 12.28 -24.52 69.62
C HIS G 223 11.04 -23.92 68.92
N ILE G 224 10.22 -24.83 68.39
CA ILE G 224 9.07 -24.43 67.59
C ILE G 224 8.12 -23.59 68.43
N THR G 225 7.71 -22.45 67.87
CA THR G 225 6.73 -21.56 68.48
C THR G 225 5.56 -21.37 67.53
N PHE G 226 4.35 -21.37 68.07
CA PHE G 226 3.14 -21.25 67.27
C PHE G 226 2.68 -19.80 67.24
N SER G 227 2.37 -19.30 66.05
CA SER G 227 1.92 -17.93 65.85
C SER G 227 0.63 -17.93 65.04
N LYS G 228 -0.13 -16.85 65.20
CA LYS G 228 -1.42 -16.69 64.51
C LYS G 228 -1.21 -15.78 63.31
N GLU G 229 -0.83 -16.38 62.18
CA GLU G 229 -0.64 -15.62 60.95
C GLU G 229 -0.80 -16.57 59.77
N THR G 230 -1.76 -16.27 58.89
CA THR G 230 -2.00 -17.13 57.74
C THR G 230 -0.86 -17.03 56.74
N GLN G 231 -0.44 -15.81 56.40
CA GLN G 231 0.60 -15.59 55.42
C GLN G 231 1.98 -15.55 56.09
N ALA G 232 3.01 -15.73 55.27
CA ALA G 232 4.38 -15.68 55.74
C ALA G 232 4.83 -14.25 55.97
N ASN G 233 6.04 -14.10 56.51
CA ASN G 233 6.58 -12.77 56.77
C ASN G 233 6.81 -12.03 55.45
N ARG G 234 6.55 -10.73 55.46
CA ARG G 234 6.65 -9.92 54.26
C ARG G 234 8.07 -9.45 53.97
N LYS G 235 9.02 -9.68 54.88
CA LYS G 235 10.39 -9.23 54.66
C LYS G 235 11.10 -10.03 53.58
N TYR G 236 10.61 -11.23 53.26
CA TYR G 236 11.18 -12.04 52.20
C TYR G 236 10.60 -11.72 50.83
N ASN G 237 9.60 -10.82 50.77
CA ASN G 237 8.91 -10.42 49.55
C ASN G 237 8.60 -11.59 48.62
N LEU G 238 8.26 -12.74 49.19
CA LEU G 238 7.92 -13.90 48.38
C LEU G 238 6.58 -13.68 47.69
N PRO G 239 6.41 -14.25 46.49
CA PRO G 239 5.11 -14.12 45.80
C PRO G 239 4.00 -14.79 46.57
N GLU G 240 2.81 -14.19 46.51
CA GLU G 240 1.64 -14.69 47.21
C GLU G 240 0.69 -15.32 46.20
N PRO G 241 0.33 -16.59 46.35
CA PRO G 241 -0.62 -17.21 45.42
C PRO G 241 -1.97 -16.51 45.46
N LEU G 242 -2.60 -16.41 44.30
CA LEU G 242 -3.89 -15.74 44.17
C LEU G 242 -5.02 -16.70 44.51
N SER G 243 -6.09 -16.14 45.07
CA SER G 243 -7.28 -16.90 45.44
C SER G 243 -8.50 -16.29 44.77
N TYR G 244 -9.56 -17.10 44.68
CA TYR G 244 -10.78 -16.64 44.03
C TYR G 244 -11.43 -15.47 44.77
N ALA G 245 -11.13 -15.29 46.04
CA ALA G 245 -11.67 -14.16 46.79
C ALA G 245 -11.08 -12.84 46.36
N ALA G 246 -9.94 -12.85 45.66
CA ALA G 246 -9.32 -11.61 45.21
C ALA G 246 -10.21 -10.89 44.21
N VAL G 247 -10.84 -11.63 43.30
CA VAL G 247 -11.70 -11.04 42.28
C VAL G 247 -13.09 -10.85 42.88
N GLY G 248 -13.62 -9.63 42.76
CA GLY G 248 -14.92 -9.30 43.32
C GLY G 248 -15.83 -8.66 42.29
N GLY G 249 -17.13 -8.77 42.55
CA GLY G 249 -18.14 -8.20 41.69
C GLY G 249 -18.45 -8.98 40.43
N LEU G 250 -17.81 -10.13 40.23
CA LEU G 250 -17.98 -10.95 39.03
C LEU G 250 -18.39 -12.37 39.41
N ASP G 251 -19.24 -12.51 40.43
CA ASP G 251 -19.51 -13.82 41.01
C ASP G 251 -20.11 -14.78 39.98
N LYS G 252 -21.07 -14.31 39.18
CA LYS G 252 -21.68 -15.17 38.19
C LYS G 252 -20.67 -15.62 37.14
N GLU G 253 -19.86 -14.67 36.63
CA GLU G 253 -18.87 -15.00 35.62
C GLU G 253 -17.78 -15.91 36.19
N ILE G 254 -17.33 -15.64 37.41
CA ILE G 254 -16.34 -16.50 38.04
C ILE G 254 -16.87 -17.91 38.20
N GLU G 255 -18.11 -18.05 38.67
CA GLU G 255 -18.71 -19.38 38.84
C GLU G 255 -18.83 -20.10 37.50
N SER G 256 -19.29 -19.39 36.47
CA SER G 256 -19.44 -20.01 35.16
C SER G 256 -18.10 -20.47 34.61
N LEU G 257 -17.07 -19.62 34.70
CA LEU G 257 -15.75 -20.00 34.22
C LEU G 257 -15.19 -21.18 35.01
N LYS G 258 -15.34 -21.16 36.33
CA LYS G 258 -14.84 -22.25 37.15
C LYS G 258 -15.51 -23.56 36.80
N SER G 259 -16.84 -23.55 36.59
CA SER G 259 -17.53 -24.77 36.20
C SER G 259 -17.07 -25.23 34.81
N ALA G 260 -17.02 -24.31 33.84
CA ALA G 260 -16.68 -24.66 32.48
C ALA G 260 -15.22 -25.09 32.32
N ILE G 261 -14.38 -24.80 33.31
CA ILE G 261 -13.01 -25.32 33.28
C ILE G 261 -12.89 -26.61 34.08
N GLU G 262 -13.55 -26.71 35.23
CA GLU G 262 -13.39 -27.88 36.09
C GLU G 262 -14.08 -29.10 35.51
N ILE G 263 -15.31 -28.95 35.03
CA ILE G 263 -16.08 -30.11 34.57
C ILE G 263 -15.42 -30.82 33.39
N PRO G 264 -14.98 -30.13 32.32
CA PRO G 264 -14.22 -30.83 31.29
C PRO G 264 -12.90 -31.42 31.79
N LEU G 265 -12.23 -30.74 32.72
CA LEU G 265 -10.93 -31.20 33.18
C LEU G 265 -11.04 -32.41 34.11
N HIS G 266 -12.01 -32.39 35.02
CA HIS G 266 -12.16 -33.41 36.04
C HIS G 266 -13.51 -34.10 35.92
N GLN G 267 -13.53 -35.39 36.23
CA GLN G 267 -14.67 -36.30 36.04
C GLN G 267 -15.36 -36.06 34.70
N PRO G 268 -14.72 -36.40 33.58
CA PRO G 268 -15.39 -36.31 32.27
C PRO G 268 -16.40 -37.43 32.02
N THR G 269 -16.60 -38.33 32.99
CA THR G 269 -17.56 -39.41 32.83
C THR G 269 -18.97 -38.87 32.65
N LEU G 270 -19.29 -37.72 33.26
CA LEU G 270 -20.62 -37.13 33.09
C LEU G 270 -20.89 -36.79 31.64
N PHE G 271 -19.91 -36.21 30.94
CA PHE G 271 -20.07 -35.92 29.53
C PHE G 271 -19.96 -37.16 28.66
N SER G 272 -19.13 -38.13 29.05
CA SER G 272 -19.01 -39.34 28.25
C SER G 272 -20.32 -40.13 28.25
N SER G 273 -20.99 -40.20 29.41
CA SER G 273 -22.26 -40.92 29.49
C SER G 273 -23.33 -40.26 28.63
N PHE G 274 -23.39 -38.93 28.65
CA PHE G 274 -24.40 -38.22 27.86
C PHE G 274 -24.09 -38.21 26.37
N GLY G 275 -22.88 -38.58 25.97
CA GLY G 275 -22.52 -38.61 24.57
C GLY G 275 -22.23 -37.26 23.94
N VAL G 276 -22.09 -36.22 24.75
CA VAL G 276 -21.82 -34.88 24.25
C VAL G 276 -20.35 -34.55 24.49
N SER G 277 -19.69 -34.00 23.47
CA SER G 277 -18.29 -33.67 23.59
C SER G 277 -18.09 -32.52 24.58
N PRO G 278 -17.08 -32.61 25.45
CA PRO G 278 -16.83 -31.51 26.38
C PRO G 278 -16.37 -30.26 25.64
N PRO G 279 -16.63 -29.08 26.18
CA PRO G 279 -16.15 -27.85 25.53
C PRO G 279 -14.64 -27.81 25.49
N ARG G 280 -14.10 -27.23 24.42
CA ARG G 280 -12.67 -27.20 24.17
C ARG G 280 -12.02 -25.88 24.55
N GLY G 281 -12.51 -24.76 24.03
CA GLY G 281 -11.92 -23.46 24.26
C GLY G 281 -12.90 -22.47 24.86
N ILE G 282 -12.39 -21.57 25.68
CA ILE G 282 -13.17 -20.50 26.29
C ILE G 282 -12.52 -19.17 25.93
N LEU G 283 -13.33 -18.25 25.42
CA LEU G 283 -12.85 -16.95 24.98
C LEU G 283 -13.38 -15.86 25.92
N LEU G 284 -12.46 -15.04 26.43
CA LEU G 284 -12.81 -13.93 27.31
C LEU G 284 -12.49 -12.62 26.59
N HIS G 285 -13.49 -11.74 26.49
CA HIS G 285 -13.32 -10.46 25.82
C HIS G 285 -13.93 -9.35 26.66
N GLY G 286 -13.40 -8.15 26.50
CA GLY G 286 -13.87 -7.00 27.23
C GLY G 286 -12.90 -5.83 27.15
N PRO G 287 -13.25 -4.72 27.81
CA PRO G 287 -12.36 -3.57 27.80
C PRO G 287 -11.05 -3.87 28.52
N PRO G 288 -9.96 -3.24 28.12
CA PRO G 288 -8.68 -3.50 28.79
C PRO G 288 -8.70 -3.04 30.23
N GLY G 289 -7.93 -3.74 31.07
CA GLY G 289 -7.85 -3.43 32.47
C GLY G 289 -9.01 -3.92 33.31
N THR G 290 -9.91 -4.72 32.74
CA THR G 290 -11.06 -5.20 33.48
C THR G 290 -10.69 -6.30 34.47
N GLY G 291 -9.71 -7.13 34.13
CA GLY G 291 -9.27 -8.17 35.04
C GLY G 291 -9.23 -9.56 34.44
N LYS G 292 -9.24 -9.65 33.10
CA LYS G 292 -9.19 -10.95 32.44
C LYS G 292 -7.87 -11.66 32.72
N THR G 293 -6.76 -10.94 32.65
CA THR G 293 -5.46 -11.54 32.90
C THR G 293 -5.33 -12.04 34.33
N MET G 294 -5.84 -11.27 35.29
CA MET G 294 -5.81 -11.70 36.68
C MET G 294 -6.71 -12.92 36.88
N LEU G 295 -7.84 -12.97 36.16
CA LEU G 295 -8.70 -14.16 36.22
C LEU G 295 -7.97 -15.38 35.70
N LEU G 296 -7.24 -15.23 34.58
CA LEU G 296 -6.46 -16.35 34.06
C LEU G 296 -5.39 -16.78 35.05
N ARG G 297 -4.71 -15.82 35.67
CA ARG G 297 -3.67 -16.14 36.65
C ARG G 297 -4.25 -16.89 37.84
N VAL G 298 -5.39 -16.43 38.35
CA VAL G 298 -5.96 -17.06 39.55
C VAL G 298 -6.52 -18.44 39.21
N VAL G 299 -7.08 -18.61 38.01
CA VAL G 299 -7.59 -19.93 37.65
C VAL G 299 -6.45 -20.89 37.36
N ALA G 300 -5.28 -20.36 36.94
CA ALA G 300 -4.11 -21.22 36.80
C ALA G 300 -3.56 -21.62 38.16
N ASN G 301 -3.53 -20.68 39.10
CA ASN G 301 -2.98 -20.97 40.43
C ASN G 301 -3.88 -21.94 41.20
N THR G 302 -5.19 -21.71 41.18
CA THR G 302 -6.10 -22.56 41.95
C THR G 302 -6.16 -23.97 41.39
N SER G 303 -6.27 -24.11 40.07
CA SER G 303 -6.38 -25.42 39.46
C SER G 303 -5.05 -26.15 39.50
N ASN G 304 -5.07 -27.41 39.93
CA ASN G 304 -3.87 -28.23 39.99
C ASN G 304 -3.75 -29.07 38.72
N ALA G 305 -3.40 -28.37 37.63
CA ALA G 305 -3.28 -29.01 36.33
C ALA G 305 -2.14 -28.36 35.55
N HIS G 306 -1.67 -29.07 34.54
CA HIS G 306 -0.60 -28.56 33.69
C HIS G 306 -1.06 -27.31 32.95
N VAL G 307 -0.14 -26.35 32.80
CA VAL G 307 -0.40 -25.13 32.05
C VAL G 307 0.71 -24.93 31.04
N LEU G 308 0.39 -24.17 29.99
CA LEU G 308 1.33 -23.86 28.92
C LEU G 308 1.22 -22.36 28.64
N THR G 309 2.26 -21.61 28.99
CA THR G 309 2.24 -20.15 28.91
C THR G 309 2.56 -19.74 27.47
N ILE G 310 1.52 -19.80 26.62
CA ILE G 310 1.60 -19.24 25.27
C ILE G 310 1.17 -17.78 25.39
N ASN G 311 2.14 -16.94 25.75
CA ASN G 311 1.83 -15.57 26.14
C ASN G 311 1.35 -14.74 24.95
N GLY G 312 2.06 -14.81 23.83
CA GLY G 312 1.75 -13.97 22.70
C GLY G 312 2.37 -14.44 21.41
N PRO G 313 2.91 -13.49 20.64
CA PRO G 313 3.45 -13.83 19.30
C PRO G 313 4.84 -14.43 19.36
N SER G 314 5.26 -14.90 20.55
CA SER G 314 6.55 -15.56 20.66
C SER G 314 6.63 -16.85 19.85
N ILE G 315 5.48 -17.40 19.46
CA ILE G 315 5.47 -18.64 18.69
C ILE G 315 6.08 -18.41 17.30
N VAL G 316 5.69 -17.33 16.62
CA VAL G 316 6.17 -17.10 15.27
C VAL G 316 7.66 -16.72 15.29
N SER G 317 8.39 -17.25 14.32
CA SER G 317 9.82 -16.98 14.19
C SER G 317 10.13 -16.70 12.74
N LYS G 318 11.39 -16.34 12.48
CA LYS G 318 11.82 -16.05 11.11
C LYS G 318 11.76 -17.27 10.23
N TYR G 319 11.89 -18.46 10.80
CA TYR G 319 11.84 -19.69 10.03
C TYR G 319 10.42 -19.94 9.52
N LEU G 320 10.33 -20.53 8.32
CA LEU G 320 9.03 -20.75 7.69
C LEU G 320 8.17 -21.73 8.49
N GLY G 321 8.77 -22.81 8.99
CA GLY G 321 8.00 -23.85 9.65
C GLY G 321 8.00 -23.78 11.16
N GLU G 322 8.80 -22.88 11.73
CA GLU G 322 8.90 -22.79 13.19
C GLU G 322 7.58 -22.31 13.80
N THR G 323 6.89 -21.38 13.12
CA THR G 323 5.65 -20.84 13.67
C THR G 323 4.58 -21.89 13.83
N GLU G 324 4.65 -22.99 13.08
CA GLU G 324 3.76 -24.12 13.27
C GLU G 324 4.37 -25.22 14.12
N ALA G 325 5.69 -25.40 14.07
CA ALA G 325 6.33 -26.41 14.89
C ALA G 325 6.19 -26.09 16.37
N ALA G 326 6.30 -24.82 16.75
CA ALA G 326 6.14 -24.45 18.14
C ALA G 326 4.73 -24.76 18.64
N LEU G 327 3.71 -24.42 17.84
CA LEU G 327 2.34 -24.72 18.22
C LEU G 327 2.10 -26.23 18.30
N ARG G 328 2.67 -26.98 17.36
CA ARG G 328 2.53 -28.44 17.40
C ARG G 328 3.18 -29.02 18.65
N ASP G 329 4.35 -28.52 19.02
CA ASP G 329 5.02 -28.97 20.23
C ASP G 329 4.18 -28.64 21.46
N ILE G 330 3.61 -27.43 21.50
CA ILE G 330 2.78 -27.03 22.64
C ILE G 330 1.58 -27.94 22.76
N PHE G 331 0.91 -28.22 21.64
CA PHE G 331 -0.28 -29.06 21.67
C PHE G 331 0.06 -30.50 22.03
N ASN G 332 1.20 -31.01 21.54
CA ASN G 332 1.62 -32.35 21.90
C ASN G 332 1.93 -32.46 23.38
N GLU G 333 2.58 -31.43 23.95
CA GLU G 333 2.84 -31.43 25.38
C GLU G 333 1.54 -31.36 26.18
N ALA G 334 0.57 -30.57 25.70
CA ALA G 334 -0.71 -30.49 26.38
C ALA G 334 -1.44 -31.82 26.33
N ARG G 335 -1.37 -32.52 25.20
CA ARG G 335 -2.06 -33.80 25.06
C ARG G 335 -1.36 -34.92 25.83
N LYS G 336 -0.04 -34.79 26.03
CA LYS G 336 0.69 -35.85 26.72
C LYS G 336 0.20 -36.04 28.14
N TYR G 337 -0.03 -34.94 28.86
CA TYR G 337 -0.58 -34.99 30.21
C TYR G 337 -2.07 -34.68 30.13
N GLN G 338 -2.91 -35.60 30.62
CA GLN G 338 -4.35 -35.46 30.46
C GLN G 338 -4.89 -34.18 31.09
N PRO G 339 -4.57 -33.82 32.35
CA PRO G 339 -4.99 -32.50 32.87
C PRO G 339 -4.06 -31.41 32.38
N SER G 340 -4.55 -30.59 31.45
CA SER G 340 -3.75 -29.53 30.87
C SER G 340 -4.64 -28.35 30.51
N ILE G 341 -4.10 -27.14 30.69
CA ILE G 341 -4.79 -25.90 30.37
C ILE G 341 -3.89 -25.06 29.50
N ILE G 342 -4.48 -24.39 28.50
CA ILE G 342 -3.76 -23.51 27.60
C ILE G 342 -4.30 -22.10 27.79
N PHE G 343 -3.42 -21.16 28.11
CA PHE G 343 -3.78 -19.76 28.35
C PHE G 343 -3.22 -18.91 27.21
N ILE G 344 -4.10 -18.39 26.36
CA ILE G 344 -3.72 -17.58 25.22
C ILE G 344 -4.08 -16.14 25.51
N ASP G 345 -3.10 -15.24 25.37
CA ASP G 345 -3.30 -13.81 25.56
C ASP G 345 -3.07 -13.09 24.25
N GLN G 346 -3.91 -12.10 23.96
CA GLN G 346 -3.86 -11.33 22.72
C GLN G 346 -3.94 -12.26 21.51
N ILE G 347 -4.99 -13.09 21.47
CA ILE G 347 -5.17 -14.04 20.38
C ILE G 347 -5.49 -13.35 19.06
N ASP G 348 -5.93 -12.09 19.10
CA ASP G 348 -6.28 -11.39 17.86
C ASP G 348 -5.06 -11.17 16.98
N SER G 349 -3.93 -10.82 17.57
CA SER G 349 -2.73 -10.53 16.79
C SER G 349 -2.16 -11.79 16.16
N ILE G 350 -2.03 -12.86 16.95
CA ILE G 350 -1.43 -14.09 16.43
C ILE G 350 -2.36 -14.74 15.41
N ALA G 351 -3.67 -14.68 15.64
CA ALA G 351 -4.67 -15.32 14.77
C ALA G 351 -5.71 -14.29 14.38
N PRO G 352 -5.42 -13.45 13.37
CA PRO G 352 -6.40 -12.45 12.93
C PRO G 352 -7.37 -13.01 11.91
N ASN G 353 -8.28 -12.17 11.42
CA ASN G 353 -9.26 -12.61 10.44
C ASN G 353 -8.58 -12.88 9.10
N ARG G 354 -8.88 -14.03 8.51
CA ARG G 354 -8.29 -14.39 7.23
C ARG G 354 -8.91 -13.62 6.07
N ALA G 355 -10.17 -13.21 6.21
CA ALA G 355 -10.85 -12.48 5.14
C ALA G 355 -10.24 -11.11 4.89
N ASN G 356 -9.55 -10.54 5.87
CA ASN G 356 -8.94 -9.22 5.69
C ASN G 356 -7.82 -9.28 4.68
N ASP G 357 -7.69 -8.23 3.87
CA ASP G 357 -6.64 -8.16 2.86
C ASP G 357 -5.26 -8.03 3.48
N ASP G 358 -5.17 -7.60 4.74
CA ASP G 358 -3.90 -7.46 5.43
C ASP G 358 -3.52 -8.69 6.24
N SER G 359 -4.29 -9.78 6.13
CA SER G 359 -4.01 -10.98 6.91
C SER G 359 -2.65 -11.57 6.54
N GLY G 360 -2.36 -11.66 5.25
CA GLY G 360 -1.10 -12.21 4.81
C GLY G 360 -1.13 -13.71 4.59
N GLU G 361 0.04 -14.35 4.60
CA GLU G 361 0.16 -15.78 4.37
C GLU G 361 0.54 -16.56 5.62
N VAL G 362 1.53 -16.08 6.38
CA VAL G 362 1.94 -16.80 7.59
C VAL G 362 0.83 -16.75 8.64
N GLU G 363 0.09 -15.64 8.72
CA GLU G 363 -1.04 -15.57 9.64
C GLU G 363 -2.13 -16.57 9.24
N SER G 364 -2.40 -16.69 7.94
CA SER G 364 -3.38 -17.68 7.49
C SER G 364 -2.90 -19.09 7.80
N ARG G 365 -1.61 -19.36 7.62
CA ARG G 365 -1.07 -20.67 7.93
C ARG G 365 -1.18 -21.00 9.41
N VAL G 366 -0.87 -20.03 10.28
CA VAL G 366 -0.95 -20.27 11.71
C VAL G 366 -2.40 -20.43 12.15
N VAL G 367 -3.32 -19.69 11.53
CA VAL G 367 -4.74 -19.88 11.81
C VAL G 367 -5.18 -21.27 11.41
N ALA G 368 -4.75 -21.74 10.23
CA ALA G 368 -5.12 -23.07 9.78
C ALA G 368 -4.57 -24.16 10.70
N THR G 369 -3.30 -24.01 11.13
CA THR G 369 -2.74 -25.03 12.00
C THR G 369 -3.38 -25.01 13.39
N LEU G 370 -3.75 -23.82 13.88
CA LEU G 370 -4.49 -23.75 15.14
C LEU G 370 -5.85 -24.42 15.02
N LEU G 371 -6.54 -24.19 13.91
CA LEU G 371 -7.82 -24.84 13.67
C LEU G 371 -7.66 -26.36 13.62
N THR G 372 -6.63 -26.84 12.93
CA THR G 372 -6.40 -28.27 12.83
C THR G 372 -6.08 -28.88 14.20
N LEU G 373 -5.26 -28.20 14.99
CA LEU G 373 -4.91 -28.72 16.32
C LEU G 373 -6.13 -28.73 17.24
N MET G 374 -6.96 -27.69 17.19
CA MET G 374 -8.12 -27.65 18.05
C MET G 374 -9.17 -28.68 17.64
N ASP G 375 -9.42 -28.82 16.34
CA ASP G 375 -10.41 -29.77 15.85
C ASP G 375 -9.90 -30.39 14.55
N GLY G 376 -10.12 -31.69 14.40
CA GLY G 376 -9.67 -32.40 13.22
C GLY G 376 -9.72 -33.89 13.44
N MET G 377 -8.84 -34.59 12.72
CA MET G 377 -8.78 -36.05 12.84
C MET G 377 -8.37 -36.47 14.25
N GLY G 378 -7.40 -35.77 14.85
CA GLY G 378 -6.96 -36.06 16.19
C GLY G 378 -7.75 -35.27 17.21
N ALA G 379 -8.74 -35.93 17.81
CA ALA G 379 -9.58 -35.28 18.79
C ALA G 379 -8.81 -35.00 20.07
N ALA G 380 -9.03 -33.81 20.64
CA ALA G 380 -8.39 -33.45 21.89
C ALA G 380 -8.98 -34.23 23.05
N GLY G 381 -8.16 -34.45 24.08
CA GLY G 381 -8.61 -35.21 25.23
C GLY G 381 -8.53 -34.43 26.54
N LYS G 382 -9.71 -34.17 27.12
CA LYS G 382 -9.89 -33.47 28.39
C LYS G 382 -8.89 -32.33 28.61
N VAL G 383 -8.75 -31.47 27.60
CA VAL G 383 -7.90 -30.30 27.68
C VAL G 383 -8.72 -29.07 27.35
N VAL G 384 -8.56 -28.01 28.14
CA VAL G 384 -9.30 -26.77 27.98
C VAL G 384 -8.33 -25.66 27.60
N VAL G 385 -8.78 -24.79 26.70
CA VAL G 385 -7.98 -23.68 26.21
C VAL G 385 -8.68 -22.37 26.60
N ILE G 386 -7.93 -21.44 27.18
CA ILE G 386 -8.45 -20.14 27.59
C ILE G 386 -7.79 -19.07 26.75
N ALA G 387 -8.61 -18.25 26.09
CA ALA G 387 -8.14 -17.17 25.23
C ALA G 387 -8.69 -15.86 25.75
N ALA G 388 -7.81 -14.86 25.89
CA ALA G 388 -8.20 -13.54 26.36
C ALA G 388 -7.74 -12.49 25.36
N THR G 389 -8.65 -11.59 25.00
CA THR G 389 -8.33 -10.51 24.06
C THR G 389 -9.28 -9.35 24.32
N ASN G 390 -8.85 -8.16 23.88
CA ASN G 390 -9.65 -6.96 24.03
C ASN G 390 -10.39 -6.56 22.76
N ARG G 391 -10.30 -7.38 21.70
CA ARG G 391 -11.01 -7.11 20.44
C ARG G 391 -11.49 -8.44 19.87
N PRO G 392 -12.66 -8.92 20.31
CA PRO G 392 -13.17 -10.19 19.78
C PRO G 392 -13.49 -10.14 18.29
N ASN G 393 -13.73 -8.95 17.72
CA ASN G 393 -14.03 -8.85 16.31
C ASN G 393 -12.83 -9.23 15.45
N SER G 394 -11.63 -8.88 15.88
CA SER G 394 -10.42 -9.21 15.11
C SER G 394 -10.15 -10.71 15.10
N VAL G 395 -10.74 -11.47 16.02
CA VAL G 395 -10.56 -12.92 16.03
C VAL G 395 -11.22 -13.53 14.80
N ASP G 396 -10.55 -14.52 14.21
CA ASP G 396 -11.07 -15.15 13.02
C ASP G 396 -12.40 -15.83 13.32
N PRO G 397 -13.41 -15.67 12.45
CA PRO G 397 -14.71 -16.31 12.72
C PRO G 397 -14.65 -17.82 12.80
N ALA G 398 -13.68 -18.44 12.12
CA ALA G 398 -13.54 -19.90 12.20
C ALA G 398 -13.19 -20.33 13.62
N LEU G 399 -12.33 -19.57 14.30
CA LEU G 399 -12.01 -19.88 15.69
C LEU G 399 -13.25 -19.78 16.58
N ARG G 400 -14.05 -18.74 16.37
CA ARG G 400 -15.27 -18.54 17.16
C ARG G 400 -16.36 -19.45 16.62
N ARG G 401 -16.24 -20.73 16.98
CA ARG G 401 -17.14 -21.77 16.53
C ARG G 401 -17.62 -22.58 17.72
N PRO G 402 -18.84 -23.13 17.67
CA PRO G 402 -19.30 -23.98 18.78
C PRO G 402 -18.42 -25.18 19.04
N GLY G 403 -17.77 -25.73 18.00
CA GLY G 403 -16.88 -26.85 18.21
C GLY G 403 -15.56 -26.48 18.86
N ARG G 404 -15.17 -25.21 18.79
CA ARG G 404 -13.90 -24.75 19.34
C ARG G 404 -14.06 -23.73 20.45
N PHE G 405 -14.84 -22.66 20.21
CA PHE G 405 -14.97 -21.57 21.17
C PHE G 405 -16.43 -21.32 21.53
N ASP G 406 -17.16 -22.38 21.87
CA ASP G 406 -18.57 -22.23 22.21
C ASP G 406 -18.75 -21.34 23.44
N GLN G 407 -17.92 -21.53 24.46
CA GLN G 407 -18.05 -20.79 25.71
C GLN G 407 -17.42 -19.42 25.54
N GLU G 408 -18.25 -18.38 25.43
CA GLU G 408 -17.80 -17.01 25.31
C GLU G 408 -18.37 -16.19 26.45
N VAL G 409 -17.50 -15.47 27.16
CA VAL G 409 -17.88 -14.65 28.30
C VAL G 409 -17.49 -13.22 28.01
N GLU G 410 -18.46 -12.32 28.11
CA GLU G 410 -18.24 -10.88 27.89
C GLU G 410 -18.07 -10.23 29.26
N ILE G 411 -16.82 -9.96 29.63
CA ILE G 411 -16.49 -9.36 30.92
C ILE G 411 -16.60 -7.85 30.73
N GLY G 412 -17.74 -7.29 31.11
CA GLY G 412 -18.00 -5.87 30.91
C GLY G 412 -17.42 -5.00 32.00
N ILE G 413 -17.67 -3.71 31.86
CA ILE G 413 -17.19 -2.72 32.84
C ILE G 413 -17.94 -2.90 34.15
N PRO G 414 -17.25 -3.01 35.29
CA PRO G 414 -17.96 -3.16 36.56
C PRO G 414 -18.86 -1.97 36.86
N ASP G 415 -20.01 -2.26 37.45
CA ASP G 415 -20.96 -1.24 37.86
C ASP G 415 -20.69 -0.83 39.31
N VAL G 416 -21.64 -0.11 39.91
CA VAL G 416 -21.41 0.51 41.21
C VAL G 416 -21.17 -0.56 42.28
N ASP G 417 -22.04 -1.56 42.35
CA ASP G 417 -21.89 -2.58 43.40
C ASP G 417 -20.66 -3.45 43.16
N ALA G 418 -20.33 -3.74 41.90
CA ALA G 418 -19.10 -4.47 41.61
C ALA G 418 -17.88 -3.66 42.02
N ARG G 419 -17.89 -2.35 41.77
CA ARG G 419 -16.79 -1.50 42.20
C ARG G 419 -16.66 -1.48 43.71
N PHE G 420 -17.80 -1.42 44.41
CA PHE G 420 -17.78 -1.46 45.88
C PHE G 420 -17.21 -2.78 46.38
N ASP G 421 -17.61 -3.89 45.74
CA ASP G 421 -17.07 -5.19 46.13
C ASP G 421 -15.56 -5.26 45.90
N ILE G 422 -15.09 -4.73 44.77
CA ILE G 422 -13.66 -4.73 44.48
C ILE G 422 -12.91 -3.90 45.51
N LEU G 423 -13.45 -2.73 45.86
CA LEU G 423 -12.80 -1.88 46.86
C LEU G 423 -12.75 -2.57 48.21
N THR G 424 -13.85 -3.21 48.62
CA THR G 424 -13.85 -3.93 49.88
C THR G 424 -12.86 -5.07 49.88
N LYS G 425 -12.76 -5.81 48.77
CA LYS G 425 -11.78 -6.89 48.68
C LYS G 425 -10.36 -6.36 48.77
N GLN G 426 -10.07 -5.24 48.11
CA GLN G 426 -8.74 -4.64 48.20
C GLN G 426 -8.42 -4.20 49.61
N PHE G 427 -9.38 -3.59 50.30
CA PHE G 427 -9.14 -3.13 51.66
C PHE G 427 -8.99 -4.30 52.62
N SER G 428 -9.71 -5.41 52.38
CA SER G 428 -9.54 -6.60 53.19
C SER G 428 -8.18 -7.24 52.94
N ARG G 429 -7.71 -7.21 51.69
CA ARG G 429 -6.37 -7.69 51.39
C ARG G 429 -5.31 -6.86 52.11
N MET G 430 -5.51 -5.55 52.16
CA MET G 430 -4.66 -4.70 52.97
C MET G 430 -4.85 -5.02 54.46
N SER G 431 -3.81 -4.77 55.25
CA SER G 431 -3.88 -4.99 56.68
C SER G 431 -4.86 -4.03 57.32
N SER G 432 -5.51 -4.49 58.39
CA SER G 432 -6.52 -3.68 59.06
C SER G 432 -5.92 -2.44 59.70
N ASP G 433 -4.73 -2.56 60.29
CA ASP G 433 -4.12 -1.44 60.98
C ASP G 433 -3.53 -0.41 60.02
N ARG G 434 -3.28 -0.78 58.77
CA ARG G 434 -2.67 0.16 57.83
C ARG G 434 -3.60 1.33 57.53
N HIS G 435 -4.89 1.06 57.34
CA HIS G 435 -5.87 2.10 57.01
C HIS G 435 -7.10 1.93 57.88
N VAL G 436 -7.74 3.04 58.21
CA VAL G 436 -8.99 3.04 58.96
C VAL G 436 -10.09 3.61 58.07
N LEU G 437 -11.17 2.85 57.92
CA LEU G 437 -12.28 3.25 57.06
C LEU G 437 -13.53 2.51 57.51
N ASP G 438 -14.68 3.00 57.05
CA ASP G 438 -15.96 2.38 57.34
C ASP G 438 -16.59 1.86 56.05
N SER G 439 -17.58 0.98 56.22
CA SER G 439 -18.28 0.42 55.07
C SER G 439 -19.01 1.51 54.29
N GLU G 440 -19.65 2.45 55.00
CA GLU G 440 -20.31 3.56 54.34
C GLU G 440 -19.31 4.43 53.59
N ALA G 441 -18.11 4.62 54.16
CA ALA G 441 -17.08 5.39 53.46
C ALA G 441 -16.65 4.70 52.18
N ILE G 442 -16.47 3.38 52.23
CA ILE G 442 -16.09 2.63 51.04
C ILE G 442 -17.19 2.71 49.98
N LYS G 443 -18.44 2.61 50.42
CA LYS G 443 -19.57 2.73 49.48
C LYS G 443 -19.59 4.12 48.84
N TYR G 444 -19.33 5.16 49.63
CA TYR G 444 -19.31 6.51 49.09
C TYR G 444 -18.17 6.68 48.08
N ILE G 445 -17.00 6.12 48.38
CA ILE G 445 -15.88 6.19 47.44
C ILE G 445 -16.22 5.47 46.15
N ALA G 446 -16.84 4.28 46.27
CA ALA G 446 -17.22 3.54 45.07
C ALA G 446 -18.25 4.30 44.25
N SER G 447 -19.20 4.95 44.92
CA SER G 447 -20.20 5.74 44.21
C SER G 447 -19.56 6.92 43.50
N LYS G 448 -18.56 7.55 44.13
CA LYS G 448 -17.87 8.66 43.48
C LYS G 448 -17.15 8.21 42.20
N THR G 449 -16.51 7.05 42.25
CA THR G 449 -15.83 6.51 41.08
C THR G 449 -16.86 6.00 40.08
N HIS G 450 -17.02 6.70 38.97
CA HIS G 450 -18.02 6.33 37.97
C HIS G 450 -17.44 5.43 36.88
N GLY G 451 -16.44 5.92 36.15
CA GLY G 451 -15.87 5.19 35.04
C GLY G 451 -14.66 4.36 35.42
N TYR G 452 -14.49 4.10 36.71
CA TYR G 452 -13.32 3.40 37.19
C TYR G 452 -13.47 1.90 37.01
N VAL G 453 -12.34 1.25 36.74
CA VAL G 453 -12.28 -0.21 36.64
C VAL G 453 -11.33 -0.71 37.72
N GLY G 454 -11.11 -2.03 37.76
CA GLY G 454 -10.20 -2.59 38.75
C GLY G 454 -8.81 -1.98 38.67
N ALA G 455 -8.30 -1.77 37.46
CA ALA G 455 -7.02 -1.10 37.30
C ALA G 455 -7.09 0.34 37.82
N ASP G 456 -8.18 1.04 37.51
CA ASP G 456 -8.34 2.40 38.02
C ASP G 456 -8.42 2.43 39.54
N LEU G 457 -9.14 1.47 40.13
CA LEU G 457 -9.22 1.41 41.59
C LEU G 457 -7.86 1.12 42.21
N THR G 458 -7.09 0.21 41.62
CA THR G 458 -5.75 -0.08 42.12
C THR G 458 -4.85 1.16 42.01
N ALA G 459 -4.93 1.87 40.89
CA ALA G 459 -4.14 3.09 40.74
C ALA G 459 -4.56 4.15 41.76
N LEU G 460 -5.86 4.27 42.01
CA LEU G 460 -6.35 5.21 43.02
C LEU G 460 -5.81 4.86 44.39
N CYS G 461 -5.85 3.58 44.75
CA CYS G 461 -5.36 3.17 46.06
C CYS G 461 -3.86 3.41 46.20
N ARG G 462 -3.10 3.10 45.14
CA ARG G 462 -1.66 3.36 45.18
C ARG G 462 -1.35 4.85 45.30
N GLU G 463 -2.08 5.68 44.56
CA GLU G 463 -1.89 7.12 44.66
C GLU G 463 -2.26 7.63 46.04
N SER G 464 -3.30 7.05 46.65
CA SER G 464 -3.65 7.42 48.01
C SER G 464 -2.54 7.05 48.99
N VAL G 465 -1.91 5.89 48.78
CA VAL G 465 -0.79 5.48 49.63
C VAL G 465 0.37 6.46 49.49
N MET G 466 0.70 6.83 48.25
CA MET G 466 1.78 7.79 48.03
C MET G 466 1.46 9.16 48.64
N LYS G 467 0.21 9.60 48.50
CA LYS G 467 -0.19 10.87 49.09
C LYS G 467 -0.12 10.83 50.61
N THR G 468 -0.50 9.69 51.21
CA THR G 468 -0.36 9.54 52.66
C THR G 468 1.10 9.61 53.08
N ILE G 469 1.99 8.95 52.33
CA ILE G 469 3.41 8.97 52.65
C ILE G 469 3.95 10.39 52.57
N GLN G 470 3.59 11.11 51.51
CA GLN G 470 4.10 12.47 51.34
C GLN G 470 3.51 13.42 52.39
N ARG G 471 2.25 13.22 52.77
CA ARG G 471 1.66 14.03 53.83
C ARG G 471 2.34 13.78 55.16
N GLY G 472 2.64 12.52 55.47
CA GLY G 472 3.38 12.22 56.68
C GLY G 472 4.77 12.82 56.68
N LEU G 473 5.46 12.75 55.54
CA LEU G 473 6.79 13.35 55.43
C LEU G 473 6.72 14.87 55.62
N GLY G 474 5.71 15.51 55.03
CA GLY G 474 5.56 16.95 55.20
C GLY G 474 5.23 17.35 56.62
N THR G 475 4.33 16.61 57.27
CA THR G 475 3.91 16.96 58.63
C THR G 475 5.03 16.71 59.63
N ASP G 476 5.69 15.56 59.55
CA ASP G 476 6.76 15.21 60.47
C ASP G 476 8.01 14.87 59.67
N ALA G 477 9.14 15.47 60.07
CA ALA G 477 10.39 15.24 59.38
C ALA G 477 11.08 14.00 59.94
N ASN G 478 11.63 13.19 59.04
CA ASN G 478 12.35 11.96 59.39
C ASN G 478 11.48 11.02 60.22
N ILE G 479 10.20 10.93 59.86
CA ILE G 479 9.27 10.06 60.55
C ILE G 479 9.16 8.74 59.80
N ASP G 480 8.71 7.71 60.49
CA ASP G 480 8.55 6.40 59.87
C ASP G 480 7.35 6.40 58.94
N LYS G 481 7.57 5.94 57.70
CA LYS G 481 6.51 5.92 56.71
C LYS G 481 5.50 4.79 56.95
N PHE G 482 5.91 3.72 57.62
CA PHE G 482 5.02 2.59 57.84
C PHE G 482 3.97 2.84 58.91
N SER G 483 4.13 3.90 59.71
CA SER G 483 3.20 4.21 60.78
C SER G 483 2.04 5.09 60.33
N LEU G 484 2.03 5.54 59.07
CA LEU G 484 0.97 6.40 58.59
C LEU G 484 -0.30 5.60 58.32
N LYS G 485 -1.42 6.33 58.21
CA LYS G 485 -2.73 5.73 57.96
C LYS G 485 -3.45 6.54 56.90
N VAL G 486 -4.35 5.86 56.18
CA VAL G 486 -5.08 6.44 55.06
C VAL G 486 -6.46 6.87 55.54
N THR G 487 -6.85 8.09 55.21
CA THR G 487 -8.13 8.65 55.62
C THR G 487 -8.98 8.94 54.38
N LEU G 488 -10.24 9.32 54.64
CA LEU G 488 -11.19 9.53 53.56
C LEU G 488 -10.79 10.72 52.68
N LYS G 489 -10.36 11.82 53.29
CA LYS G 489 -9.99 13.00 52.51
C LYS G 489 -8.77 12.71 51.65
N ASP G 490 -7.86 11.86 52.14
CA ASP G 490 -6.71 11.46 51.33
C ASP G 490 -7.14 10.69 50.09
N VAL G 491 -8.11 9.78 50.26
CA VAL G 491 -8.63 9.03 49.12
C VAL G 491 -9.31 9.96 48.14
N GLU G 492 -10.06 10.94 48.65
CA GLU G 492 -10.71 11.91 47.77
C GLU G 492 -9.68 12.73 46.99
N SER G 493 -8.60 13.13 47.66
CA SER G 493 -7.54 13.88 46.99
C SER G 493 -6.88 13.04 45.91
N ALA G 494 -6.62 11.76 46.20
CA ALA G 494 -6.05 10.88 45.19
C ALA G 494 -7.00 10.72 44.01
N MET G 495 -8.30 10.58 44.29
CA MET G 495 -9.29 10.43 43.23
C MET G 495 -9.33 11.67 42.33
N VAL G 496 -9.32 12.86 42.92
CA VAL G 496 -9.36 14.07 42.11
C VAL G 496 -8.04 14.30 41.39
N ASP G 497 -6.94 13.77 41.93
CA ASP G 497 -5.65 13.92 41.27
C ASP G 497 -5.53 13.01 40.06
N ILE G 498 -5.96 11.76 40.19
CA ILE G 498 -5.81 10.79 39.11
C ILE G 498 -6.91 10.97 38.07
N ARG G 499 -6.75 10.33 36.91
CA ARG G 499 -7.68 10.42 35.80
C ARG G 499 -8.13 9.03 35.38
N PRO G 500 -9.40 8.86 35.01
CA PRO G 500 -9.86 7.55 34.54
C PRO G 500 -9.18 7.14 33.24
N SER G 501 -9.12 5.82 33.02
CA SER G 501 -8.49 5.30 31.82
C SER G 501 -9.22 5.75 30.57
N ALA G 502 -10.55 5.74 30.60
CA ALA G 502 -11.33 6.15 29.44
C ALA G 502 -11.13 7.62 29.08
N MET G 503 -10.75 8.45 30.05
CA MET G 503 -10.51 9.87 29.81
C MET G 503 -9.07 10.18 29.44
N ARG G 504 -8.20 9.16 29.37
CA ARG G 504 -6.81 9.41 29.00
C ARG G 504 -6.69 9.93 27.57
N GLU G 505 -7.48 9.38 26.65
CA GLU G 505 -7.43 9.81 25.26
C GLU G 505 -8.00 11.20 25.05
N ILE G 506 -8.67 11.77 26.04
CA ILE G 506 -9.27 13.10 25.93
C ILE G 506 -8.29 14.10 26.51
N PHE G 507 -7.89 15.08 25.71
CA PHE G 507 -6.92 16.11 26.10
C PHE G 507 -7.58 17.47 25.96
N LEU G 508 -8.18 17.95 27.04
CA LEU G 508 -8.77 19.28 27.06
C LEU G 508 -8.86 19.74 28.52
N GLU G 509 -8.43 20.96 28.80
CA GLU G 509 -8.44 21.51 30.14
C GLU G 509 -8.93 22.95 30.11
N MET G 510 -9.61 23.35 31.19
CA MET G 510 -10.13 24.70 31.34
C MET G 510 -9.90 25.14 32.77
N PRO G 511 -9.81 26.45 33.02
CA PRO G 511 -9.70 26.94 34.40
C PRO G 511 -10.93 26.56 35.20
N LYS G 512 -10.72 26.28 36.49
CA LYS G 512 -11.77 25.80 37.36
C LYS G 512 -12.73 26.93 37.72
N VAL G 513 -14.01 26.73 37.45
CA VAL G 513 -15.07 27.65 37.83
C VAL G 513 -16.11 26.88 38.62
N TYR G 514 -16.63 27.49 39.68
CA TYR G 514 -17.51 26.82 40.61
C TYR G 514 -18.97 27.10 40.27
N TRP G 515 -19.88 26.43 40.99
CA TRP G 515 -21.30 26.66 40.78
C TRP G 515 -21.71 28.06 41.20
N SER G 516 -21.03 28.62 42.21
CA SER G 516 -21.32 29.98 42.64
C SER G 516 -20.87 31.03 41.64
N ASP G 517 -20.03 30.64 40.68
CA ASP G 517 -19.51 31.60 39.70
C ASP G 517 -20.60 32.08 38.74
N ILE G 518 -21.58 31.25 38.42
CA ILE G 518 -22.62 31.61 37.45
C ILE G 518 -23.60 32.55 38.13
N GLY G 519 -23.79 33.73 37.54
CA GLY G 519 -24.77 34.68 38.01
C GLY G 519 -25.97 34.75 37.10
N GLY G 520 -27.09 34.16 37.51
CA GLY G 520 -28.28 34.15 36.67
C GLY G 520 -29.46 33.45 37.29
N GLN G 521 -30.40 33.01 36.45
CA GLN G 521 -31.59 32.33 36.93
C GLN G 521 -31.24 31.00 37.57
N GLU G 522 -31.95 30.66 38.64
CA GLU G 522 -31.75 29.40 39.34
C GLU G 522 -32.61 28.27 38.78
N GLU G 523 -33.60 28.58 37.93
CA GLU G 523 -34.43 27.53 37.36
C GLU G 523 -33.63 26.58 36.49
N LEU G 524 -32.74 27.12 35.65
CA LEU G 524 -31.89 26.27 34.83
C LEU G 524 -30.98 25.40 35.68
N LYS G 525 -30.39 25.98 36.73
CA LYS G 525 -29.53 25.20 37.61
C LYS G 525 -30.30 24.07 38.27
N THR G 526 -31.49 24.36 38.79
CA THR G 526 -32.29 23.34 39.45
C THR G 526 -32.69 22.23 38.46
N LYS G 527 -33.13 22.61 37.27
CA LYS G 527 -33.56 21.62 36.29
C LYS G 527 -32.41 20.72 35.85
N MET G 528 -31.24 21.31 35.58
CA MET G 528 -30.12 20.50 35.13
C MET G 528 -29.57 19.65 36.27
N LYS G 529 -29.61 20.15 37.50
CA LYS G 529 -29.18 19.35 38.63
C LYS G 529 -30.12 18.16 38.84
N GLU G 530 -31.42 18.37 38.74
CA GLU G 530 -32.37 17.28 38.87
C GLU G 530 -32.24 16.30 37.71
N MET G 531 -31.77 16.76 36.55
CA MET G 531 -31.54 15.85 35.43
C MET G 531 -30.29 15.02 35.65
N ILE G 532 -29.22 15.61 36.18
CA ILE G 532 -27.92 14.96 36.24
C ILE G 532 -27.74 14.17 37.53
N GLN G 533 -27.79 14.86 38.68
CA GLN G 533 -27.40 14.23 39.94
C GLN G 533 -28.43 13.24 40.43
N LEU G 534 -29.72 13.50 40.20
CA LEU G 534 -30.76 12.65 40.76
C LEU G 534 -30.68 11.20 40.32
N PRO G 535 -30.49 10.87 39.03
CA PRO G 535 -30.40 9.44 38.66
C PRO G 535 -29.26 8.71 39.34
N LEU G 536 -28.16 9.39 39.66
CA LEU G 536 -27.02 8.74 40.28
C LEU G 536 -27.05 8.83 41.81
N GLU G 537 -27.40 10.00 42.36
CA GLU G 537 -27.43 10.14 43.82
C GLU G 537 -28.49 9.25 44.45
N ALA G 538 -29.68 9.19 43.86
CA ALA G 538 -30.78 8.38 44.38
C ALA G 538 -31.41 7.63 43.21
N SER G 539 -30.89 6.43 42.93
CA SER G 539 -31.41 5.61 41.85
C SER G 539 -32.51 4.65 42.31
N GLU G 540 -32.63 4.42 43.62
CA GLU G 540 -33.66 3.51 44.11
C GLU G 540 -35.06 4.04 43.84
N THR G 541 -35.26 5.36 43.98
CA THR G 541 -36.57 5.94 43.70
C THR G 541 -36.91 5.81 42.22
N PHE G 542 -35.93 6.05 41.35
CA PHE G 542 -36.17 5.90 39.91
C PHE G 542 -36.47 4.45 39.56
N ALA G 543 -35.76 3.51 40.17
CA ALA G 543 -36.02 2.09 39.92
C ALA G 543 -37.42 1.70 40.38
N ARG G 544 -37.84 2.19 41.56
CA ARG G 544 -39.18 1.90 42.05
C ARG G 544 -40.25 2.50 41.14
N LEU G 545 -40.05 3.74 40.69
CA LEU G 545 -41.02 4.40 39.83
C LEU G 545 -40.91 3.99 38.37
N GLY G 546 -39.83 3.31 38.00
CA GLY G 546 -39.66 2.88 36.61
C GLY G 546 -39.56 4.02 35.63
N ILE G 547 -38.82 5.07 35.98
CA ILE G 547 -38.63 6.24 35.12
C ILE G 547 -37.14 6.53 35.02
N SER G 548 -36.69 6.86 33.81
CA SER G 548 -35.30 7.18 33.55
C SER G 548 -35.13 8.68 33.32
N ALA G 549 -33.88 9.11 33.27
CA ALA G 549 -33.58 10.51 33.04
C ALA G 549 -34.00 10.93 31.63
N PRO G 550 -34.43 12.18 31.46
CA PRO G 550 -34.79 12.64 30.10
C PRO G 550 -33.64 12.55 29.12
N LYS G 551 -32.42 12.83 29.58
CA LYS G 551 -31.20 12.74 28.74
C LYS G 551 -31.34 13.64 27.52
N GLY G 552 -31.40 14.95 27.79
CA GLY G 552 -31.34 15.93 26.73
C GLY G 552 -31.67 17.34 27.16
N VAL G 553 -30.85 18.30 26.72
CA VAL G 553 -31.09 19.72 26.94
C VAL G 553 -30.53 20.49 25.75
N LEU G 554 -31.20 21.59 25.41
CA LEU G 554 -30.72 22.50 24.38
C LEU G 554 -30.76 23.92 24.93
N LEU G 555 -29.65 24.65 24.78
CA LEU G 555 -29.50 26.00 25.29
C LEU G 555 -29.51 26.95 24.10
N TYR G 556 -30.65 27.61 23.89
CA TYR G 556 -30.81 28.57 22.79
C TYR G 556 -31.08 29.95 23.37
N GLY G 557 -30.36 30.94 22.89
CA GLY G 557 -30.52 32.30 23.36
C GLY G 557 -29.44 33.22 22.84
N PRO G 558 -29.42 34.45 23.33
CA PRO G 558 -28.37 35.40 22.93
C PRO G 558 -26.99 34.87 23.28
N PRO G 559 -25.99 35.11 22.44
CA PRO G 559 -24.66 34.54 22.69
C PRO G 559 -23.99 35.15 23.91
N GLY G 560 -23.17 34.33 24.57
CA GLY G 560 -22.35 34.80 25.67
C GLY G 560 -23.05 34.89 27.01
N CYS G 561 -24.26 34.35 27.15
CA CYS G 561 -24.99 34.52 28.40
C CYS G 561 -24.57 33.51 29.47
N SER G 562 -24.86 32.23 29.24
CA SER G 562 -24.55 31.24 30.27
C SER G 562 -24.10 29.87 29.75
N LYS G 563 -23.95 29.66 28.45
CA LYS G 563 -23.80 28.30 27.94
C LYS G 563 -22.42 27.72 28.26
N THR G 564 -21.36 28.32 27.72
CA THR G 564 -20.03 27.77 27.90
C THR G 564 -19.57 27.84 29.35
N LEU G 565 -19.97 28.89 30.08
CA LEU G 565 -19.65 28.96 31.49
C LEU G 565 -20.33 27.85 32.26
N THR G 566 -21.58 27.53 31.90
CA THR G 566 -22.26 26.39 32.52
C THR G 566 -21.54 25.09 32.20
N ALA G 567 -21.09 24.93 30.95
CA ALA G 567 -20.35 23.72 30.59
C ALA G 567 -19.07 23.59 31.41
N LYS G 568 -18.33 24.70 31.58
CA LYS G 568 -17.11 24.66 32.39
C LYS G 568 -17.42 24.34 33.84
N ALA G 569 -18.48 24.95 34.40
CA ALA G 569 -18.86 24.68 35.78
C ALA G 569 -19.26 23.23 35.97
N LEU G 570 -19.96 22.65 35.00
CA LEU G 570 -20.29 21.24 35.05
C LEU G 570 -19.03 20.37 35.01
N ALA G 571 -18.11 20.70 34.11
CA ALA G 571 -16.87 19.94 34.03
C ALA G 571 -16.06 20.03 35.33
N THR G 572 -16.17 21.14 36.05
CA THR G 572 -15.43 21.29 37.30
C THR G 572 -16.12 20.57 38.45
N GLU G 573 -17.36 20.98 38.78
CA GLU G 573 -18.06 20.45 39.95
C GLU G 573 -19.19 19.49 39.57
N SER G 574 -18.97 18.62 38.59
CA SER G 574 -19.93 17.57 38.30
C SER G 574 -19.53 16.22 38.90
N GLY G 575 -18.25 16.01 39.18
CA GLY G 575 -17.80 14.72 39.65
C GLY G 575 -17.93 13.60 38.65
N ILE G 576 -18.18 13.92 37.39
CA ILE G 576 -18.42 12.95 36.34
C ILE G 576 -17.51 13.28 35.17
N ASN G 577 -17.13 12.25 34.40
CA ASN G 577 -16.30 12.46 33.23
C ASN G 577 -17.00 13.38 32.24
N PHE G 578 -16.27 14.37 31.74
CA PHE G 578 -16.81 15.38 30.84
C PHE G 578 -16.17 15.24 29.47
N LEU G 579 -17.00 15.30 28.42
CA LEU G 579 -16.54 15.21 27.05
C LEU G 579 -17.01 16.43 26.29
N ALA G 580 -16.08 17.10 25.61
CA ALA G 580 -16.38 18.29 24.83
C ALA G 580 -16.04 18.05 23.37
N VAL G 581 -17.02 18.31 22.49
CA VAL G 581 -16.85 18.14 21.06
C VAL G 581 -17.38 19.38 20.36
N LYS G 582 -16.67 19.82 19.33
CA LYS G 582 -17.08 20.98 18.55
C LYS G 582 -17.81 20.55 17.29
N GLY G 583 -18.50 21.51 16.67
CA GLY G 583 -19.29 21.25 15.48
C GLY G 583 -18.44 20.83 14.29
N PRO G 584 -17.64 21.75 13.76
CA PRO G 584 -16.82 21.43 12.59
C PRO G 584 -15.56 20.64 12.90
N GLU G 585 -15.30 20.35 14.18
CA GLU G 585 -14.09 19.59 14.53
C GLU G 585 -14.15 18.17 13.97
N ILE G 586 -15.31 17.53 14.03
CA ILE G 586 -15.44 16.16 13.58
C ILE G 586 -15.33 16.03 12.07
N PHE G 587 -15.56 17.11 11.33
CA PHE G 587 -15.50 17.06 9.87
C PHE G 587 -14.08 16.79 9.40
N ASN G 588 -13.95 15.92 8.39
CA ASN G 588 -12.66 15.55 7.85
C ASN G 588 -12.73 15.53 6.33
N LYS G 589 -11.56 15.69 5.70
CA LYS G 589 -11.50 15.72 4.24
C LYS G 589 -11.95 14.39 3.63
N TYR G 590 -11.50 13.27 4.21
CA TYR G 590 -11.87 11.97 3.70
C TYR G 590 -13.33 11.67 3.99
N VAL G 591 -13.98 10.98 3.05
CA VAL G 591 -15.39 10.62 3.21
C VAL G 591 -15.50 9.47 4.20
N GLY G 592 -16.45 9.59 5.12
CA GLY G 592 -16.68 8.58 6.14
C GLY G 592 -15.80 8.70 7.36
N GLU G 593 -14.84 9.63 7.37
CA GLU G 593 -13.98 9.80 8.54
C GLU G 593 -14.72 10.50 9.67
N SER G 594 -15.60 11.45 9.34
CA SER G 594 -16.40 12.11 10.36
C SER G 594 -17.33 11.12 11.06
N GLU G 595 -17.90 10.19 10.29
CA GLU G 595 -18.73 9.14 10.89
C GLU G 595 -17.91 8.27 11.82
N ARG G 596 -16.69 7.94 11.41
CA ARG G 596 -15.81 7.14 12.27
C ARG G 596 -15.48 7.89 13.56
N ALA G 597 -15.23 9.20 13.46
CA ALA G 597 -14.94 10.00 14.66
C ALA G 597 -16.16 10.05 15.58
N ILE G 598 -17.35 10.22 15.01
CA ILE G 598 -18.57 10.24 15.82
C ILE G 598 -18.77 8.91 16.51
N ARG G 599 -18.59 7.81 15.79
CA ARG G 599 -18.72 6.49 16.39
C ARG G 599 -17.70 6.27 17.50
N GLU G 600 -16.46 6.72 17.27
CA GLU G 600 -15.42 6.55 18.28
C GLU G 600 -15.73 7.36 19.54
N ILE G 601 -16.18 8.61 19.39
CA ILE G 601 -16.48 9.43 20.56
C ILE G 601 -17.70 8.89 21.30
N PHE G 602 -18.69 8.37 20.57
CA PHE G 602 -19.85 7.79 21.23
C PHE G 602 -19.47 6.51 21.97
N ARG G 603 -18.59 5.69 21.38
CA ARG G 603 -18.12 4.49 22.05
C ARG G 603 -17.33 4.85 23.31
N LYS G 604 -16.50 5.89 23.23
CA LYS G 604 -15.76 6.34 24.42
C LYS G 604 -16.72 6.82 25.50
N ALA G 605 -17.76 7.55 25.12
CA ALA G 605 -18.75 8.00 26.10
C ALA G 605 -19.48 6.82 26.74
N ARG G 606 -19.85 5.83 25.93
CA ARG G 606 -20.55 4.66 26.46
C ARG G 606 -19.66 3.85 27.39
N SER G 607 -18.38 3.69 27.03
CA SER G 607 -17.46 2.90 27.83
C SER G 607 -16.92 3.64 29.05
N ALA G 608 -17.23 4.93 29.19
CA ALA G 608 -16.80 5.72 30.33
C ALA G 608 -17.90 5.88 31.38
N ALA G 609 -18.76 4.86 31.54
CA ALA G 609 -19.83 4.85 32.54
C ALA G 609 -20.84 5.94 32.22
N PRO G 610 -21.95 6.07 32.98
CA PRO G 610 -22.81 7.25 32.81
C PRO G 610 -22.03 8.55 32.91
N SER G 611 -21.96 9.28 31.80
CA SER G 611 -21.15 10.49 31.71
C SER G 611 -21.97 11.55 30.99
N ILE G 612 -21.30 12.65 30.62
CA ILE G 612 -21.96 13.77 29.97
C ILE G 612 -21.08 14.23 28.80
N ILE G 613 -21.72 14.52 27.67
CA ILE G 613 -21.05 15.02 26.49
C ILE G 613 -21.67 16.36 26.10
N PHE G 614 -20.84 17.33 25.78
CA PHE G 614 -21.28 18.69 25.47
C PHE G 614 -21.07 18.97 23.98
N PHE G 615 -22.12 19.45 23.32
CA PHE G 615 -22.07 19.86 21.93
C PHE G 615 -22.13 21.38 21.88
N ASP G 616 -21.11 21.99 21.28
CA ASP G 616 -21.02 23.45 21.19
C ASP G 616 -21.34 23.90 19.78
N GLN G 617 -22.28 24.82 19.65
CA GLN G 617 -22.71 25.38 18.36
C GLN G 617 -23.16 24.27 17.41
N ILE G 618 -24.23 23.58 17.82
CA ILE G 618 -24.76 22.46 17.04
C ILE G 618 -25.49 22.92 15.79
N ASP G 619 -25.73 24.23 15.63
CA ASP G 619 -26.40 24.72 14.43
C ASP G 619 -25.59 24.44 13.18
N ALA G 620 -24.26 24.62 13.27
CA ALA G 620 -23.41 24.33 12.11
C ALA G 620 -23.45 22.85 11.74
N LEU G 621 -23.51 21.98 12.76
CA LEU G 621 -23.60 20.54 12.48
C LEU G 621 -24.88 20.18 11.76
N SER G 622 -26.00 20.80 12.17
CA SER G 622 -27.27 20.49 11.53
C SER G 622 -27.31 21.09 10.12
N PRO G 623 -27.62 20.29 9.10
CA PRO G 623 -27.68 20.83 7.74
C PRO G 623 -28.85 21.79 7.57
N ASP G 624 -28.69 22.73 6.63
CA ASP G 624 -29.73 23.70 6.34
C ASP G 624 -30.74 23.09 5.36
N ARG G 625 -32.02 23.08 5.76
CA ARG G 625 -33.05 22.50 4.92
C ARG G 625 -33.26 23.33 3.66
N ASP G 626 -33.29 24.66 3.79
CA ASP G 626 -33.56 25.52 2.64
C ASP G 626 -32.40 25.48 1.64
N GLY G 627 -31.17 25.55 2.13
CA GLY G 627 -30.01 25.56 1.27
C GLY G 627 -29.64 24.19 0.75
N SER G 628 -28.67 24.18 -0.17
CA SER G 628 -28.16 22.93 -0.75
C SER G 628 -27.15 22.34 0.23
N SER G 629 -27.67 21.58 1.19
CA SER G 629 -26.83 20.99 2.22
C SER G 629 -25.91 19.93 1.63
N THR G 630 -24.66 19.92 2.09
CA THR G 630 -23.71 18.91 1.66
C THR G 630 -24.13 17.54 2.19
N SER G 631 -23.84 16.50 1.41
CA SER G 631 -24.18 15.14 1.82
C SER G 631 -23.44 14.74 3.09
N ALA G 632 -22.25 15.29 3.32
CA ALA G 632 -21.51 14.98 4.54
C ALA G 632 -22.26 15.46 5.78
N ALA G 633 -22.84 16.65 5.72
CA ALA G 633 -23.60 17.16 6.86
C ALA G 633 -24.81 16.29 7.15
N ASN G 634 -25.55 15.88 6.11
CA ASN G 634 -26.69 15.01 6.32
C ASN G 634 -26.25 13.66 6.89
N HIS G 635 -25.14 13.12 6.39
CA HIS G 635 -24.65 11.84 6.89
C HIS G 635 -24.24 11.92 8.36
N VAL G 636 -23.54 12.99 8.75
CA VAL G 636 -23.12 13.10 10.14
C VAL G 636 -24.32 13.36 11.04
N LEU G 637 -25.32 14.11 10.57
CA LEU G 637 -26.53 14.29 11.35
C LEU G 637 -27.25 12.97 11.55
N THR G 638 -27.34 12.16 10.49
CA THR G 638 -27.97 10.84 10.60
C THR G 638 -27.21 9.95 11.58
N SER G 639 -25.88 9.99 11.52
CA SER G 639 -25.07 9.22 12.45
C SER G 639 -25.31 9.68 13.89
N LEU G 640 -25.42 11.00 14.09
CA LEU G 640 -25.69 11.51 15.43
C LEU G 640 -27.05 11.02 15.95
N LEU G 641 -28.08 11.08 15.12
CA LEU G 641 -29.39 10.60 15.55
C LEU G 641 -29.36 9.11 15.84
N ASN G 642 -28.68 8.32 15.00
CA ASN G 642 -28.60 6.88 15.23
C ASN G 642 -27.84 6.57 16.51
N GLU G 643 -26.78 7.31 16.81
CA GLU G 643 -26.02 7.06 18.02
C GLU G 643 -26.80 7.49 19.26
N ILE G 644 -27.62 8.54 19.13
CA ILE G 644 -28.35 9.04 20.30
C ILE G 644 -29.56 8.17 20.59
N ASP G 645 -30.49 8.05 19.63
CA ASP G 645 -31.74 7.35 19.88
C ASP G 645 -32.04 6.42 18.70
N GLY G 646 -31.04 5.64 18.30
CA GLY G 646 -31.22 4.70 17.20
C GLY G 646 -30.70 3.31 17.50
N VAL G 647 -31.50 2.30 17.18
CA VAL G 647 -31.12 0.89 17.31
C VAL G 647 -30.84 0.54 18.77
N GLU G 648 -29.75 1.07 19.32
CA GLU G 648 -29.34 0.80 20.70
C GLU G 648 -29.57 2.05 21.53
N GLU G 649 -30.23 1.88 22.67
CA GLU G 649 -30.53 3.00 23.55
C GLU G 649 -29.28 3.42 24.32
N LEU G 650 -29.34 4.65 24.84
CA LEU G 650 -28.26 5.19 25.67
C LEU G 650 -28.65 5.02 27.13
N LYS G 651 -27.80 4.32 27.89
CA LYS G 651 -28.13 3.93 29.25
C LYS G 651 -27.83 5.04 30.25
N GLY G 652 -26.59 5.51 30.30
CA GLY G 652 -26.19 6.45 31.33
C GLY G 652 -25.67 7.78 30.83
N VAL G 653 -25.20 7.82 29.58
CA VAL G 653 -24.64 9.06 29.06
C VAL G 653 -25.74 10.11 28.90
N VAL G 654 -25.34 11.37 28.97
CA VAL G 654 -26.25 12.50 28.87
C VAL G 654 -25.80 13.39 27.72
N ILE G 655 -26.73 13.71 26.83
CA ILE G 655 -26.46 14.55 25.66
C ILE G 655 -26.82 15.99 26.00
N VAL G 656 -25.84 16.88 25.92
CA VAL G 656 -26.02 18.30 26.18
C VAL G 656 -25.54 19.08 24.96
N ALA G 657 -26.39 19.97 24.45
CA ALA G 657 -26.06 20.77 23.29
C ALA G 657 -26.47 22.22 23.53
N ALA G 658 -25.66 23.13 22.98
CA ALA G 658 -25.93 24.56 23.06
C ALA G 658 -25.76 25.17 21.67
N THR G 659 -26.77 25.90 21.21
CA THR G 659 -26.74 26.50 19.89
C THR G 659 -27.24 27.94 19.97
N ASN G 660 -26.66 28.80 19.13
CA ASN G 660 -27.08 30.19 19.07
C ASN G 660 -28.43 30.34 18.37
N ARG G 661 -28.64 29.62 17.28
CA ARG G 661 -29.87 29.70 16.49
C ARG G 661 -30.53 28.33 16.44
N PRO G 662 -31.73 28.17 17.00
CA PRO G 662 -32.41 26.87 16.97
C PRO G 662 -33.25 26.60 15.73
N ASP G 663 -33.32 27.56 14.79
CA ASP G 663 -34.11 27.34 13.58
C ASP G 663 -33.42 26.41 12.60
N GLU G 664 -32.08 26.38 12.61
CA GLU G 664 -31.34 25.56 11.66
C GLU G 664 -31.40 24.07 11.98
N ILE G 665 -31.94 23.69 13.14
CA ILE G 665 -32.06 22.27 13.48
C ILE G 665 -33.03 21.59 12.52
N ASP G 666 -32.75 20.32 12.21
CA ASP G 666 -33.55 19.56 11.27
C ASP G 666 -34.89 19.14 11.85
N ALA G 667 -35.18 19.51 13.11
CA ALA G 667 -36.43 19.20 13.80
C ALA G 667 -36.58 17.71 14.08
N ALA G 668 -35.57 16.93 13.68
CA ALA G 668 -35.51 15.52 14.04
C ALA G 668 -34.69 15.29 15.31
N LEU G 669 -33.59 16.01 15.45
CA LEU G 669 -32.83 15.99 16.71
C LEU G 669 -33.61 16.68 17.82
N LEU G 670 -34.36 17.73 17.49
CA LEU G 670 -35.18 18.45 18.46
C LEU G 670 -36.52 17.73 18.66
N ARG G 671 -36.43 16.48 19.08
CA ARG G 671 -37.56 15.62 19.35
C ARG G 671 -37.37 14.94 20.70
N PRO G 672 -38.46 14.53 21.36
CA PRO G 672 -38.32 13.83 22.64
C PRO G 672 -37.52 12.54 22.49
N GLY G 673 -36.72 12.25 23.51
CA GLY G 673 -35.83 11.11 23.50
C GLY G 673 -34.40 11.45 23.14
N ARG G 674 -34.16 12.60 22.50
CA ARG G 674 -32.82 13.06 22.17
C ARG G 674 -32.46 14.33 22.91
N LEU G 675 -33.26 15.38 22.77
CA LEU G 675 -33.08 16.64 23.50
C LEU G 675 -34.46 17.07 24.00
N ASP G 676 -34.69 16.93 25.30
CA ASP G 676 -36.02 17.13 25.87
C ASP G 676 -36.22 18.55 26.39
N ARG G 677 -35.39 18.98 27.34
CA ARG G 677 -35.59 20.27 27.99
C ARG G 677 -35.04 21.40 27.14
N HIS G 678 -35.82 22.46 27.02
CA HIS G 678 -35.39 23.69 26.35
C HIS G 678 -35.35 24.81 27.38
N ILE G 679 -34.20 25.46 27.50
CA ILE G 679 -33.99 26.54 28.45
C ILE G 679 -33.78 27.83 27.68
N TYR G 680 -34.57 28.86 28.01
CA TYR G 680 -34.49 30.12 27.29
C TYR G 680 -33.16 30.82 27.51
N VAL G 681 -32.65 30.80 28.76
CA VAL G 681 -31.39 31.45 29.13
C VAL G 681 -31.42 32.90 28.67
N GLY G 682 -32.24 33.72 29.33
CA GLY G 682 -32.36 35.11 28.96
C GLY G 682 -31.24 35.95 29.52
N PRO G 683 -31.27 37.25 29.19
CA PRO G 683 -30.28 38.17 29.73
C PRO G 683 -30.42 38.28 31.23
N PRO G 684 -29.33 38.53 31.95
CA PRO G 684 -29.42 38.64 33.41
C PRO G 684 -30.30 39.80 33.84
N ASP G 685 -31.04 39.58 34.92
CA ASP G 685 -31.92 40.60 35.47
C ASP G 685 -31.14 41.45 36.48
N VAL G 686 -31.86 42.26 37.25
CA VAL G 686 -31.19 43.16 38.20
C VAL G 686 -30.46 42.36 39.28
N ASN G 687 -31.07 41.28 39.77
CA ASN G 687 -30.43 40.47 40.81
C ASN G 687 -29.18 39.78 40.27
N ALA G 688 -29.28 39.19 39.08
CA ALA G 688 -28.11 38.52 38.50
C ALA G 688 -27.01 39.51 38.18
N ARG G 689 -27.37 40.69 37.66
CA ARG G 689 -26.36 41.70 37.38
C ARG G 689 -25.68 42.19 38.66
N LEU G 690 -26.46 42.37 39.73
CA LEU G 690 -25.86 42.75 41.00
C LEU G 690 -24.93 41.67 41.52
N GLU G 691 -25.32 40.40 41.39
CA GLU G 691 -24.46 39.31 41.82
C GLU G 691 -23.16 39.28 41.00
N ILE G 692 -23.26 39.51 39.70
CA ILE G 692 -22.07 39.53 38.84
C ILE G 692 -21.15 40.68 39.25
N LEU G 693 -21.74 41.86 39.51
CA LEU G 693 -20.95 43.01 39.94
C LEU G 693 -20.25 42.74 41.26
N LYS G 694 -20.97 42.12 42.21
CA LYS G 694 -20.36 41.78 43.50
C LYS G 694 -19.22 40.78 43.32
N LYS G 695 -19.43 39.77 42.46
CA LYS G 695 -18.39 38.77 42.24
C LYS G 695 -17.15 39.38 41.59
N CYS G 696 -17.34 40.29 40.63
CA CYS G 696 -16.21 40.91 39.95
C CYS G 696 -15.59 42.06 40.73
N THR G 697 -16.27 42.55 41.77
CA THR G 697 -15.81 43.70 42.53
C THR G 697 -15.16 43.29 43.86
N LYS G 698 -15.11 41.99 44.16
CA LYS G 698 -14.56 41.55 45.44
C LYS G 698 -13.09 41.95 45.58
N LYS G 699 -12.32 41.87 44.49
CA LYS G 699 -10.93 42.33 44.54
C LYS G 699 -10.85 43.84 44.70
N PHE G 700 -11.77 44.59 44.08
CA PHE G 700 -11.78 46.03 44.21
C PHE G 700 -12.19 46.44 45.63
N ASN G 701 -11.62 47.55 46.09
CA ASN G 701 -11.92 48.09 47.42
C ASN G 701 -13.15 48.99 47.30
N THR G 702 -14.31 48.35 47.18
CA THR G 702 -15.56 49.08 47.03
C THR G 702 -16.16 49.54 48.36
N GLU G 703 -15.56 49.12 49.48
CA GLU G 703 -16.10 49.53 50.78
C GLU G 703 -15.90 51.01 51.04
N GLU G 704 -14.84 51.60 50.49
CA GLU G 704 -14.54 53.01 50.69
C GLU G 704 -14.69 53.85 49.42
N SER G 705 -14.91 53.22 48.27
CA SER G 705 -15.09 53.98 47.04
C SER G 705 -16.39 54.77 47.04
N GLY G 706 -17.43 54.24 47.69
CA GLY G 706 -18.70 54.93 47.78
C GLY G 706 -19.80 54.40 46.89
N VAL G 707 -19.48 53.54 45.93
CA VAL G 707 -20.49 52.98 45.05
C VAL G 707 -21.26 51.89 45.78
N ASP G 708 -22.58 51.94 45.69
CA ASP G 708 -23.45 50.97 46.35
C ASP G 708 -23.73 49.75 45.50
N LEU G 709 -23.30 49.74 44.24
CA LEU G 709 -23.50 48.62 43.32
C LEU G 709 -24.98 48.30 43.10
N HIS G 710 -25.87 49.28 43.34
CA HIS G 710 -27.30 49.11 43.12
C HIS G 710 -27.83 50.02 42.02
N GLU G 711 -27.59 51.33 42.14
CA GLU G 711 -28.01 52.24 41.07
C GLU G 711 -27.22 51.98 39.79
N LEU G 712 -25.94 51.62 39.91
CA LEU G 712 -25.16 51.28 38.73
C LEU G 712 -25.73 50.04 38.04
N ALA G 713 -26.11 49.03 38.81
CA ALA G 713 -26.74 47.85 38.23
C ALA G 713 -28.09 48.18 37.61
N ASP G 714 -28.85 49.07 38.24
CA ASP G 714 -30.13 49.48 37.67
C ASP G 714 -29.94 50.20 36.34
N ARG G 715 -28.90 51.03 36.24
CA ARG G 715 -28.66 51.77 35.01
C ARG G 715 -28.34 50.84 33.85
N THR G 716 -27.54 49.80 34.09
CA THR G 716 -27.12 48.87 33.04
C THR G 716 -28.13 47.74 32.85
N GLU G 717 -29.39 48.10 32.68
CA GLU G 717 -30.44 47.08 32.53
C GLU G 717 -30.36 46.35 31.20
N GLY G 718 -29.89 47.03 30.15
CA GLY G 718 -29.84 46.45 28.82
C GLY G 718 -28.63 45.62 28.50
N TYR G 719 -27.69 45.47 29.44
CA TYR G 719 -26.48 44.72 29.20
C TYR G 719 -26.66 43.24 29.52
N SER G 720 -25.80 42.42 28.94
CA SER G 720 -25.81 40.98 29.17
C SER G 720 -24.80 40.62 30.26
N GLY G 721 -24.61 39.31 30.46
CA GLY G 721 -23.67 38.88 31.49
C GLY G 721 -22.23 39.22 31.16
N ALA G 722 -21.82 39.03 29.91
CA ALA G 722 -20.45 39.35 29.52
C ALA G 722 -20.19 40.85 29.53
N GLU G 723 -21.23 41.65 29.30
CA GLU G 723 -21.05 43.10 29.25
C GLU G 723 -20.63 43.66 30.60
N VAL G 724 -21.17 43.12 31.70
CA VAL G 724 -20.78 43.60 33.02
C VAL G 724 -19.31 43.31 33.28
N VAL G 725 -18.85 42.11 32.93
CA VAL G 725 -17.44 41.76 33.10
C VAL G 725 -16.57 42.66 32.23
N LEU G 726 -17.01 42.93 31.00
CA LEU G 726 -16.26 43.81 30.11
C LEU G 726 -16.16 45.22 30.69
N LEU G 727 -17.27 45.72 31.26
CA LEU G 727 -17.24 47.05 31.86
C LEU G 727 -16.31 47.08 33.06
N CYS G 728 -16.33 46.04 33.88
CA CYS G 728 -15.41 45.98 35.03
C CYS G 728 -13.96 45.95 34.58
N GLN G 729 -13.66 45.17 33.54
CA GLN G 729 -12.30 45.11 33.01
C GLN G 729 -11.87 46.45 32.44
N GLU G 730 -12.78 47.13 31.73
CA GLU G 730 -12.46 48.45 31.19
C GLU G 730 -12.18 49.45 32.30
N ALA G 731 -13.00 49.43 33.36
CA ALA G 731 -12.76 50.33 34.49
C ALA G 731 -11.41 50.03 35.14
N GLY G 732 -11.09 48.75 35.32
CA GLY G 732 -9.80 48.39 35.90
C GLY G 732 -8.64 48.86 35.04
N LEU G 733 -8.72 48.65 33.73
CA LEU G 733 -7.66 49.09 32.83
C LEU G 733 -7.50 50.60 32.85
N ALA G 734 -8.62 51.33 32.88
CA ALA G 734 -8.55 52.78 32.99
C ALA G 734 -7.87 53.19 34.29
N ALA G 735 -8.17 52.50 35.39
CA ALA G 735 -7.54 52.81 36.66
C ALA G 735 -6.03 52.56 36.61
N ILE G 736 -5.61 51.45 36.01
CA ILE G 736 -4.18 51.16 35.89
C ILE G 736 -3.49 52.23 35.04
N MET G 737 -4.09 52.58 33.91
CA MET G 737 -3.51 53.64 33.08
C MET G 737 -3.55 55.00 33.77
N GLU G 738 -4.43 55.17 34.76
CA GLU G 738 -4.49 56.44 35.48
C GLU G 738 -3.38 56.54 36.52
N ASP G 739 -3.34 55.61 37.49
CA ASP G 739 -2.41 55.75 38.60
C ASP G 739 -1.72 54.43 38.92
N LEU G 740 -1.41 53.65 37.89
CA LEU G 740 -0.63 52.40 38.01
C LEU G 740 -1.33 51.50 39.02
N ASP G 741 -0.71 51.14 40.14
CA ASP G 741 -1.41 50.36 41.17
C ASP G 741 -2.53 51.20 41.79
N VAL G 742 -3.70 50.58 41.94
CA VAL G 742 -4.90 51.27 42.35
C VAL G 742 -5.36 50.71 43.68
N ALA G 743 -5.46 51.59 44.70
CA ALA G 743 -6.01 51.17 45.99
C ALA G 743 -7.54 51.07 45.93
N LYS G 744 -8.19 51.97 45.21
CA LYS G 744 -9.64 51.97 45.10
C LYS G 744 -10.04 52.56 43.76
N VAL G 745 -11.08 51.98 43.15
CA VAL G 745 -11.56 52.42 41.84
C VAL G 745 -12.72 53.38 42.06
N GLU G 746 -12.63 54.56 41.46
CA GLU G 746 -13.64 55.60 41.60
C GLU G 746 -14.75 55.43 40.59
N LEU G 747 -15.79 56.25 40.73
CA LEU G 747 -16.96 56.17 39.86
C LEU G 747 -16.69 56.71 38.46
N ARG G 748 -15.68 57.56 38.31
CA ARG G 748 -15.36 58.09 36.98
C ARG G 748 -14.89 56.99 36.04
N HIS G 749 -14.13 56.02 36.57
CA HIS G 749 -13.71 54.88 35.75
C HIS G 749 -14.93 54.09 35.27
N PHE G 750 -15.90 53.87 36.15
CA PHE G 750 -17.11 53.16 35.75
C PHE G 750 -17.89 53.95 34.72
N GLU G 751 -17.97 55.27 34.88
CA GLU G 751 -18.66 56.09 33.88
C GLU G 751 -17.98 56.01 32.53
N LYS G 752 -16.64 56.07 32.51
CA LYS G 752 -15.91 55.96 31.25
C LYS G 752 -16.12 54.60 30.61
N ALA G 753 -16.11 53.54 31.42
CA ALA G 753 -16.33 52.20 30.89
C ALA G 753 -17.73 52.07 30.30
N PHE G 754 -18.74 52.62 30.99
CA PHE G 754 -20.10 52.60 30.46
C PHE G 754 -20.20 53.38 29.16
N LYS G 755 -19.54 54.54 29.08
CA LYS G 755 -19.58 55.33 27.86
C LYS G 755 -18.87 54.63 26.71
N GLY G 756 -17.84 53.86 27.02
CA GLY G 756 -17.05 53.20 25.99
C GLY G 756 -17.61 51.90 25.44
N ILE G 757 -18.72 51.40 25.98
CA ILE G 757 -19.33 50.15 25.53
C ILE G 757 -20.83 50.38 25.35
N ALA G 758 -21.44 49.61 24.47
CA ALA G 758 -22.86 49.71 24.15
C ALA G 758 -23.56 48.40 24.46
N ARG G 759 -24.84 48.34 24.07
CA ARG G 759 -25.65 47.14 24.25
C ARG G 759 -25.48 46.25 23.03
N GLY G 760 -24.94 45.05 23.23
CA GLY G 760 -24.71 44.11 22.15
C GLY G 760 -25.90 43.30 21.72
N ILE G 761 -27.04 43.44 22.39
CA ILE G 761 -28.24 42.68 22.09
C ILE G 761 -29.31 43.65 21.61
N THR G 762 -29.39 43.84 20.29
CA THR G 762 -30.50 44.61 19.74
C THR G 762 -31.80 43.82 19.88
N PRO G 763 -32.93 44.52 20.08
CA PRO G 763 -34.15 43.81 20.47
C PRO G 763 -34.71 42.84 19.44
N GLU G 764 -34.26 42.89 18.18
CA GLU G 764 -34.86 42.03 17.17
C GLU G 764 -34.62 40.55 17.46
N MET G 765 -33.39 40.17 17.82
CA MET G 765 -33.14 38.77 18.15
C MET G 765 -33.82 38.37 19.46
N LEU G 766 -33.96 39.31 20.40
CA LEU G 766 -34.70 39.02 21.61
C LEU G 766 -36.16 38.69 21.31
N SER G 767 -36.78 39.49 20.43
CA SER G 767 -38.15 39.23 20.03
C SER G 767 -38.25 37.91 19.27
N TYR G 768 -37.27 37.61 18.43
CA TYR G 768 -37.26 36.34 17.71
C TYR G 768 -37.17 35.16 18.67
N TYR G 769 -36.32 35.26 19.69
CA TYR G 769 -36.20 34.20 20.67
C TYR G 769 -37.49 34.04 21.48
N GLU G 770 -38.11 35.15 21.85
CA GLU G 770 -39.38 35.08 22.56
C GLU G 770 -40.46 34.42 21.70
N GLU G 771 -40.50 34.77 20.42
CA GLU G 771 -41.47 34.15 19.51
C GLU G 771 -41.21 32.66 19.37
N PHE G 772 -39.94 32.26 19.27
CA PHE G 772 -39.62 30.84 19.18
C PHE G 772 -40.02 30.10 20.44
N ALA G 773 -39.79 30.70 21.61
CA ALA G 773 -40.19 30.08 22.86
C ALA G 773 -41.71 29.95 22.96
N LEU G 774 -42.43 30.98 22.52
CA LEU G 774 -43.88 30.91 22.52
C LEU G 774 -44.40 29.83 21.58
N ARG G 775 -43.78 29.72 20.39
CA ARG G 775 -44.16 28.67 19.46
C ARG G 775 -43.91 27.29 20.03
N SER G 776 -42.75 27.10 20.68
CA SER G 776 -42.45 25.82 21.31
C SER G 776 -43.35 25.59 22.53
N GLY G 777 -43.26 26.48 23.51
CA GLY G 777 -44.07 26.35 24.71
C GLY G 777 -43.60 25.26 25.64
#